data_6R7G
#
_entry.id   6R7G
#
_cell.length_a   1.00
_cell.length_b   1.00
_cell.length_c   1.00
_cell.angle_alpha   90.00
_cell.angle_beta   90.00
_cell.angle_gamma   90.00
#
_symmetry.space_group_name_H-M   'P 1'
#
loop_
_entity.id
_entity.type
_entity.pdbx_description
1 polymer 'Coat protein'
2 polymer 'polyU RNA'
3 water water
#
loop_
_entity_poly.entity_id
_entity_poly.type
_entity_poly.pdbx_seq_one_letter_code
_entity_poly.pdbx_strand_id
1 'polypeptide(L)'
;ASGLFTIPDGDFFSTARAIVASNAVATNEDLSKIEAIWKDMKVPTDTMAQAAWDLVRHCADVGSSAQTEMIDTGPYSNGI
SRARLAAAIKEVCTLRQFCMKYAPVVWNWMLTNNSPPANWQAQGFKPEHKFAAFDFFNGVTNPAAIMPKEGLIRPPSEAE
MNAAQTAAFVKITKARAQSNDFASLDAAVTRGRITGTTTAEAVVTLPPP
;
A,B,C,D,E,F,G,H,I,J,K,L,M
2 'polyribonucleotide' UUUUUUUUUUUUUUUUUUUUUUUUUUUUUUUUUUUUUUUUUUUUUUUUUUUUUUUUUUUUUUUUUUUUU R
#
loop_
_chem_comp.id
_chem_comp.type
_chem_comp.name
_chem_comp.formula
U RNA linking URIDINE-5'-MONOPHOSPHATE 'C9 H13 N2 O9 P'
#
# COMPACT_ATOMS: atom_id res chain seq x y z
N ALA A 1 20.37 6.87 -48.64
CA ALA A 1 18.99 6.97 -48.14
C ALA A 1 18.32 8.20 -48.73
N SER A 2 17.39 7.97 -49.66
CA SER A 2 16.68 9.02 -50.35
C SER A 2 15.21 8.66 -50.42
N GLY A 3 14.43 9.52 -51.07
CA GLY A 3 13.01 9.27 -51.18
C GLY A 3 12.34 9.41 -49.83
N LEU A 4 11.51 8.43 -49.49
CA LEU A 4 10.86 8.40 -48.19
C LEU A 4 11.77 7.87 -47.08
N PHE A 5 13.00 7.47 -47.40
CA PHE A 5 13.96 6.97 -46.42
C PHE A 5 15.00 8.01 -46.01
N THR A 6 14.79 9.27 -46.37
CA THR A 6 15.75 10.33 -46.08
C THR A 6 15.79 10.63 -44.59
N ILE A 7 16.99 10.71 -44.03
CA ILE A 7 17.20 10.99 -42.61
C ILE A 7 17.29 12.50 -42.43
N PRO A 8 16.47 13.11 -41.58
CA PRO A 8 16.62 14.54 -41.28
C PRO A 8 17.88 14.80 -40.49
N ASP A 9 18.48 15.98 -40.72
CA ASP A 9 19.84 16.24 -40.31
C ASP A 9 20.00 17.36 -39.27
N GLY A 10 18.99 18.19 -39.07
CA GLY A 10 19.10 19.33 -38.17
C GLY A 10 18.87 20.66 -38.83
N ASP A 11 19.18 20.80 -40.13
CA ASP A 11 18.74 21.95 -40.89
C ASP A 11 17.22 22.03 -40.99
N PHE A 12 16.54 20.88 -41.04
CA PHE A 12 15.08 20.90 -41.15
C PHE A 12 14.43 21.36 -39.86
N PHE A 13 14.95 20.94 -38.71
CA PHE A 13 14.30 21.24 -37.45
C PHE A 13 14.45 22.70 -37.03
N SER A 14 15.54 23.36 -37.46
CA SER A 14 15.79 24.75 -37.11
C SER A 14 15.13 25.73 -38.05
N THR A 15 14.75 25.30 -39.25
CA THR A 15 14.23 26.19 -40.28
C THR A 15 12.74 26.02 -40.53
N ALA A 16 12.28 24.77 -40.68
CA ALA A 16 10.89 24.53 -41.02
C ALA A 16 9.98 24.80 -39.83
N ARG A 17 8.89 25.51 -40.10
CA ARG A 17 7.85 25.78 -39.12
C ARG A 17 6.55 25.21 -39.67
N ALA A 18 5.95 24.29 -38.94
CA ALA A 18 4.70 23.69 -39.37
C ALA A 18 3.55 24.64 -39.05
N ILE A 19 2.78 25.00 -40.07
CA ILE A 19 1.54 25.73 -39.84
C ILE A 19 0.52 24.76 -39.27
N VAL A 20 0.03 25.06 -38.07
CA VAL A 20 -0.82 24.12 -37.36
C VAL A 20 -2.23 24.21 -37.94
N ALA A 21 -2.80 23.06 -38.27
CA ALA A 21 -4.18 22.96 -38.70
C ALA A 21 -4.87 21.88 -37.88
N SER A 22 -6.13 22.11 -37.54
CA SER A 22 -6.90 21.21 -36.70
C SER A 22 -8.27 21.01 -37.33
N ASN A 23 -8.79 19.80 -37.24
CA ASN A 23 -10.13 19.53 -37.76
C ASN A 23 -11.21 19.70 -36.70
N ALA A 24 -10.84 20.07 -35.48
CA ALA A 24 -11.79 20.48 -34.45
C ALA A 24 -12.03 21.98 -34.46
N VAL A 25 -11.25 22.71 -35.23
CA VAL A 25 -11.35 24.16 -35.37
C VAL A 25 -11.76 24.45 -36.80
N ALA A 26 -12.54 25.52 -36.99
CA ALA A 26 -12.94 25.94 -38.33
C ALA A 26 -11.72 26.30 -39.18
N THR A 27 -11.66 25.74 -40.37
CA THR A 27 -10.49 25.84 -41.23
C THR A 27 -10.44 27.21 -41.92
N ASN A 28 -9.34 27.46 -42.62
CA ASN A 28 -9.21 28.70 -43.38
C ASN A 28 -10.14 28.72 -44.59
N GLU A 29 -10.41 27.56 -45.19
CA GLU A 29 -11.40 27.48 -46.24
C GLU A 29 -12.82 27.64 -45.68
N ASP A 30 -13.06 27.15 -44.45
CA ASP A 30 -14.33 27.38 -43.78
C ASP A 30 -14.58 28.86 -43.54
N LEU A 31 -13.58 29.57 -43.02
CA LEU A 31 -13.75 30.96 -42.63
C LEU A 31 -13.89 31.89 -43.83
N SER A 32 -13.27 31.55 -44.96
CA SER A 32 -13.46 32.34 -46.17
C SER A 32 -14.87 32.18 -46.72
N LYS A 33 -15.48 31.01 -46.54
CA LYS A 33 -16.85 30.82 -46.96
C LYS A 33 -17.84 31.54 -46.02
N ILE A 34 -17.50 31.70 -44.75
CA ILE A 34 -18.35 32.47 -43.84
C ILE A 34 -18.38 33.93 -44.26
N GLU A 35 -17.21 34.49 -44.62
CA GLU A 35 -17.11 35.90 -44.98
C GLU A 35 -17.91 36.22 -46.23
N ALA A 36 -17.92 35.31 -47.20
CA ALA A 36 -18.66 35.55 -48.44
C ALA A 36 -20.16 35.56 -48.20
N ILE A 37 -20.64 34.72 -47.28
CA ILE A 37 -22.06 34.75 -46.93
C ILE A 37 -22.38 35.94 -46.05
N TRP A 38 -21.47 36.30 -45.14
CA TRP A 38 -21.73 37.39 -44.21
C TRP A 38 -21.72 38.75 -44.89
N LYS A 39 -20.80 38.95 -45.84
CA LYS A 39 -20.79 40.22 -46.57
C LYS A 39 -21.94 40.32 -47.57
N ASP A 40 -22.50 39.19 -48.00
CA ASP A 40 -23.63 39.21 -48.92
C ASP A 40 -24.94 39.50 -48.17
N MET A 41 -25.03 39.14 -46.89
CA MET A 41 -26.12 39.60 -46.04
C MET A 41 -25.76 40.89 -45.30
N LYS A 42 -24.74 41.60 -45.79
CA LYS A 42 -24.38 42.97 -45.42
C LYS A 42 -23.96 43.08 -43.95
N VAL A 43 -23.00 42.25 -43.56
CA VAL A 43 -22.22 42.46 -42.34
C VAL A 43 -21.08 43.40 -42.73
N PRO A 44 -20.81 44.45 -41.95
CA PRO A 44 -19.71 45.36 -42.31
C PRO A 44 -18.37 44.68 -42.20
N THR A 45 -17.59 44.77 -43.28
CA THR A 45 -16.27 44.14 -43.31
C THR A 45 -15.26 44.84 -42.40
N ASP A 46 -15.55 46.07 -41.98
CA ASP A 46 -14.73 46.77 -41.02
C ASP A 46 -14.88 46.24 -39.59
N THR A 47 -16.02 45.64 -39.27
CA THR A 47 -16.23 44.97 -37.99
C THR A 47 -16.65 43.52 -38.15
N MET A 48 -16.10 42.84 -39.16
CA MET A 48 -16.44 41.44 -39.40
C MET A 48 -15.90 40.55 -38.28
N ALA A 49 -14.71 40.85 -37.77
CA ALA A 49 -14.13 40.05 -36.70
C ALA A 49 -14.83 40.28 -35.38
N GLN A 50 -15.21 41.53 -35.09
CA GLN A 50 -15.89 41.83 -33.84
C GLN A 50 -17.30 41.25 -33.80
N ALA A 51 -17.94 41.10 -34.97
CA ALA A 51 -19.21 40.39 -35.02
C ALA A 51 -19.04 38.90 -34.74
N ALA A 52 -17.89 38.34 -35.10
CA ALA A 52 -17.61 36.94 -34.77
C ALA A 52 -17.30 36.78 -33.30
N TRP A 53 -16.49 37.68 -32.73
CA TRP A 53 -16.14 37.58 -31.32
C TRP A 53 -17.35 37.81 -30.42
N ASP A 54 -18.27 38.67 -30.84
CA ASP A 54 -19.50 38.88 -30.10
C ASP A 54 -20.41 37.66 -30.17
N LEU A 55 -20.45 36.98 -31.32
CA LEU A 55 -21.28 35.79 -31.46
C LEU A 55 -20.73 34.63 -30.64
N VAL A 56 -19.41 34.47 -30.60
CA VAL A 56 -18.81 33.35 -29.86
C VAL A 56 -18.87 33.62 -28.36
N ARG A 57 -18.76 34.88 -27.94
CA ARG A 57 -18.94 35.24 -26.53
C ARG A 57 -20.37 34.95 -26.08
N HIS A 58 -21.35 35.23 -26.93
CA HIS A 58 -22.73 34.84 -26.63
C HIS A 58 -22.88 33.32 -26.63
N CYS A 59 -22.15 32.62 -27.48
CA CYS A 59 -22.12 31.17 -27.49
C CYS A 59 -21.36 30.57 -26.33
N ALA A 60 -20.74 31.36 -25.46
CA ALA A 60 -20.23 30.85 -24.21
C ALA A 60 -21.26 30.90 -23.09
N ASP A 61 -22.27 31.77 -23.22
CA ASP A 61 -23.36 31.85 -22.26
C ASP A 61 -24.43 30.79 -22.53
N VAL A 62 -24.69 30.52 -23.80
CA VAL A 62 -25.60 29.48 -24.25
C VAL A 62 -24.68 28.44 -24.87
N GLY A 63 -25.21 27.37 -25.41
CA GLY A 63 -24.35 26.36 -26.01
C GLY A 63 -23.82 26.75 -27.37
N SER A 64 -23.01 25.86 -27.93
CA SER A 64 -22.64 25.91 -29.35
C SER A 64 -23.19 24.72 -30.11
N SER A 65 -24.26 24.11 -29.60
CA SER A 65 -24.97 23.06 -30.31
C SER A 65 -25.63 23.62 -31.57
N ALA A 66 -25.87 22.72 -32.52
CA ALA A 66 -26.60 23.10 -33.73
C ALA A 66 -28.05 23.43 -33.46
N GLN A 67 -28.62 22.95 -32.35
CA GLN A 67 -29.99 23.24 -31.97
C GLN A 67 -30.13 24.50 -31.13
N THR A 68 -29.04 25.18 -30.80
CA THR A 68 -29.09 26.31 -29.87
C THR A 68 -29.78 27.52 -30.51
N GLU A 69 -30.70 28.11 -29.77
CA GLU A 69 -31.33 29.36 -30.20
C GLU A 69 -30.45 30.53 -29.77
N MET A 70 -29.90 31.26 -30.76
CA MET A 70 -29.25 32.52 -30.48
C MET A 70 -30.30 33.57 -30.17
N ILE A 71 -29.96 34.51 -29.29
CA ILE A 71 -30.99 35.36 -28.70
C ILE A 71 -31.11 36.72 -29.37
N ASP A 72 -30.04 37.51 -29.38
CA ASP A 72 -30.18 38.92 -29.70
C ASP A 72 -29.29 39.35 -30.85
N THR A 73 -29.10 40.65 -30.99
CA THR A 73 -28.23 41.23 -32.00
C THR A 73 -27.06 41.92 -31.32
N GLY A 74 -25.85 41.63 -31.77
CA GLY A 74 -24.68 42.33 -31.29
C GLY A 74 -24.56 43.71 -31.89
N PRO A 75 -23.59 44.48 -31.39
CA PRO A 75 -23.43 45.86 -31.86
C PRO A 75 -22.50 46.04 -33.06
N TYR A 76 -21.93 44.96 -33.60
CA TYR A 76 -20.95 45.08 -34.67
C TYR A 76 -21.46 44.64 -36.03
N SER A 77 -22.68 44.11 -36.11
CA SER A 77 -23.32 43.91 -37.39
C SER A 77 -24.04 45.20 -37.80
N ASN A 78 -24.72 45.16 -38.94
CA ASN A 78 -25.68 46.21 -39.27
C ASN A 78 -27.10 45.71 -38.92
N GLY A 79 -27.27 45.36 -37.66
CA GLY A 79 -28.53 44.84 -37.18
C GLY A 79 -28.84 43.42 -37.58
N ILE A 80 -27.86 42.68 -38.09
CA ILE A 80 -28.04 41.26 -38.38
C ILE A 80 -28.04 40.50 -37.07
N SER A 81 -29.10 39.74 -36.81
CA SER A 81 -29.23 39.02 -35.56
C SER A 81 -28.21 37.88 -35.47
N ARG A 82 -27.93 37.47 -34.25
CA ARG A 82 -26.96 36.40 -34.02
C ARG A 82 -27.48 35.06 -34.53
N ALA A 83 -28.79 34.88 -34.58
CA ALA A 83 -29.36 33.65 -35.14
C ALA A 83 -29.14 33.57 -36.64
N ARG A 84 -29.13 34.71 -37.32
CA ARG A 84 -28.87 34.69 -38.76
C ARG A 84 -27.38 34.51 -39.05
N LEU A 85 -26.52 35.07 -38.22
CA LEU A 85 -25.08 34.83 -38.35
C LEU A 85 -24.74 33.37 -38.08
N ALA A 86 -25.38 32.75 -37.08
CA ALA A 86 -25.10 31.36 -36.76
C ALA A 86 -25.68 30.41 -37.81
N ALA A 87 -26.82 30.78 -38.42
CA ALA A 87 -27.39 29.94 -39.47
C ALA A 87 -26.53 29.93 -40.72
N ALA A 88 -25.85 31.05 -40.99
CA ALA A 88 -24.90 31.08 -42.11
C ALA A 88 -23.67 30.24 -41.83
N ILE A 89 -23.24 30.17 -40.57
CA ILE A 89 -22.07 29.37 -40.21
C ILE A 89 -22.38 27.89 -40.35
N LYS A 90 -23.57 27.47 -39.93
CA LYS A 90 -23.95 26.06 -39.96
C LYS A 90 -24.15 25.52 -41.36
N GLU A 91 -24.18 26.37 -42.39
CA GLU A 91 -24.11 25.91 -43.77
C GLU A 91 -22.71 25.47 -44.17
N VAL A 92 -21.68 25.91 -43.46
CA VAL A 92 -20.30 25.67 -43.84
C VAL A 92 -19.62 24.68 -42.89
N CYS A 93 -19.55 25.00 -41.61
CA CYS A 93 -18.98 24.13 -40.60
C CYS A 93 -19.95 24.02 -39.43
N THR A 94 -19.55 23.37 -38.34
CA THR A 94 -20.42 23.41 -37.18
C THR A 94 -20.21 24.72 -36.42
N LEU A 95 -21.22 25.09 -35.63
CA LEU A 95 -21.10 26.25 -34.75
C LEU A 95 -20.01 26.04 -33.70
N ARG A 96 -19.85 24.81 -33.22
CA ARG A 96 -18.82 24.52 -32.23
C ARG A 96 -17.42 24.68 -32.81
N GLN A 97 -17.23 24.29 -34.08
CA GLN A 97 -15.93 24.45 -34.72
C GLN A 97 -15.59 25.92 -34.94
N PHE A 98 -16.58 26.74 -35.26
CA PHE A 98 -16.37 28.18 -35.38
C PHE A 98 -16.02 28.80 -34.04
N CYS A 99 -16.68 28.36 -32.97
CA CYS A 99 -16.44 28.92 -31.65
C CYS A 99 -15.10 28.48 -31.08
N MET A 100 -14.63 27.28 -31.46
CA MET A 100 -13.30 26.83 -31.05
C MET A 100 -12.21 27.71 -31.63
N LYS A 101 -12.44 28.30 -32.81
CA LYS A 101 -11.48 29.19 -33.44
C LYS A 101 -11.25 30.46 -32.62
N TYR A 102 -12.27 30.91 -31.89
CA TYR A 102 -12.17 32.14 -31.12
C TYR A 102 -12.19 31.91 -29.62
N ALA A 103 -11.93 30.67 -29.20
CA ALA A 103 -11.90 30.36 -27.77
C ALA A 103 -10.85 31.12 -26.93
N PRO A 104 -9.60 31.39 -27.39
CA PRO A 104 -8.73 32.24 -26.57
C PRO A 104 -9.19 33.69 -26.50
N VAL A 105 -9.88 34.19 -27.52
CA VAL A 105 -10.39 35.56 -27.50
C VAL A 105 -11.47 35.70 -26.45
N VAL A 106 -12.41 34.75 -26.42
CA VAL A 106 -13.50 34.77 -25.45
C VAL A 106 -12.97 34.50 -24.04
N TRP A 107 -11.94 33.67 -23.91
CA TRP A 107 -11.32 33.39 -22.62
C TRP A 107 -10.67 34.64 -22.03
N ASN A 108 -9.98 35.42 -22.86
CA ASN A 108 -9.38 36.67 -22.41
C ASN A 108 -10.43 37.72 -22.11
N TRP A 109 -11.47 37.77 -22.93
CA TRP A 109 -12.56 38.72 -22.73
C TRP A 109 -13.30 38.47 -21.43
N MET A 110 -13.55 37.20 -21.10
CA MET A 110 -14.24 36.88 -19.85
C MET A 110 -13.36 37.13 -18.64
N LEU A 111 -12.06 36.87 -18.75
CA LEU A 111 -11.17 37.10 -17.62
C LEU A 111 -10.86 38.57 -17.41
N THR A 112 -10.91 39.38 -18.47
CA THR A 112 -10.72 40.82 -18.30
C THR A 112 -11.90 41.45 -17.57
N ASN A 113 -13.12 41.08 -17.95
CA ASN A 113 -14.31 41.69 -17.39
C ASN A 113 -14.80 41.01 -16.13
N ASN A 114 -14.14 39.93 -15.71
CA ASN A 114 -14.56 39.07 -14.58
C ASN A 114 -15.99 38.60 -14.78
N SER A 115 -16.31 38.19 -16.00
CA SER A 115 -17.67 37.82 -16.36
C SER A 115 -17.69 36.37 -16.83
N PRO A 116 -18.05 35.43 -15.97
CA PRO A 116 -18.01 34.00 -16.32
C PRO A 116 -19.11 33.64 -17.31
N PRO A 117 -19.10 32.42 -17.87
CA PRO A 117 -20.28 31.94 -18.62
C PRO A 117 -21.53 31.98 -17.76
N ALA A 118 -22.64 32.36 -18.40
CA ALA A 118 -23.80 32.87 -17.68
C ALA A 118 -24.51 31.78 -16.87
N ASN A 119 -24.55 30.56 -17.39
CA ASN A 119 -25.27 29.47 -16.75
C ASN A 119 -24.33 28.47 -16.08
N TRP A 120 -23.25 28.97 -15.46
CA TRP A 120 -22.28 28.10 -14.81
C TRP A 120 -22.88 27.35 -13.63
N GLN A 121 -23.82 27.96 -12.92
CA GLN A 121 -24.44 27.32 -11.77
C GLN A 121 -25.40 26.22 -12.22
N ALA A 122 -26.16 26.48 -13.29
CA ALA A 122 -27.06 25.47 -13.83
C ALA A 122 -26.31 24.28 -14.41
N GLN A 123 -25.10 24.49 -14.90
CA GLN A 123 -24.25 23.42 -15.41
C GLN A 123 -23.63 22.58 -14.29
N GLY A 124 -23.75 23.00 -13.04
CA GLY A 124 -23.20 22.23 -11.94
C GLY A 124 -21.76 22.53 -11.61
N PHE A 125 -21.22 23.64 -12.08
CA PHE A 125 -19.86 24.01 -11.77
C PHE A 125 -19.78 24.61 -10.37
N LYS A 126 -18.70 24.28 -9.68
CA LYS A 126 -18.35 25.00 -8.47
C LYS A 126 -17.93 26.42 -8.82
N PRO A 127 -18.11 27.38 -7.91
CA PRO A 127 -17.73 28.78 -8.21
C PRO A 127 -16.26 28.98 -8.50
N GLU A 128 -15.37 28.17 -7.94
CA GLU A 128 -13.96 28.30 -8.24
C GLU A 128 -13.56 27.73 -9.60
N HIS A 129 -14.47 27.06 -10.30
CA HIS A 129 -14.19 26.55 -11.62
C HIS A 129 -15.09 27.13 -12.69
N LYS A 130 -15.83 28.20 -12.38
CA LYS A 130 -16.92 28.66 -13.24
C LYS A 130 -16.45 29.28 -14.55
N PHE A 131 -15.18 29.66 -14.67
CA PHE A 131 -14.72 30.23 -15.93
C PHE A 131 -14.49 29.19 -17.01
N ALA A 132 -14.43 27.91 -16.64
CA ALA A 132 -14.35 26.82 -17.60
C ALA A 132 -15.73 26.32 -18.03
N ALA A 133 -16.81 26.98 -17.62
CA ALA A 133 -18.16 26.45 -17.80
C ALA A 133 -18.77 26.83 -19.14
N PHE A 134 -18.01 26.62 -20.20
CA PHE A 134 -18.54 26.74 -21.54
C PHE A 134 -18.06 25.53 -22.30
N ASP A 135 -18.84 25.07 -23.27
CA ASP A 135 -18.27 24.13 -24.23
C ASP A 135 -17.29 24.90 -25.10
N PHE A 136 -16.58 24.21 -25.99
CA PHE A 136 -15.44 24.77 -26.76
C PHE A 136 -14.34 25.42 -25.86
N PHE A 137 -14.34 25.14 -24.56
CA PHE A 137 -13.25 25.51 -23.67
C PHE A 137 -11.97 24.73 -23.99
N ASN A 138 -12.08 23.58 -24.65
CA ASN A 138 -10.91 22.82 -25.09
C ASN A 138 -10.06 23.61 -26.08
N GLY A 139 -10.65 24.53 -26.82
CA GLY A 139 -9.92 25.31 -27.79
C GLY A 139 -9.08 26.44 -27.28
N VAL A 140 -8.99 26.68 -25.97
CA VAL A 140 -8.28 27.86 -25.49
C VAL A 140 -6.77 27.68 -25.59
N THR A 141 -6.27 26.44 -25.57
CA THR A 141 -4.84 26.17 -25.77
C THR A 141 -4.57 25.50 -27.11
N ASN A 142 -5.56 25.40 -27.99
CA ASN A 142 -5.34 24.88 -29.33
C ASN A 142 -4.65 25.95 -30.16
N PRO A 143 -3.46 25.67 -30.72
CA PRO A 143 -2.74 26.70 -31.50
C PRO A 143 -3.37 27.02 -32.85
N ALA A 144 -4.32 26.21 -33.33
CA ALA A 144 -5.03 26.56 -34.55
C ALA A 144 -6.06 27.67 -34.34
N ALA A 145 -6.39 27.99 -33.09
CA ALA A 145 -7.34 29.04 -32.78
C ALA A 145 -6.68 30.41 -32.79
N ILE A 146 -7.51 31.45 -32.87
CA ILE A 146 -7.03 32.83 -32.86
C ILE A 146 -6.48 33.15 -31.47
N MET A 147 -5.20 33.40 -31.40
CA MET A 147 -4.59 33.86 -30.16
C MET A 147 -4.47 35.37 -30.18
N PRO A 148 -4.87 36.07 -29.13
CA PRO A 148 -4.66 37.52 -29.10
C PRO A 148 -3.20 37.88 -28.98
N LYS A 149 -2.91 39.14 -29.32
CA LYS A 149 -1.55 39.59 -29.60
C LYS A 149 -0.64 39.50 -28.38
N GLU A 150 -1.13 39.85 -27.21
CA GLU A 150 -0.33 39.82 -26.01
C GLU A 150 -0.50 38.54 -25.20
N GLY A 151 -1.30 37.59 -25.68
CA GLY A 151 -1.43 36.30 -25.02
C GLY A 151 -2.55 36.25 -24.01
N LEU A 152 -2.72 35.06 -23.45
CA LEU A 152 -3.72 34.85 -22.40
C LEU A 152 -3.30 35.55 -21.11
N ILE A 153 -4.26 36.16 -20.45
CA ILE A 153 -4.04 36.75 -19.14
C ILE A 153 -3.60 35.69 -18.14
N ARG A 154 -4.26 34.54 -18.18
CA ARG A 154 -4.09 33.48 -17.25
C ARG A 154 -4.32 32.23 -18.09
N PRO A 155 -3.46 31.23 -17.99
CA PRO A 155 -3.78 29.93 -18.56
C PRO A 155 -4.85 29.24 -17.73
N PRO A 156 -5.59 28.29 -18.30
CA PRO A 156 -6.52 27.52 -17.47
C PRO A 156 -5.78 26.64 -16.48
N SER A 157 -6.23 26.65 -15.24
CA SER A 157 -5.62 25.83 -14.21
C SER A 157 -5.98 24.36 -14.44
N GLU A 158 -5.27 23.48 -13.72
CA GLU A 158 -5.52 22.05 -13.81
C GLU A 158 -6.90 21.69 -13.26
N ALA A 159 -7.33 22.38 -12.21
CA ALA A 159 -8.66 22.14 -11.65
C ALA A 159 -9.76 22.60 -12.61
N GLU A 160 -9.52 23.67 -13.37
CA GLU A 160 -10.50 24.10 -14.36
C GLU A 160 -10.58 23.11 -15.52
N MET A 161 -9.44 22.57 -15.94
CA MET A 161 -9.43 21.54 -16.97
C MET A 161 -10.08 20.26 -16.49
N ASN A 162 -9.92 19.92 -15.20
CA ASN A 162 -10.58 18.76 -14.62
C ASN A 162 -12.09 18.92 -14.61
N ALA A 163 -12.57 20.10 -14.18
CA ALA A 163 -14.01 20.37 -14.13
C ALA A 163 -14.63 20.38 -15.51
N ALA A 164 -13.90 20.84 -16.52
CA ALA A 164 -14.44 20.91 -17.87
C ALA A 164 -14.55 19.52 -18.50
N GLN A 165 -13.58 18.64 -18.23
CA GLN A 165 -13.65 17.28 -18.74
C GLN A 165 -14.78 16.50 -18.07
N THR A 166 -15.01 16.73 -16.78
CA THR A 166 -16.12 16.07 -16.08
C THR A 166 -17.46 16.58 -16.60
N ALA A 167 -17.59 17.89 -16.80
CA ALA A 167 -18.83 18.44 -17.34
C ALA A 167 -19.05 18.02 -18.78
N ALA A 168 -17.97 17.83 -19.54
CA ALA A 168 -18.11 17.32 -20.90
C ALA A 168 -18.61 15.89 -20.90
N PHE A 169 -18.18 15.08 -19.92
CA PHE A 169 -18.71 13.73 -19.79
C PHE A 169 -20.19 13.75 -19.49
N VAL A 170 -20.60 14.58 -18.52
CA VAL A 170 -21.99 14.59 -18.06
C VAL A 170 -22.93 15.08 -19.17
N LYS A 171 -22.56 16.16 -19.86
CA LYS A 171 -23.44 16.74 -20.86
C LYS A 171 -23.54 15.86 -22.10
N ILE A 172 -22.44 15.23 -22.52
CA ILE A 172 -22.48 14.41 -23.72
C ILE A 172 -23.19 13.09 -23.45
N THR A 173 -22.95 12.48 -22.28
CA THR A 173 -23.60 11.21 -21.96
C THR A 173 -25.10 11.39 -21.73
N LYS A 174 -25.51 12.51 -21.14
CA LYS A 174 -26.93 12.81 -21.01
C LYS A 174 -27.58 13.03 -22.36
N ALA A 175 -26.88 13.66 -23.30
CA ALA A 175 -27.42 13.84 -24.64
C ALA A 175 -27.48 12.53 -25.40
N ARG A 176 -26.54 11.62 -25.17
CA ARG A 176 -26.62 10.30 -25.81
C ARG A 176 -27.73 9.45 -25.20
N ALA A 177 -28.00 9.61 -23.90
CA ALA A 177 -29.05 8.86 -23.25
C ALA A 177 -30.44 9.31 -23.70
N GLN A 178 -30.58 10.52 -24.22
CA GLN A 178 -31.81 10.96 -24.85
C GLN A 178 -31.90 10.58 -26.33
N SER A 179 -30.80 10.13 -26.92
CA SER A 179 -30.79 9.59 -28.26
C SER A 179 -31.08 8.10 -28.19
N ASN A 180 -30.82 7.38 -29.27
CA ASN A 180 -31.07 5.94 -29.31
C ASN A 180 -29.89 5.23 -29.96
N ASP A 181 -30.03 3.91 -30.09
CA ASP A 181 -29.04 3.03 -30.69
C ASP A 181 -29.58 2.38 -31.96
N PHE A 182 -30.45 3.06 -32.69
CA PHE A 182 -31.37 2.38 -33.59
C PHE A 182 -30.90 2.16 -35.02
N ALA A 183 -29.75 2.70 -35.46
CA ALA A 183 -29.14 2.41 -36.77
C ALA A 183 -29.97 2.81 -38.00
N SER A 184 -31.19 3.28 -37.79
CA SER A 184 -32.20 3.65 -38.77
C SER A 184 -33.34 4.27 -37.98
N LEU A 185 -33.94 5.31 -38.53
CA LEU A 185 -35.07 5.95 -37.86
C LEU A 185 -36.41 5.48 -38.39
N ASP A 186 -36.41 4.52 -39.31
CA ASP A 186 -37.65 3.92 -39.80
C ASP A 186 -38.37 3.18 -38.67
N ALA A 187 -39.70 3.23 -38.72
CA ALA A 187 -40.55 2.63 -37.70
C ALA A 187 -40.45 1.12 -37.62
N ALA A 188 -39.96 0.46 -38.67
CA ALA A 188 -39.68 -0.97 -38.59
C ALA A 188 -38.58 -1.28 -37.58
N VAL A 189 -37.66 -0.34 -37.36
CA VAL A 189 -36.56 -0.54 -36.43
C VAL A 189 -36.83 0.13 -35.09
N THR A 190 -37.28 1.38 -35.09
CA THR A 190 -37.48 2.12 -33.84
C THR A 190 -38.69 1.60 -33.07
N ARG A 191 -39.67 1.05 -33.79
CA ARG A 191 -40.98 0.63 -33.28
C ARG A 191 -41.70 1.77 -32.57
N GLY A 192 -41.54 2.99 -33.05
CA GLY A 192 -42.13 4.15 -32.43
C GLY A 192 -41.56 4.50 -31.07
N ARG A 193 -40.26 4.35 -30.88
CA ARG A 193 -39.62 4.72 -29.63
C ARG A 193 -38.58 5.79 -29.88
N ILE A 194 -38.46 6.73 -28.94
CA ILE A 194 -37.46 7.79 -29.06
C ILE A 194 -36.09 7.29 -28.64
N THR A 195 -35.98 6.73 -27.44
CA THR A 195 -34.71 6.23 -26.93
C THR A 195 -34.61 4.71 -26.95
N GLY A 196 -35.73 4.00 -26.97
CA GLY A 196 -35.72 2.56 -26.84
C GLY A 196 -35.28 2.10 -25.47
N THR A 197 -35.62 2.84 -24.42
CA THR A 197 -35.02 2.70 -23.10
C THR A 197 -35.96 3.36 -22.09
N THR A 198 -36.12 2.76 -20.92
CA THR A 198 -36.93 3.38 -19.88
C THR A 198 -36.17 4.53 -19.22
N THR A 199 -36.87 5.26 -18.35
CA THR A 199 -36.27 6.37 -17.63
C THR A 199 -35.18 5.90 -16.67
N ALA A 200 -35.42 4.78 -15.98
CA ALA A 200 -34.44 4.27 -15.02
C ALA A 200 -33.21 3.71 -15.72
N GLU A 201 -33.38 3.13 -16.90
CA GLU A 201 -32.25 2.61 -17.67
C GLU A 201 -31.43 3.70 -18.34
N ALA A 202 -31.93 4.93 -18.39
CA ALA A 202 -31.25 6.03 -19.05
C ALA A 202 -30.54 6.97 -18.09
N VAL A 203 -30.53 6.66 -16.79
CA VAL A 203 -29.90 7.52 -15.80
C VAL A 203 -28.38 7.45 -15.93
N VAL A 204 -27.75 8.60 -16.06
CA VAL A 204 -26.31 8.71 -16.23
C VAL A 204 -25.67 8.94 -14.86
N THR A 205 -24.67 8.13 -14.53
CA THR A 205 -23.82 8.37 -13.37
C THR A 205 -22.36 8.17 -13.74
N LEU A 206 -21.50 8.98 -13.15
CA LEU A 206 -20.06 8.78 -13.27
C LEU A 206 -19.63 7.91 -12.09
N PRO A 207 -19.21 6.67 -12.31
CA PRO A 207 -19.02 5.70 -11.21
C PRO A 207 -17.92 6.11 -10.25
N PRO A 208 -18.11 5.89 -8.96
CA PRO A 208 -17.24 6.49 -7.95
C PRO A 208 -15.89 5.79 -7.88
N PRO A 209 -14.84 6.50 -7.47
CA PRO A 209 -13.54 5.86 -7.25
C PRO A 209 -13.53 4.95 -6.03
N ALA B 1 27.29 -30.99 -33.12
CA ALA B 1 26.09 -30.16 -33.15
C ALA B 1 26.08 -29.28 -34.38
N SER B 2 25.22 -29.62 -35.35
CA SER B 2 25.11 -28.90 -36.60
C SER B 2 23.65 -28.72 -36.94
N GLY B 3 23.38 -28.11 -38.08
CA GLY B 3 22.01 -27.86 -38.50
C GLY B 3 21.37 -26.83 -37.60
N LEU B 4 20.17 -27.11 -37.12
CA LEU B 4 19.49 -26.24 -36.19
C LEU B 4 19.98 -26.39 -34.75
N PHE B 5 20.92 -27.29 -34.49
CA PHE B 5 21.47 -27.51 -33.16
C PHE B 5 22.82 -26.86 -32.96
N THR B 6 23.24 -25.99 -33.88
CA THR B 6 24.55 -25.34 -33.81
C THR B 6 24.60 -24.35 -32.65
N ILE B 7 25.67 -24.41 -31.87
CA ILE B 7 25.87 -23.53 -30.72
C ILE B 7 26.62 -22.28 -31.20
N PRO B 8 26.09 -21.09 -30.99
CA PRO B 8 26.86 -19.87 -31.32
C PRO B 8 28.04 -19.69 -30.38
N ASP B 9 29.10 -19.10 -30.92
CA ASP B 9 30.41 -19.16 -30.28
C ASP B 9 30.98 -17.81 -29.85
N GLY B 10 30.44 -16.70 -30.34
CA GLY B 10 30.97 -15.38 -30.03
C GLY B 10 31.42 -14.61 -31.25
N ASP B 11 31.85 -15.28 -32.32
CA ASP B 11 32.03 -14.62 -33.60
C ASP B 11 30.73 -14.08 -34.16
N PHE B 12 29.61 -14.77 -33.90
CA PHE B 12 28.33 -14.31 -34.43
C PHE B 12 27.85 -13.05 -33.73
N PHE B 13 28.05 -12.96 -32.41
CA PHE B 13 27.50 -11.84 -31.66
C PHE B 13 28.26 -10.54 -31.91
N SER B 14 29.55 -10.63 -32.24
CA SER B 14 30.38 -9.45 -32.47
C SER B 14 30.31 -8.94 -33.90
N THR B 15 29.86 -9.77 -34.84
CA THR B 15 29.87 -9.44 -36.26
C THR B 15 28.49 -9.18 -36.82
N ALA B 16 27.54 -10.06 -36.54
CA ALA B 16 26.21 -9.95 -37.13
C ALA B 16 25.44 -8.80 -36.51
N ARG B 17 24.80 -8.01 -37.36
CA ARG B 17 23.92 -6.92 -36.95
C ARG B 17 22.56 -7.20 -37.55
N ALA B 18 21.55 -7.33 -36.69
CA ALA B 18 20.20 -7.58 -37.17
C ALA B 18 19.58 -6.27 -37.65
N ILE B 19 19.14 -6.25 -38.90
CA ILE B 19 18.34 -5.13 -39.39
C ILE B 19 16.94 -5.23 -38.77
N VAL B 20 16.56 -4.21 -38.02
CA VAL B 20 15.32 -4.27 -37.26
C VAL B 20 14.16 -4.01 -38.21
N ALA B 21 13.15 -4.88 -38.15
CA ALA B 21 11.91 -4.70 -38.88
C ALA B 21 10.76 -4.87 -37.91
N SER B 22 9.71 -4.07 -38.08
CA SER B 22 8.56 -4.09 -37.20
C SER B 22 7.30 -4.08 -38.05
N ASN B 23 6.28 -4.81 -37.60
CA ASN B 23 5.00 -4.81 -38.31
C ASN B 23 4.04 -3.75 -37.81
N ALA B 24 4.44 -2.95 -36.82
CA ALA B 24 3.70 -1.77 -36.40
C ALA B 24 4.16 -0.53 -37.13
N VAL B 25 5.25 -0.62 -37.88
CA VAL B 25 5.83 0.46 -38.65
C VAL B 25 5.69 0.08 -40.12
N ALA B 26 5.49 1.09 -40.97
CA ALA B 26 5.43 0.86 -42.42
C ALA B 26 6.73 0.28 -42.93
N THR B 27 6.63 -0.80 -43.69
CA THR B 27 7.78 -1.57 -44.12
C THR B 27 8.48 -0.88 -45.29
N ASN B 28 9.63 -1.44 -45.68
CA ASN B 28 10.36 -0.91 -46.83
C ASN B 28 9.63 -1.19 -48.14
N GLU B 29 8.92 -2.32 -48.21
CA GLU B 29 8.07 -2.58 -49.37
C GLU B 29 6.85 -1.66 -49.38
N ASP B 30 6.33 -1.33 -48.18
CA ASP B 30 5.24 -0.36 -48.08
C ASP B 30 5.66 1.01 -48.61
N LEU B 31 6.84 1.47 -48.18
CA LEU B 31 7.28 2.83 -48.51
C LEU B 31 7.66 2.97 -49.98
N SER B 32 8.14 1.90 -50.60
CA SER B 32 8.42 1.96 -52.03
C SER B 32 7.14 2.05 -52.84
N LYS B 33 6.06 1.44 -52.36
CA LYS B 33 4.78 1.56 -53.03
C LYS B 33 4.15 2.93 -52.84
N ILE B 34 4.43 3.61 -51.72
CA ILE B 34 3.94 4.98 -51.54
C ILE B 34 4.61 5.91 -52.55
N GLU B 35 5.92 5.75 -52.75
CA GLU B 35 6.67 6.62 -53.64
C GLU B 35 6.20 6.51 -55.08
N ALA B 36 5.87 5.30 -55.52
CA ALA B 36 5.40 5.09 -56.88
C ALA B 36 4.05 5.75 -57.12
N ILE B 37 3.18 5.75 -56.12
CA ILE B 37 1.90 6.44 -56.25
C ILE B 37 2.08 7.94 -56.11
N TRP B 38 2.99 8.38 -55.23
CA TRP B 38 3.17 9.80 -54.98
C TRP B 38 3.84 10.50 -56.17
N LYS B 39 4.83 9.84 -56.79
CA LYS B 39 5.46 10.45 -57.96
C LYS B 39 4.55 10.42 -59.18
N ASP B 40 3.58 9.50 -59.23
CA ASP B 40 2.65 9.43 -60.34
C ASP B 40 1.56 10.51 -60.22
N MET B 41 1.23 10.92 -58.99
CA MET B 41 0.40 12.10 -58.79
C MET B 41 1.24 13.37 -58.62
N LYS B 42 2.50 13.31 -59.05
CA LYS B 42 3.41 14.45 -59.22
C LYS B 42 3.73 15.16 -57.90
N VAL B 43 4.18 14.37 -56.93
CA VAL B 43 4.88 14.91 -55.76
C VAL B 43 6.33 15.03 -56.16
N PRO B 44 7.00 16.17 -55.89
CA PRO B 44 8.40 16.31 -56.26
C PRO B 44 9.29 15.36 -55.48
N THR B 45 10.11 14.60 -56.21
CA THR B 45 11.00 13.62 -55.58
C THR B 45 12.14 14.29 -54.82
N ASP B 46 12.40 15.58 -55.08
CA ASP B 46 13.39 16.34 -54.33
C ASP B 46 12.90 16.72 -52.93
N THR B 47 11.58 16.81 -52.72
CA THR B 47 11.01 17.04 -51.40
C THR B 47 9.99 15.95 -51.03
N MET B 48 10.26 14.71 -51.43
CA MET B 48 9.34 13.62 -51.12
C MET B 48 9.33 13.32 -49.61
N ALA B 49 10.49 13.40 -48.97
CA ALA B 49 10.57 13.13 -47.54
C ALA B 49 9.95 14.24 -46.72
N GLN B 50 10.14 15.50 -47.14
CA GLN B 50 9.59 16.62 -46.40
C GLN B 50 8.07 16.68 -46.52
N ALA B 51 7.52 16.18 -47.63
CA ALA B 51 6.08 16.05 -47.75
C ALA B 51 5.55 14.97 -46.81
N ALA B 52 6.34 13.94 -46.53
CA ALA B 52 5.93 12.93 -45.57
C ALA B 52 6.02 13.46 -44.15
N TRP B 53 7.11 14.17 -43.82
CA TRP B 53 7.27 14.71 -42.47
C TRP B 53 6.23 15.77 -42.16
N ASP B 54 5.82 16.55 -43.17
CA ASP B 54 4.76 17.53 -42.99
C ASP B 54 3.41 16.86 -42.78
N LEU B 55 3.17 15.75 -43.47
CA LEU B 55 1.90 15.03 -43.31
C LEU B 55 1.80 14.36 -41.94
N VAL B 56 2.90 13.79 -41.46
CA VAL B 56 2.88 13.10 -40.17
C VAL B 56 2.83 14.11 -39.03
N ARG B 57 3.47 15.27 -39.18
CA ARG B 57 3.36 16.34 -38.20
C ARG B 57 1.92 16.86 -38.10
N HIS B 58 1.24 16.97 -39.24
CA HIS B 58 -0.18 17.31 -39.22
C HIS B 58 -1.00 16.18 -38.60
N CYS B 59 -0.59 14.93 -38.81
CA CYS B 59 -1.22 13.79 -38.16
C CYS B 59 -0.90 13.66 -36.68
N ALA B 60 -0.06 14.52 -36.12
CA ALA B 60 0.07 14.58 -34.67
C ALA B 60 -0.91 15.57 -34.06
N ASP B 61 -1.40 16.53 -34.84
CA ASP B 61 -2.42 17.47 -34.36
C ASP B 61 -3.81 16.88 -34.45
N VAL B 62 -4.07 16.09 -35.48
CA VAL B 62 -5.32 15.37 -35.68
C VAL B 62 -4.92 13.92 -35.48
N GLY B 63 -5.85 12.98 -35.64
CA GLY B 63 -5.48 11.58 -35.45
C GLY B 63 -4.73 10.99 -36.63
N SER B 64 -4.36 9.72 -36.47
CA SER B 64 -3.90 8.91 -37.59
C SER B 64 -4.87 7.77 -37.88
N SER B 65 -6.14 7.92 -37.49
CA SER B 65 -7.19 7.00 -37.85
C SER B 65 -7.43 7.00 -39.36
N ALA B 66 -7.97 5.89 -39.86
CA ALA B 66 -8.36 5.81 -41.26
C ALA B 66 -9.53 6.72 -41.59
N GLN B 67 -10.33 7.12 -40.61
CA GLN B 67 -11.44 8.02 -40.81
C GLN B 67 -11.07 9.49 -40.67
N THR B 68 -9.82 9.82 -40.38
CA THR B 68 -9.44 11.19 -40.10
C THR B 68 -9.45 12.04 -41.36
N GLU B 69 -10.07 13.21 -41.27
CA GLU B 69 -10.03 14.19 -42.36
C GLU B 69 -8.75 15.00 -42.26
N MET B 70 -7.87 14.87 -43.25
CA MET B 70 -6.74 15.78 -43.37
C MET B 70 -7.23 17.12 -43.89
N ILE B 71 -6.56 18.19 -43.45
CA ILE B 71 -7.15 19.52 -43.61
C ILE B 71 -6.59 20.27 -44.82
N ASP B 72 -5.29 20.51 -44.85
CA ASP B 72 -4.76 21.49 -45.78
C ASP B 72 -3.68 20.92 -46.69
N THR B 73 -2.92 21.80 -47.32
CA THR B 73 -1.81 21.41 -48.17
C THR B 73 -0.51 21.90 -47.55
N GLY B 74 0.48 21.02 -47.46
CA GLY B 74 1.79 21.40 -47.01
C GLY B 74 2.56 22.13 -48.09
N PRO B 75 3.73 22.66 -47.72
CA PRO B 75 4.54 23.42 -48.68
C PRO B 75 5.53 22.61 -49.51
N TYR B 76 5.60 21.29 -49.33
CA TYR B 76 6.60 20.49 -50.00
C TYR B 76 6.05 19.62 -51.12
N SER B 77 4.74 19.59 -51.32
CA SER B 77 4.16 18.99 -52.50
C SER B 77 4.14 20.03 -53.62
N ASN B 78 3.61 19.65 -54.76
CA ASN B 78 3.23 20.63 -55.79
C ASN B 78 1.73 20.91 -55.69
N GLY B 79 1.32 21.36 -54.52
CA GLY B 79 -0.07 21.64 -54.24
C GLY B 79 -0.95 20.43 -54.05
N ILE B 80 -0.37 19.24 -53.88
CA ILE B 80 -1.15 18.05 -53.57
C ILE B 80 -1.59 18.15 -52.11
N SER B 81 -2.89 18.05 -51.87
CA SER B 81 -3.43 18.18 -50.53
C SER B 81 -3.04 16.99 -49.67
N ARG B 82 -3.05 17.21 -48.35
CA ARG B 82 -2.70 16.15 -47.41
C ARG B 82 -3.72 15.03 -47.40
N ALA B 83 -4.98 15.32 -47.75
CA ALA B 83 -5.98 14.27 -47.87
C ALA B 83 -5.71 13.35 -49.05
N ARG B 84 -5.14 13.87 -50.13
CA ARG B 84 -4.80 13.03 -51.26
C ARG B 84 -3.54 12.22 -51.01
N LEU B 85 -2.58 12.78 -50.27
CA LEU B 85 -1.40 12.02 -49.86
C LEU B 85 -1.77 10.90 -48.89
N ALA B 86 -2.70 11.17 -47.97
CA ALA B 86 -3.10 10.15 -47.01
C ALA B 86 -3.96 9.07 -47.65
N ALA B 87 -4.76 9.43 -48.66
CA ALA B 87 -5.57 8.44 -49.35
C ALA B 87 -4.71 7.48 -50.16
N ALA B 88 -3.57 7.96 -50.69
CA ALA B 88 -2.64 7.09 -51.37
C ALA B 88 -1.95 6.14 -50.40
N ILE B 89 -1.68 6.60 -49.17
CA ILE B 89 -1.04 5.76 -48.18
C ILE B 89 -1.95 4.63 -47.74
N LYS B 90 -3.25 4.94 -47.55
CA LYS B 90 -4.21 3.96 -47.07
C LYS B 90 -4.53 2.88 -48.08
N GLU B 91 -4.08 3.02 -49.34
CA GLU B 91 -4.13 1.92 -50.29
C GLU B 91 -3.04 0.88 -50.04
N VAL B 92 -1.99 1.23 -49.32
CA VAL B 92 -0.83 0.35 -49.13
C VAL B 92 -0.76 -0.16 -47.70
N CYS B 93 -0.64 0.74 -46.72
CA CYS B 93 -0.61 0.38 -45.31
C CYS B 93 -1.60 1.24 -44.56
N THR B 94 -1.62 1.17 -43.24
CA THR B 94 -2.46 2.11 -42.51
C THR B 94 -1.74 3.45 -42.38
N LEU B 95 -2.53 4.50 -42.17
CA LEU B 95 -1.97 5.81 -41.89
C LEU B 95 -1.18 5.83 -40.59
N ARG B 96 -1.63 5.06 -39.59
CA ARG B 96 -0.91 4.98 -38.32
C ARG B 96 0.45 4.32 -38.48
N GLN B 97 0.54 3.29 -39.33
CA GLN B 97 1.82 2.63 -39.57
C GLN B 97 2.80 3.54 -40.29
N PHE B 98 2.30 4.36 -41.22
CA PHE B 98 3.15 5.35 -41.89
C PHE B 98 3.63 6.40 -40.91
N CYS B 99 2.77 6.84 -40.01
CA CYS B 99 3.14 7.89 -39.07
C CYS B 99 4.09 7.37 -37.99
N MET B 100 4.00 6.08 -37.65
CA MET B 100 4.96 5.48 -36.72
C MET B 100 6.37 5.48 -37.27
N LYS B 101 6.51 5.41 -38.60
CA LYS B 101 7.82 5.44 -39.25
C LYS B 101 8.53 6.78 -39.04
N TYR B 102 7.77 7.86 -38.91
CA TYR B 102 8.34 9.19 -38.77
C TYR B 102 8.11 9.79 -37.40
N ALA B 103 7.77 8.96 -36.42
CA ALA B 103 7.54 9.45 -35.06
C ALA B 103 8.75 10.11 -34.38
N PRO B 104 10.01 9.64 -34.52
CA PRO B 104 11.11 10.43 -33.94
C PRO B 104 11.35 11.76 -34.64
N VAL B 105 11.03 11.86 -35.93
CA VAL B 105 11.19 13.11 -36.66
C VAL B 105 10.21 14.15 -36.14
N VAL B 106 8.95 13.75 -35.98
CA VAL B 106 7.91 14.64 -35.47
C VAL B 106 8.15 14.99 -34.01
N TRP B 107 8.69 14.04 -33.23
CA TRP B 107 9.03 14.29 -31.83
C TRP B 107 10.12 15.34 -31.69
N ASN B 108 11.15 15.27 -32.53
CA ASN B 108 12.21 16.27 -32.52
C ASN B 108 11.71 17.61 -33.03
N TRP B 109 10.87 17.59 -34.06
CA TRP B 109 10.32 18.82 -34.63
C TRP B 109 9.45 19.55 -33.61
N MET B 110 8.63 18.82 -32.86
CA MET B 110 7.78 19.47 -31.86
C MET B 110 8.59 19.98 -30.67
N LEU B 111 9.64 19.26 -30.28
CA LEU B 111 10.45 19.72 -29.15
C LEU B 111 11.37 20.87 -29.53
N THR B 112 11.76 20.98 -30.80
CA THR B 112 12.57 22.11 -31.24
C THR B 112 11.74 23.39 -31.23
N ASN B 113 10.52 23.33 -31.74
CA ASN B 113 9.69 24.51 -31.89
C ASN B 113 8.86 24.81 -30.65
N ASN B 114 8.93 23.96 -29.63
CA ASN B 114 8.09 24.01 -28.42
C ASN B 114 6.61 24.05 -28.80
N SER B 115 6.23 23.19 -29.75
CA SER B 115 4.89 23.21 -30.30
C SER B 115 4.25 21.84 -30.07
N PRO B 116 3.44 21.69 -29.03
CA PRO B 116 2.87 20.36 -28.69
C PRO B 116 1.80 19.95 -29.70
N PRO B 117 1.30 18.71 -29.63
CA PRO B 117 0.10 18.36 -30.41
C PRO B 117 -1.07 19.27 -30.07
N ALA B 118 -1.84 19.63 -31.10
CA ALA B 118 -2.70 20.81 -31.05
C ALA B 118 -3.87 20.61 -30.09
N ASN B 119 -4.42 19.41 -30.01
CA ASN B 119 -5.60 19.15 -29.20
C ASN B 119 -5.26 18.39 -27.92
N TRP B 120 -4.12 18.72 -27.30
CA TRP B 120 -3.69 18.04 -26.07
C TRP B 120 -4.66 18.28 -24.92
N GLN B 121 -5.27 19.46 -24.85
CA GLN B 121 -6.20 19.76 -23.78
C GLN B 121 -7.51 19.01 -23.96
N ALA B 122 -7.99 18.92 -25.21
CA ALA B 122 -9.21 18.17 -25.49
C ALA B 122 -9.04 16.68 -25.24
N GLN B 123 -7.81 16.17 -25.40
CA GLN B 123 -7.51 14.78 -25.11
C GLN B 123 -7.41 14.49 -23.62
N GLY B 124 -7.42 15.50 -22.76
CA GLY B 124 -7.36 15.29 -21.34
C GLY B 124 -5.97 15.19 -20.77
N PHE B 125 -4.96 15.61 -21.50
CA PHE B 125 -3.60 15.60 -21.00
C PHE B 125 -3.36 16.76 -20.04
N LYS B 126 -2.60 16.49 -18.99
CA LYS B 126 -2.06 17.56 -18.17
C LYS B 126 -1.03 18.34 -18.98
N PRO B 127 -0.83 19.63 -18.67
CA PRO B 127 0.15 20.42 -19.42
C PRO B 127 1.59 19.91 -19.34
N GLU B 128 1.97 19.26 -18.25
CA GLU B 128 3.31 18.72 -18.13
C GLU B 128 3.51 17.43 -18.94
N HIS B 129 2.46 16.86 -19.51
CA HIS B 129 2.57 15.66 -20.33
C HIS B 129 2.12 15.88 -21.76
N LYS B 130 1.91 17.14 -22.17
CA LYS B 130 1.21 17.42 -23.41
C LYS B 130 2.01 17.07 -24.67
N PHE B 131 3.32 16.86 -24.57
CA PHE B 131 4.07 16.49 -25.76
C PHE B 131 3.89 15.03 -26.14
N ALA B 132 3.35 14.21 -25.26
CA ALA B 132 3.00 12.83 -25.59
C ALA B 132 1.58 12.69 -26.12
N ALA B 133 0.89 13.80 -26.38
CA ALA B 133 -0.54 13.77 -26.69
C ALA B 133 -0.82 13.58 -28.18
N PHE B 134 -0.16 12.60 -28.78
CA PHE B 134 -0.47 12.19 -30.12
C PHE B 134 -0.52 10.67 -30.09
N ASP B 135 -1.36 10.08 -30.95
CA ASP B 135 -1.20 8.66 -31.18
C ASP B 135 0.09 8.45 -31.98
N PHE B 136 0.48 7.21 -32.23
CA PHE B 136 1.80 6.85 -32.80
C PHE B 136 3.00 7.44 -32.00
N PHE B 137 2.78 7.90 -30.75
CA PHE B 137 3.85 8.27 -29.85
C PHE B 137 4.67 7.05 -29.41
N ASN B 138 4.09 5.85 -29.50
CA ASN B 138 4.84 4.62 -29.20
C ASN B 138 6.03 4.42 -30.13
N GLY B 139 5.97 4.95 -31.33
CA GLY B 139 7.04 4.80 -32.28
C GLY B 139 8.26 5.66 -32.11
N VAL B 140 8.34 6.50 -31.07
CA VAL B 140 9.48 7.41 -30.97
C VAL B 140 10.75 6.69 -30.54
N THR B 141 10.63 5.56 -29.83
CA THR B 141 11.79 4.76 -29.47
C THR B 141 11.84 3.45 -30.24
N ASN B 142 10.97 3.26 -31.22
CA ASN B 142 11.04 2.08 -32.08
C ASN B 142 12.20 2.23 -33.05
N PRO B 143 13.17 1.31 -33.05
CA PRO B 143 14.33 1.44 -33.96
C PRO B 143 14.01 1.22 -35.43
N ALA B 144 12.84 0.67 -35.76
CA ALA B 144 12.46 0.56 -37.17
C ALA B 144 12.03 1.89 -37.77
N ALA B 145 11.79 2.90 -36.95
CA ALA B 145 11.38 4.21 -37.41
C ALA B 145 12.59 5.05 -37.82
N ILE B 146 12.32 6.11 -38.59
CA ILE B 146 13.37 7.01 -39.04
C ILE B 146 13.89 7.81 -37.85
N MET B 147 15.14 7.59 -37.51
CA MET B 147 15.79 8.38 -36.49
C MET B 147 16.58 9.49 -37.13
N PRO B 148 16.46 10.73 -36.66
CA PRO B 148 17.29 11.81 -37.21
C PRO B 148 18.75 11.63 -36.83
N LYS B 149 19.60 12.34 -37.58
CA LYS B 149 21.03 12.07 -37.63
C LYS B 149 21.72 12.32 -36.28
N GLU B 150 21.34 13.39 -35.59
CA GLU B 150 21.96 13.69 -34.31
C GLU B 150 21.16 13.19 -33.11
N GLY B 151 20.07 12.47 -33.34
CA GLY B 151 19.31 11.85 -32.27
C GLY B 151 18.22 12.73 -31.71
N LEU B 152 17.49 12.15 -30.75
CA LEU B 152 16.43 12.88 -30.07
C LEU B 152 17.03 13.94 -29.15
N ILE B 153 16.38 15.11 -29.13
CA ILE B 153 16.76 16.18 -28.20
C ILE B 153 16.60 15.71 -26.77
N ARG B 154 15.49 15.03 -26.49
CA ARG B 154 15.10 14.62 -25.20
C ARG B 154 14.40 13.30 -25.42
N PRO B 155 14.71 12.26 -24.65
CA PRO B 155 13.88 11.07 -24.67
C PRO B 155 12.56 11.34 -23.98
N PRO B 156 11.52 10.56 -24.25
CA PRO B 156 10.27 10.71 -23.49
C PRO B 156 10.47 10.29 -22.04
N SER B 157 9.98 11.10 -21.12
CA SER B 157 10.08 10.77 -19.72
C SER B 157 9.11 9.63 -19.36
N GLU B 158 9.30 9.08 -18.16
CA GLU B 158 8.44 8.00 -17.69
C GLU B 158 7.02 8.49 -17.47
N ALA B 159 6.86 9.72 -17.00
CA ALA B 159 5.53 10.29 -16.82
C ALA B 159 4.82 10.55 -18.14
N GLU B 160 5.56 10.89 -19.19
CA GLU B 160 4.97 11.05 -20.51
C GLU B 160 4.55 9.70 -21.08
N MET B 161 5.35 8.66 -20.87
CA MET B 161 4.97 7.32 -21.29
C MET B 161 3.77 6.79 -20.53
N ASN B 162 3.67 7.15 -19.23
CA ASN B 162 2.52 6.77 -18.42
C ASN B 162 1.24 7.43 -18.93
N ALA B 163 1.31 8.75 -19.21
CA ALA B 163 0.15 9.48 -19.70
C ALA B 163 -0.29 8.99 -21.07
N ALA B 164 0.64 8.57 -21.92
CA ALA B 164 0.29 8.11 -23.25
C ALA B 164 -0.39 6.75 -23.21
N GLN B 165 0.05 5.87 -22.32
CA GLN B 165 -0.58 4.56 -22.17
C GLN B 165 -1.99 4.69 -21.60
N THR B 166 -2.18 5.62 -20.67
CA THR B 166 -3.50 5.86 -20.11
C THR B 166 -4.44 6.45 -21.16
N ALA B 167 -3.95 7.42 -21.94
CA ALA B 167 -4.77 7.99 -23.00
C ALA B 167 -5.05 6.99 -24.11
N ALA B 168 -4.11 6.07 -24.36
CA ALA B 168 -4.36 5.02 -25.34
C ALA B 168 -5.45 4.08 -24.85
N PHE B 169 -5.50 3.80 -23.55
CA PHE B 169 -6.58 3.01 -22.99
C PHE B 169 -7.92 3.70 -23.17
N VAL B 170 -7.98 4.99 -22.85
CA VAL B 170 -9.26 5.72 -22.86
C VAL B 170 -9.79 5.85 -24.29
N LYS B 171 -8.92 6.20 -25.24
CA LYS B 171 -9.37 6.45 -26.60
C LYS B 171 -9.76 5.15 -27.31
N ILE B 172 -9.03 4.06 -27.07
CA ILE B 172 -9.34 2.80 -27.74
C ILE B 172 -10.59 2.16 -27.14
N THR B 173 -10.75 2.22 -25.81
CA THR B 173 -11.91 1.62 -25.17
C THR B 173 -13.18 2.40 -25.49
N LYS B 174 -13.08 3.73 -25.60
CA LYS B 174 -14.24 4.53 -26.03
C LYS B 174 -14.61 4.21 -27.47
N ALA B 175 -13.62 3.97 -28.32
CA ALA B 175 -13.92 3.61 -29.70
C ALA B 175 -14.52 2.21 -29.81
N ARG B 176 -14.11 1.30 -28.94
CA ARG B 176 -14.72 -0.03 -28.92
C ARG B 176 -16.13 0.01 -28.36
N ALA B 177 -16.39 0.89 -27.40
CA ALA B 177 -17.73 1.02 -26.84
C ALA B 177 -18.73 1.62 -27.81
N GLN B 178 -18.27 2.34 -28.83
CA GLN B 178 -19.12 2.78 -29.92
C GLN B 178 -19.26 1.76 -31.02
N SER B 179 -18.43 0.71 -31.01
CA SER B 179 -18.57 -0.41 -31.92
C SER B 179 -19.49 -1.45 -31.29
N ASN B 180 -19.52 -2.66 -31.83
CA ASN B 180 -20.38 -3.70 -31.29
C ASN B 180 -19.60 -5.01 -31.20
N ASP B 181 -20.31 -6.05 -30.77
CA ASP B 181 -19.78 -7.40 -30.61
C ASP B 181 -20.45 -8.38 -31.56
N PHE B 182 -20.86 -7.92 -32.74
CA PHE B 182 -21.92 -8.61 -33.47
C PHE B 182 -21.48 -9.68 -34.46
N ALA B 183 -20.20 -9.88 -34.74
CA ALA B 183 -19.67 -11.00 -35.54
C ALA B 183 -20.14 -11.05 -37.01
N SER B 184 -21.04 -10.15 -37.39
CA SER B 184 -21.70 -10.02 -38.67
C SER B 184 -22.49 -8.72 -38.61
N LEU B 185 -22.53 -7.99 -39.71
CA LEU B 185 -23.29 -6.75 -39.74
C LEU B 185 -24.66 -6.93 -40.38
N ASP B 186 -25.03 -8.16 -40.75
CA ASP B 186 -26.35 -8.44 -41.26
C ASP B 186 -27.41 -8.18 -40.19
N ALA B 187 -28.58 -7.71 -40.64
CA ALA B 187 -29.67 -7.34 -39.76
C ALA B 187 -30.26 -8.51 -39.00
N ALA B 188 -30.06 -9.75 -39.46
CA ALA B 188 -30.44 -10.92 -38.69
C ALA B 188 -29.67 -11.01 -37.38
N VAL B 189 -28.46 -10.49 -37.33
CA VAL B 189 -27.64 -10.54 -36.13
C VAL B 189 -27.68 -9.23 -35.35
N THR B 190 -27.51 -8.09 -36.05
CA THR B 190 -27.47 -6.81 -35.36
C THR B 190 -28.83 -6.39 -34.84
N ARG B 191 -29.89 -6.85 -35.50
CA ARG B 191 -31.29 -6.45 -35.26
C ARG B 191 -31.47 -4.95 -35.34
N GLY B 192 -30.73 -4.30 -36.24
CA GLY B 192 -30.79 -2.86 -36.40
C GLY B 192 -30.23 -2.08 -35.24
N ARG B 193 -29.16 -2.55 -34.62
CA ARG B 193 -28.52 -1.84 -33.53
C ARG B 193 -27.08 -1.50 -33.92
N ILE B 194 -26.63 -0.33 -33.48
CA ILE B 194 -25.26 0.09 -33.76
C ILE B 194 -24.30 -0.56 -32.79
N THR B 195 -24.54 -0.40 -31.48
CA THR B 195 -23.68 -0.97 -30.46
C THR B 195 -24.26 -2.20 -29.79
N GLY B 196 -25.57 -2.38 -29.82
CA GLY B 196 -26.23 -3.43 -29.07
C GLY B 196 -26.13 -3.23 -27.58
N THR B 197 -26.19 -1.99 -27.12
CA THR B 197 -25.81 -1.62 -25.75
C THR B 197 -26.43 -0.26 -25.46
N THR B 198 -26.93 -0.06 -24.24
CA THR B 198 -27.45 1.25 -23.87
C THR B 198 -26.31 2.22 -23.59
N THR B 199 -26.68 3.48 -23.37
CA THR B 199 -25.70 4.52 -23.07
C THR B 199 -25.01 4.27 -21.73
N ALA B 200 -25.77 3.85 -20.72
CA ALA B 200 -25.20 3.60 -19.40
C ALA B 200 -24.31 2.37 -19.39
N GLU B 201 -24.63 1.35 -20.20
CA GLU B 201 -23.80 0.16 -20.27
C GLU B 201 -22.53 0.37 -21.10
N ALA B 202 -22.41 1.49 -21.81
CA ALA B 202 -21.27 1.77 -22.66
C ALA B 202 -20.28 2.75 -22.04
N VAL B 203 -20.51 3.17 -20.80
CA VAL B 203 -19.64 4.14 -20.16
C VAL B 203 -18.32 3.49 -19.79
N VAL B 204 -17.22 4.11 -20.23
CA VAL B 204 -15.87 3.60 -19.99
C VAL B 204 -15.31 4.27 -18.74
N THR B 205 -14.81 3.45 -17.81
CA THR B 205 -14.03 3.95 -16.68
C THR B 205 -12.79 3.08 -16.49
N LEU B 206 -11.70 3.72 -16.09
CA LEU B 206 -10.51 3.01 -15.67
C LEU B 206 -10.60 2.81 -14.17
N PRO B 207 -10.76 1.56 -13.69
CA PRO B 207 -11.12 1.31 -12.28
C PRO B 207 -10.02 1.74 -11.32
N PRO B 208 -10.40 2.32 -10.18
CA PRO B 208 -9.42 3.01 -9.32
C PRO B 208 -8.55 2.03 -8.57
N PRO B 209 -7.32 2.43 -8.21
CA PRO B 209 -6.46 1.59 -7.38
C PRO B 209 -6.96 1.51 -5.94
N ALA C 1 15.21 -54.90 -1.48
CA ALA C 1 14.51 -53.85 -2.21
C ALA C 1 14.99 -53.79 -3.66
N SER C 2 14.14 -54.26 -4.57
CA SER C 2 14.47 -54.31 -5.98
C SER C 2 13.26 -53.83 -6.77
N GLY C 3 13.39 -53.86 -8.09
CA GLY C 3 12.31 -53.40 -8.95
C GLY C 3 12.14 -51.89 -8.83
N LEU C 4 10.91 -51.45 -8.64
CA LEU C 4 10.62 -50.05 -8.42
C LEU C 4 10.88 -49.59 -6.99
N PHE C 5 11.30 -50.50 -6.10
CA PHE C 5 11.59 -50.17 -4.71
C PHE C 5 13.08 -50.02 -4.44
N THR C 6 13.91 -49.97 -5.48
CA THR C 6 15.36 -49.89 -5.32
C THR C 6 15.77 -48.54 -4.75
N ILE C 7 16.63 -48.55 -3.75
CA ILE C 7 17.12 -47.34 -3.11
C ILE C 7 18.39 -46.89 -3.83
N PRO C 8 18.44 -45.65 -4.33
CA PRO C 8 19.69 -45.14 -4.92
C PRO C 8 20.75 -44.93 -3.86
N ASP C 9 22.01 -45.12 -4.26
CA ASP C 9 23.10 -45.30 -3.33
C ASP C 9 24.18 -44.23 -3.37
N GLY C 10 24.23 -43.42 -4.42
CA GLY C 10 25.27 -42.43 -4.59
C GLY C 10 26.11 -42.61 -5.84
N ASP C 11 26.27 -43.84 -6.33
CA ASP C 11 26.83 -44.07 -7.66
C ASP C 11 25.95 -43.47 -8.75
N PHE C 12 24.62 -43.47 -8.55
CA PHE C 12 23.73 -42.94 -9.58
C PHE C 12 23.81 -41.43 -9.66
N PHE C 13 23.94 -40.74 -8.52
CA PHE C 13 23.90 -39.28 -8.52
C PHE C 13 25.17 -38.67 -9.08
N SER C 14 26.31 -39.36 -8.95
CA SER C 14 27.59 -38.87 -9.42
C SER C 14 27.86 -39.19 -10.89
N THR C 15 27.16 -40.15 -11.46
CA THR C 15 27.42 -40.63 -12.81
C THR C 15 26.35 -40.25 -13.81
N ALA C 16 25.08 -40.45 -13.45
CA ALA C 16 23.99 -40.20 -14.39
C ALA C 16 23.78 -38.71 -14.58
N ARG C 17 23.63 -38.32 -15.84
CA ARG C 17 23.30 -36.95 -16.21
C ARG C 17 22.01 -36.99 -17.00
N ALA C 18 20.99 -36.30 -16.51
CA ALA C 18 19.71 -36.26 -17.20
C ALA C 18 19.78 -35.28 -18.36
N ILE C 19 19.49 -35.75 -19.56
CA ILE C 19 19.31 -34.85 -20.69
C ILE C 19 17.99 -34.13 -20.53
N VAL C 20 18.05 -32.81 -20.45
CA VAL C 20 16.87 -32.02 -20.14
C VAL C 20 16.01 -31.90 -21.39
N ALA C 21 14.73 -32.19 -21.25
CA ALA C 21 13.76 -31.99 -22.31
C ALA C 21 12.58 -31.22 -21.74
N SER C 22 12.02 -30.32 -22.54
CA SER C 22 10.92 -29.46 -22.13
C SER C 22 9.86 -29.46 -23.21
N ASN C 23 8.59 -29.43 -22.81
CA ASN C 23 7.51 -29.36 -23.78
C ASN C 23 7.09 -27.93 -24.10
N ALA C 24 7.73 -26.94 -23.48
CA ALA C 24 7.58 -25.54 -23.85
C ALA C 24 8.60 -25.10 -24.89
N VAL C 25 9.58 -25.95 -25.18
CA VAL C 25 10.63 -25.72 -26.13
C VAL C 25 10.45 -26.72 -27.26
N ALA C 26 10.79 -26.31 -28.49
CA ALA C 26 10.74 -27.22 -29.64
C ALA C 26 11.68 -28.40 -29.44
N THR C 27 11.15 -29.60 -29.65
CA THR C 27 11.86 -30.82 -29.34
C THR C 27 12.87 -31.15 -30.44
N ASN C 28 13.68 -32.18 -30.19
CA ASN C 28 14.65 -32.62 -31.19
C ASN C 28 13.97 -33.26 -32.38
N GLU C 29 12.84 -33.93 -32.17
CA GLU C 29 12.05 -34.44 -33.29
C GLU C 29 11.38 -33.30 -34.05
N ASP C 30 10.97 -32.24 -33.33
CA ASP C 30 10.43 -31.04 -33.98
C ASP C 30 11.46 -30.40 -34.89
N LEU C 31 12.69 -30.23 -34.39
CA LEU C 31 13.71 -29.49 -35.13
C LEU C 31 14.22 -30.28 -36.34
N SER C 32 14.22 -31.61 -36.27
CA SER C 32 14.59 -32.40 -37.44
C SER C 32 13.55 -32.31 -38.53
N LYS C 33 12.27 -32.15 -38.16
CA LYS C 33 11.24 -31.96 -39.17
C LYS C 33 11.28 -30.56 -39.78
N ILE C 34 11.76 -29.55 -39.05
CA ILE C 34 11.94 -28.22 -39.63
C ILE C 34 13.01 -28.25 -40.71
N GLU C 35 14.12 -28.94 -40.42
CA GLU C 35 15.26 -28.99 -41.35
C GLU C 35 14.89 -29.67 -42.66
N ALA C 36 14.07 -30.71 -42.60
CA ALA C 36 13.67 -31.43 -43.81
C ALA C 36 12.77 -30.56 -44.69
N ILE C 37 11.93 -29.73 -44.08
CA ILE C 37 11.11 -28.82 -44.87
C ILE C 37 11.94 -27.63 -45.36
N TRP C 38 12.87 -27.16 -44.53
CA TRP C 38 13.66 -25.98 -44.90
C TRP C 38 14.65 -26.29 -46.01
N LYS C 39 15.28 -27.47 -45.98
CA LYS C 39 16.20 -27.82 -47.05
C LYS C 39 15.47 -28.17 -48.34
N ASP C 40 14.20 -28.56 -48.26
CA ASP C 40 13.41 -28.86 -49.44
C ASP C 40 12.92 -27.58 -50.13
N MET C 41 12.72 -26.50 -49.36
CA MET C 41 12.50 -25.19 -49.94
C MET C 41 13.80 -24.41 -50.11
N LYS C 42 14.93 -25.12 -50.09
CA LYS C 42 16.26 -24.64 -50.47
C LYS C 42 16.77 -23.52 -49.56
N VAL C 43 16.75 -23.79 -48.25
CA VAL C 43 17.52 -23.00 -47.29
C VAL C 43 18.91 -23.63 -47.27
N PRO C 44 19.99 -22.83 -47.33
CA PRO C 44 21.33 -23.42 -47.31
C PRO C 44 21.64 -24.06 -45.97
N THR C 45 22.09 -25.32 -46.02
CA THR C 45 22.38 -26.06 -44.80
C THR C 45 23.65 -25.54 -44.11
N ASP C 46 24.47 -24.77 -44.82
CA ASP C 46 25.64 -24.14 -44.23
C ASP C 46 25.28 -22.94 -43.35
N THR C 47 24.14 -22.30 -43.59
CA THR C 47 23.62 -21.23 -42.73
C THR C 47 22.21 -21.53 -42.24
N MET C 48 21.92 -22.80 -41.96
CA MET C 48 20.59 -23.16 -41.48
C MET C 48 20.33 -22.62 -40.07
N ALA C 49 21.36 -22.63 -39.22
CA ALA C 49 21.21 -22.13 -37.86
C ALA C 49 21.09 -20.61 -37.83
N GLN C 50 21.86 -19.92 -38.67
CA GLN C 50 21.82 -18.46 -38.70
C GLN C 50 20.50 -17.95 -39.27
N ALA C 51 19.86 -18.73 -40.16
CA ALA C 51 18.53 -18.37 -40.61
C ALA C 51 17.50 -18.54 -39.50
N ALA C 52 17.73 -19.48 -38.59
CA ALA C 52 16.84 -19.63 -37.44
C ALA C 52 17.06 -18.50 -36.43
N TRP C 53 18.31 -18.16 -36.15
CA TRP C 53 18.61 -17.10 -35.19
C TRP C 53 18.14 -15.75 -35.69
N ASP C 54 18.19 -15.53 -37.01
CA ASP C 54 17.68 -14.30 -37.59
C ASP C 54 16.16 -14.23 -37.51
N LEU C 55 15.49 -15.37 -37.68
CA LEU C 55 14.03 -15.40 -37.60
C LEU C 55 13.54 -15.17 -36.17
N VAL C 56 14.23 -15.76 -35.19
CA VAL C 56 13.81 -15.63 -33.80
C VAL C 56 14.13 -14.22 -33.27
N ARG C 57 15.24 -13.63 -33.73
CA ARG C 57 15.55 -12.24 -33.41
C ARG C 57 14.50 -11.28 -33.95
N HIS C 58 14.02 -11.55 -35.17
CA HIS C 58 12.90 -10.77 -35.71
C HIS C 58 11.62 -11.04 -34.93
N CYS C 59 11.44 -12.26 -34.44
CA CYS C 59 10.31 -12.61 -33.58
C CYS C 59 10.44 -12.05 -32.17
N ALA C 60 11.53 -11.39 -31.81
CA ALA C 60 11.57 -10.63 -30.58
C ALA C 60 11.10 -9.19 -30.76
N ASP C 61 11.15 -8.68 -31.99
CA ASP C 61 10.64 -7.35 -32.30
C ASP C 61 9.13 -7.36 -32.52
N VAL C 62 8.63 -8.41 -33.13
CA VAL C 62 7.20 -8.64 -33.34
C VAL C 62 6.89 -9.82 -32.42
N GLY C 63 5.66 -10.30 -32.41
CA GLY C 63 5.34 -11.41 -31.54
C GLY C 63 5.83 -12.75 -32.07
N SER C 64 5.56 -13.79 -31.27
CA SER C 64 5.69 -15.17 -31.74
C SER C 64 4.34 -15.87 -31.77
N SER C 65 3.27 -15.10 -31.87
CA SER C 65 1.93 -15.64 -32.07
C SER C 65 1.83 -16.33 -33.43
N ALA C 66 0.88 -17.26 -33.53
CA ALA C 66 0.60 -17.91 -34.79
C ALA C 66 -0.01 -16.98 -35.83
N GLN C 67 -0.61 -15.87 -35.39
CA GLN C 67 -1.19 -14.87 -36.27
C GLN C 67 -0.20 -13.79 -36.70
N THR C 68 1.04 -13.82 -36.22
CA THR C 68 1.98 -12.74 -36.48
C THR C 68 2.44 -12.74 -37.93
N GLU C 69 2.41 -11.56 -38.54
CA GLU C 69 2.96 -11.38 -39.88
C GLU C 69 4.46 -11.13 -39.78
N MET C 70 5.26 -12.06 -40.32
CA MET C 70 6.68 -11.82 -40.49
C MET C 70 6.89 -10.86 -41.65
N ILE C 71 7.93 -10.03 -41.55
CA ILE C 71 8.01 -8.88 -42.44
C ILE C 71 8.93 -9.11 -43.63
N ASP C 72 10.21 -9.41 -43.38
CA ASP C 72 11.19 -9.30 -44.46
C ASP C 72 11.95 -10.60 -44.66
N THR C 73 13.08 -10.51 -45.37
CA THR C 73 13.95 -11.65 -45.61
C THR C 73 15.28 -11.41 -44.91
N GLY C 74 15.76 -12.39 -44.17
CA GLY C 74 17.07 -12.32 -43.58
C GLY C 74 18.16 -12.59 -44.58
N PRO C 75 19.41 -12.40 -44.16
CA PRO C 75 20.54 -12.58 -45.08
C PRO C 75 21.11 -13.98 -45.15
N TYR C 76 20.58 -14.94 -44.39
CA TYR C 76 21.15 -16.27 -44.32
C TYR C 76 20.35 -17.34 -45.05
N SER C 77 19.19 -17.01 -45.59
CA SER C 77 18.49 -17.88 -46.50
C SER C 77 19.02 -17.65 -47.92
N ASN C 78 18.46 -18.35 -48.88
CA ASN C 78 18.64 -17.98 -50.29
C ASN C 78 17.43 -17.18 -50.76
N GLY C 79 17.18 -16.08 -50.08
CA GLY C 79 16.03 -15.24 -50.38
C GLY C 79 14.70 -15.77 -49.93
N ILE C 80 14.67 -16.81 -49.09
CA ILE C 80 13.42 -17.30 -48.54
C ILE C 80 12.97 -16.31 -47.47
N SER C 81 11.75 -15.81 -47.60
CA SER C 81 11.23 -14.82 -46.67
C SER C 81 10.97 -15.44 -45.30
N ARG C 82 10.96 -14.58 -44.28
CA ARG C 82 10.74 -15.04 -42.91
C ARG C 82 9.33 -15.56 -42.72
N ALA C 83 8.37 -15.06 -43.51
CA ALA C 83 7.00 -15.59 -43.44
C ALA C 83 6.92 -17.01 -43.95
N ARG C 84 7.73 -17.37 -44.94
CA ARG C 84 7.73 -18.74 -45.44
C ARG C 84 8.48 -19.68 -44.50
N LEU C 85 9.54 -19.19 -43.84
CA LEU C 85 10.21 -19.99 -42.82
C LEU C 85 9.32 -20.23 -41.62
N ALA C 86 8.55 -19.22 -41.22
CA ALA C 86 7.66 -19.36 -40.07
C ALA C 86 6.45 -20.24 -40.39
N ALA C 87 5.98 -20.20 -41.64
CA ALA C 87 4.86 -21.05 -42.03
C ALA C 87 5.25 -22.52 -42.06
N ALA C 88 6.52 -22.81 -42.39
CA ALA C 88 6.99 -24.18 -42.32
C ALA C 88 7.13 -24.65 -40.87
N ILE C 89 7.47 -23.76 -39.96
CA ILE C 89 7.60 -24.12 -38.55
C ILE C 89 6.24 -24.45 -37.96
N LYS C 90 5.22 -23.66 -38.30
CA LYS C 90 3.89 -23.83 -37.74
C LYS C 90 3.19 -25.09 -38.22
N GLU C 91 3.74 -25.79 -39.23
CA GLU C 91 3.27 -27.12 -39.56
C GLU C 91 3.75 -28.18 -38.59
N VAL C 92 4.80 -27.91 -37.82
CA VAL C 92 5.43 -28.90 -36.94
C VAL C 92 5.15 -28.58 -35.47
N CYS C 93 5.59 -27.42 -35.00
CA CYS C 93 5.37 -26.98 -33.64
C CYS C 93 4.81 -25.57 -33.67
N THR C 94 4.66 -24.92 -32.51
CA THR C 94 4.29 -23.52 -32.55
C THR C 94 5.52 -22.66 -32.81
N LEU C 95 5.27 -21.46 -33.31
CA LEU C 95 6.34 -20.49 -33.49
C LEU C 95 6.95 -20.07 -32.17
N ARG C 96 6.14 -20.00 -31.10
CA ARG C 96 6.65 -19.66 -29.78
C ARG C 96 7.58 -20.72 -29.23
N GLN C 97 7.26 -22.01 -29.48
CA GLN C 97 8.11 -23.10 -29.02
C GLN C 97 9.45 -23.11 -29.75
N PHE C 98 9.44 -22.78 -31.05
CA PHE C 98 10.68 -22.65 -31.81
C PHE C 98 11.53 -21.49 -31.29
N CYS C 99 10.88 -20.37 -30.97
CA CYS C 99 11.62 -19.20 -30.51
C CYS C 99 12.16 -19.38 -29.09
N MET C 100 11.47 -20.18 -28.26
CA MET C 100 11.98 -20.50 -26.93
C MET C 100 13.28 -21.28 -27.00
N LYS C 101 13.46 -22.08 -28.05
CA LYS C 101 14.70 -22.85 -28.25
C LYS C 101 15.91 -21.94 -28.44
N TYR C 102 15.71 -20.77 -29.02
CA TYR C 102 16.81 -19.86 -29.32
C TYR C 102 16.77 -18.60 -28.47
N ALA C 103 16.02 -18.62 -27.38
CA ALA C 103 15.94 -17.46 -26.49
C ALA C 103 17.27 -17.02 -25.86
N PRO C 104 18.20 -17.89 -25.41
CA PRO C 104 19.49 -17.35 -24.94
C PRO C 104 20.34 -16.77 -26.05
N VAL C 105 20.20 -17.26 -27.29
CA VAL C 105 20.96 -16.71 -28.41
C VAL C 105 20.51 -15.29 -28.71
N VAL C 106 19.20 -15.08 -28.75
CA VAL C 106 18.64 -13.75 -29.02
C VAL C 106 18.91 -12.81 -27.84
N TRP C 107 18.90 -13.33 -26.62
CA TRP C 107 19.20 -12.53 -25.44
C TRP C 107 20.65 -12.02 -25.46
N ASN C 108 21.60 -12.88 -25.85
CA ASN C 108 22.99 -12.45 -25.97
C ASN C 108 23.18 -11.51 -27.12
N TRP C 109 22.50 -11.75 -28.24
CA TRP C 109 22.59 -10.90 -29.41
C TRP C 109 22.08 -9.50 -29.13
N MET C 110 20.98 -9.38 -28.40
CA MET C 110 20.43 -8.07 -28.07
C MET C 110 21.29 -7.34 -27.06
N LEU C 111 21.89 -8.06 -26.11
CA LEU C 111 22.72 -7.41 -25.12
C LEU C 111 24.08 -7.03 -25.67
N THR C 112 24.58 -7.74 -26.69
CA THR C 112 25.84 -7.36 -27.32
C THR C 112 25.68 -6.07 -28.11
N ASN C 113 24.60 -5.96 -28.88
CA ASN C 113 24.40 -4.82 -29.76
C ASN C 113 23.71 -3.66 -29.08
N ASN C 114 23.31 -3.82 -27.81
CA ASN C 114 22.50 -2.85 -27.06
C ASN C 114 21.22 -2.50 -27.82
N SER C 115 20.58 -3.52 -28.37
CA SER C 115 19.42 -3.33 -29.23
C SER C 115 18.23 -4.06 -28.61
N PRO C 116 17.36 -3.35 -27.90
CA PRO C 116 16.23 -3.99 -27.21
C PRO C 116 15.17 -4.47 -28.19
N PRO C 117 14.16 -5.23 -27.74
CA PRO C 117 12.99 -5.48 -28.60
C PRO C 117 12.34 -4.18 -29.03
N ALA C 118 11.89 -4.17 -30.29
CA ALA C 118 11.64 -2.92 -31.00
C ALA C 118 10.44 -2.16 -30.45
N ASN C 119 9.41 -2.86 -30.01
CA ASN C 119 8.18 -2.24 -29.56
C ASN C 119 8.05 -2.29 -28.03
N TRP C 120 9.17 -2.10 -27.32
CA TRP C 120 9.15 -2.15 -25.86
C TRP C 120 8.32 -1.02 -25.25
N GLN C 121 8.31 0.15 -25.90
CA GLN C 121 7.53 1.27 -25.39
C GLN C 121 6.05 1.05 -25.59
N ALA C 122 5.66 0.50 -26.74
CA ALA C 122 4.26 0.20 -27.01
C ALA C 122 3.73 -0.89 -26.10
N GLN C 123 4.59 -1.81 -25.66
CA GLN C 123 4.22 -2.85 -24.72
C GLN C 123 4.07 -2.34 -23.29
N GLY C 124 4.46 -1.09 -23.01
CA GLY C 124 4.31 -0.54 -21.69
C GLY C 124 5.46 -0.81 -20.75
N PHE C 125 6.60 -1.21 -21.27
CA PHE C 125 7.77 -1.45 -20.43
C PHE C 125 8.44 -0.14 -20.06
N LYS C 126 8.91 -0.07 -18.83
CA LYS C 126 9.82 1.00 -18.44
C LYS C 126 11.15 0.82 -19.17
N PRO C 127 11.89 1.93 -19.41
CA PRO C 127 13.17 1.80 -20.11
C PRO C 127 14.21 0.96 -19.40
N GLU C 128 14.18 0.88 -18.08
CA GLU C 128 15.13 0.04 -17.36
C GLU C 128 14.78 -1.45 -17.42
N HIS C 129 13.62 -1.82 -17.96
CA HIS C 129 13.25 -3.22 -18.11
C HIS C 129 13.04 -3.64 -19.56
N LYS C 130 13.46 -2.80 -20.52
CA LYS C 130 13.05 -2.97 -21.91
C LYS C 130 13.69 -4.18 -22.59
N PHE C 131 14.76 -4.75 -22.03
CA PHE C 131 15.35 -5.92 -22.65
C PHE C 131 14.56 -7.19 -22.40
N ALA C 132 13.64 -7.19 -21.45
CA ALA C 132 12.74 -8.31 -21.22
C ALA C 132 11.45 -8.19 -22.03
N ALA C 133 11.35 -7.22 -22.93
CA ALA C 133 10.08 -6.90 -23.60
C ALA C 133 9.86 -7.73 -24.86
N PHE C 134 10.05 -9.02 -24.76
CA PHE C 134 9.68 -9.94 -25.81
C PHE C 134 8.96 -11.08 -25.13
N ASP C 135 8.02 -11.70 -25.85
CA ASP C 135 7.53 -12.99 -25.39
C ASP C 135 8.63 -14.01 -25.61
N PHE C 136 8.45 -15.25 -25.16
CA PHE C 136 9.50 -16.28 -25.09
C PHE C 136 10.78 -15.83 -24.34
N PHE C 137 10.70 -14.76 -23.55
CA PHE C 137 11.75 -14.37 -22.61
C PHE C 137 11.90 -15.38 -21.48
N ASN C 138 10.86 -16.17 -21.19
CA ASN C 138 10.94 -17.22 -20.19
C ASN C 138 11.98 -18.28 -20.55
N GLY C 139 12.26 -18.47 -21.82
CA GLY C 139 13.21 -19.46 -22.26
C GLY C 139 14.67 -19.13 -22.12
N VAL C 140 15.04 -17.96 -21.58
CA VAL C 140 16.45 -17.60 -21.57
C VAL C 140 17.24 -18.38 -20.52
N THR C 141 16.58 -18.86 -19.47
CA THR C 141 17.22 -19.70 -18.47
C THR C 141 16.72 -21.14 -18.53
N ASN C 142 15.93 -21.49 -19.54
CA ASN C 142 15.53 -22.88 -19.73
C ASN C 142 16.70 -23.67 -20.29
N PRO C 143 17.16 -24.73 -19.61
CA PRO C 143 18.31 -25.50 -20.10
C PRO C 143 18.04 -26.33 -21.35
N ALA C 144 16.78 -26.52 -21.74
CA ALA C 144 16.48 -27.20 -22.99
C ALA C 144 16.74 -26.32 -24.21
N ALA C 145 16.92 -25.02 -24.02
CA ALA C 145 17.18 -24.10 -25.12
C ALA C 145 18.66 -24.10 -25.47
N ILE C 146 18.95 -23.57 -26.67
CA ILE C 146 20.33 -23.47 -27.14
C ILE C 146 21.07 -22.41 -26.32
N MET C 147 22.06 -22.85 -25.58
CA MET C 147 22.91 -21.92 -24.85
C MET C 147 24.16 -21.67 -25.67
N PRO C 148 24.58 -20.41 -25.85
CA PRO C 148 25.84 -20.14 -26.54
C PRO C 148 27.04 -20.61 -25.72
N LYS C 149 28.16 -20.75 -26.42
CA LYS C 149 29.33 -21.47 -25.92
C LYS C 149 29.94 -20.83 -24.69
N GLU C 150 30.03 -19.51 -24.68
CA GLU C 150 30.64 -18.82 -23.54
C GLU C 150 29.62 -18.31 -22.53
N GLY C 151 28.33 -18.61 -22.72
CA GLY C 151 27.31 -18.27 -21.76
C GLY C 151 26.68 -16.90 -21.99
N LEU C 152 25.71 -16.61 -21.13
CA LEU C 152 25.05 -15.31 -21.17
C LEU C 152 25.98 -14.22 -20.68
N ILE C 153 25.93 -13.06 -21.36
CA ILE C 153 26.68 -11.89 -20.94
C ILE C 153 26.22 -11.46 -19.55
N ARG C 154 24.91 -11.45 -19.35
CA ARG C 154 24.29 -10.96 -18.17
C ARG C 154 23.08 -11.86 -17.99
N PRO C 155 22.84 -12.37 -16.79
CA PRO C 155 21.56 -13.03 -16.52
C PRO C 155 20.47 -11.99 -16.43
N PRO C 156 19.20 -12.38 -16.63
CA PRO C 156 18.11 -11.42 -16.41
C PRO C 156 17.99 -11.08 -14.93
N SER C 157 17.85 -9.79 -14.65
CA SER C 157 17.68 -9.35 -13.27
C SER C 157 16.29 -9.71 -12.77
N GLU C 158 16.11 -9.59 -11.44
CA GLU C 158 14.83 -9.88 -10.82
C GLU C 158 13.76 -8.89 -11.25
N ALA C 159 14.15 -7.62 -11.44
CA ALA C 159 13.21 -6.62 -11.91
C ALA C 159 12.78 -6.86 -13.36
N GLU C 160 13.69 -7.40 -14.18
CA GLU C 160 13.32 -7.75 -15.55
C GLU C 160 12.38 -8.94 -15.58
N MET C 161 12.61 -9.93 -14.71
CA MET C 161 11.70 -11.06 -14.59
C MET C 161 10.34 -10.64 -14.05
N ASN C 162 10.32 -9.68 -13.13
CA ASN C 162 9.06 -9.14 -12.61
C ASN C 162 8.27 -8.43 -13.71
N ALA C 163 8.94 -7.59 -14.50
CA ALA C 163 8.27 -6.87 -15.58
C ALA C 163 7.75 -7.80 -16.66
N ALA C 164 8.46 -8.89 -16.93
CA ALA C 164 8.03 -9.82 -17.97
C ALA C 164 6.82 -10.62 -17.53
N GLN C 165 6.75 -11.00 -16.25
CA GLN C 165 5.58 -11.72 -15.74
C GLN C 165 4.35 -10.83 -15.72
N THR C 166 4.53 -9.54 -15.39
CA THR C 166 3.41 -8.61 -15.41
C THR C 166 2.92 -8.36 -16.83
N ALA C 167 3.84 -8.19 -17.77
CA ALA C 167 3.46 -8.01 -19.16
C ALA C 167 2.84 -9.26 -19.76
N ALA C 168 3.28 -10.44 -19.30
CA ALA C 168 2.65 -11.67 -19.73
C ALA C 168 1.22 -11.78 -19.23
N PHE C 169 0.96 -11.30 -18.00
CA PHE C 169 -0.41 -11.25 -17.50
C PHE C 169 -1.27 -10.34 -18.35
N VAL C 170 -0.76 -9.13 -18.65
CA VAL C 170 -1.57 -8.13 -19.35
C VAL C 170 -1.88 -8.58 -20.77
N LYS C 171 -0.88 -9.09 -21.49
CA LYS C 171 -1.08 -9.47 -22.89
C LYS C 171 -1.95 -10.70 -23.04
N ILE C 172 -1.81 -11.68 -22.15
CA ILE C 172 -2.61 -12.91 -22.26
C ILE C 172 -4.05 -12.65 -21.82
N THR C 173 -4.25 -11.86 -20.77
CA THR C 173 -5.61 -11.59 -20.29
C THR C 173 -6.36 -10.70 -21.28
N LYS C 174 -5.68 -9.75 -21.92
CA LYS C 174 -6.30 -8.95 -22.97
C LYS C 174 -6.68 -9.81 -24.17
N ALA C 175 -5.85 -10.79 -24.51
CA ALA C 175 -6.18 -11.68 -25.62
C ALA C 175 -7.33 -12.62 -25.26
N ARG C 176 -7.43 -13.03 -24.00
CA ARG C 176 -8.57 -13.83 -23.58
C ARG C 176 -9.86 -13.02 -23.54
N ALA C 177 -9.77 -11.73 -23.18
CA ALA C 177 -10.94 -10.87 -23.14
C ALA C 177 -11.49 -10.57 -24.52
N GLN C 178 -10.68 -10.70 -25.57
CA GLN C 178 -11.16 -10.61 -26.94
C GLN C 178 -11.66 -11.94 -27.48
N SER C 179 -11.41 -13.03 -26.77
CA SER C 179 -11.95 -14.34 -27.10
C SER C 179 -13.29 -14.49 -26.37
N ASN C 180 -13.82 -15.70 -26.30
CA ASN C 180 -15.09 -15.94 -25.65
C ASN C 180 -14.99 -17.19 -24.77
N ASP C 181 -16.11 -17.52 -24.15
CA ASP C 181 -16.26 -18.67 -23.27
C ASP C 181 -17.24 -19.70 -23.85
N PHE C 182 -17.31 -19.81 -25.17
CA PHE C 182 -18.51 -20.35 -25.80
C PHE C 182 -18.54 -21.85 -26.05
N ALA C 183 -17.46 -22.60 -25.82
CA ALA C 183 -17.44 -24.08 -25.88
C ALA C 183 -17.78 -24.72 -27.23
N SER C 184 -18.14 -23.89 -28.22
CA SER C 184 -18.58 -24.23 -29.55
C SER C 184 -18.71 -22.91 -30.30
N LEU C 185 -18.32 -22.89 -31.56
CA LEU C 185 -18.46 -21.68 -32.35
C LEU C 185 -19.70 -21.66 -33.21
N ASP C 186 -20.55 -22.68 -33.09
CA ASP C 186 -21.82 -22.71 -33.80
C ASP C 186 -22.72 -21.57 -33.30
N ALA C 187 -23.51 -21.04 -34.23
CA ALA C 187 -24.39 -19.90 -33.96
C ALA C 187 -25.50 -20.22 -32.98
N ALA C 188 -25.83 -21.49 -32.77
CA ALA C 188 -26.77 -21.86 -31.71
C ALA C 188 -26.22 -21.52 -30.33
N VAL C 189 -24.91 -21.52 -30.16
CA VAL C 189 -24.28 -21.23 -28.88
C VAL C 189 -23.79 -19.79 -28.81
N THR C 190 -23.08 -19.32 -29.84
CA THR C 190 -22.51 -17.98 -29.80
C THR C 190 -23.57 -16.90 -29.93
N ARG C 191 -24.68 -17.23 -30.60
CA ARG C 191 -25.75 -16.31 -30.98
C ARG C 191 -25.23 -15.12 -31.77
N GLY C 192 -24.22 -15.34 -32.60
CA GLY C 192 -23.61 -14.28 -33.37
C GLY C 192 -22.86 -13.26 -32.57
N ARG C 193 -22.15 -13.69 -31.52
CA ARG C 193 -21.34 -12.79 -30.72
C ARG C 193 -19.88 -13.23 -30.78
N ILE C 194 -18.98 -12.25 -30.79
CA ILE C 194 -17.56 -12.54 -30.82
C ILE C 194 -17.06 -12.88 -29.42
N THR C 195 -17.30 -12.01 -28.46
CA THR C 195 -16.86 -12.22 -27.09
C THR C 195 -17.98 -12.62 -26.14
N GLY C 196 -19.23 -12.32 -26.48
CA GLY C 196 -20.34 -12.52 -25.57
C GLY C 196 -20.28 -11.62 -24.35
N THR C 197 -19.80 -10.40 -24.51
CA THR C 197 -19.40 -9.54 -23.41
C THR C 197 -19.36 -8.10 -23.94
N THR C 198 -19.81 -7.14 -23.13
CA THR C 198 -19.70 -5.75 -23.53
C THR C 198 -18.27 -5.24 -23.38
N THR C 199 -18.05 -4.01 -23.85
CA THR C 199 -16.73 -3.39 -23.77
C THR C 199 -16.33 -3.13 -22.32
N ALA C 200 -17.27 -2.68 -21.49
CA ALA C 200 -16.96 -2.38 -20.10
C ALA C 200 -16.73 -3.65 -19.30
N GLU C 201 -17.41 -4.74 -19.63
CA GLU C 201 -17.21 -6.01 -18.94
C GLU C 201 -15.92 -6.72 -19.36
N ALA C 202 -15.26 -6.26 -20.42
CA ALA C 202 -14.06 -6.88 -20.94
C ALA C 202 -12.79 -6.14 -20.56
N VAL C 203 -12.88 -5.09 -19.76
CA VAL C 203 -11.72 -4.30 -19.38
C VAL C 203 -10.86 -5.09 -18.39
N VAL C 204 -9.58 -5.22 -18.70
CA VAL C 204 -8.62 -5.96 -17.90
C VAL C 204 -7.91 -5.00 -16.97
N THR C 205 -7.89 -5.32 -15.67
CA THR C 205 -7.06 -4.62 -14.69
C THR C 205 -6.37 -5.63 -13.80
N LEU C 206 -5.14 -5.31 -13.42
CA LEU C 206 -4.42 -6.07 -12.42
C LEU C 206 -4.70 -5.42 -11.06
N PRO C 207 -5.44 -6.08 -10.17
CA PRO C 207 -5.97 -5.41 -8.95
C PRO C 207 -4.87 -4.97 -8.01
N PRO C 208 -5.03 -3.79 -7.39
CA PRO C 208 -3.91 -3.16 -6.68
C PRO C 208 -3.63 -3.84 -5.36
N PRO C 209 -2.38 -3.78 -4.88
CA PRO C 209 -2.06 -4.30 -3.55
C PRO C 209 -2.65 -3.43 -2.43
N ALA D 1 -8.61 -52.84 32.43
CA ALA D 1 -8.71 -52.15 31.14
C ALA D 1 -8.15 -53.04 30.03
N SER D 2 -9.05 -53.57 29.21
CA SER D 2 -8.68 -54.46 28.12
C SER D 2 -9.48 -54.07 26.89
N GLY D 3 -9.28 -54.83 25.82
CA GLY D 3 -9.97 -54.53 24.57
C GLY D 3 -9.45 -53.24 23.98
N LEU D 4 -10.37 -52.36 23.57
CA LEU D 4 -10.00 -51.05 23.07
C LEU D 4 -9.67 -50.05 24.16
N PHE D 5 -9.77 -50.43 25.43
CA PHE D 5 -9.47 -49.56 26.55
C PHE D 5 -8.10 -49.83 27.16
N THR D 6 -7.26 -50.62 26.50
CA THR D 6 -5.95 -50.98 27.01
C THR D 6 -5.02 -49.77 27.03
N ILE D 7 -4.33 -49.57 28.14
CA ILE D 7 -3.39 -48.46 28.30
C ILE D 7 -2.01 -48.93 27.86
N PRO D 8 -1.37 -48.25 26.91
CA PRO D 8 0.01 -48.60 26.55
C PRO D 8 0.98 -48.25 27.67
N ASP D 9 2.03 -49.05 27.77
CA ASP D 9 2.86 -49.09 28.97
C ASP D 9 4.31 -48.65 28.78
N GLY D 10 4.80 -48.59 27.54
CA GLY D 10 6.18 -48.26 27.27
C GLY D 10 6.95 -49.35 26.53
N ASP D 11 6.57 -50.62 26.70
CA ASP D 11 7.06 -51.67 25.82
C ASP D 11 6.62 -51.47 24.38
N PHE D 12 5.43 -50.91 24.17
CA PHE D 12 4.94 -50.70 22.81
C PHE D 12 5.71 -49.60 22.09
N PHE D 13 6.05 -48.52 22.80
CA PHE D 13 6.66 -47.37 22.15
C PHE D 13 8.12 -47.63 21.78
N SER D 14 8.80 -48.50 22.52
CA SER D 14 10.21 -48.80 22.28
C SER D 14 10.41 -49.91 21.26
N THR D 15 9.39 -50.72 20.98
CA THR D 15 9.52 -51.89 20.12
C THR D 15 8.80 -51.72 18.79
N ALA D 16 7.56 -51.25 18.81
CA ALA D 16 6.77 -51.17 17.59
C ALA D 16 7.27 -50.03 16.70
N ARG D 17 7.41 -50.32 15.42
CA ARG D 17 7.76 -49.33 14.41
C ARG D 17 6.64 -49.32 13.39
N ALA D 18 6.01 -48.17 13.21
CA ALA D 18 4.94 -48.06 12.23
C ALA D 18 5.53 -47.91 10.84
N ILE D 19 5.14 -48.81 9.93
CA ILE D 19 5.48 -48.62 8.53
C ILE D 19 4.61 -47.51 7.96
N VAL D 20 5.25 -46.46 7.47
CA VAL D 20 4.53 -45.26 7.05
C VAL D 20 3.92 -45.53 5.67
N ALA D 21 2.63 -45.24 5.55
CA ALA D 21 1.94 -45.29 4.28
C ALA D 21 1.19 -43.98 4.08
N SER D 22 1.16 -43.51 2.85
CA SER D 22 0.53 -42.23 2.51
C SER D 22 -0.33 -42.42 1.27
N ASN D 23 -1.47 -41.74 1.24
CA ASN D 23 -2.33 -41.81 0.07
C ASN D 23 -2.04 -40.71 -0.95
N ALA D 24 -1.06 -39.85 -0.68
CA ALA D 24 -0.55 -38.90 -1.64
C ALA D 24 0.63 -39.46 -2.43
N VAL D 25 1.14 -40.61 -2.01
CA VAL D 25 2.26 -41.29 -2.63
C VAL D 25 1.73 -42.60 -3.20
N ALA D 26 2.31 -43.03 -4.33
CA ALA D 26 1.94 -44.32 -4.92
C ALA D 26 2.23 -45.46 -3.96
N THR D 27 1.23 -46.32 -3.77
CA THR D 27 1.29 -47.38 -2.77
C THR D 27 2.14 -48.54 -3.27
N ASN D 28 2.37 -49.50 -2.36
CA ASN D 28 3.11 -50.70 -2.74
C ASN D 28 2.30 -51.59 -3.68
N GLU D 29 0.98 -51.60 -3.54
CA GLU D 29 0.14 -52.30 -4.50
C GLU D 29 0.10 -51.57 -5.84
N ASP D 30 0.17 -50.22 -5.81
CA ASP D 30 0.26 -49.45 -7.04
C ASP D 30 1.54 -49.78 -7.80
N LEU D 31 2.67 -49.81 -7.10
CA LEU D 31 3.97 -49.99 -7.75
C LEU D 31 4.15 -51.40 -8.28
N SER D 32 3.55 -52.40 -7.64
CA SER D 32 3.62 -53.76 -8.18
C SER D 32 2.81 -53.88 -9.46
N LYS D 33 1.73 -53.12 -9.58
CA LYS D 33 0.97 -53.14 -10.82
C LYS D 33 1.68 -52.38 -11.94
N ILE D 34 2.50 -51.37 -11.62
CA ILE D 34 3.29 -50.71 -12.65
C ILE D 34 4.32 -51.66 -13.23
N GLU D 35 4.98 -52.44 -12.37
CA GLU D 35 6.03 -53.36 -12.80
C GLU D 35 5.50 -54.43 -13.74
N ALA D 36 4.29 -54.94 -13.46
CA ALA D 36 3.71 -55.97 -14.30
C ALA D 36 3.37 -55.45 -15.68
N ILE D 37 2.96 -54.19 -15.78
CA ILE D 37 2.68 -53.60 -17.09
C ILE D 37 3.99 -53.23 -17.77
N TRP D 38 4.98 -52.74 -17.01
CA TRP D 38 6.23 -52.29 -17.61
C TRP D 38 7.05 -53.46 -18.13
N LYS D 39 7.08 -54.58 -17.40
CA LYS D 39 7.83 -55.74 -17.89
C LYS D 39 7.11 -56.43 -19.05
N ASP D 40 5.80 -56.25 -19.18
CA ASP D 40 5.05 -56.82 -20.29
C ASP D 40 5.25 -56.00 -21.56
N MET D 41 5.49 -54.69 -21.45
CA MET D 41 5.93 -53.88 -22.58
C MET D 41 7.45 -53.83 -22.69
N LYS D 42 8.13 -54.77 -22.02
CA LYS D 42 9.56 -55.06 -22.17
C LYS D 42 10.45 -53.89 -21.73
N VAL D 43 10.22 -53.41 -20.51
CA VAL D 43 11.18 -52.57 -19.82
C VAL D 43 12.14 -53.53 -19.12
N PRO D 44 13.46 -53.32 -19.20
CA PRO D 44 14.39 -54.24 -18.54
C PRO D 44 14.28 -54.15 -17.03
N THR D 45 14.11 -55.31 -16.39
CA THR D 45 13.96 -55.37 -14.94
C THR D 45 15.27 -55.06 -14.22
N ASP D 46 16.39 -55.11 -14.91
CA ASP D 46 17.68 -54.71 -14.35
C ASP D 46 17.83 -53.19 -14.22
N THR D 47 17.11 -52.42 -15.04
CA THR D 47 17.08 -50.96 -14.92
C THR D 47 15.65 -50.45 -14.79
N MET D 48 14.79 -51.18 -14.08
CA MET D 48 13.41 -50.75 -13.90
C MET D 48 13.32 -49.51 -13.02
N ALA D 49 14.17 -49.43 -11.99
CA ALA D 49 14.16 -48.28 -11.09
C ALA D 49 14.74 -47.04 -11.77
N GLN D 50 15.79 -47.22 -12.56
CA GLN D 50 16.41 -46.08 -13.23
C GLN D 50 15.51 -45.51 -14.32
N ALA D 51 14.67 -46.35 -14.93
CA ALA D 51 13.66 -45.85 -15.86
C ALA D 51 12.59 -45.04 -15.14
N ALA D 52 12.30 -45.38 -13.88
CA ALA D 52 11.36 -44.59 -13.09
C ALA D 52 11.99 -43.27 -12.66
N TRP D 53 13.24 -43.30 -12.21
CA TRP D 53 13.91 -42.07 -11.77
C TRP D 53 14.14 -41.11 -12.93
N ASP D 54 14.38 -41.64 -14.12
CA ASP D 54 14.52 -40.80 -15.31
C ASP D 54 13.19 -40.17 -15.70
N LEU D 55 12.09 -40.92 -15.55
CA LEU D 55 10.77 -40.39 -15.90
C LEU D 55 10.33 -39.31 -14.92
N VAL D 56 10.61 -39.48 -13.63
CA VAL D 56 10.20 -38.51 -12.63
C VAL D 56 11.07 -37.26 -12.70
N ARG D 57 12.36 -37.42 -13.02
CA ARG D 57 13.24 -36.28 -13.25
C ARG D 57 12.77 -35.45 -14.45
N HIS D 58 12.32 -36.12 -15.51
CA HIS D 58 11.71 -35.41 -16.62
C HIS D 58 10.40 -34.76 -16.22
N CYS D 59 9.65 -35.40 -15.32
CA CYS D 59 8.42 -34.82 -14.78
C CYS D 59 8.68 -33.70 -13.78
N ALA D 60 9.92 -33.38 -13.44
CA ALA D 60 10.21 -32.17 -12.71
C ALA D 60 10.45 -30.98 -13.63
N ASP D 61 10.82 -31.23 -14.90
CA ASP D 61 10.99 -30.17 -15.88
C ASP D 61 9.66 -29.76 -16.51
N VAL D 62 8.78 -30.73 -16.72
CA VAL D 62 7.42 -30.52 -17.21
C VAL D 62 6.54 -30.85 -16.00
N GLY D 63 5.24 -30.79 -16.14
CA GLY D 63 4.39 -31.09 -15.01
C GLY D 63 4.25 -32.58 -14.73
N SER D 64 3.49 -32.89 -13.68
CA SER D 64 3.02 -34.25 -13.43
C SER D 64 1.50 -34.33 -13.54
N SER D 65 0.90 -33.41 -14.29
CA SER D 65 -0.52 -33.47 -14.61
C SER D 65 -0.81 -34.67 -15.50
N ALA D 66 -2.06 -35.12 -15.45
CA ALA D 66 -2.51 -36.20 -16.32
C ALA D 66 -2.56 -35.78 -17.79
N GLN D 67 -2.63 -34.48 -18.08
CA GLN D 67 -2.63 -33.96 -19.43
C GLN D 67 -1.24 -33.68 -19.97
N THR D 68 -0.18 -33.90 -19.19
CA THR D 68 1.16 -33.51 -19.61
C THR D 68 1.68 -34.42 -20.72
N GLU D 69 2.23 -33.81 -21.75
CA GLU D 69 2.90 -34.56 -22.82
C GLU D 69 4.34 -34.84 -22.40
N MET D 70 4.67 -36.12 -22.22
CA MET D 70 6.05 -36.52 -22.05
C MET D 70 6.76 -36.45 -23.40
N ILE D 71 8.05 -36.12 -23.38
CA ILE D 71 8.71 -35.71 -24.61
C ILE D 71 9.52 -36.83 -25.26
N ASP D 72 10.49 -37.38 -24.55
CA ASP D 72 11.50 -38.20 -25.21
C ASP D 72 11.61 -39.59 -24.61
N THR D 73 12.70 -40.28 -24.92
CA THR D 73 12.99 -41.59 -24.37
C THR D 73 14.23 -41.51 -23.50
N GLY D 74 14.15 -42.05 -22.30
CA GLY D 74 15.31 -42.16 -21.44
C GLY D 74 16.24 -43.26 -21.86
N PRO D 75 17.40 -43.34 -21.22
CA PRO D 75 18.40 -44.35 -21.59
C PRO D 75 18.28 -45.69 -20.87
N TYR D 76 17.32 -45.85 -19.97
CA TYR D 76 17.22 -47.06 -19.16
C TYR D 76 16.09 -47.99 -19.55
N SER D 77 15.23 -47.59 -20.50
CA SER D 77 14.29 -48.52 -21.09
C SER D 77 14.98 -49.24 -22.25
N ASN D 78 14.23 -50.10 -22.93
CA ASN D 78 14.66 -50.61 -24.23
C ASN D 78 13.97 -49.81 -25.33
N GLY D 79 14.19 -48.49 -25.31
CA GLY D 79 13.59 -47.59 -26.26
C GLY D 79 12.11 -47.32 -26.04
N ILE D 80 11.57 -47.68 -24.89
CA ILE D 80 10.19 -47.33 -24.56
C ILE D 80 10.15 -45.86 -24.21
N SER D 81 9.30 -45.10 -24.90
CA SER D 81 9.22 -43.67 -24.69
C SER D 81 8.61 -43.35 -23.33
N ARG D 82 8.91 -42.14 -22.84
CA ARG D 82 8.41 -41.72 -21.54
C ARG D 82 6.90 -41.52 -21.55
N ALA D 83 6.32 -41.21 -22.72
CA ALA D 83 4.87 -41.10 -22.82
C ALA D 83 4.19 -42.46 -22.67
N ARG D 84 4.84 -43.53 -23.12
CA ARG D 84 4.26 -44.86 -22.95
C ARG D 84 4.42 -45.36 -21.52
N LEU D 85 5.53 -45.01 -20.87
CA LEU D 85 5.70 -45.34 -19.45
C LEU D 85 4.70 -44.58 -18.59
N ALA D 86 4.44 -43.32 -18.90
CA ALA D 86 3.51 -42.54 -18.13
C ALA D 86 2.06 -42.96 -18.37
N ALA D 87 1.75 -43.41 -19.59
CA ALA D 87 0.40 -43.88 -19.87
C ALA D 87 0.10 -45.18 -19.14
N ALA D 88 1.11 -46.01 -18.93
CA ALA D 88 0.92 -47.22 -18.13
C ALA D 88 0.71 -46.89 -16.66
N ILE D 89 1.35 -45.83 -16.17
CA ILE D 89 1.20 -45.43 -14.77
C ILE D 89 -0.19 -44.90 -14.52
N LYS D 90 -0.73 -44.11 -15.45
CA LYS D 90 -2.03 -43.48 -15.29
C LYS D 90 -3.19 -44.47 -15.36
N GLU D 91 -2.94 -45.73 -15.75
CA GLU D 91 -3.93 -46.78 -15.59
C GLU D 91 -4.06 -47.27 -14.16
N VAL D 92 -3.05 -47.02 -13.32
CA VAL D 92 -3.00 -47.55 -11.96
C VAL D 92 -3.21 -46.46 -10.92
N CYS D 93 -2.34 -45.45 -10.90
CA CYS D 93 -2.44 -44.32 -10.00
C CYS D 93 -2.29 -43.04 -10.79
N THR D 94 -2.22 -41.89 -10.13
CA THR D 94 -1.92 -40.68 -10.88
C THR D 94 -0.42 -40.58 -11.12
N LEU D 95 -0.07 -39.82 -12.15
CA LEU D 95 1.33 -39.53 -12.42
C LEU D 95 1.97 -38.73 -11.29
N ARG D 96 1.19 -37.84 -10.65
CA ARG D 96 1.71 -37.05 -9.54
C ARG D 96 2.01 -37.94 -8.33
N GLN D 97 1.18 -38.95 -8.08
CA GLN D 97 1.41 -39.86 -6.96
C GLN D 97 2.65 -40.72 -7.19
N PHE D 98 2.89 -41.14 -8.44
CA PHE D 98 4.11 -41.86 -8.77
C PHE D 98 5.34 -40.98 -8.59
N CYS D 99 5.25 -39.72 -9.00
CA CYS D 99 6.40 -38.83 -8.90
C CYS D 99 6.68 -38.42 -7.46
N MET D 100 5.65 -38.37 -6.61
CA MET D 100 5.85 -38.11 -5.19
C MET D 100 6.68 -39.21 -4.52
N LYS D 101 6.56 -40.45 -5.02
CA LYS D 101 7.32 -41.57 -4.49
C LYS D 101 8.83 -41.39 -4.70
N TYR D 102 9.22 -40.72 -5.76
CA TYR D 102 10.64 -40.55 -6.08
C TYR D 102 11.10 -39.11 -5.93
N ALA D 103 10.34 -38.29 -5.21
CA ALA D 103 10.73 -36.90 -4.99
C ALA D 103 12.05 -36.68 -4.25
N PRO D 104 12.46 -37.46 -3.22
CA PRO D 104 13.81 -37.26 -2.67
C PRO D 104 14.93 -37.68 -3.62
N VAL D 105 14.66 -38.64 -4.51
CA VAL D 105 15.67 -39.07 -5.47
C VAL D 105 15.93 -37.95 -6.48
N VAL D 106 14.87 -37.36 -7.00
CA VAL D 106 14.98 -36.27 -7.97
C VAL D 106 15.55 -35.02 -7.30
N TRP D 107 15.23 -34.78 -6.03
CA TRP D 107 15.78 -33.65 -5.29
C TRP D 107 17.28 -33.77 -5.10
N ASN D 108 17.76 -34.97 -4.78
CA ASN D 108 19.20 -35.19 -4.66
C ASN D 108 19.90 -35.13 -6.00
N TRP D 109 19.25 -35.65 -7.04
CA TRP D 109 19.81 -35.64 -8.39
C TRP D 109 19.97 -34.22 -8.91
N MET D 110 18.99 -33.36 -8.66
CA MET D 110 19.07 -31.97 -9.12
C MET D 110 20.09 -31.18 -8.32
N LEU D 111 20.21 -31.45 -7.02
CA LEU D 111 21.18 -30.72 -6.22
C LEU D 111 22.60 -31.19 -6.46
N THR D 112 22.79 -32.44 -6.87
CA THR D 112 24.13 -32.93 -7.21
C THR D 112 24.63 -32.27 -8.48
N ASN D 113 23.79 -32.21 -9.50
CA ASN D 113 24.18 -31.70 -10.81
C ASN D 113 24.03 -30.20 -10.94
N ASN D 114 23.51 -29.53 -9.90
CA ASN D 114 23.17 -28.10 -9.92
C ASN D 114 22.25 -27.78 -11.09
N SER D 115 21.26 -28.63 -11.31
CA SER D 115 20.38 -28.52 -12.46
C SER D 115 18.95 -28.35 -11.97
N PRO D 116 18.44 -27.12 -11.92
CA PRO D 116 17.09 -26.87 -11.38
C PRO D 116 16.01 -27.38 -12.32
N PRO D 117 14.74 -27.38 -11.89
CA PRO D 117 13.64 -27.61 -12.85
C PRO D 117 13.68 -26.60 -13.99
N ALA D 118 13.37 -27.09 -15.19
CA ALA D 118 13.77 -26.40 -16.42
C ALA D 118 13.01 -25.11 -16.62
N ASN D 119 11.74 -25.06 -16.24
CA ASN D 119 10.89 -23.90 -16.49
C ASN D 119 10.64 -23.10 -15.21
N TRP D 120 11.66 -22.99 -14.36
CA TRP D 120 11.52 -22.25 -13.10
C TRP D 120 11.24 -20.77 -13.32
N GLN D 121 11.80 -20.19 -14.38
CA GLN D 121 11.58 -18.78 -14.66
C GLN D 121 10.17 -18.54 -15.16
N ALA D 122 9.67 -19.43 -16.03
CA ALA D 122 8.30 -19.31 -16.53
C ALA D 122 7.27 -19.51 -15.43
N GLN D 123 7.60 -20.29 -14.41
CA GLN D 123 6.73 -20.48 -13.26
C GLN D 123 6.72 -19.29 -12.31
N GLY D 124 7.60 -18.31 -12.50
CA GLY D 124 7.62 -17.14 -11.66
C GLY D 124 8.45 -17.27 -10.41
N PHE D 125 9.33 -18.25 -10.34
CA PHE D 125 10.21 -18.41 -9.19
C PHE D 125 11.36 -17.43 -9.25
N LYS D 126 11.72 -16.89 -8.09
CA LYS D 126 12.98 -16.18 -7.97
C LYS D 126 14.13 -17.16 -8.12
N PRO D 127 15.30 -16.68 -8.59
CA PRO D 127 16.44 -17.60 -8.77
C PRO D 127 16.94 -18.26 -7.48
N GLU D 128 16.77 -17.62 -6.33
CA GLU D 128 17.19 -18.23 -5.07
C GLU D 128 16.22 -19.30 -4.58
N HIS D 129 15.06 -19.46 -5.21
CA HIS D 129 14.11 -20.50 -4.84
C HIS D 129 13.85 -21.50 -5.95
N LYS D 130 14.67 -21.50 -7.01
CA LYS D 130 14.33 -22.22 -8.23
C LYS D 130 14.41 -23.73 -8.10
N PHE D 131 15.05 -24.25 -7.07
CA PHE D 131 15.10 -25.70 -6.93
C PHE D 131 13.81 -26.28 -6.38
N ALA D 132 12.92 -25.46 -5.83
CA ALA D 132 11.60 -25.91 -5.42
C ALA D 132 10.56 -25.78 -6.54
N ALA D 133 10.97 -25.46 -7.76
CA ALA D 133 10.04 -25.12 -8.83
C ALA D 133 9.57 -26.34 -9.62
N PHE D 134 9.14 -27.36 -8.90
CA PHE D 134 8.49 -28.49 -9.51
C PHE D 134 7.27 -28.78 -8.64
N ASP D 135 6.21 -29.30 -9.26
CA ASP D 135 5.16 -29.90 -8.45
C ASP D 135 5.71 -31.19 -7.86
N PHE D 136 4.96 -31.85 -6.99
CA PHE D 136 5.42 -33.00 -6.18
C PHE D 136 6.70 -32.70 -5.36
N PHE D 137 7.05 -31.42 -5.18
CA PHE D 137 8.09 -31.01 -4.25
C PHE D 137 7.70 -31.25 -2.79
N ASN D 138 6.39 -31.36 -2.52
CA ASN D 138 5.91 -31.69 -1.18
C ASN D 138 6.38 -33.07 -0.72
N GLY D 139 6.65 -33.97 -1.64
CA GLY D 139 7.08 -35.30 -1.30
C GLY D 139 8.52 -35.48 -0.91
N VAL D 140 9.34 -34.43 -0.85
CA VAL D 140 10.76 -34.63 -0.59
C VAL D 140 11.02 -34.97 0.88
N THR D 141 10.14 -34.56 1.79
CA THR D 141 10.25 -34.92 3.20
C THR D 141 9.17 -35.91 3.64
N ASN D 142 8.39 -36.43 2.70
CA ASN D 142 7.42 -37.46 3.02
C ASN D 142 8.15 -38.79 3.23
N PRO D 143 8.02 -39.42 4.40
CA PRO D 143 8.75 -40.69 4.65
C PRO D 143 8.22 -41.87 3.87
N ALA D 144 7.04 -41.79 3.26
CA ALA D 144 6.57 -42.86 2.40
C ALA D 144 7.28 -42.90 1.06
N ALA D 145 8.01 -41.85 0.70
CA ALA D 145 8.75 -41.79 -0.55
C ALA D 145 10.09 -42.50 -0.43
N ILE D 146 10.67 -42.81 -1.59
CA ILE D 146 11.98 -43.45 -1.64
C ILE D 146 13.05 -42.46 -1.18
N MET D 147 13.68 -42.76 -0.08
CA MET D 147 14.81 -41.98 0.39
C MET D 147 16.10 -42.64 -0.05
N PRO D 148 17.04 -41.90 -0.63
CA PRO D 148 18.34 -42.49 -0.96
C PRO D 148 19.13 -42.84 0.29
N LYS D 149 20.13 -43.70 0.07
CA LYS D 149 20.79 -44.42 1.15
C LYS D 149 21.54 -43.49 2.09
N GLU D 150 22.21 -42.48 1.56
CA GLU D 150 22.97 -41.58 2.40
C GLU D 150 22.22 -40.30 2.75
N GLY D 151 20.96 -40.18 2.34
CA GLY D 151 20.13 -39.05 2.71
C GLY D 151 20.20 -37.89 1.74
N LEU D 152 19.41 -36.87 2.06
CA LEU D 152 19.40 -35.65 1.26
C LEU D 152 20.69 -34.87 1.47
N ILE D 153 21.21 -34.31 0.38
CA ILE D 153 22.38 -33.43 0.45
C ILE D 153 22.07 -32.22 1.31
N ARG D 154 20.88 -31.65 1.10
CA ARG D 154 20.46 -30.43 1.71
C ARG D 154 18.96 -30.62 1.90
N PRO D 155 18.42 -30.32 3.07
CA PRO D 155 16.98 -30.24 3.21
C PRO D 155 16.46 -28.99 2.52
N PRO D 156 15.18 -28.96 2.15
CA PRO D 156 14.61 -27.71 1.61
C PRO D 156 14.56 -26.64 2.68
N SER D 157 14.99 -25.43 2.31
CA SER D 157 14.94 -24.33 3.24
C SER D 157 13.50 -23.85 3.43
N GLU D 158 13.30 -23.01 4.45
CA GLU D 158 11.98 -22.47 4.74
C GLU D 158 11.51 -21.54 3.62
N ALA D 159 12.43 -20.78 3.02
CA ALA D 159 12.08 -19.92 1.91
C ALA D 159 11.70 -20.72 0.66
N GLU D 160 12.33 -21.87 0.45
CA GLU D 160 11.94 -22.73 -0.66
C GLU D 160 10.57 -23.35 -0.44
N MET D 161 10.27 -23.74 0.79
CA MET D 161 8.94 -24.26 1.12
C MET D 161 7.88 -23.17 1.00
N ASN D 162 8.23 -21.92 1.36
CA ASN D 162 7.32 -20.79 1.20
C ASN D 162 7.01 -20.54 -0.27
N ALA D 163 8.04 -20.53 -1.12
CA ALA D 163 7.84 -20.28 -2.54
C ALA D 163 7.05 -21.39 -3.21
N ALA D 164 7.20 -22.63 -2.75
CA ALA D 164 6.48 -23.74 -3.36
C ALA D 164 5.01 -23.71 -2.99
N GLN D 165 4.69 -23.32 -1.76
CA GLN D 165 3.29 -23.21 -1.36
C GLN D 165 2.59 -22.08 -2.08
N THR D 166 3.30 -20.97 -2.30
CA THR D 166 2.73 -19.85 -3.05
C THR D 166 2.51 -20.23 -4.51
N ALA D 167 3.47 -20.90 -5.12
CA ALA D 167 3.33 -21.36 -6.50
C ALA D 167 2.25 -22.42 -6.64
N ALA D 168 2.08 -23.25 -5.61
CA ALA D 168 1.00 -24.22 -5.63
C ALA D 168 -0.36 -23.54 -5.57
N PHE D 169 -0.46 -22.44 -4.81
CA PHE D 169 -1.71 -21.66 -4.80
C PHE D 169 -1.99 -21.08 -6.17
N VAL D 170 -0.99 -20.48 -6.81
CA VAL D 170 -1.20 -19.78 -8.07
C VAL D 170 -1.57 -20.76 -9.19
N LYS D 171 -0.86 -21.89 -9.27
CA LYS D 171 -1.10 -22.83 -10.36
C LYS D 171 -2.42 -23.57 -10.21
N ILE D 172 -2.80 -23.92 -8.98
CA ILE D 172 -4.05 -24.64 -8.77
C ILE D 172 -5.25 -23.72 -8.93
N THR D 173 -5.16 -22.49 -8.44
CA THR D 173 -6.28 -21.56 -8.55
C THR D 173 -6.48 -21.10 -9.99
N LYS D 174 -5.40 -20.94 -10.75
CA LYS D 174 -5.51 -20.65 -12.17
C LYS D 174 -6.15 -21.80 -12.93
N ALA D 175 -5.82 -23.04 -12.55
CA ALA D 175 -6.44 -24.19 -13.20
C ALA D 175 -7.90 -24.33 -12.82
N ARG D 176 -8.28 -23.95 -11.60
CA ARG D 176 -9.69 -23.97 -11.23
C ARG D 176 -10.46 -22.86 -11.91
N ALA D 177 -9.83 -21.71 -12.15
CA ALA D 177 -10.48 -20.60 -12.83
C ALA D 177 -10.74 -20.89 -14.31
N GLN D 178 -10.00 -21.82 -14.90
CA GLN D 178 -10.28 -22.29 -16.25
C GLN D 178 -11.29 -23.44 -16.27
N SER D 179 -11.60 -24.01 -15.11
CA SER D 179 -12.66 -25.00 -14.98
C SER D 179 -13.97 -24.27 -14.69
N ASN D 180 -14.99 -25.00 -14.25
CA ASN D 180 -16.27 -24.39 -13.96
C ASN D 180 -16.82 -24.95 -12.65
N ASP D 181 -18.02 -24.49 -12.30
CA ASP D 181 -18.73 -24.89 -11.09
C ASP D 181 -20.02 -25.64 -11.42
N PHE D 182 -20.04 -26.39 -12.52
CA PHE D 182 -21.30 -26.72 -13.17
C PHE D 182 -21.97 -28.01 -12.73
N ALA D 183 -21.37 -28.86 -11.90
CA ALA D 183 -22.01 -30.04 -11.30
C ALA D 183 -22.49 -31.12 -12.27
N SER D 184 -22.38 -30.87 -13.57
CA SER D 184 -22.81 -31.67 -14.70
C SER D 184 -22.29 -30.98 -15.94
N LEU D 185 -21.84 -31.76 -16.91
CA LEU D 185 -21.35 -31.18 -18.15
C LEU D 185 -22.39 -31.18 -19.25
N ASP D 186 -23.61 -31.61 -18.96
CA ASP D 186 -24.71 -31.54 -19.92
C ASP D 186 -25.04 -30.10 -20.25
N ALA D 187 -25.43 -29.88 -21.51
CA ALA D 187 -25.72 -28.55 -22.03
C ALA D 187 -26.92 -27.89 -21.37
N ALA D 188 -27.80 -28.66 -20.74
CA ALA D 188 -28.88 -28.08 -19.94
C ALA D 188 -28.34 -27.29 -18.76
N VAL D 189 -27.18 -27.66 -18.23
CA VAL D 189 -26.60 -26.98 -17.09
C VAL D 189 -25.52 -25.99 -17.51
N THR D 190 -24.60 -26.41 -18.38
CA THR D 190 -23.49 -25.55 -18.77
C THR D 190 -23.93 -24.41 -19.67
N ARG D 191 -25.02 -24.62 -20.42
CA ARG D 191 -25.54 -23.72 -21.45
C ARG D 191 -24.48 -23.38 -22.49
N GLY D 192 -23.62 -24.34 -22.81
CA GLY D 192 -22.55 -24.14 -23.76
C GLY D 192 -21.48 -23.18 -23.28
N ARG D 193 -21.12 -23.22 -22.00
CA ARG D 193 -20.05 -22.39 -21.48
C ARG D 193 -18.95 -23.27 -20.92
N ILE D 194 -17.71 -22.83 -21.09
CA ILE D 194 -16.56 -23.57 -20.57
C ILE D 194 -16.37 -23.28 -19.08
N THR D 195 -16.27 -22.02 -18.72
CA THR D 195 -16.08 -21.63 -17.33
C THR D 195 -17.32 -21.05 -16.68
N GLY D 196 -18.27 -20.56 -17.46
CA GLY D 196 -19.42 -19.85 -16.92
C GLY D 196 -19.06 -18.54 -16.26
N THR D 197 -18.06 -17.84 -16.79
CA THR D 197 -17.40 -16.74 -16.11
C THR D 197 -16.68 -15.90 -17.18
N THR D 198 -16.70 -14.58 -17.03
CA THR D 198 -15.96 -13.75 -17.96
C THR D 198 -14.46 -13.77 -17.64
N THR D 199 -13.68 -13.14 -18.51
CA THR D 199 -12.23 -13.08 -18.32
C THR D 199 -11.86 -12.26 -17.08
N ALA D 200 -12.56 -11.14 -16.86
CA ALA D 200 -12.26 -10.30 -15.70
C ALA D 200 -12.67 -10.95 -14.39
N GLU D 201 -13.75 -11.73 -14.40
CA GLU D 201 -14.19 -12.43 -13.20
C GLU D 201 -13.33 -13.66 -12.88
N ALA D 202 -12.47 -14.08 -13.79
CA ALA D 202 -11.64 -15.26 -13.61
C ALA D 202 -10.20 -14.93 -13.22
N VAL D 203 -9.88 -13.65 -13.04
CA VAL D 203 -8.50 -13.25 -12.72
C VAL D 203 -8.17 -13.66 -11.29
N VAL D 204 -7.07 -14.37 -11.13
CA VAL D 204 -6.61 -14.87 -9.84
C VAL D 204 -5.61 -13.88 -9.26
N THR D 205 -5.84 -13.47 -8.01
CA THR D 205 -4.85 -12.71 -7.24
C THR D 205 -4.76 -13.27 -5.83
N LEU D 206 -3.55 -13.25 -5.29
CA LEU D 206 -3.33 -13.58 -3.89
C LEU D 206 -3.38 -12.26 -3.11
N PRO D 207 -4.40 -12.05 -2.28
CA PRO D 207 -4.67 -10.73 -1.69
C PRO D 207 -3.56 -10.27 -0.76
N PRO D 208 -3.22 -8.98 -0.80
CA PRO D 208 -1.99 -8.50 -0.14
C PRO D 208 -2.14 -8.45 1.36
N PRO D 209 -1.03 -8.59 2.11
CA PRO D 209 -1.08 -8.42 3.57
C PRO D 209 -1.29 -6.95 3.97
N ALA E 1 -31.46 -25.25 53.42
CA ALA E 1 -31.14 -25.35 52.00
C ALA E 1 -30.96 -26.81 51.59
N SER E 2 -31.93 -27.34 50.87
CA SER E 2 -31.93 -28.72 50.44
C SER E 2 -32.37 -28.78 48.98
N GLY E 3 -32.45 -30.00 48.45
CA GLY E 3 -32.84 -30.18 47.07
C GLY E 3 -31.75 -29.66 46.14
N LEU E 4 -32.15 -28.86 45.16
CA LEU E 4 -31.19 -28.23 44.26
C LEU E 4 -30.53 -26.99 44.85
N PHE E 5 -30.89 -26.60 46.08
CA PHE E 5 -30.30 -25.44 46.74
C PHE E 5 -29.25 -25.82 47.78
N THR E 6 -28.81 -27.08 47.80
CA THR E 6 -27.85 -27.55 48.78
C THR E 6 -26.47 -26.92 48.53
N ILE E 7 -25.86 -26.44 49.59
CA ILE E 7 -24.54 -25.81 49.53
C ILE E 7 -23.48 -26.90 49.75
N PRO E 8 -22.54 -27.08 48.83
CA PRO E 8 -21.44 -28.02 49.09
C PRO E 8 -20.51 -27.52 50.17
N ASP E 9 -19.93 -28.46 50.92
CA ASP E 9 -19.30 -28.14 52.20
C ASP E 9 -17.81 -28.42 52.26
N GLY E 10 -17.25 -29.17 51.33
CA GLY E 10 -15.85 -29.55 51.36
C GLY E 10 -15.61 -31.05 51.42
N ASP E 11 -16.52 -31.82 52.01
CA ASP E 11 -16.50 -33.27 51.86
C ASP E 11 -16.69 -33.70 50.42
N PHE E 12 -17.48 -32.96 49.65
CA PHE E 12 -17.72 -33.34 48.26
C PHE E 12 -16.48 -33.11 47.40
N PHE E 13 -15.76 -32.03 47.63
CA PHE E 13 -14.64 -31.68 46.75
C PHE E 13 -13.44 -32.59 46.98
N SER E 14 -13.27 -33.12 48.19
CA SER E 14 -12.14 -33.98 48.52
C SER E 14 -12.38 -35.44 48.19
N THR E 15 -13.63 -35.86 48.01
CA THR E 15 -13.98 -37.26 47.82
C THR E 15 -14.44 -37.56 46.41
N ALA E 16 -15.35 -36.76 45.86
CA ALA E 16 -15.90 -37.05 44.55
C ALA E 16 -14.89 -36.80 43.45
N ARG E 17 -14.80 -37.75 42.52
CA ARG E 17 -13.97 -37.62 41.34
C ARG E 17 -14.88 -37.75 40.13
N ALA E 18 -14.91 -36.73 39.29
CA ALA E 18 -15.74 -36.76 38.10
C ALA E 18 -15.04 -37.58 37.02
N ILE E 19 -15.72 -38.61 36.52
CA ILE E 19 -15.24 -39.33 35.35
C ILE E 19 -15.47 -38.45 34.13
N VAL E 20 -14.38 -38.11 33.44
CA VAL E 20 -14.46 -37.14 32.35
C VAL E 20 -15.02 -37.85 31.12
N ALA E 21 -16.02 -37.24 30.51
CA ALA E 21 -16.56 -37.69 29.24
C ALA E 21 -16.63 -36.51 28.29
N SER E 22 -16.35 -36.77 27.02
CA SER E 22 -16.30 -35.74 26.00
C SER E 22 -17.06 -36.22 24.78
N ASN E 23 -17.78 -35.32 24.12
CA ASN E 23 -18.49 -35.67 22.89
C ASN E 23 -17.65 -35.44 21.64
N ALA E 24 -16.42 -34.97 21.79
CA ALA E 24 -15.46 -34.92 20.70
C ALA E 24 -14.60 -36.17 20.62
N VAL E 25 -14.69 -37.03 21.63
CA VAL E 25 -13.96 -38.28 21.73
C VAL E 25 -14.97 -39.41 21.66
N ALA E 26 -14.58 -40.53 21.05
CA ALA E 26 -15.44 -41.71 21.00
C ALA E 26 -15.77 -42.21 22.40
N THR E 27 -17.06 -42.43 22.64
CA THR E 27 -17.55 -42.75 23.96
C THR E 27 -17.29 -44.21 24.31
N ASN E 28 -17.58 -44.57 25.55
CA ASN E 28 -17.44 -45.97 25.97
C ASN E 28 -18.49 -46.86 25.33
N GLU E 29 -19.68 -46.33 25.07
CA GLU E 29 -20.68 -47.08 24.31
C GLU E 29 -20.27 -47.19 22.84
N ASP E 30 -19.61 -46.16 22.29
CA ASP E 30 -19.08 -46.22 20.94
C ASP E 30 -18.04 -47.32 20.81
N LEU E 31 -17.10 -47.38 21.76
CA LEU E 31 -15.97 -48.31 21.65
C LEU E 31 -16.40 -49.76 21.87
N SER E 32 -17.44 -49.99 22.67
CA SER E 32 -17.96 -51.34 22.83
C SER E 32 -18.63 -51.82 21.55
N LYS E 33 -19.25 -50.93 20.81
CA LYS E 33 -19.84 -51.31 19.52
C LYS E 33 -18.79 -51.55 18.46
N ILE E 34 -17.63 -50.88 18.54
CA ILE E 34 -16.54 -51.17 17.61
C ILE E 34 -16.01 -52.58 17.82
N GLU E 35 -15.84 -52.98 19.09
CA GLU E 35 -15.28 -54.29 19.42
C GLU E 35 -16.17 -55.43 18.94
N ALA E 36 -17.49 -55.25 19.04
CA ALA E 36 -18.42 -56.30 18.62
C ALA E 36 -18.37 -56.48 17.10
N ILE E 37 -18.17 -55.40 16.35
CA ILE E 37 -18.05 -55.53 14.90
C ILE E 37 -16.66 -56.04 14.53
N TRP E 38 -15.63 -55.62 15.26
CA TRP E 38 -14.27 -56.02 14.93
C TRP E 38 -14.02 -57.49 15.24
N LYS E 39 -14.56 -58.00 16.35
CA LYS E 39 -14.38 -59.41 16.66
C LYS E 39 -15.24 -60.30 15.76
N ASP E 40 -16.31 -59.77 15.19
CA ASP E 40 -17.15 -60.53 14.27
C ASP E 40 -16.52 -60.63 12.89
N MET E 41 -15.72 -59.63 12.50
CA MET E 41 -14.88 -59.74 11.30
C MET E 41 -13.50 -60.28 11.63
N LYS E 42 -13.36 -60.92 12.81
CA LYS E 42 -12.20 -61.72 13.23
C LYS E 42 -10.92 -60.89 13.35
N VAL E 43 -11.01 -59.80 14.11
CA VAL E 43 -9.82 -59.12 14.62
C VAL E 43 -9.46 -59.84 15.91
N PRO E 44 -8.19 -60.19 16.13
CA PRO E 44 -7.81 -60.88 17.37
C PRO E 44 -7.99 -59.99 18.58
N THR E 45 -8.71 -60.51 19.58
CA THR E 45 -8.97 -59.75 20.80
C THR E 45 -7.73 -59.58 21.66
N ASP E 46 -6.69 -60.38 21.42
CA ASP E 46 -5.41 -60.23 22.11
C ASP E 46 -4.61 -59.03 21.59
N THR E 47 -4.84 -58.61 20.35
CA THR E 47 -4.22 -57.39 19.80
C THR E 47 -5.27 -56.42 19.28
N MET E 48 -6.41 -56.32 19.95
CA MET E 48 -7.46 -55.42 19.51
C MET E 48 -7.04 -53.96 19.69
N ALA E 49 -6.33 -53.66 20.78
CA ALA E 49 -5.89 -52.30 21.04
C ALA E 49 -4.78 -51.88 20.10
N GLN E 50 -3.84 -52.79 19.81
CA GLN E 50 -2.73 -52.48 18.92
C GLN E 50 -3.20 -52.29 17.49
N ALA E 51 -4.29 -52.96 17.09
CA ALA E 51 -4.88 -52.70 15.79
C ALA E 51 -5.52 -51.32 15.73
N ALA E 52 -6.03 -50.83 16.86
CA ALA E 52 -6.56 -49.48 16.91
C ALA E 52 -5.45 -48.43 16.88
N TRP E 53 -4.37 -48.67 17.64
CA TRP E 53 -3.27 -47.71 17.69
C TRP E 53 -2.55 -47.65 16.35
N ASP E 54 -2.48 -48.77 15.63
CA ASP E 54 -1.89 -48.78 14.30
C ASP E 54 -2.76 -48.03 13.30
N LEU E 55 -4.08 -48.15 13.44
CA LEU E 55 -4.98 -47.45 12.53
C LEU E 55 -4.96 -45.94 12.75
N VAL E 56 -4.89 -45.52 14.02
CA VAL E 56 -4.90 -44.09 14.32
C VAL E 56 -3.55 -43.46 13.97
N ARG E 57 -2.45 -44.21 14.14
CA ARG E 57 -1.15 -43.75 13.70
C ARG E 57 -1.10 -43.56 12.19
N HIS E 58 -1.71 -44.47 11.44
CA HIS E 58 -1.85 -44.28 10.01
C HIS E 58 -2.77 -43.10 9.68
N CYS E 59 -3.79 -42.87 10.51
CA CYS E 59 -4.66 -41.71 10.37
C CYS E 59 -4.00 -40.41 10.80
N ALA E 60 -2.77 -40.42 11.30
CA ALA E 60 -2.02 -39.19 11.48
C ALA E 60 -1.21 -38.83 10.25
N ASP E 61 -0.90 -39.82 9.39
CA ASP E 61 -0.20 -39.56 8.14
C ASP E 61 -1.15 -39.09 7.05
N VAL E 62 -2.36 -39.66 7.03
CA VAL E 62 -3.43 -39.27 6.12
C VAL E 62 -4.45 -38.59 7.03
N GLY E 63 -5.58 -38.16 6.51
CA GLY E 63 -6.56 -37.50 7.36
C GLY E 63 -7.36 -38.47 8.21
N SER E 64 -8.25 -37.90 9.02
CA SER E 64 -9.30 -38.67 9.67
C SER E 64 -10.68 -38.26 9.18
N SER E 65 -10.75 -37.71 7.96
CA SER E 65 -12.00 -37.43 7.30
C SER E 65 -12.75 -38.73 6.98
N ALA E 66 -14.08 -38.61 6.85
CA ALA E 66 -14.90 -39.74 6.45
C ALA E 66 -14.63 -40.16 5.01
N GLN E 67 -14.09 -39.28 4.18
CA GLN E 67 -13.75 -39.57 2.80
C GLN E 67 -12.36 -40.13 2.62
N THR E 68 -11.57 -40.26 3.69
CA THR E 68 -10.16 -40.65 3.56
C THR E 68 -10.03 -42.12 3.16
N GLU E 69 -9.19 -42.38 2.16
CA GLU E 69 -8.85 -43.74 1.79
C GLU E 69 -7.73 -44.25 2.69
N MET E 70 -8.03 -45.27 3.50
CA MET E 70 -6.99 -45.98 4.22
C MET E 70 -6.23 -46.88 3.25
N ILE E 71 -4.93 -47.05 3.49
CA ILE E 71 -4.06 -47.61 2.46
C ILE E 71 -3.81 -49.11 2.64
N ASP E 72 -3.24 -49.50 3.77
CA ASP E 72 -2.66 -50.84 3.85
C ASP E 72 -3.23 -51.65 5.01
N THR E 73 -2.55 -52.73 5.36
CA THR E 73 -2.93 -53.57 6.49
C THR E 73 -1.85 -53.48 7.55
N GLY E 74 -2.25 -53.26 8.79
CA GLY E 74 -1.34 -53.29 9.90
C GLY E 74 -0.99 -54.71 10.29
N PRO E 75 -0.03 -54.84 11.21
CA PRO E 75 0.44 -56.17 11.63
C PRO E 75 -0.33 -56.80 12.79
N TYR E 76 -1.33 -56.12 13.35
CA TYR E 76 -2.01 -56.61 14.53
C TYR E 76 -3.41 -57.13 14.27
N SER E 77 -3.92 -57.02 13.06
CA SER E 77 -5.13 -57.72 12.66
C SER E 77 -4.76 -59.12 12.21
N ASN E 78 -5.76 -59.88 11.78
CA ASN E 78 -5.51 -61.10 11.02
C ASN E 78 -5.68 -60.81 9.53
N GLY E 79 -4.89 -59.86 9.05
CA GLY E 79 -4.96 -59.44 7.66
C GLY E 79 -6.16 -58.59 7.30
N ILE E 80 -6.90 -58.08 8.28
CA ILE E 80 -8.00 -57.16 8.00
C ILE E 80 -7.39 -55.81 7.65
N SER E 81 -7.75 -55.29 6.48
CA SER E 81 -7.19 -54.03 6.01
C SER E 81 -7.70 -52.86 6.86
N ARG E 82 -6.92 -51.77 6.83
CA ARG E 82 -7.27 -50.59 7.60
C ARG E 82 -8.52 -49.91 7.06
N ALA E 83 -8.82 -50.08 5.77
CA ALA E 83 -10.05 -49.54 5.21
C ALA E 83 -11.27 -50.27 5.74
N ARG E 84 -11.15 -51.57 6.01
CA ARG E 84 -12.28 -52.31 6.56
C ARG E 84 -12.46 -52.02 8.05
N LEU E 85 -11.36 -51.79 8.77
CA LEU E 85 -11.46 -51.38 10.17
C LEU E 85 -12.08 -50.00 10.29
N ALA E 86 -11.72 -49.08 9.39
CA ALA E 86 -12.26 -47.73 9.43
C ALA E 86 -13.71 -47.68 8.99
N ALA E 87 -14.11 -48.55 8.06
CA ALA E 87 -15.50 -48.60 7.63
C ALA E 87 -16.41 -49.12 8.73
N ALA E 88 -15.90 -50.02 9.57
CA ALA E 88 -16.67 -50.48 10.72
C ALA E 88 -16.81 -49.38 11.77
N ILE E 89 -15.81 -48.53 11.91
CA ILE E 89 -15.86 -47.44 12.88
C ILE E 89 -16.88 -46.40 12.45
N LYS E 90 -16.93 -46.08 11.16
CA LYS E 90 -17.83 -45.06 10.64
C LYS E 90 -19.29 -45.46 10.68
N GLU E 91 -19.61 -46.72 10.97
CA GLU E 91 -20.97 -47.12 11.27
C GLU E 91 -21.40 -46.70 12.67
N VAL E 92 -20.47 -46.43 13.57
CA VAL E 92 -20.77 -46.15 14.97
C VAL E 92 -20.54 -44.69 15.32
N CYS E 93 -19.31 -44.21 15.15
CA CYS E 93 -18.96 -42.82 15.40
C CYS E 93 -18.19 -42.29 14.20
N THR E 94 -17.67 -41.07 14.28
CA THR E 94 -16.79 -40.62 13.21
C THR E 94 -15.40 -41.19 13.39
N LEU E 95 -14.66 -41.26 12.29
CA LEU E 95 -13.26 -41.67 12.35
C LEU E 95 -12.42 -40.68 13.15
N ARG E 96 -12.76 -39.39 13.08
CA ARG E 96 -12.03 -38.37 13.84
C ARG E 96 -12.24 -38.54 15.34
N GLN E 97 -13.47 -38.89 15.75
CA GLN E 97 -13.75 -39.12 17.16
C GLN E 97 -13.02 -40.33 17.71
N PHE E 98 -12.89 -41.39 16.89
CA PHE E 98 -12.12 -42.56 17.28
C PHE E 98 -10.64 -42.22 17.41
N CYS E 99 -10.12 -41.41 16.48
CA CYS E 99 -8.71 -41.06 16.51
C CYS E 99 -8.37 -40.09 17.64
N MET E 100 -9.33 -39.26 18.05
CA MET E 100 -9.13 -38.39 19.21
C MET E 100 -8.95 -39.18 20.49
N LYS E 101 -9.57 -40.37 20.58
CA LYS E 101 -9.45 -41.24 21.74
C LYS E 101 -8.02 -41.74 21.93
N TYR E 102 -7.27 -41.90 20.84
CA TYR E 102 -5.92 -42.43 20.91
C TYR E 102 -4.86 -41.39 20.54
N ALA E 103 -5.23 -40.11 20.58
CA ALA E 103 -4.27 -39.05 20.27
C ALA E 103 -3.05 -38.97 21.20
N PRO E 104 -3.12 -39.18 22.53
CA PRO E 104 -1.86 -39.21 23.30
C PRO E 104 -1.00 -40.42 23.00
N VAL E 105 -1.59 -41.54 22.60
CA VAL E 105 -0.82 -42.73 22.25
C VAL E 105 0.00 -42.48 20.98
N VAL E 106 -0.65 -41.90 19.97
CA VAL E 106 0.02 -41.60 18.71
C VAL E 106 1.04 -40.47 18.89
N TRP E 107 0.76 -39.52 19.78
CA TRP E 107 1.70 -38.44 20.08
C TRP E 107 2.97 -38.97 20.72
N ASN E 108 2.84 -39.91 21.67
CA ASN E 108 4.02 -40.53 22.29
C ASN E 108 4.76 -41.42 21.31
N TRP E 109 4.03 -42.14 20.47
CA TRP E 109 4.63 -43.02 19.49
C TRP E 109 5.45 -42.24 18.47
N MET E 110 4.93 -41.09 18.02
CA MET E 110 5.67 -40.28 17.05
C MET E 110 6.87 -39.60 17.68
N LEU E 111 6.77 -39.19 18.94
CA LEU E 111 7.90 -38.54 19.59
C LEU E 111 8.97 -39.53 20.01
N THR E 112 8.61 -40.79 20.26
CA THR E 112 9.61 -41.81 20.57
C THR E 112 10.44 -42.15 19.34
N ASN E 113 9.79 -42.32 18.19
CA ASN E 113 10.46 -42.74 16.99
C ASN E 113 11.02 -41.59 16.18
N ASN E 114 10.79 -40.35 16.61
CA ASN E 114 11.13 -39.12 15.88
C ASN E 114 10.54 -39.16 14.47
N SER E 115 9.30 -39.59 14.38
CA SER E 115 8.64 -39.79 13.08
C SER E 115 7.41 -38.90 13.01
N PRO E 116 7.51 -37.74 12.37
CA PRO E 116 6.38 -36.79 12.33
C PRO E 116 5.26 -37.30 11.43
N PRO E 117 4.09 -36.63 11.42
CA PRO E 117 3.08 -36.93 10.38
C PRO E 117 3.66 -36.73 8.99
N ALA E 118 3.26 -37.64 8.09
CA ALA E 118 4.01 -37.88 6.86
C ALA E 118 3.94 -36.70 5.89
N ASN E 119 2.80 -36.02 5.82
CA ASN E 119 2.58 -34.96 4.87
C ASN E 119 2.63 -33.58 5.53
N TRP E 120 3.53 -33.40 6.51
CA TRP E 120 3.64 -32.13 7.22
C TRP E 120 4.07 -30.99 6.30
N GLN E 121 4.90 -31.28 5.31
CA GLN E 121 5.36 -30.25 4.40
C GLN E 121 4.26 -29.83 3.44
N ALA E 122 3.48 -30.80 2.95
CA ALA E 122 2.36 -30.49 2.07
C ALA E 122 1.27 -29.71 2.79
N GLN E 123 1.13 -29.90 4.10
CA GLN E 123 0.18 -29.15 4.91
C GLN E 123 0.65 -27.73 5.19
N GLY E 124 1.88 -27.38 4.86
CA GLY E 124 2.35 -26.03 5.07
C GLY E 124 2.95 -25.77 6.44
N PHE E 125 3.28 -26.81 7.19
CA PHE E 125 3.90 -26.64 8.49
C PHE E 125 5.38 -26.32 8.35
N LYS E 126 5.85 -25.43 9.21
CA LYS E 126 7.28 -25.24 9.36
C LYS E 126 7.89 -26.50 10.00
N PRO E 127 9.17 -26.78 9.73
CA PRO E 127 9.79 -27.98 10.32
C PRO E 127 9.83 -28.01 11.84
N GLU E 128 9.90 -26.85 12.50
CA GLU E 128 9.89 -26.81 13.95
C GLU E 128 8.50 -27.05 14.55
N HIS E 129 7.45 -27.11 13.75
CA HIS E 129 6.11 -27.38 14.24
C HIS E 129 5.51 -28.65 13.65
N LYS E 130 6.31 -29.48 12.99
CA LYS E 130 5.79 -30.56 12.16
C LYS E 130 5.16 -31.70 12.96
N PHE E 131 5.42 -31.79 14.26
CA PHE E 131 4.81 -32.87 15.03
C PHE E 131 3.35 -32.59 15.36
N ALA E 132 2.89 -31.35 15.21
CA ALA E 132 1.49 -31.01 15.36
C ALA E 132 0.69 -31.14 14.07
N ALA E 133 1.31 -31.66 13.00
CA ALA E 133 0.71 -31.63 11.66
C ALA E 133 -0.21 -32.82 11.40
N PHE E 134 -1.09 -33.09 12.32
CA PHE E 134 -2.14 -34.06 12.11
C PHE E 134 -3.41 -33.41 12.61
N ASP E 135 -4.55 -33.76 12.00
CA ASP E 135 -5.81 -33.44 12.65
C ASP E 135 -5.96 -34.34 13.87
N PHE E 136 -6.99 -34.14 14.68
CA PHE E 136 -7.15 -34.78 16.01
C PHE E 136 -5.94 -34.56 16.96
N PHE E 137 -5.06 -33.59 16.66
CA PHE E 137 -4.02 -33.15 17.57
C PHE E 137 -4.59 -32.45 18.79
N ASN E 138 -5.82 -31.92 18.70
CA ASN E 138 -6.49 -31.32 19.84
C ASN E 138 -6.73 -32.32 20.96
N GLY E 139 -6.84 -33.60 20.66
CA GLY E 139 -7.08 -34.61 21.65
C GLY E 139 -5.91 -35.05 22.48
N VAL E 140 -4.71 -34.49 22.31
CA VAL E 140 -3.56 -35.01 23.04
C VAL E 140 -3.58 -34.60 24.51
N THR E 141 -4.25 -33.50 24.86
CA THR E 141 -4.41 -33.09 26.25
C THR E 141 -5.85 -33.25 26.72
N ASN E 142 -6.71 -33.87 25.93
CA ASN E 142 -8.07 -34.17 26.37
C ASN E 142 -8.03 -35.35 27.34
N PRO E 143 -8.52 -35.19 28.58
CA PRO E 143 -8.46 -36.29 29.55
C PRO E 143 -9.41 -37.44 29.25
N ALA E 144 -10.37 -37.28 28.35
CA ALA E 144 -11.22 -38.39 27.95
C ALA E 144 -10.49 -39.38 27.03
N ALA E 145 -9.34 -39.00 26.48
CA ALA E 145 -8.58 -39.85 25.60
C ALA E 145 -7.70 -40.81 26.40
N ILE E 146 -7.24 -41.87 25.73
CA ILE E 146 -6.36 -42.86 26.34
C ILE E 146 -5.00 -42.22 26.62
N MET E 147 -4.65 -42.10 27.87
CA MET E 147 -3.33 -41.64 28.26
C MET E 147 -2.45 -42.84 28.54
N PRO E 148 -1.23 -42.90 28.01
CA PRO E 148 -0.32 -43.99 28.36
C PRO E 148 0.12 -43.89 29.81
N LYS E 149 0.64 -45.02 30.29
CA LYS E 149 0.83 -45.25 31.72
C LYS E 149 1.85 -44.30 32.34
N GLU E 150 2.94 -44.03 31.65
CA GLU E 150 3.96 -43.15 32.19
C GLU E 150 3.84 -41.71 31.70
N GLY E 151 2.80 -41.40 30.93
CA GLY E 151 2.54 -40.02 30.51
C GLY E 151 3.21 -39.64 29.20
N LEU E 152 2.93 -38.41 28.79
CA LEU E 152 3.54 -37.87 27.58
C LEU E 152 5.01 -37.61 27.80
N ILE E 153 5.82 -37.92 26.78
CA ILE E 153 7.24 -37.61 26.79
C ILE E 153 7.45 -36.11 26.90
N ARG E 154 6.67 -35.36 26.13
CA ARG E 154 6.80 -33.95 26.00
C ARG E 154 5.37 -33.47 25.80
N PRO E 155 4.95 -32.44 26.52
CA PRO E 155 3.68 -31.80 26.18
C PRO E 155 3.83 -31.01 24.89
N PRO E 156 2.73 -30.72 24.20
CA PRO E 156 2.83 -29.84 23.02
C PRO E 156 3.18 -28.42 23.45
N SER E 157 4.13 -27.83 22.74
CA SER E 157 4.52 -26.46 23.03
C SER E 157 3.43 -25.48 22.57
N GLU E 158 3.56 -24.24 23.01
CA GLU E 158 2.62 -23.19 22.63
C GLU E 158 2.70 -22.89 21.13
N ALA E 159 3.90 -22.94 20.57
CA ALA E 159 4.06 -22.71 19.13
C ALA E 159 3.47 -23.85 18.31
N GLU E 160 3.51 -25.08 18.83
CA GLU E 160 2.86 -26.19 18.13
C GLU E 160 1.35 -26.08 18.19
N MET E 161 0.81 -25.63 19.33
CA MET E 161 -0.62 -25.39 19.45
C MET E 161 -1.07 -24.24 18.56
N ASN E 162 -0.23 -23.21 18.41
CA ASN E 162 -0.52 -22.10 17.52
C ASN E 162 -0.57 -22.55 16.07
N ALA E 163 0.42 -23.34 15.65
CA ALA E 163 0.46 -23.83 14.27
C ALA E 163 -0.70 -24.75 13.95
N ALA E 164 -1.15 -25.54 14.92
CA ALA E 164 -2.24 -26.46 14.69
C ALA E 164 -3.58 -25.73 14.55
N GLN E 165 -3.78 -24.68 15.34
CA GLN E 165 -5.00 -23.89 15.23
C GLN E 165 -5.06 -23.13 13.91
N THR E 166 -3.90 -22.64 13.44
CA THR E 166 -3.85 -21.96 12.16
C THR E 166 -4.11 -22.92 11.01
N ALA E 167 -3.51 -24.11 11.07
CA ALA E 167 -3.74 -25.12 10.05
C ALA E 167 -5.17 -25.65 10.08
N ALA E 168 -5.77 -25.71 11.27
CA ALA E 168 -7.18 -26.09 11.36
C ALA E 168 -8.08 -25.05 10.72
N PHE E 169 -7.73 -23.76 10.85
CA PHE E 169 -8.49 -22.72 10.16
C PHE E 169 -8.38 -22.88 8.65
N VAL E 170 -7.17 -23.10 8.14
CA VAL E 170 -6.94 -23.13 6.70
C VAL E 170 -7.63 -24.34 6.08
N LYS E 171 -7.50 -25.52 6.70
CA LYS E 171 -8.06 -26.73 6.11
C LYS E 171 -9.58 -26.76 6.18
N ILE E 172 -10.16 -26.26 7.27
CA ILE E 172 -11.62 -26.28 7.40
C ILE E 172 -12.26 -25.23 6.51
N THR E 173 -11.65 -24.04 6.42
CA THR E 173 -12.22 -22.97 5.58
C THR E 173 -12.09 -23.30 4.11
N LYS E 174 -11.00 -23.96 3.70
CA LYS E 174 -10.87 -24.42 2.32
C LYS E 174 -11.89 -25.49 2.00
N ALA E 175 -12.19 -26.37 2.96
CA ALA E 175 -13.20 -27.39 2.72
C ALA E 175 -14.60 -26.80 2.68
N ARG E 176 -14.86 -25.74 3.45
CA ARG E 176 -16.15 -25.06 3.36
C ARG E 176 -16.29 -24.28 2.06
N ALA E 177 -15.19 -23.72 1.55
CA ALA E 177 -15.23 -22.98 0.30
C ALA E 177 -15.46 -23.89 -0.91
N GLN E 178 -15.18 -25.18 -0.80
CA GLN E 178 -15.55 -26.15 -1.82
C GLN E 178 -16.95 -26.69 -1.63
N SER E 179 -17.58 -26.43 -0.49
CA SER E 179 -18.97 -26.76 -0.25
C SER E 179 -19.83 -25.59 -0.71
N ASN E 180 -21.10 -25.57 -0.32
CA ASN E 180 -21.99 -24.49 -0.71
C ASN E 180 -22.83 -24.06 0.49
N ASP E 181 -23.72 -23.11 0.24
CA ASP E 181 -24.62 -22.53 1.23
C ASP E 181 -26.08 -22.84 0.91
N PHE E 182 -26.34 -23.98 0.29
CA PHE E 182 -27.57 -24.13 -0.49
C PHE E 182 -28.78 -24.68 0.25
N ALA E 183 -28.69 -25.11 1.50
CA ALA E 183 -29.84 -25.50 2.35
C ALA E 183 -30.69 -26.68 1.85
N SER E 184 -30.36 -27.19 0.66
CA SER E 184 -31.03 -28.25 -0.08
C SER E 184 -30.16 -28.55 -1.27
N LEU E 185 -30.05 -29.81 -1.64
CA LEU E 185 -29.26 -30.17 -2.79
C LEU E 185 -30.10 -30.38 -4.03
N ASP E 186 -31.40 -30.15 -3.96
CA ASP E 186 -32.27 -30.20 -5.12
C ASP E 186 -31.88 -29.14 -6.14
N ALA E 187 -32.04 -29.48 -7.42
CA ALA E 187 -31.66 -28.61 -8.53
C ALA E 187 -32.48 -27.33 -8.60
N ALA E 188 -33.67 -27.29 -7.99
CA ALA E 188 -34.42 -26.05 -7.88
C ALA E 188 -33.67 -25.01 -7.07
N VAL E 189 -32.85 -25.43 -6.11
CA VAL E 189 -32.11 -24.51 -5.26
C VAL E 189 -30.67 -24.34 -5.73
N THR E 190 -29.98 -25.45 -6.03
CA THR E 190 -28.57 -25.36 -6.41
C THR E 190 -28.39 -24.78 -7.80
N ARG E 191 -29.39 -24.95 -8.66
CA ARG E 191 -29.37 -24.61 -10.08
C ARG E 191 -28.20 -25.26 -10.81
N GLY E 192 -27.84 -26.47 -10.41
CA GLY E 192 -26.72 -27.19 -10.98
C GLY E 192 -25.37 -26.57 -10.69
N ARG E 193 -25.17 -26.07 -9.49
CA ARG E 193 -23.89 -25.52 -9.08
C ARG E 193 -23.34 -26.30 -7.90
N ILE E 194 -22.02 -26.48 -7.88
CA ILE E 194 -21.38 -27.19 -6.77
C ILE E 194 -21.21 -26.26 -5.58
N THR E 195 -20.56 -25.11 -5.79
CA THR E 195 -20.32 -24.16 -4.73
C THR E 195 -21.21 -22.94 -4.78
N GLY E 196 -21.78 -22.62 -5.94
CA GLY E 196 -22.52 -21.39 -6.12
C GLY E 196 -21.66 -20.16 -6.02
N THR E 197 -20.42 -20.23 -6.50
CA THR E 197 -19.38 -19.25 -6.21
C THR E 197 -18.29 -19.40 -7.26
N THR E 198 -17.72 -18.29 -7.73
CA THR E 198 -16.61 -18.38 -8.66
C THR E 198 -15.32 -18.77 -7.94
N THR E 199 -14.28 -18.99 -8.72
CA THR E 199 -12.97 -19.36 -8.17
C THR E 199 -12.37 -18.21 -7.36
N ALA E 200 -12.50 -16.98 -7.86
CA ALA E 200 -11.94 -15.82 -7.16
C ALA E 200 -12.71 -15.50 -5.89
N GLU E 201 -14.01 -15.74 -5.86
CA GLU E 201 -14.81 -15.52 -4.67
C GLU E 201 -14.62 -16.60 -3.60
N ALA E 202 -13.97 -17.71 -3.94
CA ALA E 202 -13.77 -18.82 -3.03
C ALA E 202 -12.38 -18.87 -2.43
N VAL E 203 -11.52 -17.89 -2.73
CA VAL E 203 -10.16 -17.90 -2.23
C VAL E 203 -10.15 -17.59 -0.74
N VAL E 204 -9.49 -18.44 0.03
CA VAL E 204 -9.41 -18.33 1.48
C VAL E 204 -8.13 -17.60 1.83
N THR E 205 -8.23 -16.55 2.64
CA THR E 205 -7.07 -15.90 3.26
C THR E 205 -7.35 -15.64 4.73
N LEU E 206 -6.30 -15.78 5.53
CA LEU E 206 -6.35 -15.37 6.93
C LEU E 206 -5.87 -13.93 7.01
N PRO E 207 -6.75 -12.98 7.33
CA PRO E 207 -6.43 -11.55 7.17
C PRO E 207 -5.31 -11.09 8.09
N PRO E 208 -4.42 -10.23 7.60
CA PRO E 208 -3.16 -9.95 8.31
C PRO E 208 -3.38 -9.07 9.52
N PRO E 209 -2.52 -9.18 10.54
CA PRO E 209 -2.59 -8.27 11.69
C PRO E 209 -2.16 -6.85 11.33
N ALA F 1 -41.03 15.11 52.57
CA ALA F 1 -40.68 14.18 51.50
C ALA F 1 -41.15 12.77 51.84
N SER F 2 -42.19 12.33 51.16
CA SER F 2 -42.79 11.01 51.40
C SER F 2 -43.09 10.37 50.06
N GLY F 3 -43.67 9.18 50.12
CA GLY F 3 -43.99 8.46 48.89
C GLY F 3 -42.73 8.00 48.21
N LEU F 4 -42.63 8.25 46.91
CA LEU F 4 -41.44 7.94 46.15
C LEU F 4 -40.33 8.97 46.31
N PHE F 5 -40.56 10.05 47.07
CA PHE F 5 -39.57 11.09 47.30
C PHE F 5 -38.90 10.97 48.65
N THR F 6 -39.07 9.84 49.35
CA THR F 6 -38.49 9.66 50.67
C THR F 6 -36.97 9.52 50.59
N ILE F 7 -36.29 10.24 51.47
CA ILE F 7 -34.83 10.23 51.52
C ILE F 7 -34.40 9.14 52.49
N PRO F 8 -33.56 8.19 52.08
CA PRO F 8 -33.03 7.20 53.01
C PRO F 8 -32.06 7.84 54.00
N ASP F 9 -32.02 7.29 55.22
CA ASP F 9 -31.42 7.97 56.35
C ASP F 9 -30.21 7.27 56.96
N GLY F 10 -29.99 6.00 56.66
CA GLY F 10 -28.92 5.23 57.26
C GLY F 10 -29.37 4.01 58.04
N ASP F 11 -30.59 4.05 58.60
CA ASP F 11 -31.20 2.83 59.12
C ASP F 11 -31.45 1.80 58.03
N PHE F 12 -31.77 2.25 56.80
CA PHE F 12 -32.04 1.32 55.72
C PHE F 12 -30.78 0.62 55.25
N PHE F 13 -29.66 1.33 55.19
CA PHE F 13 -28.45 0.75 54.63
C PHE F 13 -27.80 -0.25 55.56
N SER F 14 -27.98 -0.10 56.87
CA SER F 14 -27.39 -1.00 57.86
C SER F 14 -28.23 -2.22 58.15
N THR F 15 -29.52 -2.20 57.81
CA THR F 15 -30.45 -3.26 58.16
C THR F 15 -30.89 -4.08 56.95
N ALA F 16 -31.29 -3.42 55.87
CA ALA F 16 -31.82 -4.13 54.72
C ALA F 16 -30.72 -4.86 53.96
N ARG F 17 -30.99 -6.11 53.62
CA ARG F 17 -30.11 -6.92 52.80
C ARG F 17 -30.89 -7.33 51.56
N ALA F 18 -30.38 -6.96 50.39
CA ALA F 18 -31.04 -7.32 49.14
C ALA F 18 -30.71 -8.76 48.79
N ILE F 19 -31.74 -9.58 48.62
CA ILE F 19 -31.54 -10.92 48.07
C ILE F 19 -31.25 -10.78 46.59
N VAL F 20 -30.09 -11.25 46.17
CA VAL F 20 -29.63 -11.04 44.80
C VAL F 20 -30.35 -12.03 43.89
N ALA F 21 -30.93 -11.52 42.82
CA ALA F 21 -31.52 -12.34 41.77
C ALA F 21 -30.97 -11.90 40.43
N SER F 22 -30.75 -12.86 39.54
CA SER F 22 -30.16 -12.60 38.23
C SER F 22 -30.97 -13.34 37.18
N ASN F 23 -31.14 -12.73 36.01
CA ASN F 23 -31.84 -13.39 34.93
C ASN F 23 -30.89 -14.16 34.00
N ALA F 24 -29.59 -14.15 34.28
CA ALA F 24 -28.63 -15.01 33.61
C ALA F 24 -28.43 -16.33 34.35
N VAL F 25 -28.97 -16.44 35.55
CA VAL F 25 -28.89 -17.61 36.39
C VAL F 25 -30.30 -18.19 36.52
N ALA F 26 -30.40 -19.51 36.62
CA ALA F 26 -31.69 -20.15 36.83
C ALA F 26 -32.32 -19.70 38.14
N THR F 27 -33.58 -19.30 38.07
CA THR F 27 -34.27 -18.69 39.19
C THR F 27 -34.72 -19.75 40.19
N ASN F 28 -35.24 -19.28 41.32
CA ASN F 28 -35.77 -20.20 42.33
C ASN F 28 -37.05 -20.86 41.86
N GLU F 29 -37.85 -20.17 41.06
CA GLU F 29 -39.02 -20.80 40.46
C GLU F 29 -38.60 -21.79 39.36
N ASP F 30 -37.50 -21.49 38.65
CA ASP F 30 -36.96 -22.43 37.68
C ASP F 30 -36.52 -23.73 38.36
N LEU F 31 -35.77 -23.61 39.46
CA LEU F 31 -35.19 -24.78 40.10
C LEU F 31 -36.23 -25.65 40.79
N SER F 32 -37.32 -25.04 41.28
CA SER F 32 -38.40 -25.84 41.85
C SER F 32 -39.13 -26.64 40.78
N LYS F 33 -39.21 -26.12 39.56
CA LYS F 33 -39.82 -26.87 38.47
C LYS F 33 -38.89 -27.98 37.97
N ILE F 34 -37.57 -27.83 38.09
CA ILE F 34 -36.66 -28.91 37.74
C ILE F 34 -36.85 -30.09 38.70
N GLU F 35 -36.97 -29.80 40.00
CA GLU F 35 -37.09 -30.84 41.01
C GLU F 35 -38.35 -31.67 40.84
N ALA F 36 -39.46 -31.01 40.46
CA ALA F 36 -40.71 -31.73 40.28
C ALA F 36 -40.65 -32.67 39.09
N ILE F 37 -39.92 -32.29 38.03
CA ILE F 37 -39.76 -33.18 36.90
C ILE F 37 -38.74 -34.27 37.21
N TRP F 38 -37.69 -33.92 37.95
CA TRP F 38 -36.62 -34.88 38.24
C TRP F 38 -37.08 -35.95 39.22
N LYS F 39 -37.88 -35.59 40.23
CA LYS F 39 -38.38 -36.58 41.15
C LYS F 39 -39.47 -37.45 40.52
N ASP F 40 -40.14 -36.96 39.49
CA ASP F 40 -41.17 -37.73 38.79
C ASP F 40 -40.53 -38.74 37.85
N MET F 41 -39.35 -38.46 37.31
CA MET F 41 -38.56 -39.45 36.59
C MET F 41 -37.60 -40.18 37.51
N LYS F 42 -37.85 -40.12 38.83
CA LYS F 42 -37.21 -40.93 39.87
C LYS F 42 -35.71 -40.67 39.99
N VAL F 43 -35.35 -39.40 40.14
CA VAL F 43 -34.03 -39.02 40.63
C VAL F 43 -34.13 -39.03 42.15
N PRO F 44 -33.18 -39.63 42.86
CA PRO F 44 -33.25 -39.66 44.33
C PRO F 44 -33.09 -38.27 44.92
N THR F 45 -34.05 -37.91 45.78
CA THR F 45 -34.04 -36.59 46.40
C THR F 45 -32.92 -36.44 47.43
N ASP F 46 -32.34 -37.55 47.88
CA ASP F 46 -31.19 -37.53 48.77
C ASP F 46 -29.89 -37.14 48.05
N THR F 47 -29.80 -37.38 46.74
CA THR F 47 -28.67 -36.93 45.93
C THR F 47 -29.12 -36.09 44.76
N MET F 48 -30.16 -35.25 44.95
CA MET F 48 -30.64 -34.41 43.87
C MET F 48 -29.63 -33.32 43.52
N ALA F 49 -28.95 -32.77 44.52
CA ALA F 49 -27.96 -31.73 44.28
C ALA F 49 -26.71 -32.29 43.62
N GLN F 50 -26.27 -33.47 44.05
CA GLN F 50 -25.07 -34.07 43.48
C GLN F 50 -25.29 -34.51 42.03
N ALA F 51 -26.53 -34.85 41.67
CA ALA F 51 -26.83 -35.12 40.27
C ALA F 51 -26.78 -33.86 39.44
N ALA F 52 -27.11 -32.70 40.04
CA ALA F 52 -26.98 -31.44 39.32
C ALA F 52 -25.52 -31.03 39.18
N TRP F 53 -24.72 -31.19 40.25
CA TRP F 53 -23.31 -30.82 40.20
C TRP F 53 -22.53 -31.71 39.23
N ASP F 54 -22.92 -32.99 39.13
CA ASP F 54 -22.30 -33.89 38.19
C ASP F 54 -22.66 -33.51 36.75
N LEU F 55 -23.91 -33.07 36.53
CA LEU F 55 -24.33 -32.69 35.18
C LEU F 55 -23.65 -31.40 34.74
N VAL F 56 -23.49 -30.44 35.64
CA VAL F 56 -22.87 -29.16 35.27
C VAL F 56 -21.36 -29.33 35.10
N ARG F 57 -20.74 -30.20 35.89
CA ARG F 57 -19.32 -30.53 35.70
C ARG F 57 -19.08 -31.18 34.34
N HIS F 58 -19.99 -32.07 33.92
CA HIS F 58 -19.91 -32.62 32.57
C HIS F 58 -20.18 -31.55 31.52
N CYS F 59 -21.05 -30.59 31.82
CA CYS F 59 -21.28 -29.45 30.95
C CYS F 59 -20.14 -28.44 30.94
N ALA F 60 -19.10 -28.62 31.74
CA ALA F 60 -17.89 -27.82 31.57
C ALA F 60 -16.91 -28.47 30.61
N ASP F 61 -17.01 -29.78 30.40
CA ASP F 61 -16.18 -30.48 29.42
C ASP F 61 -16.74 -30.36 28.01
N VAL F 62 -18.05 -30.37 27.88
CA VAL F 62 -18.77 -30.17 26.63
C VAL F 62 -19.44 -28.82 26.81
N GLY F 63 -20.21 -28.35 25.84
CA GLY F 63 -20.85 -27.06 26.00
C GLY F 63 -22.07 -27.09 26.91
N SER F 64 -22.67 -25.92 27.09
CA SER F 64 -24.00 -25.81 27.67
C SER F 64 -25.01 -25.27 26.66
N SER F 65 -24.72 -25.45 25.38
CA SER F 65 -25.67 -25.13 24.31
C SER F 65 -26.89 -26.04 24.39
N ALA F 66 -28.00 -25.56 23.84
CA ALA F 66 -29.20 -26.37 23.75
C ALA F 66 -29.05 -27.54 22.79
N GLN F 67 -28.11 -27.47 21.85
CA GLN F 67 -27.84 -28.54 20.90
C GLN F 67 -26.83 -29.55 21.40
N THR F 68 -26.26 -29.37 22.60
CA THR F 68 -25.19 -30.23 23.07
C THR F 68 -25.70 -31.62 23.42
N GLU F 69 -24.99 -32.63 22.93
CA GLU F 69 -25.27 -34.02 23.30
C GLU F 69 -24.57 -34.34 24.61
N MET F 70 -25.36 -34.61 25.66
CA MET F 70 -24.80 -35.15 26.88
C MET F 70 -24.46 -36.62 26.68
N ILE F 71 -23.41 -37.08 27.34
CA ILE F 71 -22.80 -38.36 26.95
C ILE F 71 -23.27 -39.52 27.83
N ASP F 72 -23.02 -39.45 29.14
CA ASP F 72 -23.12 -40.65 29.96
C ASP F 72 -24.08 -40.48 31.13
N THR F 73 -23.98 -41.37 32.10
CA THR F 73 -24.78 -41.31 33.31
C THR F 73 -23.86 -41.08 34.50
N GLY F 74 -24.22 -40.11 35.33
CA GLY F 74 -23.50 -39.88 36.57
C GLY F 74 -23.85 -40.91 37.62
N PRO F 75 -23.13 -40.87 38.74
CA PRO F 75 -23.35 -41.85 39.81
C PRO F 75 -24.40 -41.46 40.84
N TYR F 76 -25.03 -40.30 40.74
CA TYR F 76 -25.94 -39.83 41.76
C TYR F 76 -27.41 -39.89 41.35
N SER F 77 -27.72 -40.25 40.11
CA SER F 77 -29.07 -40.57 39.73
C SER F 77 -29.35 -42.03 40.05
N ASN F 78 -30.55 -42.50 39.74
CA ASN F 78 -30.81 -43.93 39.70
C ASN F 78 -30.72 -44.42 38.25
N GLY F 79 -29.56 -44.20 37.65
CA GLY F 79 -29.32 -44.57 36.27
C GLY F 79 -29.97 -43.68 35.24
N ILE F 80 -30.48 -42.51 35.64
CA ILE F 80 -31.02 -41.56 34.68
C ILE F 80 -29.84 -40.90 33.96
N SER F 81 -29.84 -40.97 32.64
CA SER F 81 -28.75 -40.43 31.85
C SER F 81 -28.73 -38.90 31.92
N ARG F 82 -27.56 -38.33 31.66
CA ARG F 82 -27.40 -36.89 31.70
C ARG F 82 -28.16 -36.21 30.57
N ALA F 83 -28.39 -36.91 29.46
CA ALA F 83 -29.21 -36.35 28.38
C ALA F 83 -30.67 -36.23 28.79
N ARG F 84 -31.16 -37.13 29.62
CA ARG F 84 -32.53 -37.03 30.09
C ARG F 84 -32.68 -35.97 31.17
N LEU F 85 -31.66 -35.80 32.01
CA LEU F 85 -31.67 -34.71 32.99
C LEU F 85 -31.61 -33.35 32.30
N ALA F 86 -30.80 -33.24 31.25
CA ALA F 86 -30.68 -31.96 30.54
C ALA F 86 -31.92 -31.65 29.72
N ALA F 87 -32.59 -32.69 29.19
CA ALA F 87 -33.82 -32.45 28.43
C ALA F 87 -34.95 -31.98 29.33
N ALA F 88 -34.96 -32.42 30.58
CA ALA F 88 -35.94 -31.90 31.54
C ALA F 88 -35.66 -30.46 31.91
N ILE F 89 -34.38 -30.07 31.96
CA ILE F 89 -34.03 -28.70 32.30
C ILE F 89 -34.43 -27.75 31.18
N LYS F 90 -34.23 -28.16 29.92
CA LYS F 90 -34.53 -27.31 28.78
C LYS F 90 -36.01 -27.09 28.55
N GLU F 91 -36.88 -27.81 29.26
CA GLU F 91 -38.30 -27.49 29.28
C GLU F 91 -38.62 -26.30 30.17
N VAL F 92 -37.73 -25.94 31.09
CA VAL F 92 -37.98 -24.89 32.08
C VAL F 92 -37.13 -23.65 31.80
N CYS F 93 -35.81 -23.80 31.80
CA CYS F 93 -34.89 -22.70 31.51
C CYS F 93 -33.88 -23.17 30.50
N THR F 94 -32.87 -22.37 30.18
CA THR F 94 -31.82 -22.88 29.33
C THR F 94 -30.84 -23.72 30.15
N LEU F 95 -30.12 -24.60 29.45
CA LEU F 95 -29.07 -25.38 30.09
C LEU F 95 -27.94 -24.48 30.59
N ARG F 96 -27.66 -23.40 29.87
CA ARG F 96 -26.61 -22.47 30.29
C ARG F 96 -27.00 -21.74 31.57
N GLN F 97 -28.27 -21.38 31.71
CA GLN F 97 -28.74 -20.71 32.94
C GLN F 97 -28.67 -21.64 34.14
N PHE F 98 -28.98 -22.93 33.95
CA PHE F 98 -28.84 -23.91 35.01
C PHE F 98 -27.37 -24.09 35.40
N CYS F 99 -26.48 -24.13 34.42
CA CYS F 99 -25.07 -24.33 34.71
C CYS F 99 -24.42 -23.11 35.34
N MET F 100 -24.93 -21.91 35.05
CA MET F 100 -24.45 -20.70 35.71
C MET F 100 -24.75 -20.72 37.21
N LYS F 101 -25.84 -21.38 37.60
CA LYS F 101 -26.21 -21.50 39.01
C LYS F 101 -25.17 -22.29 39.81
N TYR F 102 -24.49 -23.24 39.17
CA TYR F 102 -23.54 -24.09 39.85
C TYR F 102 -22.11 -23.84 39.41
N ALA F 103 -21.86 -22.70 38.78
CA ALA F 103 -20.50 -22.36 38.33
C ALA F 103 -19.45 -22.24 39.44
N PRO F 104 -19.71 -21.69 40.64
CA PRO F 104 -18.66 -21.76 41.68
C PRO F 104 -18.41 -23.16 42.20
N VAL F 105 -19.41 -24.04 42.18
CA VAL F 105 -19.24 -25.41 42.62
C VAL F 105 -18.30 -26.15 41.69
N VAL F 106 -18.54 -26.01 40.37
CA VAL F 106 -17.71 -26.66 39.37
C VAL F 106 -16.31 -26.05 39.34
N TRP F 107 -16.20 -24.74 39.59
CA TRP F 107 -14.90 -24.08 39.65
C TRP F 107 -14.05 -24.60 40.81
N ASN F 108 -14.67 -24.80 41.98
CA ASN F 108 -13.95 -25.36 43.12
C ASN F 108 -13.61 -26.82 42.89
N TRP F 109 -14.52 -27.56 42.28
CA TRP F 109 -14.30 -28.98 42.00
C TRP F 109 -13.15 -29.18 41.04
N MET F 110 -13.06 -28.34 40.01
CA MET F 110 -11.97 -28.48 39.04
C MET F 110 -10.64 -28.04 39.64
N LEU F 111 -10.64 -27.03 40.50
CA LEU F 111 -9.39 -26.57 41.10
C LEU F 111 -8.91 -27.50 42.20
N THR F 112 -9.83 -28.22 42.85
CA THR F 112 -9.42 -29.21 43.85
C THR F 112 -8.73 -30.40 43.20
N ASN F 113 -9.30 -30.90 42.11
CA ASN F 113 -8.80 -32.10 41.46
C ASN F 113 -7.72 -31.82 40.43
N ASN F 114 -7.40 -30.54 40.20
CA ASN F 114 -6.49 -30.08 39.14
C ASN F 114 -6.93 -30.63 37.78
N SER F 115 -8.22 -30.58 37.52
CA SER F 115 -8.79 -31.19 36.32
C SER F 115 -9.48 -30.10 35.51
N PRO F 116 -8.83 -29.56 34.48
CA PRO F 116 -9.40 -28.44 33.71
C PRO F 116 -10.55 -28.92 32.84
N PRO F 117 -11.29 -27.99 32.19
CA PRO F 117 -12.24 -28.41 31.15
C PRO F 117 -11.54 -29.18 30.04
N ALA F 118 -12.23 -30.22 29.55
CA ALA F 118 -11.58 -31.31 28.83
C ALA F 118 -11.04 -30.87 27.47
N ASN F 119 -11.74 -29.98 26.79
CA ASN F 119 -11.39 -29.56 25.44
C ASN F 119 -10.78 -28.17 25.42
N TRP F 120 -9.96 -27.83 26.44
CA TRP F 120 -9.35 -26.51 26.53
C TRP F 120 -8.39 -26.25 25.38
N GLN F 121 -7.70 -27.28 24.91
CA GLN F 121 -6.75 -27.11 23.81
C GLN F 121 -7.48 -26.90 22.49
N ALA F 122 -8.58 -27.63 22.27
CA ALA F 122 -9.37 -27.46 21.06
C ALA F 122 -10.03 -26.09 21.01
N GLN F 123 -10.34 -25.51 22.17
CA GLN F 123 -10.91 -24.18 22.26
C GLN F 123 -9.88 -23.08 22.01
N GLY F 124 -8.60 -23.41 21.94
CA GLY F 124 -7.59 -22.42 21.67
C GLY F 124 -7.04 -21.71 22.89
N PHE F 125 -7.27 -22.26 24.08
CA PHE F 125 -6.75 -21.66 25.30
C PHE F 125 -5.28 -21.99 25.46
N LYS F 126 -4.52 -21.02 25.94
CA LYS F 126 -3.18 -21.30 26.43
C LYS F 126 -3.25 -22.15 27.69
N PRO F 127 -2.22 -22.96 27.97
CA PRO F 127 -2.25 -23.81 29.17
C PRO F 127 -2.33 -23.05 30.48
N GLU F 128 -1.81 -21.84 30.56
CA GLU F 128 -1.92 -21.06 31.78
C GLU F 128 -3.30 -20.44 31.99
N HIS F 129 -4.20 -20.53 31.01
CA HIS F 129 -5.56 -20.02 31.16
C HIS F 129 -6.61 -21.11 31.04
N LYS F 130 -6.22 -22.38 31.07
CA LYS F 130 -7.11 -23.47 30.68
C LYS F 130 -8.24 -23.72 31.67
N PHE F 131 -8.15 -23.22 32.89
CA PHE F 131 -9.24 -23.44 33.83
C PHE F 131 -10.43 -22.54 33.57
N ALA F 132 -10.28 -21.49 32.77
CA ALA F 132 -11.39 -20.66 32.34
C ALA F 132 -12.05 -21.15 31.06
N ALA F 133 -11.66 -22.32 30.56
CA ALA F 133 -12.08 -22.79 29.23
C ALA F 133 -13.40 -23.53 29.26
N PHE F 134 -14.39 -22.95 29.91
CA PHE F 134 -15.74 -23.45 29.83
C PHE F 134 -16.62 -22.24 29.60
N ASP F 135 -17.74 -22.43 28.90
CA ASP F 135 -18.77 -21.40 28.95
C ASP F 135 -19.39 -21.42 30.34
N PHE F 136 -20.28 -20.48 30.63
CA PHE F 136 -20.82 -20.23 32.00
C PHE F 136 -19.72 -20.00 33.07
N PHE F 137 -18.47 -19.71 32.64
CA PHE F 137 -17.42 -19.26 33.53
C PHE F 137 -17.71 -17.87 34.10
N ASN F 138 -18.56 -17.08 33.43
CA ASN F 138 -18.98 -15.78 33.95
C ASN F 138 -19.71 -15.89 35.27
N GLY F 139 -20.36 -17.02 35.52
CA GLY F 139 -21.12 -17.20 36.75
C GLY F 139 -20.33 -17.53 37.99
N VAL F 140 -18.99 -17.59 37.95
CA VAL F 140 -18.26 -18.03 39.14
C VAL F 140 -18.22 -16.93 40.20
N THR F 141 -18.34 -15.66 39.82
CA THR F 141 -18.42 -14.57 40.78
C THR F 141 -19.80 -13.94 40.83
N ASN F 142 -20.79 -14.53 40.18
CA ASN F 142 -22.16 -14.06 40.28
C ASN F 142 -22.73 -14.49 41.64
N PRO F 143 -23.18 -13.56 42.47
CA PRO F 143 -23.71 -13.93 43.80
C PRO F 143 -25.04 -14.65 43.77
N ALA F 144 -25.75 -14.65 42.65
CA ALA F 144 -26.98 -15.44 42.54
C ALA F 144 -26.71 -16.94 42.40
N ALA F 145 -25.47 -17.33 42.11
CA ALA F 145 -25.11 -18.72 41.96
C ALA F 145 -24.82 -19.35 43.32
N ILE F 146 -24.83 -20.69 43.33
CA ILE F 146 -24.54 -21.44 44.54
C ILE F 146 -23.07 -21.29 44.90
N MET F 147 -22.80 -20.67 46.02
CA MET F 147 -21.45 -20.57 46.53
C MET F 147 -21.22 -21.66 47.55
N PRO F 148 -20.12 -22.41 47.47
CA PRO F 148 -19.83 -23.39 48.52
C PRO F 148 -19.50 -22.73 49.84
N LYS F 149 -19.59 -23.54 50.90
CA LYS F 149 -19.63 -23.04 52.27
C LYS F 149 -18.35 -22.33 52.68
N GLU F 150 -17.20 -22.86 52.30
CA GLU F 150 -15.93 -22.26 52.67
C GLU F 150 -15.36 -21.34 51.59
N GLY F 151 -16.08 -21.13 50.49
CA GLY F 151 -15.66 -20.19 49.47
C GLY F 151 -14.80 -20.80 48.39
N LEU F 152 -14.45 -19.96 47.42
CA LEU F 152 -13.58 -20.38 46.33
C LEU F 152 -12.16 -20.58 46.84
N ILE F 153 -11.52 -21.63 46.34
CA ILE F 153 -10.11 -21.88 46.63
C ILE F 153 -9.26 -20.72 46.13
N ARG F 154 -9.56 -20.26 44.92
CA ARG F 154 -8.80 -19.28 44.23
C ARG F 154 -9.84 -18.50 43.43
N PRO F 155 -9.81 -17.18 43.47
CA PRO F 155 -10.62 -16.42 42.53
C PRO F 155 -10.03 -16.52 41.14
N PRO F 156 -10.82 -16.28 40.09
CA PRO F 156 -10.25 -16.23 38.74
C PRO F 156 -9.33 -15.03 38.59
N SER F 157 -8.16 -15.26 38.01
CA SER F 157 -7.22 -14.18 37.78
C SER F 157 -7.72 -13.28 36.64
N GLU F 158 -7.07 -12.12 36.50
CA GLU F 158 -7.42 -11.18 35.45
C GLU F 158 -7.10 -11.74 34.07
N ALA F 159 -6.00 -12.50 33.97
CA ALA F 159 -5.65 -13.13 32.69
C ALA F 159 -6.63 -14.23 32.31
N GLU F 160 -7.19 -14.94 33.30
CA GLU F 160 -8.21 -15.94 33.01
C GLU F 160 -9.51 -15.29 32.56
N MET F 161 -9.87 -14.16 33.18
CA MET F 161 -11.05 -13.42 32.74
C MET F 161 -10.87 -12.81 31.37
N ASN F 162 -9.65 -12.39 31.04
CA ASN F 162 -9.33 -11.87 29.71
C ASN F 162 -9.47 -12.97 28.65
N ALA F 163 -8.91 -14.15 28.92
CA ALA F 163 -8.98 -15.27 27.99
C ALA F 163 -10.41 -15.74 27.77
N ALA F 164 -11.23 -15.69 28.82
CA ALA F 164 -12.61 -16.16 28.70
C ALA F 164 -13.46 -15.19 27.87
N GLN F 165 -13.22 -13.88 28.02
CA GLN F 165 -13.95 -12.90 27.23
C GLN F 165 -13.55 -12.98 25.76
N THR F 166 -12.28 -13.24 25.48
CA THR F 166 -11.82 -13.40 24.11
C THR F 166 -12.40 -14.65 23.48
N ALA F 167 -12.40 -15.76 24.22
CA ALA F 167 -12.99 -17.00 23.71
C ALA F 167 -14.49 -16.89 23.56
N ALA F 168 -15.15 -16.11 24.42
CA ALA F 168 -16.58 -15.87 24.26
C ALA F 168 -16.87 -15.08 22.99
N PHE F 169 -15.99 -14.13 22.64
CA PHE F 169 -16.14 -13.41 21.38
C PHE F 169 -16.00 -14.35 20.20
N VAL F 170 -14.97 -15.21 20.21
CA VAL F 170 -14.68 -16.06 19.07
C VAL F 170 -15.79 -17.09 18.86
N LYS F 171 -16.25 -17.72 19.94
CA LYS F 171 -17.24 -18.78 19.80
C LYS F 171 -18.62 -18.24 19.43
N ILE F 172 -19.00 -17.08 19.97
CA ILE F 172 -20.31 -16.52 19.66
C ILE F 172 -20.35 -15.94 18.25
N THR F 173 -19.27 -15.27 17.83
CA THR F 173 -19.22 -14.67 16.50
C THR F 173 -19.14 -15.75 15.42
N LYS F 174 -18.43 -16.85 15.69
CA LYS F 174 -18.41 -17.97 14.75
C LYS F 174 -19.79 -18.61 14.64
N ALA F 175 -20.52 -18.70 15.76
CA ALA F 175 -21.87 -19.26 15.71
C ALA F 175 -22.83 -18.33 14.99
N ARG F 176 -22.65 -17.02 15.11
CA ARG F 176 -23.49 -16.08 14.37
C ARG F 176 -23.16 -16.09 12.87
N ALA F 177 -21.90 -16.32 12.52
CA ALA F 177 -21.49 -16.37 11.12
C ALA F 177 -22.02 -17.62 10.42
N GLN F 178 -22.36 -18.67 11.16
CA GLN F 178 -23.04 -19.83 10.61
C GLN F 178 -24.55 -19.67 10.59
N SER F 179 -25.08 -18.66 11.26
CA SER F 179 -26.48 -18.31 11.20
C SER F 179 -26.68 -17.32 10.04
N ASN F 180 -27.84 -16.66 10.01
CA ASN F 180 -28.13 -15.71 8.94
C ASN F 180 -28.76 -14.46 9.53
N ASP F 181 -29.09 -13.53 8.64
CA ASP F 181 -29.72 -12.26 8.97
C ASP F 181 -31.14 -12.16 8.39
N PHE F 182 -31.85 -13.27 8.29
CA PHE F 182 -32.94 -13.37 7.33
C PHE F 182 -34.33 -12.99 7.84
N ALA F 183 -34.53 -12.70 9.13
CA ALA F 183 -35.79 -12.16 9.67
C ALA F 183 -37.03 -13.05 9.52
N SER F 184 -36.89 -14.18 8.83
CA SER F 184 -37.90 -15.16 8.46
C SER F 184 -37.17 -16.31 7.82
N LEU F 185 -37.61 -17.53 8.10
CA LEU F 185 -36.97 -18.69 7.51
C LEU F 185 -37.72 -19.21 6.29
N ASP F 186 -38.78 -18.52 5.87
CA ASP F 186 -39.50 -18.87 4.65
C ASP F 186 -38.59 -18.70 3.44
N ALA F 187 -38.79 -19.57 2.45
CA ALA F 187 -37.97 -19.60 1.24
C ALA F 187 -38.12 -18.35 0.38
N ALA F 188 -39.21 -17.60 0.54
CA ALA F 188 -39.33 -16.31 -0.13
C ALA F 188 -38.26 -15.33 0.33
N VAL F 189 -37.79 -15.46 1.56
CA VAL F 189 -36.78 -14.56 2.10
C VAL F 189 -35.39 -15.18 2.05
N THR F 190 -35.25 -16.43 2.49
CA THR F 190 -33.92 -17.05 2.54
C THR F 190 -33.40 -17.38 1.16
N ARG F 191 -34.30 -17.61 0.20
CA ARG F 191 -34.02 -18.09 -1.16
C ARG F 191 -33.21 -19.38 -1.15
N GLY F 192 -33.47 -20.25 -0.17
CA GLY F 192 -32.75 -21.49 -0.03
C GLY F 192 -31.29 -21.34 0.35
N ARG F 193 -30.98 -20.39 1.22
CA ARG F 193 -29.62 -20.19 1.70
C ARG F 193 -29.58 -20.38 3.21
N ILE F 194 -28.50 -20.97 3.70
CA ILE F 194 -28.33 -21.18 5.13
C ILE F 194 -27.83 -19.90 5.79
N THR F 195 -26.73 -19.34 5.31
CA THR F 195 -26.17 -18.13 5.87
C THR F 195 -26.42 -16.88 5.02
N GLY F 196 -26.69 -17.05 3.74
CA GLY F 196 -26.79 -15.92 2.83
C GLY F 196 -25.46 -15.20 2.62
N THR F 197 -24.36 -15.94 2.62
CA THR F 197 -23.02 -15.39 2.75
C THR F 197 -22.03 -16.44 2.23
N THR F 198 -20.99 -16.01 1.52
CA THR F 198 -19.97 -16.95 1.08
C THR F 198 -19.05 -17.33 2.25
N THR F 199 -18.16 -18.28 1.99
CA THR F 199 -17.21 -18.73 3.00
C THR F 199 -16.22 -17.63 3.35
N ALA F 200 -15.75 -16.87 2.36
CA ALA F 200 -14.78 -15.81 2.62
C ALA F 200 -15.42 -14.64 3.35
N GLU F 201 -16.69 -14.35 3.08
CA GLU F 201 -17.39 -13.27 3.78
C GLU F 201 -17.78 -13.64 5.20
N ALA F 202 -17.68 -14.91 5.58
CA ALA F 202 -18.08 -15.36 6.90
C ALA F 202 -16.90 -15.58 7.85
N VAL F 203 -15.68 -15.27 7.41
CA VAL F 203 -14.50 -15.50 8.24
C VAL F 203 -14.47 -14.48 9.37
N VAL F 204 -14.34 -14.98 10.60
CA VAL F 204 -14.31 -14.16 11.80
C VAL F 204 -12.87 -13.86 12.16
N THR F 205 -12.55 -12.58 12.37
CA THR F 205 -11.28 -12.17 12.96
C THR F 205 -11.53 -11.11 14.01
N LEU F 206 -10.71 -11.15 15.06
CA LEU F 206 -10.68 -10.10 16.06
C LEU F 206 -9.62 -9.10 15.64
N PRO F 207 -9.99 -7.88 15.24
CA PRO F 207 -9.05 -6.96 14.57
C PRO F 207 -7.92 -6.52 15.49
N PRO F 208 -6.70 -6.41 14.95
CA PRO F 208 -5.51 -6.27 15.81
C PRO F 208 -5.40 -4.87 16.39
N PRO F 209 -4.76 -4.73 17.55
CA PRO F 209 -4.50 -3.40 18.12
C PRO F 209 -3.46 -2.63 17.32
N ALA G 1 -31.31 49.49 31.45
CA ALA G 1 -31.34 48.10 31.05
C ALA G 1 -32.40 47.34 31.82
N SER G 2 -33.49 47.01 31.13
CA SER G 2 -34.62 46.31 31.74
C SER G 2 -35.08 45.22 30.79
N GLY G 3 -36.14 44.52 31.18
CA GLY G 3 -36.65 43.44 30.37
C GLY G 3 -35.67 42.28 30.35
N LEU G 4 -35.39 41.77 29.16
CA LEU G 4 -34.40 40.70 29.00
C LEU G 4 -32.97 41.22 29.01
N PHE G 5 -32.75 42.53 29.13
CA PHE G 5 -31.42 43.11 29.16
C PHE G 5 -30.97 43.49 30.56
N THR G 6 -31.68 43.03 31.59
CA THR G 6 -31.37 43.37 32.97
C THR G 6 -30.06 42.71 33.40
N ILE G 7 -29.19 43.48 34.04
CA ILE G 7 -27.90 42.99 34.51
C ILE G 7 -28.08 42.49 35.94
N PRO G 8 -27.73 41.23 36.25
CA PRO G 8 -27.77 40.77 37.64
C PRO G 8 -26.69 41.43 38.47
N ASP G 9 -27.01 41.63 39.75
CA ASP G 9 -26.24 42.54 40.60
C ASP G 9 -25.54 41.89 41.78
N GLY G 10 -25.89 40.66 42.14
CA GLY G 10 -25.32 40.01 43.30
C GLY G 10 -26.33 39.62 44.35
N ASP G 11 -27.45 40.36 44.48
CA ASP G 11 -28.57 39.89 45.27
C ASP G 11 -29.17 38.61 44.70
N PHE G 12 -29.16 38.45 43.38
CA PHE G 12 -29.75 37.25 42.78
C PHE G 12 -28.90 36.01 43.07
N PHE G 13 -27.58 36.15 43.03
CA PHE G 13 -26.71 34.98 43.15
C PHE G 13 -26.66 34.45 44.58
N SER G 14 -26.86 35.32 45.57
CA SER G 14 -26.80 34.93 46.97
C SER G 14 -28.12 34.41 47.51
N THR G 15 -29.23 34.71 46.83
CA THR G 15 -30.56 34.37 47.32
C THR G 15 -31.23 33.27 46.52
N ALA G 16 -31.21 33.36 45.20
CA ALA G 16 -31.91 32.40 44.37
C ALA G 16 -31.20 31.05 44.38
N ARG G 17 -31.98 29.99 44.54
CA ARG G 17 -31.49 28.62 44.45
C ARG G 17 -32.28 27.93 43.36
N ALA G 18 -31.57 27.44 42.35
CA ALA G 18 -32.22 26.75 41.25
C ALA G 18 -32.55 25.32 41.68
N ILE G 19 -33.82 24.94 41.58
CA ILE G 19 -34.21 23.54 41.76
C ILE G 19 -33.78 22.78 40.52
N VAL G 20 -32.92 21.79 40.71
CA VAL G 20 -32.31 21.09 39.59
C VAL G 20 -33.33 20.10 39.03
N ALA G 21 -33.53 20.12 37.72
CA ALA G 21 -34.36 19.16 37.02
C ALA G 21 -33.56 18.61 35.85
N SER G 22 -33.71 17.33 35.58
CA SER G 22 -32.97 16.65 34.52
C SER G 22 -33.95 15.80 33.72
N ASN G 23 -33.73 15.73 32.41
CA ASN G 23 -34.57 14.89 31.57
C ASN G 23 -34.01 13.48 31.38
N ALA G 24 -32.87 13.18 32.00
CA ALA G 24 -32.34 11.82 32.08
C ALA G 24 -32.82 11.11 33.35
N VAL G 25 -33.44 11.83 34.26
CA VAL G 25 -33.96 11.33 35.51
C VAL G 25 -35.47 11.45 35.46
N ALA G 26 -36.18 10.49 36.09
CA ALA G 26 -37.62 10.55 36.17
C ALA G 26 -38.08 11.81 36.91
N THR G 27 -39.02 12.52 36.30
CA THR G 27 -39.44 13.83 36.79
C THR G 27 -40.40 13.68 37.97
N ASN G 28 -40.73 14.81 38.58
CA ASN G 28 -41.69 14.81 39.68
C ASN G 28 -43.10 14.49 39.20
N GLU G 29 -43.44 14.90 37.97
CA GLU G 29 -44.71 14.49 37.39
C GLU G 29 -44.71 13.01 37.01
N ASP G 30 -43.55 12.49 36.60
CA ASP G 30 -43.41 11.05 36.34
C ASP G 30 -43.64 10.25 37.61
N LEU G 31 -43.01 10.65 38.72
CA LEU G 31 -43.06 9.87 39.95
C LEU G 31 -44.44 9.92 40.60
N SER G 32 -45.18 11.02 40.44
CA SER G 32 -46.53 11.07 40.95
C SER G 32 -47.46 10.14 40.18
N LYS G 33 -47.20 9.95 38.89
CA LYS G 33 -48.00 9.00 38.12
C LYS G 33 -47.65 7.56 38.45
N ILE G 34 -46.41 7.28 38.87
CA ILE G 34 -46.06 5.93 39.31
C ILE G 34 -46.81 5.57 40.58
N GLU G 35 -46.90 6.52 41.53
CA GLU G 35 -47.55 6.28 42.81
C GLU G 35 -49.03 5.98 42.65
N ALA G 36 -49.69 6.68 41.72
CA ALA G 36 -51.12 6.46 41.51
C ALA G 36 -51.40 5.08 40.92
N ILE G 37 -50.50 4.59 40.07
CA ILE G 37 -50.66 3.23 39.54
C ILE G 37 -50.27 2.20 40.58
N TRP G 38 -49.23 2.49 41.37
CA TRP G 38 -48.73 1.52 42.35
C TRP G 38 -49.70 1.35 43.51
N LYS G 39 -50.31 2.44 43.98
CA LYS G 39 -51.28 2.31 45.06
C LYS G 39 -52.59 1.70 44.57
N ASP G 40 -52.90 1.78 43.28
CA ASP G 40 -54.10 1.17 42.73
C ASP G 40 -53.92 -0.34 42.54
N MET G 41 -52.69 -0.80 42.31
CA MET G 41 -52.39 -2.22 42.37
C MET G 41 -51.93 -2.66 43.76
N LYS G 42 -52.22 -1.83 44.77
CA LYS G 42 -52.10 -2.15 46.20
C LYS G 42 -50.65 -2.41 46.62
N VAL G 43 -49.78 -1.46 46.31
CA VAL G 43 -48.47 -1.37 46.94
C VAL G 43 -48.68 -0.55 48.21
N PRO G 44 -48.15 -0.98 49.36
CA PRO G 44 -48.34 -0.23 50.60
C PRO G 44 -47.63 1.11 50.54
N THR G 45 -48.37 2.18 50.84
CA THR G 45 -47.82 3.53 50.80
C THR G 45 -46.84 3.79 51.93
N ASP G 46 -46.86 2.95 52.97
CA ASP G 46 -45.88 3.03 54.06
C ASP G 46 -44.50 2.51 53.65
N THR G 47 -44.44 1.61 52.67
CA THR G 47 -43.16 1.15 52.12
C THR G 47 -43.09 1.35 50.61
N MET G 48 -43.66 2.45 50.11
CA MET G 48 -43.63 2.73 48.69
C MET G 48 -42.22 3.04 48.20
N ALA G 49 -41.44 3.75 49.02
CA ALA G 49 -40.07 4.10 48.64
C ALA G 49 -39.15 2.89 48.70
N GLN G 50 -39.33 2.02 49.70
CA GLN G 50 -38.49 0.84 49.84
C GLN G 50 -38.77 -0.17 48.73
N ALA G 51 -40.00 -0.19 48.21
CA ALA G 51 -40.29 -1.02 47.04
C ALA G 51 -39.61 -0.48 45.80
N ALA G 52 -39.42 0.84 45.72
CA ALA G 52 -38.68 1.41 44.60
C ALA G 52 -37.19 1.14 44.72
N TRP G 53 -36.64 1.30 45.94
CA TRP G 53 -35.21 1.06 46.13
C TRP G 53 -34.84 -0.40 45.94
N ASP G 54 -35.75 -1.31 46.30
CA ASP G 54 -35.53 -2.73 46.05
C ASP G 54 -35.58 -3.05 44.57
N LEU G 55 -36.46 -2.39 43.82
CA LEU G 55 -36.57 -2.65 42.39
C LEU G 55 -35.35 -2.12 41.65
N VAL G 56 -34.85 -0.94 42.04
CA VAL G 56 -33.70 -0.36 41.36
C VAL G 56 -32.41 -1.10 41.72
N ARG G 57 -32.31 -1.60 42.96
CA ARG G 57 -31.18 -2.44 43.35
C ARG G 57 -31.16 -3.74 42.55
N HIS G 58 -32.34 -4.33 42.31
CA HIS G 58 -32.41 -5.48 41.43
C HIS G 58 -32.09 -5.10 39.99
N CYS G 59 -32.44 -3.89 39.57
CA CYS G 59 -32.08 -3.38 38.26
C CYS G 59 -30.61 -2.99 38.15
N ALA G 60 -29.82 -3.08 39.21
CA ALA G 60 -28.38 -2.97 39.08
C ALA G 60 -27.72 -4.32 38.83
N ASP G 61 -28.38 -5.42 39.18
CA ASP G 61 -27.88 -6.76 38.91
C ASP G 61 -28.21 -7.20 37.49
N VAL G 62 -29.39 -6.82 37.00
CA VAL G 62 -29.84 -7.06 35.65
C VAL G 62 -29.84 -5.68 35.00
N GLY G 63 -30.24 -5.55 33.76
CA GLY G 63 -30.25 -4.24 33.14
C GLY G 63 -31.42 -3.37 33.57
N SER G 64 -31.44 -2.15 33.03
CA SER G 64 -32.61 -1.30 33.09
C SER G 64 -33.19 -1.06 31.71
N SER G 65 -32.92 -1.95 30.77
CA SER G 65 -33.55 -1.93 29.46
C SER G 65 -35.05 -2.18 29.56
N ALA G 66 -35.78 -1.69 28.55
CA ALA G 66 -37.21 -1.96 28.48
C ALA G 66 -37.51 -3.42 28.21
N GLN G 67 -36.58 -4.18 27.66
CA GLN G 67 -36.75 -5.60 27.39
C GLN G 67 -36.34 -6.49 28.57
N THR G 68 -35.85 -5.92 29.67
CA THR G 68 -35.31 -6.72 30.76
C THR G 68 -36.42 -7.45 31.51
N GLU G 69 -36.20 -8.74 31.74
CA GLU G 69 -37.10 -9.53 32.58
C GLU G 69 -36.72 -9.34 34.04
N MET G 70 -37.62 -8.73 34.82
CA MET G 70 -37.46 -8.71 36.26
C MET G 70 -37.81 -10.09 36.82
N ILE G 71 -37.13 -10.47 37.90
CA ILE G 71 -37.13 -11.87 38.31
C ILE G 71 -38.13 -12.17 39.42
N ASP G 72 -37.98 -11.52 40.57
CA ASP G 72 -38.67 -11.99 41.76
C ASP G 72 -39.54 -10.92 42.41
N THR G 73 -39.93 -11.14 43.64
CA THR G 73 -40.71 -10.19 44.42
C THR G 73 -39.87 -9.71 45.60
N GLY G 74 -39.82 -8.39 45.78
CA GLY G 74 -39.17 -7.83 46.94
C GLY G 74 -40.03 -7.95 48.19
N PRO G 75 -39.45 -7.59 49.33
CA PRO G 75 -40.17 -7.73 50.61
C PRO G 75 -41.01 -6.52 51.01
N TYR G 76 -41.03 -5.45 50.23
CA TYR G 76 -41.72 -4.23 50.62
C TYR G 76 -43.02 -3.98 49.88
N SER G 77 -43.36 -4.80 48.89
CA SER G 77 -44.69 -4.77 48.30
C SER G 77 -45.61 -5.65 49.15
N ASN G 78 -46.86 -5.77 48.72
CA ASN G 78 -47.74 -6.81 49.23
C ASN G 78 -47.77 -7.98 48.24
N GLY G 79 -46.58 -8.52 47.98
CA GLY G 79 -46.43 -9.60 47.03
C GLY G 79 -46.53 -9.22 45.58
N ILE G 80 -46.49 -7.92 45.26
CA ILE G 80 -46.47 -7.49 43.87
C ILE G 80 -45.07 -7.76 43.32
N SER G 81 -45.00 -8.50 42.22
CA SER G 81 -43.72 -8.87 41.63
C SER G 81 -43.03 -7.65 41.03
N ARG G 82 -41.71 -7.76 40.91
CA ARG G 82 -40.92 -6.67 40.36
C ARG G 82 -41.21 -6.44 38.87
N ALA G 83 -41.64 -7.49 38.17
CA ALA G 83 -42.04 -7.33 36.76
C ALA G 83 -43.31 -6.51 36.63
N ARG G 84 -44.22 -6.62 37.59
CA ARG G 84 -45.44 -5.81 37.54
C ARG G 84 -45.17 -4.37 37.96
N LEU G 85 -44.25 -4.16 38.90
CA LEU G 85 -43.86 -2.80 39.26
C LEU G 85 -43.13 -2.12 38.10
N ALA G 86 -42.29 -2.85 37.38
CA ALA G 86 -41.55 -2.27 36.27
C ALA G 86 -42.45 -2.03 35.07
N ALA G 87 -43.47 -2.87 34.87
CA ALA G 87 -44.40 -2.66 33.76
C ALA G 87 -45.25 -1.43 33.99
N ALA G 88 -45.57 -1.11 35.24
CA ALA G 88 -46.29 0.12 35.55
C ALA G 88 -45.41 1.35 35.32
N ILE G 89 -44.10 1.24 35.56
CA ILE G 89 -43.18 2.35 35.35
C ILE G 89 -43.04 2.66 33.87
N LYS G 90 -42.95 1.61 33.04
CA LYS G 90 -42.74 1.78 31.61
C LYS G 90 -43.96 2.35 30.88
N GLU G 91 -45.11 2.46 31.55
CA GLU G 91 -46.23 3.22 31.01
C GLU G 91 -46.03 4.72 31.16
N VAL G 92 -45.15 5.17 32.04
CA VAL G 92 -44.99 6.58 32.35
C VAL G 92 -43.66 7.12 31.81
N CYS G 93 -42.55 6.55 32.28
CA CYS G 93 -41.22 6.93 31.82
C CYS G 93 -40.45 5.67 31.45
N THR G 94 -39.16 5.79 31.13
CA THR G 94 -38.39 4.58 30.94
C THR G 94 -37.96 4.01 32.29
N LEU G 95 -37.67 2.71 32.29
CA LEU G 95 -37.13 2.07 33.48
C LEU G 95 -35.75 2.63 33.84
N ARG G 96 -34.95 3.00 32.84
CA ARG G 96 -33.64 3.58 33.10
C ARG G 96 -33.75 4.95 33.76
N GLN G 97 -34.74 5.76 33.35
CA GLN G 97 -34.95 7.06 33.97
C GLN G 97 -35.39 6.95 35.41
N PHE G 98 -36.23 5.94 35.72
CA PHE G 98 -36.63 5.68 37.10
C PHE G 98 -35.44 5.23 37.94
N CYS G 99 -34.59 4.40 37.37
CA CYS G 99 -33.44 3.88 38.13
C CYS G 99 -32.37 4.94 38.32
N MET G 100 -32.25 5.90 37.40
CA MET G 100 -31.33 7.03 37.57
C MET G 100 -31.72 7.89 38.77
N LYS G 101 -33.03 7.96 39.08
CA LYS G 101 -33.51 8.73 40.22
C LYS G 101 -33.01 8.17 41.54
N TYR G 102 -32.79 6.86 41.62
CA TYR G 102 -32.37 6.21 42.85
C TYR G 102 -30.94 5.68 42.78
N ALA G 103 -30.15 6.15 41.81
CA ALA G 103 -28.77 5.71 41.69
C ALA G 103 -27.86 6.01 42.89
N PRO G 104 -27.94 7.16 43.59
CA PRO G 104 -27.12 7.28 44.81
C PRO G 104 -27.56 6.38 45.94
N VAL G 105 -28.85 6.03 46.01
CA VAL G 105 -29.34 5.13 47.05
C VAL G 105 -28.77 3.73 46.83
N VAL G 106 -28.81 3.25 45.59
CA VAL G 106 -28.29 1.93 45.26
C VAL G 106 -26.77 1.90 45.37
N TRP G 107 -26.10 3.01 45.06
CA TRP G 107 -24.65 3.10 45.19
C TRP G 107 -24.22 3.00 46.66
N ASN G 108 -24.95 3.67 47.56
CA ASN G 108 -24.65 3.57 48.99
C ASN G 108 -24.98 2.20 49.54
N TRP G 109 -26.08 1.62 49.07
CA TRP G 109 -26.50 0.29 49.51
C TRP G 109 -25.49 -0.78 49.12
N MET G 110 -24.95 -0.69 47.90
CA MET G 110 -23.97 -1.66 47.45
C MET G 110 -22.63 -1.48 48.16
N LEU G 111 -22.25 -0.24 48.45
CA LEU G 111 -20.99 -0.01 49.13
C LEU G 111 -21.05 -0.34 50.61
N THR G 112 -22.24 -0.24 51.22
CA THR G 112 -22.39 -0.62 52.62
C THR G 112 -22.27 -2.14 52.78
N ASN G 113 -22.92 -2.90 51.91
CA ASN G 113 -22.96 -4.34 52.03
C ASN G 113 -21.80 -5.02 51.34
N ASN G 114 -20.92 -4.26 50.66
CA ASN G 114 -19.82 -4.78 49.84
C ASN G 114 -20.35 -5.77 48.80
N SER G 115 -21.46 -5.40 48.18
CA SER G 115 -22.15 -6.30 47.25
C SER G 115 -22.22 -5.63 45.89
N PRO G 116 -21.31 -5.97 44.97
CA PRO G 116 -21.26 -5.30 43.65
C PRO G 116 -22.44 -5.72 42.77
N PRO G 117 -22.63 -5.08 41.61
CA PRO G 117 -23.58 -5.62 40.63
C PRO G 117 -23.22 -7.04 40.24
N ALA G 118 -24.26 -7.87 40.05
CA ALA G 118 -24.11 -9.31 40.11
C ALA G 118 -23.34 -9.86 38.92
N ASN G 119 -23.51 -9.28 37.75
CA ASN G 119 -22.90 -9.78 36.53
C ASN G 119 -21.73 -8.91 36.08
N TRP G 120 -20.94 -8.40 37.04
CA TRP G 120 -19.80 -7.54 36.71
C TRP G 120 -18.73 -8.27 35.90
N GLN G 121 -18.56 -9.57 36.15
CA GLN G 121 -17.55 -10.33 35.43
C GLN G 121 -18.00 -10.60 33.99
N ALA G 122 -19.28 -10.90 33.80
CA ALA G 122 -19.82 -11.12 32.46
C ALA G 122 -19.80 -9.85 31.64
N GLN G 123 -19.91 -8.68 32.28
CA GLN G 123 -19.81 -7.40 31.61
C GLN G 123 -18.39 -7.03 31.22
N GLY G 124 -17.39 -7.77 31.67
CA GLY G 124 -16.02 -7.49 31.31
C GLY G 124 -15.32 -6.50 32.20
N PHE G 125 -15.86 -6.22 33.39
CA PHE G 125 -15.21 -5.31 34.31
C PHE G 125 -14.07 -6.00 35.03
N LYS G 126 -13.00 -5.25 35.24
CA LYS G 126 -11.96 -5.68 36.16
C LYS G 126 -12.50 -5.67 37.59
N PRO G 127 -11.97 -6.52 38.48
CA PRO G 127 -12.47 -6.54 39.86
C PRO G 127 -12.31 -5.24 40.62
N GLU G 128 -11.30 -4.44 40.30
CA GLU G 128 -11.14 -3.15 40.97
C GLU G 128 -12.10 -2.08 40.49
N HIS G 129 -12.87 -2.35 39.44
CA HIS G 129 -13.86 -1.39 38.94
C HIS G 129 -15.29 -1.94 39.00
N LYS G 130 -15.51 -3.05 39.70
CA LYS G 130 -16.75 -3.80 39.58
C LYS G 130 -17.95 -3.08 40.19
N PHE G 131 -17.74 -2.09 41.04
CA PHE G 131 -18.88 -1.39 41.63
C PHE G 131 -19.52 -0.41 40.66
N ALA G 132 -18.86 -0.06 39.57
CA ALA G 132 -19.43 0.75 38.52
C ALA G 132 -20.14 -0.07 37.45
N ALA G 133 -20.29 -1.37 37.64
CA ALA G 133 -20.77 -2.28 36.60
C ALA G 133 -22.28 -2.40 36.55
N PHE G 134 -22.95 -1.26 36.57
CA PHE G 134 -24.37 -1.21 36.32
C PHE G 134 -24.59 -0.08 35.35
N ASP G 135 -25.62 -0.20 34.51
CA ASP G 135 -26.07 0.98 33.79
C ASP G 135 -26.75 1.91 34.79
N PHE G 136 -27.15 3.09 34.38
CA PHE G 136 -27.61 4.19 35.28
C PHE G 136 -26.61 4.54 36.40
N PHE G 137 -25.34 4.12 36.28
CA PHE G 137 -24.27 4.56 37.15
C PHE G 137 -23.94 6.04 36.95
N ASN G 138 -24.29 6.61 35.78
CA ASN G 138 -24.12 8.04 35.54
C ASN G 138 -24.94 8.90 36.49
N GLY G 139 -26.04 8.38 37.01
CA GLY G 139 -26.88 9.13 37.91
C GLY G 139 -26.42 9.25 39.34
N VAL G 140 -25.26 8.71 39.73
CA VAL G 140 -24.89 8.73 41.14
C VAL G 140 -24.44 10.12 41.58
N THR G 141 -23.95 10.96 40.67
CA THR G 141 -23.60 12.34 40.98
C THR G 141 -24.55 13.34 40.35
N ASN G 142 -25.65 12.88 39.76
CA ASN G 142 -26.66 13.77 39.25
C ASN G 142 -27.47 14.33 40.41
N PRO G 143 -27.52 15.67 40.59
CA PRO G 143 -28.26 16.24 41.73
C PRO G 143 -29.76 16.13 41.63
N ALA G 144 -30.31 15.80 40.46
CA ALA G 144 -31.75 15.56 40.36
C ALA G 144 -32.17 14.23 40.97
N ALA G 145 -31.23 13.33 41.25
CA ALA G 145 -31.52 12.04 41.84
C ALA G 145 -31.65 12.15 43.36
N ILE G 146 -32.25 11.12 43.95
CA ILE G 146 -32.43 11.06 45.40
C ILE G 146 -31.07 10.85 46.06
N MET G 147 -30.64 11.84 46.81
CA MET G 147 -29.43 11.70 47.60
C MET G 147 -29.79 11.31 49.02
N PRO G 148 -29.14 10.30 49.60
CA PRO G 148 -29.42 9.97 51.00
C PRO G 148 -28.92 11.06 51.93
N LYS G 149 -29.44 11.01 53.17
CA LYS G 149 -29.36 12.12 54.10
C LYS G 149 -27.93 12.44 54.51
N GLU G 150 -27.12 11.42 54.75
CA GLU G 150 -25.74 11.65 55.18
C GLU G 150 -24.74 11.61 54.03
N GLY G 151 -25.21 11.45 52.80
CA GLY G 151 -24.33 11.51 51.63
C GLY G 151 -23.76 10.17 51.23
N LEU G 152 -23.00 10.20 50.14
CA LEU G 152 -22.33 9.01 49.66
C LEU G 152 -21.20 8.62 50.59
N ILE G 153 -21.05 7.31 50.81
CA ILE G 153 -19.93 6.78 51.58
C ILE G 153 -18.62 7.12 50.91
N ARG G 154 -18.59 6.96 49.58
CA ARG G 154 -17.42 7.10 48.80
C ARG G 154 -17.93 7.66 47.47
N PRO G 155 -17.32 8.69 46.93
CA PRO G 155 -17.62 9.08 45.56
C PRO G 155 -17.04 8.08 44.59
N PRO G 156 -17.55 8.00 43.36
CA PRO G 156 -16.92 7.13 42.37
C PRO G 156 -15.55 7.67 41.98
N SER G 157 -14.57 6.78 41.93
CA SER G 157 -13.23 7.18 41.53
C SER G 157 -13.18 7.45 40.03
N GLU G 158 -12.07 8.07 39.60
CA GLU G 158 -11.88 8.38 38.19
C GLU G 158 -11.75 7.12 37.35
N ALA G 159 -11.10 6.08 37.91
CA ALA G 159 -10.97 4.81 37.21
C ALA G 159 -12.32 4.10 37.08
N GLU G 160 -13.20 4.25 38.07
CA GLU G 160 -14.53 3.67 37.96
C GLU G 160 -15.37 4.39 36.90
N MET G 161 -15.23 5.72 36.84
CA MET G 161 -15.92 6.49 35.80
C MET G 161 -15.37 6.18 34.42
N ASN G 162 -14.06 5.92 34.31
CA ASN G 162 -13.46 5.52 33.04
C ASN G 162 -13.99 4.16 32.58
N ALA G 163 -14.04 3.19 33.50
CA ALA G 163 -14.54 1.85 33.16
C ALA G 163 -16.01 1.87 32.77
N ALA G 164 -16.80 2.74 33.39
CA ALA G 164 -18.22 2.80 33.09
C ALA G 164 -18.49 3.42 31.72
N GLN G 165 -17.70 4.43 31.35
CA GLN G 165 -17.83 5.04 30.03
C GLN G 165 -17.41 4.08 28.93
N THR G 166 -16.37 3.28 29.18
CA THR G 166 -15.93 2.29 28.20
C THR G 166 -16.97 1.19 28.05
N ALA G 167 -17.52 0.70 29.17
CA ALA G 167 -18.56 -0.31 29.11
C ALA G 167 -19.84 0.21 28.49
N ALA G 168 -20.14 1.50 28.68
CA ALA G 168 -21.29 2.10 28.03
C ALA G 168 -21.08 2.15 26.52
N PHE G 169 -19.86 2.41 26.07
CA PHE G 169 -19.56 2.37 24.63
C PHE G 169 -19.78 0.97 24.08
N VAL G 170 -19.25 -0.05 24.77
CA VAL G 170 -19.29 -1.41 24.25
C VAL G 170 -20.72 -1.93 24.20
N LYS G 171 -21.50 -1.71 25.26
CA LYS G 171 -22.85 -2.26 25.32
C LYS G 171 -23.80 -1.55 24.36
N ILE G 172 -23.66 -0.23 24.19
CA ILE G 172 -24.56 0.50 23.31
C ILE G 172 -24.21 0.23 21.84
N THR G 173 -22.92 0.16 21.51
CA THR G 173 -22.51 -0.08 20.13
C THR G 173 -22.84 -1.50 19.70
N LYS G 174 -22.72 -2.47 20.61
CA LYS G 174 -23.14 -3.84 20.31
C LYS G 174 -24.64 -3.92 20.10
N ALA G 175 -25.42 -3.16 20.87
CA ALA G 175 -26.86 -3.15 20.68
C ALA G 175 -27.26 -2.45 19.38
N ARG G 176 -26.51 -1.43 18.96
CA ARG G 176 -26.78 -0.80 17.68
C ARG G 176 -26.38 -1.70 16.52
N ALA G 177 -25.32 -2.49 16.68
CA ALA G 177 -24.89 -3.41 15.63
C ALA G 177 -25.87 -4.56 15.42
N GLN G 178 -26.70 -4.88 16.41
CA GLN G 178 -27.77 -5.83 16.24
C GLN G 178 -29.05 -5.19 15.72
N SER G 179 -29.12 -3.87 15.69
CA SER G 179 -30.21 -3.13 15.07
C SER G 179 -29.85 -2.89 13.61
N ASN G 180 -30.58 -1.99 12.94
CA ASN G 180 -30.33 -1.71 11.54
C ASN G 180 -30.37 -0.21 11.31
N ASP G 181 -30.19 0.18 10.05
CA ASP G 181 -30.20 1.56 9.59
C ASP G 181 -31.37 1.82 8.64
N PHE G 182 -32.50 1.15 8.84
CA PHE G 182 -33.44 0.96 7.75
C PHE G 182 -34.53 2.00 7.60
N ALA G 183 -34.69 2.97 8.52
CA ALA G 183 -35.62 4.11 8.37
C ALA G 183 -37.11 3.76 8.27
N SER G 184 -37.44 2.48 8.20
CA SER G 184 -38.74 1.89 8.03
C SER G 184 -38.56 0.39 8.22
N LEU G 185 -39.51 -0.26 8.85
CA LEU G 185 -39.43 -1.69 9.03
C LEU G 185 -40.23 -2.47 8.00
N ASP G 186 -40.84 -1.78 7.04
CA ASP G 186 -41.54 -2.43 5.94
C ASP G 186 -40.57 -3.24 5.09
N ALA G 187 -41.06 -4.37 4.58
CA ALA G 187 -40.26 -5.31 3.80
C ALA G 187 -39.77 -4.74 2.49
N ALA G 188 -40.40 -3.68 1.97
CA ALA G 188 -39.87 -2.98 0.80
C ALA G 188 -38.52 -2.35 1.09
N VAL G 189 -38.26 -1.97 2.32
CA VAL G 189 -37.00 -1.35 2.69
C VAL G 189 -36.02 -2.34 3.31
N THR G 190 -36.50 -3.14 4.28
CA THR G 190 -35.61 -4.06 4.98
C THR G 190 -35.18 -5.22 4.11
N ARG G 191 -36.01 -5.58 3.13
CA ARG G 191 -35.87 -6.76 2.26
C ARG G 191 -35.74 -8.04 3.07
N GLY G 192 -36.43 -8.12 4.19
CA GLY G 192 -36.36 -9.27 5.08
C GLY G 192 -35.02 -9.45 5.77
N ARG G 193 -34.37 -8.37 6.17
CA ARG G 193 -33.12 -8.45 6.90
C ARG G 193 -33.29 -7.83 8.28
N ILE G 194 -32.62 -8.42 9.26
CA ILE G 194 -32.66 -7.88 10.62
C ILE G 194 -31.71 -6.71 10.77
N THR G 195 -30.44 -6.91 10.43
CA THR G 195 -29.43 -5.87 10.55
C THR G 195 -29.03 -5.26 9.23
N GLY G 196 -29.25 -5.95 8.11
CA GLY G 196 -28.76 -5.51 6.82
C GLY G 196 -27.25 -5.52 6.73
N THR G 197 -26.60 -6.49 7.37
CA THR G 197 -25.16 -6.46 7.62
C THR G 197 -24.72 -7.89 7.93
N THR G 198 -23.55 -8.28 7.45
CA THR G 198 -23.02 -9.60 7.78
C THR G 198 -22.46 -9.61 9.21
N THR G 199 -22.08 -10.80 9.66
CA THR G 199 -21.51 -10.95 11.00
C THR G 199 -20.16 -10.26 11.12
N ALA G 200 -19.33 -10.36 10.08
CA ALA G 200 -18.01 -9.72 10.12
C ALA G 200 -18.10 -8.21 10.03
N GLU G 201 -19.09 -7.68 9.31
CA GLU G 201 -19.28 -6.24 9.23
C GLU G 201 -19.91 -5.65 10.48
N ALA G 202 -20.41 -6.47 11.39
CA ALA G 202 -21.07 -5.99 12.60
C ALA G 202 -20.19 -6.09 13.84
N VAL G 203 -18.94 -6.50 13.69
CA VAL G 203 -18.05 -6.65 14.83
C VAL G 203 -17.65 -5.29 15.37
N VAL G 204 -17.85 -5.08 16.67
CA VAL G 204 -17.55 -3.83 17.34
C VAL G 204 -16.17 -3.91 17.95
N THR G 205 -15.32 -2.92 17.66
CA THR G 205 -14.05 -2.73 18.34
C THR G 205 -13.87 -1.27 18.72
N LEU G 206 -13.24 -1.05 19.87
CA LEU G 206 -12.82 0.29 20.27
C LEU G 206 -11.40 0.48 19.77
N PRO G 207 -11.15 1.35 18.80
CA PRO G 207 -9.85 1.39 18.10
C PRO G 207 -8.71 1.81 19.02
N PRO G 208 -7.54 1.20 18.88
CA PRO G 208 -6.48 1.34 19.89
C PRO G 208 -5.81 2.69 19.81
N PRO G 209 -5.25 3.19 20.92
CA PRO G 209 -4.48 4.43 20.90
C PRO G 209 -3.13 4.25 20.20
N ALA H 1 -5.53 61.92 1.33
CA ALA H 1 -6.16 60.63 1.58
C ALA H 1 -7.50 60.81 2.26
N SER H 2 -8.57 60.58 1.50
CA SER H 2 -9.93 60.75 1.99
C SER H 2 -10.76 59.56 1.52
N GLY H 3 -12.05 59.59 1.85
CA GLY H 3 -12.93 58.50 1.48
C GLY H 3 -12.58 57.25 2.25
N LEU H 4 -12.46 56.13 1.55
CA LEU H 4 -12.05 54.88 2.16
C LEU H 4 -10.54 54.78 2.37
N PHE H 5 -9.78 55.78 1.96
CA PHE H 5 -8.33 55.79 2.12
C PHE H 5 -7.87 56.66 3.28
N THR H 6 -8.79 57.08 4.15
CA THR H 6 -8.45 57.96 5.27
C THR H 6 -7.63 57.20 6.31
N ILE H 7 -6.55 57.83 6.76
CA ILE H 7 -5.66 57.25 7.77
C ILE H 7 -6.15 57.66 9.15
N PRO H 8 -6.43 56.72 10.05
CA PRO H 8 -6.78 57.10 11.43
C PRO H 8 -5.59 57.68 12.17
N ASP H 9 -5.88 58.60 13.08
CA ASP H 9 -4.85 59.49 13.63
C ASP H 9 -4.60 59.34 15.12
N GLY H 10 -5.49 58.70 15.86
CA GLY H 10 -5.38 58.60 17.30
C GLY H 10 -6.53 59.20 18.07
N ASP H 11 -7.19 60.22 17.52
CA ASP H 11 -8.47 60.66 18.06
C ASP H 11 -9.54 59.59 17.97
N PHE H 12 -9.50 58.76 16.92
CA PHE H 12 -10.52 57.72 16.76
C PHE H 12 -10.34 56.61 17.79
N PHE H 13 -9.09 56.23 18.08
CA PHE H 13 -8.86 55.08 18.95
C PHE H 13 -9.16 55.40 20.42
N SER H 14 -9.02 56.66 20.82
CA SER H 14 -9.25 57.06 22.20
C SER H 14 -10.71 57.40 22.49
N THR H 15 -11.51 57.67 21.47
CA THR H 15 -12.88 58.13 21.64
C THR H 15 -13.91 57.09 21.24
N ALA H 16 -13.75 56.46 20.09
CA ALA H 16 -14.75 55.53 19.60
C ALA H 16 -14.73 54.23 20.39
N ARG H 17 -15.91 53.77 20.77
CA ARG H 17 -16.08 52.49 21.43
C ARG H 17 -17.01 51.65 20.57
N ALA H 18 -16.53 50.49 20.14
CA ALA H 18 -17.33 49.61 19.31
C ALA H 18 -18.30 48.84 20.20
N ILE H 19 -19.60 48.94 19.91
CA ILE H 19 -20.57 48.08 20.56
C ILE H 19 -20.44 46.68 19.97
N VAL H 20 -20.15 45.71 20.81
CA VAL H 20 -19.83 44.37 20.33
C VAL H 20 -21.14 43.67 20.00
N ALA H 21 -21.21 43.08 18.81
CA ALA H 21 -22.32 42.24 18.40
C ALA H 21 -21.77 40.93 17.87
N SER H 22 -22.47 39.85 18.15
CA SER H 22 -22.05 38.51 17.77
C SER H 22 -23.23 37.77 17.17
N ASN H 23 -22.97 36.96 16.14
CA ASN H 23 -24.04 36.16 15.56
C ASN H 23 -24.15 34.77 16.18
N ALA H 24 -23.32 34.46 17.16
CA ALA H 24 -23.46 33.27 17.99
C ALA H 24 -24.30 33.53 19.23
N VAL H 25 -24.60 34.79 19.51
CA VAL H 25 -25.39 35.23 20.65
C VAL H 25 -26.67 35.83 20.10
N ALA H 26 -27.78 35.65 20.85
CA ALA H 26 -29.05 36.25 20.48
C ALA H 26 -28.95 37.77 20.42
N THR H 27 -29.41 38.34 19.31
CA THR H 27 -29.24 39.76 19.04
C THR H 27 -30.24 40.59 19.83
N ASN H 28 -30.07 41.92 19.75
CA ASN H 28 -31.02 42.81 20.41
C ASN H 28 -32.38 42.80 19.72
N GLU H 29 -32.40 42.60 18.40
CA GLU H 29 -33.67 42.43 17.71
C GLU H 29 -34.31 41.08 18.05
N ASP H 30 -33.47 40.05 18.25
CA ASP H 30 -33.97 38.75 18.70
C ASP H 30 -34.64 38.87 20.07
N LEU H 31 -33.99 39.54 21.01
CA LEU H 31 -34.48 39.59 22.39
C LEU H 31 -35.74 40.45 22.52
N SER H 32 -35.88 41.48 21.68
CA SER H 32 -37.10 42.26 21.70
C SER H 32 -38.29 41.45 21.18
N LYS H 33 -38.05 40.54 20.24
CA LYS H 33 -39.12 39.69 19.76
C LYS H 33 -39.49 38.61 20.78
N ILE H 34 -38.54 38.18 21.62
CA ILE H 34 -38.87 37.23 22.69
C ILE H 34 -39.80 37.89 23.70
N GLU H 35 -39.53 39.14 24.06
CA GLU H 35 -40.31 39.85 25.08
C GLU H 35 -41.75 40.06 24.63
N ALA H 36 -41.95 40.34 23.34
CA ALA H 36 -43.30 40.57 22.83
C ALA H 36 -44.12 39.28 22.86
N ILE H 37 -43.48 38.14 22.61
CA ILE H 37 -44.21 36.87 22.71
C ILE H 37 -44.38 36.46 24.16
N TRP H 38 -43.39 36.74 25.01
CA TRP H 38 -43.47 36.32 26.40
C TRP H 38 -44.49 37.12 27.19
N LYS H 39 -44.58 38.43 26.93
CA LYS H 39 -45.59 39.24 27.61
C LYS H 39 -46.99 38.97 27.09
N ASP H 40 -47.13 38.46 25.87
CA ASP H 40 -48.42 38.13 25.31
C ASP H 40 -48.94 36.80 25.87
N MET H 41 -48.03 35.88 26.23
CA MET H 41 -48.41 34.69 26.98
C MET H 41 -48.29 34.92 28.49
N LYS H 42 -48.26 36.19 28.91
CA LYS H 42 -48.41 36.64 30.29
C LYS H 42 -47.26 36.16 31.20
N VAL H 43 -46.04 36.43 30.76
CA VAL H 43 -44.88 36.36 31.64
C VAL H 43 -44.79 37.73 32.31
N PRO H 44 -44.61 37.80 33.64
CA PRO H 44 -44.52 39.11 34.30
C PRO H 44 -43.29 39.88 33.88
N THR H 45 -43.49 41.13 33.44
CA THR H 45 -42.39 41.96 32.99
C THR H 45 -41.49 42.40 34.14
N ASP H 46 -41.95 42.30 35.37
CA ASP H 46 -41.14 42.59 36.54
C ASP H 46 -40.12 41.49 36.83
N THR H 47 -40.38 40.25 36.41
CA THR H 47 -39.42 39.15 36.51
C THR H 47 -39.14 38.51 35.16
N MET H 48 -39.12 39.31 34.10
CA MET H 48 -38.86 38.76 32.77
C MET H 48 -37.43 38.26 32.64
N ALA H 49 -36.47 38.96 33.25
CA ALA H 49 -35.07 38.56 33.18
C ALA H 49 -34.81 37.33 34.02
N GLN H 50 -35.44 37.24 35.21
CA GLN H 50 -35.23 36.09 36.07
C GLN H 50 -35.85 34.83 35.50
N ALA H 51 -36.92 34.96 34.71
CA ALA H 51 -37.45 33.82 33.99
C ALA H 51 -36.51 33.35 32.90
N ALA H 52 -35.74 34.27 32.30
CA ALA H 52 -34.74 33.88 31.32
C ALA H 52 -33.55 33.21 31.98
N TRP H 53 -33.08 33.77 33.10
CA TRP H 53 -31.93 33.20 33.79
C TRP H 53 -32.25 31.82 34.37
N ASP H 54 -33.49 31.62 34.81
CA ASP H 54 -33.92 30.31 35.29
C ASP H 54 -33.99 29.30 34.15
N LEU H 55 -34.43 29.74 32.97
CA LEU H 55 -34.52 28.84 31.82
C LEU H 55 -33.14 28.43 31.32
N VAL H 56 -32.20 29.37 31.29
CA VAL H 56 -30.87 29.07 30.79
C VAL H 56 -30.08 28.23 31.80
N ARG H 57 -30.31 28.46 33.10
CA ARG H 57 -29.72 27.61 34.13
C ARG H 57 -30.22 26.17 34.03
N HIS H 58 -31.51 26.00 33.73
CA HIS H 58 -32.04 24.67 33.46
C HIS H 58 -31.46 24.10 32.17
N CYS H 59 -31.21 24.95 31.18
CA CYS H 59 -30.55 24.55 29.95
C CYS H 59 -29.06 24.28 30.11
N ALA H 60 -28.48 24.48 31.29
CA ALA H 60 -27.14 23.99 31.55
C ALA H 60 -27.14 22.57 32.12
N ASP H 61 -28.26 22.14 32.71
CA ASP H 61 -28.39 20.77 33.21
C ASP H 61 -28.77 19.82 32.09
N VAL H 62 -29.62 20.26 31.17
CA VAL H 62 -30.02 19.52 29.99
C VAL H 62 -29.35 20.27 28.85
N GLY H 63 -29.56 19.86 27.61
CA GLY H 63 -28.92 20.56 26.50
C GLY H 63 -29.60 21.88 26.16
N SER H 64 -29.03 22.55 25.16
CA SER H 64 -29.70 23.66 24.49
C SER H 64 -30.00 23.33 23.03
N SER H 65 -30.09 22.05 22.71
CA SER H 65 -30.53 21.60 21.40
C SER H 65 -31.99 21.99 21.16
N ALA H 66 -32.35 22.10 19.87
CA ALA H 66 -33.73 22.36 19.51
C ALA H 66 -34.65 21.18 19.83
N GLN H 67 -34.11 19.98 19.96
CA GLN H 67 -34.88 18.79 20.30
C GLN H 67 -35.00 18.57 21.81
N THR H 68 -34.39 19.41 22.64
CA THR H 68 -34.36 19.17 24.08
C THR H 68 -35.73 19.38 24.71
N GLU H 69 -36.14 18.42 25.54
CA GLU H 69 -37.35 18.55 26.32
C GLU H 69 -37.05 19.33 27.60
N MET H 70 -37.63 20.52 27.73
CA MET H 70 -37.60 21.24 28.99
C MET H 70 -38.56 20.58 29.97
N ILE H 71 -38.21 20.60 31.25
CA ILE H 71 -38.87 19.71 32.21
C ILE H 71 -39.98 20.42 33.00
N ASP H 72 -39.63 21.47 33.73
CA ASP H 72 -40.56 21.97 34.76
C ASP H 72 -40.89 23.43 34.57
N THR H 73 -41.44 24.05 35.62
CA THR H 73 -41.76 25.46 35.63
C THR H 73 -40.88 26.16 36.67
N GLY H 74 -40.26 27.25 36.27
CA GLY H 74 -39.52 28.08 37.19
C GLY H 74 -40.43 28.93 38.06
N PRO H 75 -39.84 29.59 39.05
CA PRO H 75 -40.64 30.40 39.98
C PRO H 75 -40.87 31.85 39.56
N TYR H 76 -40.35 32.29 38.41
CA TYR H 76 -40.45 33.68 38.01
C TYR H 76 -41.43 33.94 36.88
N SER H 77 -42.03 32.91 36.30
CA SER H 77 -43.15 33.09 35.41
C SER H 77 -44.43 33.17 36.23
N ASN H 78 -45.57 33.30 35.55
CA ASN H 78 -46.85 33.06 36.19
C ASN H 78 -47.33 31.65 35.85
N GLY H 79 -46.50 30.67 36.21
CA GLY H 79 -46.79 29.28 35.93
C GLY H 79 -46.59 28.86 34.49
N ILE H 80 -45.95 29.68 33.66
CA ILE H 80 -45.63 29.29 32.29
C ILE H 80 -44.46 28.31 32.35
N SER H 81 -44.66 27.14 31.76
CA SER H 81 -43.64 26.10 31.80
C SER H 81 -42.43 26.49 30.96
N ARG H 82 -41.29 25.87 31.29
CA ARG H 82 -40.04 26.17 30.57
C ARG H 82 -40.10 25.66 29.13
N ALA H 83 -40.91 24.63 28.86
CA ALA H 83 -41.08 24.17 27.49
C ALA H 83 -41.83 25.18 26.64
N ARG H 84 -42.76 25.93 27.23
CA ARG H 84 -43.48 26.95 26.48
C ARG H 84 -42.62 28.19 26.29
N LEU H 85 -41.78 28.52 27.26
CA LEU H 85 -40.84 29.63 27.09
C LEU H 85 -39.80 29.31 26.02
N ALA H 86 -39.33 28.06 25.98
CA ALA H 86 -38.33 27.68 24.99
C ALA H 86 -38.92 27.56 23.60
N ALA H 87 -40.20 27.16 23.50
CA ALA H 87 -40.84 27.08 22.20
C ALA H 87 -41.07 28.45 21.60
N ALA H 88 -41.29 29.47 22.44
CA ALA H 88 -41.40 30.83 21.95
C ALA H 88 -40.05 31.36 21.47
N ILE H 89 -38.97 30.94 22.12
CA ILE H 89 -37.63 31.38 21.71
C ILE H 89 -37.25 30.79 20.37
N LYS H 90 -37.58 29.52 20.15
CA LYS H 90 -37.21 28.83 18.91
C LYS H 90 -37.98 29.33 17.69
N GLU H 91 -39.01 30.15 17.87
CA GLU H 91 -39.62 30.86 16.76
C GLU H 91 -38.78 32.05 16.28
N VAL H 92 -37.86 32.55 17.10
CA VAL H 92 -37.09 33.74 16.80
C VAL H 92 -35.63 33.42 16.50
N CYS H 93 -34.93 32.82 17.46
CA CYS H 93 -33.55 32.42 17.29
C CYS H 93 -33.40 30.98 17.76
N THR H 94 -32.18 30.45 17.81
CA THR H 94 -32.03 29.13 18.41
C THR H 94 -32.00 29.25 19.92
N LEU H 95 -32.33 28.13 20.58
CA LEU H 95 -32.22 28.07 22.03
C LEU H 95 -30.78 28.21 22.49
N ARG H 96 -29.82 27.69 21.71
CA ARG H 96 -28.41 27.82 22.06
C ARG H 96 -27.94 29.27 22.00
N GLN H 97 -28.44 30.04 21.01
CA GLN H 97 -28.07 31.45 20.90
C GLN H 97 -28.64 32.27 22.05
N PHE H 98 -29.85 31.93 22.51
CA PHE H 98 -30.43 32.59 23.68
C PHE H 98 -29.63 32.26 24.93
N CYS H 99 -29.20 31.01 25.08
CA CYS H 99 -28.48 30.60 26.27
C CYS H 99 -27.06 31.17 26.29
N MET H 100 -26.46 31.38 25.12
CA MET H 100 -25.15 32.03 25.05
C MET H 100 -25.20 33.46 25.56
N LYS H 101 -26.34 34.13 25.42
CA LYS H 101 -26.52 35.50 25.92
C LYS H 101 -26.43 35.57 27.44
N TYR H 102 -26.82 34.51 28.13
CA TYR H 102 -26.83 34.49 29.58
C TYR H 102 -25.80 33.54 30.17
N ALA H 103 -24.81 33.14 29.38
CA ALA H 103 -23.77 32.24 29.87
C ALA H 103 -22.92 32.79 31.03
N PRO H 104 -22.52 34.07 31.10
CA PRO H 104 -21.82 34.51 32.33
C PRO H 104 -22.72 34.55 33.56
N VAL H 105 -24.02 34.77 33.38
CA VAL H 105 -24.95 34.77 34.51
C VAL H 105 -25.05 33.38 35.12
N VAL H 106 -25.21 32.37 34.26
CA VAL H 106 -25.32 30.99 34.70
C VAL H 106 -23.99 30.49 35.25
N TRP H 107 -22.87 30.96 34.70
CA TRP H 107 -21.55 30.60 35.20
C TRP H 107 -21.32 31.12 36.61
N ASN H 108 -21.74 32.37 36.88
CA ASN H 108 -21.62 32.93 38.22
C ASN H 108 -22.58 32.26 39.19
N TRP H 109 -23.78 31.95 38.72
CA TRP H 109 -24.79 31.30 39.55
C TRP H 109 -24.33 29.91 39.98
N MET H 110 -23.73 29.15 39.06
CA MET H 110 -23.25 27.82 39.40
C MET H 110 -22.03 27.86 40.31
N LEU H 111 -21.16 28.84 40.13
CA LEU H 111 -19.98 28.93 40.98
C LEU H 111 -20.31 29.47 42.37
N THR H 112 -21.36 30.28 42.49
CA THR H 112 -21.78 30.76 43.80
C THR H 112 -22.36 29.63 44.64
N ASN H 113 -23.21 28.81 44.03
CA ASN H 113 -23.91 27.76 44.75
C ASN H 113 -23.14 26.46 44.81
N ASN H 114 -21.97 26.40 44.17
CA ASN H 114 -21.15 25.18 44.00
C ASN H 114 -21.99 24.06 43.40
N SER H 115 -22.78 24.40 42.38
CA SER H 115 -23.72 23.47 41.79
C SER H 115 -23.37 23.30 40.31
N PRO H 116 -22.65 22.24 39.94
CA PRO H 116 -22.20 22.05 38.55
C PRO H 116 -23.37 21.68 37.64
N PRO H 117 -23.16 21.64 36.32
CA PRO H 117 -24.18 21.05 35.44
C PRO H 117 -24.47 19.61 35.82
N ALA H 118 -25.76 19.25 35.73
CA ALA H 118 -26.27 18.09 36.45
C ALA H 118 -25.75 16.77 35.91
N ASN H 119 -25.55 16.68 34.59
CA ASN H 119 -25.14 15.43 33.96
C ASN H 119 -23.67 15.47 33.54
N TRP H 120 -22.81 16.09 34.37
CA TRP H 120 -21.39 16.19 34.05
C TRP H 120 -20.71 14.83 33.99
N GLN H 121 -21.14 13.89 34.83
CA GLN H 121 -20.54 12.56 34.83
C GLN H 121 -20.95 11.77 33.60
N ALA H 122 -22.22 11.88 33.19
CA ALA H 122 -22.69 11.20 32.00
C ALA H 122 -22.04 11.76 30.74
N GLN H 123 -21.66 13.03 30.75
CA GLN H 123 -20.95 13.64 29.64
C GLN H 123 -19.49 13.24 29.57
N GLY H 124 -18.96 12.54 30.56
CA GLY H 124 -17.59 12.10 30.54
C GLY H 124 -16.59 13.09 31.07
N PHE H 125 -17.03 14.11 31.79
CA PHE H 125 -16.12 15.07 32.38
C PHE H 125 -15.46 14.51 33.62
N LYS H 126 -14.19 14.82 33.80
CA LYS H 126 -13.53 14.60 35.06
C LYS H 126 -14.12 15.55 36.11
N PRO H 127 -14.09 15.16 37.39
CA PRO H 127 -14.65 16.04 38.45
C PRO H 127 -13.98 17.40 38.57
N GLU H 128 -12.69 17.51 38.24
CA GLU H 128 -12.02 18.79 38.30
C GLU H 128 -12.37 19.71 37.13
N HIS H 129 -13.09 19.22 36.12
CA HIS H 129 -13.51 20.06 35.00
C HIS H 129 -15.02 20.17 34.87
N LYS H 130 -15.77 19.74 35.89
CA LYS H 130 -17.21 19.54 35.74
C LYS H 130 -18.00 20.83 35.61
N PHE H 131 -17.42 21.98 35.96
CA PHE H 131 -18.17 23.22 35.81
C PHE H 131 -18.23 23.71 34.38
N ALA H 132 -17.39 23.17 33.49
CA ALA H 132 -17.46 23.47 32.07
C ALA H 132 -18.38 22.52 31.32
N ALA H 133 -19.11 21.65 32.01
CA ALA H 133 -19.86 20.56 31.37
C ALA H 133 -21.26 20.99 30.94
N PHE H 134 -21.34 22.11 30.26
CA PHE H 134 -22.57 22.52 29.62
C PHE H 134 -22.18 22.97 28.23
N ASP H 135 -23.09 22.80 27.27
CA ASP H 135 -22.90 23.50 26.01
C ASP H 135 -23.16 24.99 26.26
N PHE H 136 -22.95 25.84 25.27
CA PHE H 136 -22.94 27.32 25.42
C PHE H 136 -21.97 27.83 26.52
N PHE H 137 -21.03 26.99 26.98
CA PHE H 137 -19.93 27.42 27.84
C PHE H 137 -18.97 28.34 27.10
N ASN H 138 -18.94 28.30 25.77
CA ASN H 138 -18.12 29.23 24.99
C ASN H 138 -18.53 30.68 25.19
N GLY H 139 -19.79 30.93 25.53
CA GLY H 139 -20.26 32.28 25.73
C GLY H 139 -19.91 32.95 27.03
N VAL H 140 -19.14 32.33 27.92
CA VAL H 140 -18.92 32.96 29.22
C VAL H 140 -17.92 34.11 29.13
N THR H 141 -17.03 34.12 28.13
CA THR H 141 -16.13 35.22 27.90
C THR H 141 -16.48 36.01 26.64
N ASN H 142 -17.62 35.73 26.02
CA ASN H 142 -18.08 36.52 24.90
C ASN H 142 -18.64 37.85 25.40
N PRO H 143 -18.09 38.99 24.96
CA PRO H 143 -18.57 40.29 25.47
C PRO H 143 -19.95 40.67 24.99
N ALA H 144 -20.51 40.00 23.97
CA ALA H 144 -21.88 40.27 23.58
C ALA H 144 -22.90 39.69 24.55
N ALA H 145 -22.49 38.82 25.46
CA ALA H 145 -23.37 38.22 26.44
C ALA H 145 -23.56 39.14 27.64
N ILE H 146 -24.60 38.86 28.41
CA ILE H 146 -24.89 39.62 29.63
C ILE H 146 -23.83 39.34 30.67
N MET H 147 -23.07 40.33 31.02
CA MET H 147 -22.11 40.22 32.10
C MET H 147 -22.72 40.77 33.37
N PRO H 148 -22.64 40.07 34.49
CA PRO H 148 -23.13 40.63 35.75
C PRO H 148 -22.27 41.80 36.22
N LYS H 149 -22.85 42.57 37.13
CA LYS H 149 -22.35 43.90 37.46
C LYS H 149 -20.97 43.87 38.10
N GLU H 150 -20.72 42.91 38.98
CA GLU H 150 -19.43 42.83 39.64
C GLU H 150 -18.47 41.84 38.98
N GLY H 151 -18.85 41.24 37.86
CA GLY H 151 -17.96 40.38 37.11
C GLY H 151 -18.03 38.92 37.52
N LEU H 152 -17.26 38.11 36.80
CA LEU H 152 -17.16 36.70 37.10
C LEU H 152 -16.40 36.49 38.40
N ILE H 153 -16.87 35.54 39.20
CA ILE H 153 -16.17 35.13 40.42
C ILE H 153 -14.80 34.57 40.07
N ARG H 154 -14.75 33.75 39.04
CA ARG H 154 -13.58 33.04 38.64
C ARG H 154 -13.69 32.97 37.12
N PRO H 155 -12.64 33.28 36.38
CA PRO H 155 -12.63 32.98 34.96
C PRO H 155 -12.49 31.49 34.75
N PRO H 156 -12.89 30.97 33.59
CA PRO H 156 -12.64 29.55 33.30
C PRO H 156 -11.15 29.30 33.15
N SER H 157 -10.68 28.23 33.77
CA SER H 157 -9.27 27.86 33.66
C SER H 157 -9.00 27.28 32.27
N GLU H 158 -7.70 27.15 31.97
CA GLU H 158 -7.28 26.59 30.69
C GLU H 158 -7.67 25.12 30.56
N ALA H 159 -7.59 24.38 31.68
CA ALA H 159 -8.00 22.98 31.67
C ALA H 159 -9.51 22.83 31.48
N GLU H 160 -10.30 23.77 32.00
CA GLU H 160 -11.75 23.73 31.76
C GLU H 160 -12.08 24.04 30.31
N MET H 161 -11.35 24.99 29.71
CA MET H 161 -11.54 25.29 28.30
C MET H 161 -11.09 24.13 27.41
N ASN H 162 -10.04 23.42 27.82
CA ASN H 162 -9.59 22.24 27.10
C ASN H 162 -10.63 21.12 27.14
N ALA H 163 -11.19 20.86 28.32
CA ALA H 163 -12.20 19.82 28.47
C ALA H 163 -13.47 20.15 27.70
N ALA H 164 -13.83 21.43 27.62
CA ALA H 164 -15.04 21.80 26.92
C ALA H 164 -14.90 21.67 25.41
N GLN H 165 -13.71 21.99 24.88
CA GLN H 165 -13.46 21.83 23.46
C GLN H 165 -13.44 20.36 23.06
N THR H 166 -12.88 19.51 23.92
CA THR H 166 -12.87 18.07 23.66
C THR H 166 -14.28 17.49 23.71
N ALA H 167 -15.07 17.90 24.71
CA ALA H 167 -16.44 17.44 24.80
C ALA H 167 -17.30 17.97 23.66
N ALA H 168 -17.01 19.18 23.17
CA ALA H 168 -17.71 19.70 22.02
C ALA H 168 -17.39 18.90 20.77
N PHE H 169 -16.14 18.43 20.63
CA PHE H 169 -15.80 17.55 19.52
C PHE H 169 -16.57 16.24 19.60
N VAL H 170 -16.61 15.62 20.78
CA VAL H 170 -17.23 14.31 20.93
C VAL H 170 -18.73 14.37 20.69
N LYS H 171 -19.41 15.37 21.26
CA LYS H 171 -20.86 15.45 21.16
C LYS H 171 -21.31 15.83 19.75
N ILE H 172 -20.58 16.73 19.08
CA ILE H 172 -20.98 17.15 17.74
C ILE H 172 -20.68 16.06 16.71
N THR H 173 -19.54 15.38 16.84
CA THR H 173 -19.18 14.33 15.89
C THR H 173 -20.08 13.11 16.05
N LYS H 174 -20.48 12.79 17.29
CA LYS H 174 -21.44 11.71 17.51
C LYS H 174 -22.81 12.07 16.93
N ALA H 175 -23.21 13.33 17.01
CA ALA H 175 -24.47 13.75 16.43
C ALA H 175 -24.42 13.75 14.90
N ARG H 176 -23.26 14.07 14.32
CA ARG H 176 -23.12 13.99 12.87
C ARG H 176 -23.08 12.54 12.39
N ALA H 177 -22.51 11.64 13.19
CA ALA H 177 -22.45 10.23 12.82
C ALA H 177 -23.83 9.56 12.86
N GLN H 178 -24.78 10.13 13.60
CA GLN H 178 -26.16 9.68 13.55
C GLN H 178 -26.96 10.35 12.45
N SER H 179 -26.42 11.39 11.83
CA SER H 179 -27.01 12.02 10.67
C SER H 179 -26.48 11.32 9.41
N ASN H 180 -26.68 11.92 8.25
CA ASN H 180 -26.22 11.33 7.01
C ASN H 180 -25.56 12.39 6.14
N ASP H 181 -25.14 11.97 4.95
CA ASP H 181 -24.48 12.82 3.96
C ASP H 181 -25.33 12.95 2.69
N PHE H 182 -26.66 12.92 2.82
CA PHE H 182 -27.50 12.53 1.70
C PHE H 182 -27.99 13.65 0.79
N ALA H 183 -27.77 14.93 1.12
CA ALA H 183 -28.06 16.07 0.23
C ALA H 183 -29.53 16.27 -0.16
N SER H 184 -30.39 15.35 0.26
CA SER H 184 -31.82 15.25 -0.01
C SER H 184 -32.34 14.12 0.85
N LEU H 185 -33.54 14.28 1.38
CA LEU H 185 -34.13 13.22 2.19
C LEU H 185 -35.11 12.37 1.42
N ASP H 186 -35.26 12.62 0.12
CA ASP H 186 -36.09 11.78 -0.73
C ASP H 186 -35.53 10.37 -0.81
N ALA H 187 -36.44 9.39 -0.90
CA ALA H 187 -36.09 7.98 -0.92
C ALA H 187 -35.30 7.57 -2.15
N ALA H 188 -35.34 8.34 -3.24
CA ALA H 188 -34.47 8.10 -4.37
C ALA H 188 -33.01 8.26 -4.02
N VAL H 189 -32.69 9.11 -3.05
CA VAL H 189 -31.32 9.35 -2.64
C VAL H 189 -30.94 8.56 -1.39
N THR H 190 -31.80 8.59 -0.37
CA THR H 190 -31.48 7.93 0.90
C THR H 190 -31.55 6.42 0.79
N ARG H 191 -32.39 5.93 -0.13
CA ARG H 191 -32.72 4.51 -0.32
C ARG H 191 -33.24 3.88 0.98
N GLY H 192 -33.98 4.66 1.77
CA GLY H 192 -34.50 4.19 3.04
C GLY H 192 -33.44 3.94 4.09
N ARG H 193 -32.42 4.77 4.15
CA ARG H 193 -31.39 4.64 5.17
C ARG H 193 -31.36 5.91 6.02
N ILE H 194 -31.11 5.73 7.32
CA ILE H 194 -31.01 6.86 8.23
C ILE H 194 -29.64 7.52 8.12
N THR H 195 -28.58 6.74 8.30
CA THR H 195 -27.22 7.26 8.24
C THR H 195 -26.49 6.90 6.96
N GLY H 196 -26.91 5.86 6.25
CA GLY H 196 -26.17 5.36 5.11
C GLY H 196 -24.83 4.77 5.48
N THR H 197 -24.73 4.13 6.63
CA THR H 197 -23.46 3.78 7.26
C THR H 197 -23.75 2.68 8.28
N THR H 198 -22.84 1.71 8.38
CA THR H 198 -23.00 0.67 9.40
C THR H 198 -22.61 1.21 10.77
N THR H 199 -22.83 0.38 11.79
CA THR H 199 -22.50 0.76 13.16
C THR H 199 -20.99 0.89 13.35
N ALA H 200 -20.22 -0.01 12.75
CA ALA H 200 -18.77 0.03 12.90
C ALA H 200 -18.16 1.20 12.14
N GLU H 201 -18.74 1.58 11.00
CA GLU H 201 -18.25 2.72 10.25
C GLU H 201 -18.63 4.06 10.88
N ALA H 202 -19.53 4.07 11.86
CA ALA H 202 -19.99 5.30 12.49
C ALA H 202 -19.35 5.56 13.84
N VAL H 203 -18.41 4.73 14.26
CA VAL H 203 -17.78 4.89 15.57
C VAL H 203 -16.84 6.10 15.55
N VAL H 204 -17.03 7.00 16.50
CA VAL H 204 -16.25 8.23 16.61
C VAL H 204 -15.09 7.99 17.57
N THR H 205 -13.87 8.32 17.14
CA THR H 205 -12.72 8.37 18.01
C THR H 205 -11.92 9.63 17.74
N LEU H 206 -11.36 10.19 18.81
CA LEU H 206 -10.41 11.29 18.69
C LEU H 206 -9.02 10.69 18.61
N PRO H 207 -8.33 10.77 17.47
CA PRO H 207 -7.10 9.99 17.24
C PRO H 207 -5.97 10.39 18.17
N PRO H 208 -5.19 9.43 18.66
CA PRO H 208 -4.26 9.69 19.77
C PRO H 208 -3.05 10.47 19.31
N PRO H 209 -2.42 11.24 20.21
CA PRO H 209 -1.16 11.92 19.87
C PRO H 209 0.00 10.94 19.75
N ALA I 1 25.14 46.94 -22.29
CA ALA I 1 23.97 46.28 -21.69
C ALA I 1 22.80 47.24 -21.59
N SER I 2 21.81 47.04 -22.44
CA SER I 2 20.64 47.90 -22.50
C SER I 2 19.40 47.02 -22.62
N GLY I 3 18.24 47.66 -22.73
CA GLY I 3 16.99 46.93 -22.82
C GLY I 3 16.69 46.23 -21.51
N LEU I 4 16.34 44.95 -21.59
CA LEU I 4 16.11 44.16 -20.39
C LEU I 4 17.39 43.66 -19.73
N PHE I 5 18.55 43.96 -20.30
CA PHE I 5 19.83 43.55 -19.74
C PHE I 5 20.55 44.67 -19.00
N THR I 6 19.85 45.77 -18.72
CA THR I 6 20.46 46.92 -18.05
C THR I 6 20.78 46.59 -16.60
N ILE I 7 21.99 46.94 -16.17
CA ILE I 7 22.45 46.69 -14.80
C ILE I 7 22.09 47.91 -13.96
N PRO I 8 21.35 47.74 -12.85
CA PRO I 8 21.11 48.88 -11.96
C PRO I 8 22.38 49.29 -11.23
N ASP I 9 22.46 50.60 -10.94
CA ASP I 9 23.73 51.21 -10.57
C ASP I 9 23.78 51.79 -9.16
N GLY I 10 22.64 51.99 -8.51
CA GLY I 10 22.59 52.62 -7.21
C GLY I 10 21.78 53.88 -7.15
N ASP I 11 21.68 54.62 -8.26
CA ASP I 11 20.70 55.71 -8.36
C ASP I 11 19.27 55.19 -8.28
N PHE I 12 19.02 53.98 -8.80
CA PHE I 12 17.66 53.45 -8.78
C PHE I 12 17.24 53.05 -7.37
N PHE I 13 18.16 52.47 -6.59
CA PHE I 13 17.79 51.95 -5.28
C PHE I 13 17.55 53.07 -4.26
N SER I 14 18.21 54.21 -4.42
CA SER I 14 18.08 55.33 -3.49
C SER I 14 16.91 56.25 -3.82
N THR I 15 16.40 56.20 -5.04
CA THR I 15 15.37 57.12 -5.50
C THR I 15 14.01 56.47 -5.68
N ALA I 16 13.96 55.32 -6.34
CA ALA I 16 12.69 54.67 -6.64
C ALA I 16 12.08 54.07 -5.39
N ARG I 17 10.79 54.32 -5.21
CA ARG I 17 10.01 53.73 -4.13
C ARG I 17 8.88 52.96 -4.76
N ALA I 18 8.82 51.66 -4.49
CA ALA I 18 7.75 50.82 -5.05
C ALA I 18 6.48 51.02 -4.23
N ILE I 19 5.40 51.40 -4.90
CA ILE I 19 4.09 51.40 -4.26
C ILE I 19 3.63 49.96 -4.11
N VAL I 20 3.41 49.54 -2.88
CA VAL I 20 3.12 48.14 -2.60
C VAL I 20 1.65 47.87 -2.96
N ALA I 21 1.42 46.82 -3.73
CA ALA I 21 0.09 46.34 -4.04
C ALA I 21 0.03 44.85 -3.76
N SER I 22 -1.10 44.39 -3.24
CA SER I 22 -1.29 43.01 -2.86
C SER I 22 -2.63 42.53 -3.38
N ASN I 23 -2.69 41.27 -3.82
CA ASN I 23 -3.95 40.70 -4.30
C ASN I 23 -4.72 40.00 -3.18
N ALA I 24 -4.19 39.97 -1.97
CA ALA I 24 -4.92 39.53 -0.79
C ALA I 24 -5.64 40.66 -0.09
N VAL I 25 -5.36 41.90 -0.50
CA VAL I 25 -5.95 43.10 0.06
C VAL I 25 -6.79 43.73 -1.04
N ALA I 26 -7.90 44.37 -0.66
CA ALA I 26 -8.74 45.09 -1.61
C ALA I 26 -7.97 46.21 -2.29
N THR I 27 -8.05 46.24 -3.62
CA THR I 27 -7.23 47.13 -4.42
C THR I 27 -7.81 48.54 -4.41
N ASN I 28 -7.07 49.48 -5.01
CA ASN I 28 -7.55 50.86 -5.11
C ASN I 28 -8.72 50.96 -6.09
N GLU I 29 -8.74 50.13 -7.13
CA GLU I 29 -9.89 50.08 -8.01
C GLU I 29 -11.08 49.42 -7.33
N ASP I 30 -10.82 48.43 -6.45
CA ASP I 30 -11.88 47.83 -5.65
C ASP I 30 -12.53 48.86 -4.74
N LEU I 31 -11.71 49.65 -4.03
CA LEU I 31 -12.23 50.58 -3.03
C LEU I 31 -12.97 51.75 -3.65
N SER I 32 -12.58 52.17 -4.86
CA SER I 32 -13.33 53.21 -5.55
C SER I 32 -14.70 52.73 -5.99
N LYS I 33 -14.82 51.44 -6.32
CA LYS I 33 -16.13 50.89 -6.65
C LYS I 33 -17.01 50.71 -5.43
N ILE I 34 -16.42 50.49 -4.24
CA ILE I 34 -17.22 50.42 -3.02
C ILE I 34 -17.84 51.78 -2.72
N GLU I 35 -17.05 52.85 -2.87
CA GLU I 35 -17.50 54.20 -2.55
C GLU I 35 -18.67 54.63 -3.44
N ALA I 36 -18.62 54.26 -4.72
CA ALA I 36 -19.68 54.64 -5.65
C ALA I 36 -20.99 53.94 -5.30
N ILE I 37 -20.92 52.69 -4.83
CA ILE I 37 -22.13 52.00 -4.40
C ILE I 37 -22.59 52.51 -3.04
N TRP I 38 -21.65 52.82 -2.15
CA TRP I 38 -22.01 53.25 -0.79
C TRP I 38 -22.61 54.64 -0.78
N LYS I 39 -22.09 55.55 -1.60
CA LYS I 39 -22.68 56.89 -1.67
C LYS I 39 -24.02 56.90 -2.40
N ASP I 40 -24.27 55.91 -3.26
CA ASP I 40 -25.53 55.81 -3.96
C ASP I 40 -26.62 55.23 -3.06
N MET I 41 -26.26 54.40 -2.09
CA MET I 41 -27.18 54.00 -1.03
C MET I 41 -27.09 54.92 0.18
N LYS I 42 -26.52 56.12 -0.01
CA LYS I 42 -26.56 57.24 0.93
C LYS I 42 -25.82 56.93 2.24
N VAL I 43 -24.57 56.49 2.12
CA VAL I 43 -23.63 56.50 3.23
C VAL I 43 -23.00 57.89 3.22
N PRO I 44 -22.90 58.57 4.37
CA PRO I 44 -22.29 59.91 4.39
C PRO I 44 -20.81 59.85 4.05
N THR I 45 -20.40 60.67 3.08
CA THR I 45 -19.01 60.69 2.64
C THR I 45 -18.10 61.33 3.68
N ASP I 46 -18.65 62.06 4.64
CA ASP I 46 -17.88 62.61 5.76
C ASP I 46 -17.48 61.54 6.78
N THR I 47 -18.24 60.44 6.89
CA THR I 47 -17.88 59.32 7.74
C THR I 47 -17.83 58.01 6.94
N MET I 48 -17.37 58.07 5.70
CA MET I 48 -17.28 56.86 4.88
C MET I 48 -16.22 55.91 5.41
N ALA I 49 -15.09 56.45 5.90
CA ALA I 49 -14.03 55.61 6.43
C ALA I 49 -14.41 54.99 7.77
N GLN I 50 -15.09 55.75 8.62
CA GLN I 50 -15.48 55.24 9.93
C GLN I 50 -16.55 54.17 9.80
N ALA I 51 -17.39 54.24 8.76
CA ALA I 51 -18.33 53.16 8.50
C ALA I 51 -17.62 51.90 8.05
N ALA I 52 -16.47 52.04 7.37
CA ALA I 52 -15.69 50.88 6.99
C ALA I 52 -14.97 50.28 8.19
N TRP I 53 -14.39 51.13 9.05
CA TRP I 53 -13.67 50.65 10.22
C TRP I 53 -14.62 50.00 11.22
N ASP I 54 -15.85 50.49 11.31
CA ASP I 54 -16.85 49.87 12.17
C ASP I 54 -17.28 48.52 11.62
N LEU I 55 -17.38 48.39 10.30
CA LEU I 55 -17.79 47.13 9.70
C LEU I 55 -16.71 46.07 9.85
N VAL I 56 -15.44 46.46 9.69
CA VAL I 56 -14.34 45.50 9.78
C VAL I 56 -14.10 45.10 11.23
N ARG I 57 -14.29 46.03 12.18
CA ARG I 57 -14.22 45.70 13.59
C ARG I 57 -15.31 44.71 13.99
N HIS I 58 -16.51 44.87 13.45
CA HIS I 58 -17.56 43.86 13.65
C HIS I 58 -17.20 42.55 12.96
N CYS I 59 -16.53 42.61 11.82
CA CYS I 59 -16.02 41.42 11.15
C CYS I 59 -14.84 40.78 11.84
N ALA I 60 -14.31 41.35 12.91
CA ALA I 60 -13.36 40.63 13.74
C ALA I 60 -14.02 39.83 14.84
N ASP I 61 -15.26 40.19 15.21
CA ASP I 61 -16.03 39.43 16.19
C ASP I 61 -16.72 38.23 15.56
N VAL I 62 -17.20 38.40 14.33
CA VAL I 62 -17.80 37.35 13.53
C VAL I 62 -16.78 37.10 12.42
N GLY I 63 -17.06 36.20 11.49
CA GLY I 63 -16.10 35.95 10.44
C GLY I 63 -16.10 37.03 9.36
N SER I 64 -15.21 36.84 8.38
CA SER I 64 -15.26 37.60 7.14
C SER I 64 -15.56 36.68 5.95
N SER I 65 -16.20 35.55 6.21
CA SER I 65 -16.69 34.67 5.17
C SER I 65 -17.79 35.35 4.36
N ALA I 66 -17.97 34.89 3.13
CA ALA I 66 -19.06 35.39 2.29
C ALA I 66 -20.42 34.96 2.81
N GLN I 67 -20.49 33.90 3.62
CA GLN I 67 -21.73 33.42 4.20
C GLN I 67 -22.06 34.07 5.54
N THR I 68 -21.21 34.95 6.06
CA THR I 68 -21.40 35.50 7.40
C THR I 68 -22.57 36.47 7.45
N GLU I 69 -23.42 36.29 8.45
CA GLU I 69 -24.50 37.23 8.71
C GLU I 69 -23.97 38.40 9.54
N MET I 70 -23.97 39.60 8.96
CA MET I 70 -23.72 40.79 9.73
C MET I 70 -24.94 41.13 10.57
N ILE I 71 -24.71 41.69 11.76
CA ILE I 71 -25.77 41.73 12.75
C ILE I 71 -26.50 43.07 12.79
N ASP I 72 -25.78 44.16 13.06
CA ASP I 72 -26.46 45.40 13.45
C ASP I 72 -26.09 46.56 12.55
N THR I 73 -26.37 47.77 13.01
CA THR I 73 -26.03 48.99 12.31
C THR I 73 -25.01 49.77 13.13
N GLY I 74 -23.94 50.21 12.50
CA GLY I 74 -22.98 51.08 13.14
C GLY I 74 -23.47 52.50 13.24
N PRO I 75 -22.73 53.33 13.95
CA PRO I 75 -23.14 54.72 14.16
C PRO I 75 -22.67 55.71 13.10
N TYR I 76 -21.93 55.27 12.09
CA TYR I 76 -21.35 56.19 11.10
C TYR I 76 -22.03 56.14 9.74
N SER I 77 -22.98 55.25 9.54
CA SER I 77 -23.83 55.32 8.36
C SER I 77 -25.01 56.24 8.66
N ASN I 78 -25.90 56.39 7.69
CA ASN I 78 -27.21 56.98 7.97
C ASN I 78 -28.24 55.87 8.15
N GLY I 79 -27.97 55.00 9.13
CA GLY I 79 -28.82 53.88 9.42
C GLY I 79 -28.73 52.73 8.43
N ILE I 80 -27.72 52.72 7.56
CA ILE I 80 -27.52 51.59 6.66
C ILE I 80 -26.92 50.45 7.48
N SER I 81 -27.57 49.29 7.44
CA SER I 81 -27.13 48.15 8.22
C SER I 81 -25.81 47.60 7.69
N ARG I 82 -25.10 46.90 8.57
CA ARG I 82 -23.81 46.32 8.19
C ARG I 82 -23.97 45.20 7.17
N ALA I 83 -25.13 44.53 7.16
CA ALA I 83 -25.38 43.51 6.14
C ALA I 83 -25.54 44.12 4.76
N ARG I 84 -26.09 45.33 4.67
CA ARG I 84 -26.21 45.98 3.37
C ARG I 84 -24.89 46.55 2.91
N LEU I 85 -24.05 47.04 3.84
CA LEU I 85 -22.70 47.48 3.48
C LEU I 85 -21.84 46.30 3.02
N ALA I 86 -21.98 45.15 3.67
CA ALA I 86 -21.19 43.99 3.29
C ALA I 86 -21.67 43.38 1.98
N ALA I 87 -22.97 43.46 1.70
CA ALA I 87 -23.49 42.93 0.44
C ALA I 87 -23.03 43.78 -0.74
N ALA I 88 -22.84 45.08 -0.53
CA ALA I 88 -22.28 45.93 -1.57
C ALA I 88 -20.82 45.62 -1.82
N ILE I 89 -20.07 45.25 -0.77
CA ILE I 89 -18.66 44.92 -0.91
C ILE I 89 -18.49 43.63 -1.70
N LYS I 90 -19.34 42.63 -1.43
CA LYS I 90 -19.22 41.33 -2.06
C LYS I 90 -19.59 41.35 -3.54
N GLU I 91 -20.15 42.45 -4.04
CA GLU I 91 -20.29 42.62 -5.48
C GLU I 91 -18.99 43.01 -6.16
N VAL I 92 -18.00 43.50 -5.42
CA VAL I 92 -16.76 44.01 -5.99
C VAL I 92 -15.58 43.10 -5.67
N CYS I 93 -15.30 42.89 -4.38
CA CYS I 93 -14.22 42.01 -3.94
C CYS I 93 -14.77 41.08 -2.88
N THR I 94 -13.93 40.27 -2.25
CA THR I 94 -14.43 39.50 -1.12
C THR I 94 -14.46 40.37 0.13
N LEU I 95 -15.30 39.95 1.09
CA LEU I 95 -15.35 40.62 2.38
C LEU I 95 -14.03 40.48 3.12
N ARG I 96 -13.35 39.34 2.97
CA ARG I 96 -12.07 39.13 3.62
C ARG I 96 -11.00 40.06 3.07
N GLN I 97 -11.01 40.31 1.76
CA GLN I 97 -10.05 41.22 1.15
C GLN I 97 -10.28 42.66 1.60
N PHE I 98 -11.54 43.06 1.78
CA PHE I 98 -11.85 44.38 2.32
C PHE I 98 -11.38 44.51 3.77
N CYS I 99 -11.57 43.46 4.56
CA CYS I 99 -11.19 43.50 5.95
C CYS I 99 -9.68 43.46 6.15
N MET I 100 -8.97 42.81 5.23
CA MET I 100 -7.50 42.82 5.26
C MET I 100 -6.95 44.23 5.07
N LYS I 101 -7.65 45.08 4.32
CA LYS I 101 -7.23 46.46 4.09
C LYS I 101 -7.23 47.27 5.38
N TYR I 102 -8.10 46.94 6.32
CA TYR I 102 -8.23 47.70 7.55
C TYR I 102 -7.79 46.91 8.77
N ALA I 103 -7.03 45.83 8.57
CA ALA I 103 -6.54 45.03 9.68
C ALA I 103 -5.62 45.76 10.67
N PRO I 104 -4.69 46.66 10.29
CA PRO I 104 -3.97 47.40 11.33
C PRO I 104 -4.84 48.38 12.10
N VAL I 105 -5.89 48.91 11.48
CA VAL I 105 -6.79 49.82 12.18
C VAL I 105 -7.56 49.08 13.26
N VAL I 106 -8.09 47.91 12.93
CA VAL I 106 -8.84 47.10 13.89
C VAL I 106 -7.91 46.54 14.96
N TRP I 107 -6.67 46.23 14.60
CA TRP I 107 -5.69 45.75 15.58
C TRP I 107 -5.35 46.82 16.61
N ASN I 108 -5.18 48.07 16.17
CA ASN I 108 -4.93 49.16 17.10
C ASN I 108 -6.15 49.48 17.94
N TRP I 109 -7.34 49.42 17.32
CA TRP I 109 -8.58 49.69 18.02
C TRP I 109 -8.83 48.67 19.13
N MET I 110 -8.57 47.39 18.86
CA MET I 110 -8.77 46.36 19.87
C MET I 110 -7.74 46.45 20.98
N LEU I 111 -6.50 46.81 20.65
CA LEU I 111 -5.47 46.91 21.68
C LEU I 111 -5.62 48.17 22.52
N THR I 112 -6.20 49.23 21.96
CA THR I 112 -6.46 50.43 22.75
C THR I 112 -7.55 50.19 23.79
N ASN I 113 -8.63 49.54 23.38
CA ASN I 113 -9.77 49.33 24.26
C ASN I 113 -9.67 48.08 25.10
N ASN I 114 -8.61 47.29 24.92
CA ASN I 114 -8.42 45.98 25.56
C ASN I 114 -9.62 45.07 25.28
N SER I 115 -10.08 45.09 24.04
CA SER I 115 -11.31 44.37 23.67
C SER I 115 -10.96 43.35 22.59
N PRO I 116 -10.77 42.09 22.95
CA PRO I 116 -10.35 41.06 21.98
C PRO I 116 -11.48 40.71 21.03
N PRO I 117 -11.21 39.92 19.98
CA PRO I 117 -12.33 39.35 19.20
C PRO I 117 -13.25 38.52 20.07
N ALA I 118 -14.55 38.64 19.78
CA ALA I 118 -15.59 38.30 20.74
C ALA I 118 -15.67 36.79 21.02
N ASN I 119 -15.43 35.98 20.01
CA ASN I 119 -15.57 34.53 20.12
C ASN I 119 -14.23 33.83 20.18
N TRP I 120 -13.24 34.44 20.86
CA TRP I 120 -11.90 33.86 20.96
C TRP I 120 -11.91 32.54 21.70
N GLN I 121 -12.78 32.39 22.71
CA GLN I 121 -12.83 31.15 23.46
C GLN I 121 -13.47 30.03 22.64
N ALA I 122 -14.51 30.35 21.88
CA ALA I 122 -15.15 29.36 21.01
C ALA I 122 -14.22 28.91 19.89
N GLN I 123 -13.32 29.78 19.46
CA GLN I 123 -12.33 29.43 18.45
C GLN I 123 -11.20 28.56 18.99
N GLY I 124 -11.12 28.36 20.31
CA GLY I 124 -10.09 27.53 20.87
C GLY I 124 -8.80 28.23 21.18
N PHE I 125 -8.79 29.55 21.23
CA PHE I 125 -7.59 30.29 21.56
C PHE I 125 -7.34 30.27 23.06
N LYS I 126 -6.08 30.16 23.44
CA LYS I 126 -5.69 30.42 24.81
C LYS I 126 -5.87 31.91 25.12
N PRO I 127 -6.11 32.27 26.39
CA PRO I 127 -6.30 33.70 26.73
C PRO I 127 -5.10 34.58 26.44
N GLU I 128 -3.88 34.05 26.48
CA GLU I 128 -2.72 34.85 26.16
C GLU I 128 -2.52 35.07 24.67
N HIS I 129 -3.31 34.43 23.81
CA HIS I 129 -3.22 34.64 22.37
C HIS I 129 -4.52 35.17 21.78
N LYS I 130 -5.45 35.64 22.60
CA LYS I 130 -6.81 35.89 22.15
C LYS I 130 -6.93 37.11 21.24
N PHE I 131 -5.93 37.99 21.21
CA PHE I 131 -6.03 39.14 20.32
C PHE I 131 -5.75 38.79 18.86
N ALA I 132 -5.18 37.62 18.59
CA ALA I 132 -5.00 37.13 17.24
C ALA I 132 -6.19 36.32 16.74
N ALA I 133 -7.28 36.26 17.50
CA ALA I 133 -8.39 35.35 17.21
C ALA I 133 -9.41 35.94 16.25
N PHE I 134 -8.93 36.49 15.16
CA PHE I 134 -9.80 36.89 14.08
C PHE I 134 -9.15 36.39 12.80
N ASP I 135 -9.96 36.07 11.80
CA ASP I 135 -9.39 35.90 10.47
C ASP I 135 -8.97 37.28 9.97
N PHE I 136 -8.33 37.35 8.81
CA PHE I 136 -7.66 38.58 8.29
C PHE I 136 -6.66 39.21 9.28
N PHE I 137 -6.22 38.47 10.31
CA PHE I 137 -5.12 38.87 11.18
C PHE I 137 -3.79 38.88 10.44
N ASN I 138 -3.68 38.14 9.32
CA ASN I 138 -2.48 38.16 8.49
C ASN I 138 -2.22 39.54 7.90
N GLY I 139 -3.25 40.36 7.72
CA GLY I 139 -3.08 41.67 7.16
C GLY I 139 -2.57 42.76 8.06
N VAL I 140 -2.22 42.47 9.33
CA VAL I 140 -1.84 43.55 10.23
C VAL I 140 -0.42 44.05 9.93
N THR I 141 0.44 43.23 9.34
CA THR I 141 1.76 43.67 8.91
C THR I 141 1.89 43.74 7.40
N ASN I 142 0.80 43.59 6.66
CA ASN I 142 0.82 43.79 5.23
C ASN I 142 0.89 45.28 4.92
N PRO I 143 1.91 45.75 4.19
CA PRO I 143 2.03 47.19 3.91
C PRO I 143 1.00 47.72 2.93
N ALA I 144 0.29 46.87 2.21
CA ALA I 144 -0.79 47.34 1.35
C ALA I 144 -2.03 47.76 2.14
N ALA I 145 -2.12 47.40 3.41
CA ALA I 145 -3.25 47.75 4.25
C ALA I 145 -3.10 49.16 4.82
N ILE I 146 -4.21 49.71 5.29
CA ILE I 146 -4.21 51.03 5.90
C ILE I 146 -3.48 50.99 7.23
N MET I 147 -2.37 51.68 7.31
CA MET I 147 -1.64 51.82 8.56
C MET I 147 -2.04 53.12 9.21
N PRO I 148 -2.37 53.13 10.51
CA PRO I 148 -2.64 54.40 11.19
C PRO I 148 -1.40 55.25 11.32
N LYS I 149 -1.64 56.54 11.59
CA LYS I 149 -0.62 57.57 11.43
C LYS I 149 0.56 57.39 12.39
N GLU I 150 0.28 57.02 13.64
CA GLU I 150 1.35 56.86 14.61
C GLU I 150 1.81 55.42 14.76
N GLY I 151 1.28 54.49 13.96
CA GLY I 151 1.74 53.12 13.95
C GLY I 151 1.00 52.22 14.92
N LEU I 152 1.38 50.95 14.89
CA LEU I 152 0.81 49.97 15.80
C LEU I 152 1.30 50.21 17.21
N ILE I 153 0.39 50.05 18.17
CA ILE I 153 0.73 50.13 19.59
C ILE I 153 1.74 49.04 19.94
N ARG I 154 1.50 47.84 19.43
CA ARG I 154 2.25 46.67 19.75
C ARG I 154 2.23 45.86 18.46
N PRO I 155 3.37 45.36 18.00
CA PRO I 155 3.34 44.38 16.93
C PRO I 155 2.82 43.06 17.44
N PRO I 156 2.31 42.19 16.57
CA PRO I 156 1.93 40.84 17.01
C PRO I 156 3.15 40.04 17.43
N SER I 157 3.04 39.37 18.57
CA SER I 157 4.14 38.54 19.04
C SER I 157 4.23 37.27 18.19
N GLU I 158 5.35 36.56 18.37
CA GLU I 158 5.57 35.30 17.65
C GLU I 158 4.58 34.24 18.09
N ALA I 159 4.22 34.21 19.37
CA ALA I 159 3.24 33.27 19.86
C ALA I 159 1.84 33.57 19.33
N GLU I 160 1.51 34.84 19.12
CA GLU I 160 0.23 35.20 18.52
C GLU I 160 0.19 34.79 17.05
N MET I 161 1.29 34.97 16.34
CA MET I 161 1.37 34.53 14.95
C MET I 161 1.31 33.01 14.84
N ASN I 162 1.91 32.30 15.80
CA ASN I 162 1.84 30.84 15.84
C ASN I 162 0.41 30.37 16.05
N ALA I 163 -0.30 30.97 17.01
CA ALA I 163 -1.68 30.59 17.30
C ALA I 163 -2.61 30.88 16.14
N ALA I 164 -2.35 31.97 15.40
CA ALA I 164 -3.21 32.32 14.28
C ALA I 164 -3.03 31.37 13.11
N GLN I 165 -1.79 30.94 12.86
CA GLN I 165 -1.53 29.98 11.79
C GLN I 165 -2.14 28.62 12.11
N THR I 166 -2.10 28.21 13.38
CA THR I 166 -2.70 26.95 13.78
C THR I 166 -4.22 27.02 13.67
N ALA I 167 -4.82 28.12 14.11
CA ALA I 167 -6.26 28.29 13.99
C ALA I 167 -6.70 28.41 12.54
N ALA I 168 -5.85 28.99 11.68
CA ALA I 168 -6.16 29.05 10.27
C ALA I 168 -6.14 27.66 9.65
N PHE I 169 -5.23 26.79 10.09
CA PHE I 169 -5.23 25.41 9.64
C PHE I 169 -6.51 24.70 10.05
N VAL I 170 -6.92 24.84 11.31
CA VAL I 170 -8.06 24.11 11.85
C VAL I 170 -9.35 24.56 11.17
N LYS I 171 -9.55 25.87 11.03
CA LYS I 171 -10.80 26.38 10.48
C LYS I 171 -10.93 26.10 8.98
N ILE I 172 -9.84 26.20 8.24
CA ILE I 172 -9.90 25.97 6.79
C ILE I 172 -10.04 24.48 6.49
N THR I 173 -9.33 23.62 7.22
CA THR I 173 -9.42 22.18 6.98
C THR I 173 -10.78 21.62 7.38
N LYS I 174 -11.37 22.16 8.46
CA LYS I 174 -12.73 21.77 8.83
C LYS I 174 -13.74 22.22 7.79
N ALA I 175 -13.54 23.39 7.19
CA ALA I 175 -14.44 23.85 6.14
C ALA I 175 -14.27 23.03 4.86
N ARG I 176 -13.05 22.58 4.58
CA ARG I 176 -12.85 21.70 3.42
C ARG I 176 -13.43 20.32 3.65
N ALA I 177 -13.39 19.83 4.89
CA ALA I 177 -13.94 18.53 5.21
C ALA I 177 -15.47 18.50 5.14
N GLN I 178 -16.12 19.66 5.24
CA GLN I 178 -17.55 19.76 4.99
C GLN I 178 -17.88 19.98 3.53
N SER I 179 -16.89 20.29 2.70
CA SER I 179 -17.04 20.39 1.27
C SER I 179 -16.79 19.00 0.66
N ASN I 180 -16.60 18.93 -0.65
CA ASN I 180 -16.37 17.66 -1.31
C ASN I 180 -15.24 17.81 -2.32
N ASP I 181 -14.96 16.71 -3.02
CA ASP I 181 -13.93 16.63 -4.05
C ASP I 181 -14.54 16.36 -5.43
N PHE I 182 -15.73 16.86 -5.69
CA PHE I 182 -16.57 16.27 -6.72
C PHE I 182 -16.44 16.86 -8.12
N ALA I 183 -15.70 17.93 -8.35
CA ALA I 183 -15.38 18.47 -9.69
C ALA I 183 -16.58 18.93 -10.54
N SER I 184 -17.79 18.74 -10.03
CA SER I 184 -19.08 19.01 -10.63
C SER I 184 -20.12 18.76 -9.55
N LEU I 185 -21.15 19.57 -9.52
CA LEU I 185 -22.21 19.38 -8.54
C LEU I 185 -23.41 18.65 -9.11
N ASP I 186 -23.34 18.22 -10.37
CA ASP I 186 -24.39 17.41 -10.96
C ASP I 186 -24.51 16.07 -10.25
N ALA I 187 -25.75 15.59 -10.16
CA ALA I 187 -26.08 14.35 -9.45
C ALA I 187 -25.45 13.11 -10.09
N ALA I 188 -25.07 13.17 -11.36
CA ALA I 188 -24.32 12.08 -11.98
C ALA I 188 -22.97 11.88 -11.31
N VAL I 189 -22.38 12.94 -10.77
CA VAL I 189 -21.07 12.86 -10.13
C VAL I 189 -21.19 12.77 -8.61
N THR I 190 -22.01 13.63 -8.01
CA THR I 190 -22.12 13.66 -6.55
C THR I 190 -22.85 12.45 -6.01
N ARG I 191 -23.75 11.88 -6.81
CA ARG I 191 -24.66 10.80 -6.44
C ARG I 191 -25.51 11.16 -5.22
N GLY I 192 -25.88 12.43 -5.11
CA GLY I 192 -26.64 12.90 -3.97
C GLY I 192 -25.90 12.90 -2.66
N ARG I 193 -24.62 13.22 -2.67
CA ARG I 193 -23.83 13.29 -1.44
C ARG I 193 -23.30 14.71 -1.26
N ILE I 194 -23.25 15.16 0.00
CA ILE I 194 -22.73 16.48 0.29
C ILE I 194 -21.21 16.47 0.31
N THR I 195 -20.63 15.58 1.12
CA THR I 195 -19.17 15.48 1.23
C THR I 195 -18.59 14.28 0.51
N GLY I 196 -19.38 13.25 0.25
CA GLY I 196 -18.86 12.01 -0.29
C GLY I 196 -17.95 11.27 0.66
N THR I 197 -18.24 11.34 1.97
CA THR I 197 -17.31 10.96 3.01
C THR I 197 -18.13 10.72 4.28
N THR I 198 -17.77 9.69 5.06
CA THR I 198 -18.44 9.48 6.34
C THR I 198 -17.96 10.48 7.39
N THR I 199 -18.60 10.44 8.54
CA THR I 199 -18.24 11.34 9.64
C THR I 199 -16.86 11.01 10.18
N ALA I 200 -16.53 9.72 10.30
CA ALA I 200 -15.23 9.34 10.83
C ALA I 200 -14.10 9.64 9.85
N GLU I 201 -14.36 9.55 8.55
CA GLU I 201 -13.36 9.88 7.54
C GLU I 201 -13.16 11.38 7.37
N ALA I 202 -14.01 12.20 7.95
CA ALA I 202 -13.93 13.65 7.81
C ALA I 202 -13.34 14.34 9.03
N VAL I 203 -12.90 13.59 10.03
CA VAL I 203 -12.37 14.17 11.25
C VAL I 203 -10.99 14.77 10.98
N VAL I 204 -10.82 16.03 11.35
CA VAL I 204 -9.59 16.78 11.12
C VAL I 204 -8.74 16.69 12.38
N THR I 205 -7.47 16.30 12.22
CA THR I 205 -6.48 16.39 13.29
C THR I 205 -5.19 16.96 12.73
N LEU I 206 -4.51 17.75 13.56
CA LEU I 206 -3.17 18.22 13.25
C LEU I 206 -2.19 17.22 13.85
N PRO I 207 -1.46 16.46 13.04
CA PRO I 207 -0.69 15.30 13.56
C PRO I 207 0.42 15.70 14.49
N PRO I 208 0.65 14.94 15.56
CA PRO I 208 1.52 15.40 16.66
C PRO I 208 2.98 15.35 16.28
N PRO I 209 3.82 16.19 16.89
CA PRO I 209 5.27 16.12 16.67
C PRO I 209 5.88 14.88 17.33
N ALA J 1 47.55 12.29 -26.83
CA ALA J 1 46.18 12.49 -26.36
C ALA J 1 45.57 13.71 -27.05
N SER J 2 44.64 13.45 -27.97
CA SER J 2 43.98 14.50 -28.74
C SER J 2 42.50 14.18 -28.82
N GLY J 3 41.77 15.03 -29.52
CA GLY J 3 40.33 14.84 -29.65
C GLY J 3 39.66 15.10 -28.32
N LEU J 4 38.77 14.18 -27.93
CA LEU J 4 38.12 14.26 -26.63
C LEU J 4 38.99 13.77 -25.48
N PHE J 5 40.20 13.29 -25.75
CA PHE J 5 41.12 12.82 -24.73
C PHE J 5 42.20 13.83 -24.38
N THR J 6 42.05 15.07 -24.82
CA THR J 6 43.06 16.11 -24.58
C THR J 6 43.09 16.50 -23.10
N ILE J 7 44.28 16.57 -22.54
CA ILE J 7 44.48 16.93 -21.13
C ILE J 7 44.65 18.45 -21.05
N PRO J 8 43.83 19.14 -20.25
CA PRO J 8 44.05 20.58 -20.05
C PRO J 8 45.31 20.85 -19.25
N ASP J 9 45.95 21.97 -19.55
CA ASP J 9 47.33 22.20 -19.13
C ASP J 9 47.53 23.38 -18.18
N GLY J 10 46.55 24.26 -18.03
CA GLY J 10 46.69 25.45 -17.21
C GLY J 10 46.53 26.75 -17.96
N ASP J 11 46.87 26.79 -19.26
CA ASP J 11 46.48 27.92 -20.10
C ASP J 11 44.97 28.05 -20.22
N PHE J 12 44.24 26.93 -20.21
CA PHE J 12 42.79 27.00 -20.34
C PHE J 12 42.13 27.56 -19.10
N PHE J 13 42.64 27.20 -17.92
CA PHE J 13 41.97 27.61 -16.68
C PHE J 13 42.19 29.09 -16.37
N SER J 14 43.30 29.66 -16.82
CA SER J 14 43.61 31.06 -16.56
C SER J 14 43.01 32.01 -17.58
N THR J 15 42.62 31.53 -18.74
CA THR J 15 42.16 32.37 -19.84
C THR J 15 40.67 32.24 -20.09
N ALA J 16 40.15 31.01 -20.17
CA ALA J 16 38.76 30.80 -20.52
C ALA J 16 37.84 31.20 -19.37
N ARG J 17 36.79 31.93 -19.71
CA ARG J 17 35.75 32.30 -18.76
C ARG J 17 34.44 31.76 -19.29
N ALA J 18 33.79 30.92 -18.50
CA ALA J 18 32.52 30.35 -18.92
C ALA J 18 31.41 31.37 -18.68
N ILE J 19 30.66 31.69 -19.74
CA ILE J 19 29.45 32.48 -19.58
C ILE J 19 28.39 31.59 -18.95
N VAL J 20 27.90 31.99 -17.79
CA VAL J 20 26.99 31.15 -17.02
C VAL J 20 25.60 31.26 -17.64
N ALA J 21 24.98 30.12 -17.90
CA ALA J 21 23.60 30.05 -18.35
C ALA J 21 22.86 29.05 -17.47
N SER J 22 21.61 29.36 -17.16
CA SER J 22 20.79 28.55 -16.29
C SER J 22 19.41 28.36 -16.92
N ASN J 23 18.84 27.18 -16.76
CA ASN J 23 17.50 26.93 -17.28
C ASN J 23 16.41 27.22 -16.25
N ALA J 24 16.78 27.66 -15.06
CA ALA J 24 15.83 28.17 -14.06
C ALA J 24 15.65 29.68 -14.18
N VAL J 25 16.48 30.33 -14.99
CA VAL J 25 16.46 31.76 -15.22
C VAL J 25 16.07 31.97 -16.67
N ALA J 26 15.35 33.06 -16.94
CA ALA J 26 14.99 33.41 -18.31
C ALA J 26 16.23 33.66 -19.15
N THR J 27 16.28 33.02 -20.32
CA THR J 27 17.46 33.02 -21.16
C THR J 27 17.57 34.33 -21.93
N ASN J 28 18.70 34.48 -22.63
CA ASN J 28 18.90 35.67 -23.46
C ASN J 28 17.99 35.65 -24.69
N GLU J 29 17.67 34.47 -25.21
CA GLU J 29 16.68 34.37 -26.28
C GLU J 29 15.27 34.64 -25.75
N ASP J 30 15.00 34.24 -24.50
CA ASP J 30 13.73 34.54 -23.86
C ASP J 30 13.54 36.06 -23.73
N LEU J 31 14.57 36.75 -23.23
CA LEU J 31 14.45 38.18 -22.93
C LEU J 31 14.36 39.02 -24.20
N SER J 32 14.99 38.58 -25.29
CA SER J 32 14.84 39.30 -26.55
C SER J 32 13.44 39.17 -27.11
N LYS J 33 12.78 38.04 -26.87
CA LYS J 33 11.40 37.89 -27.29
C LYS J 33 10.44 38.70 -26.43
N ILE J 34 10.76 38.93 -25.16
CA ILE J 34 9.93 39.80 -24.32
C ILE J 34 9.98 41.23 -24.83
N GLU J 35 11.17 41.71 -25.21
CA GLU J 35 11.34 43.09 -25.66
C GLU J 35 10.58 43.36 -26.93
N ALA J 36 10.54 42.39 -27.86
CA ALA J 36 9.83 42.58 -29.11
C ALA J 36 8.33 42.67 -28.90
N ILE J 37 7.80 41.93 -27.92
CA ILE J 37 6.38 42.03 -27.62
C ILE J 37 6.09 43.29 -26.82
N TRP J 38 7.00 43.67 -25.92
CA TRP J 38 6.77 44.82 -25.05
C TRP J 38 6.86 46.13 -25.83
N LYS J 39 7.79 46.23 -26.77
CA LYS J 39 7.88 47.45 -27.58
C LYS J 39 6.74 47.54 -28.60
N ASP J 40 6.14 46.40 -28.97
CA ASP J 40 5.02 46.40 -29.90
C ASP J 40 3.73 46.81 -29.19
N MET J 41 3.61 46.53 -27.90
CA MET J 41 2.53 47.09 -27.09
C MET J 41 2.93 48.41 -26.43
N LYS J 42 3.97 49.05 -26.95
CA LYS J 42 4.39 50.42 -26.65
C LYS J 42 4.80 50.61 -25.20
N VAL J 43 5.73 49.76 -24.75
CA VAL J 43 6.48 50.02 -23.53
C VAL J 43 7.67 50.88 -23.95
N PRO J 44 7.98 51.97 -23.24
CA PRO J 44 9.12 52.81 -23.63
C PRO J 44 10.43 52.08 -23.46
N THR J 45 11.23 52.07 -24.53
CA THR J 45 12.52 51.38 -24.50
C THR J 45 13.55 52.09 -23.63
N ASP J 46 13.30 53.36 -23.29
CA ASP J 46 14.15 54.09 -22.36
C ASP J 46 13.95 53.66 -20.90
N THR J 47 12.78 53.12 -20.57
CA THR J 47 12.53 52.55 -19.24
C THR J 47 12.04 51.11 -19.33
N MET J 48 12.58 50.34 -20.28
CA MET J 48 12.18 48.94 -20.42
C MET J 48 12.66 48.11 -19.25
N ALA J 49 13.86 48.39 -18.73
CA ALA J 49 14.39 47.64 -17.61
C ALA J 49 13.68 47.98 -16.31
N GLN J 50 13.35 49.26 -16.12
CA GLN J 50 12.67 49.68 -14.89
C GLN J 50 11.24 49.16 -14.84
N ALA J 51 10.61 48.96 -16.00
CA ALA J 51 9.31 48.31 -16.04
C ALA J 51 9.41 46.84 -15.66
N ALA J 52 10.54 46.19 -15.96
CA ALA J 52 10.75 44.82 -15.55
C ALA J 52 11.03 44.73 -14.06
N TRP J 53 11.87 45.63 -13.54
CA TRP J 53 12.21 45.62 -12.11
C TRP J 53 10.99 45.95 -11.25
N ASP J 54 10.11 46.82 -11.75
CA ASP J 54 8.88 47.13 -11.04
C ASP J 54 7.92 45.94 -11.04
N LEU J 55 7.88 45.20 -12.14
CA LEU J 55 6.99 44.04 -12.22
C LEU J 55 7.47 42.91 -11.32
N VAL J 56 8.79 42.69 -11.25
CA VAL J 56 9.32 41.61 -10.44
C VAL J 56 9.25 41.96 -8.95
N ARG J 57 9.43 43.25 -8.61
CA ARG J 57 9.23 43.71 -7.24
C ARG J 57 7.79 43.51 -6.79
N HIS J 58 6.83 43.77 -7.67
CA HIS J 58 5.44 43.46 -7.37
C HIS J 58 5.22 41.96 -7.28
N CYS J 59 5.94 41.18 -8.07
CA CYS J 59 5.89 39.73 -7.98
C CYS J 59 6.61 39.17 -6.77
N ALA J 60 7.26 39.99 -5.95
CA ALA J 60 7.73 39.53 -4.65
C ALA J 60 6.68 39.71 -3.56
N ASP J 61 5.72 40.62 -3.77
CA ASP J 61 4.61 40.80 -2.82
C ASP J 61 3.51 39.77 -3.05
N VAL J 62 3.25 39.43 -4.30
CA VAL J 62 2.30 38.40 -4.69
C VAL J 62 3.18 37.29 -5.23
N GLY J 63 2.60 36.20 -5.71
CA GLY J 63 3.43 35.12 -6.22
C GLY J 63 4.00 35.39 -7.61
N SER J 64 4.78 34.43 -8.09
CA SER J 64 5.17 34.39 -9.50
C SER J 64 4.58 33.17 -10.20
N SER J 65 3.48 32.64 -9.67
CA SER J 65 2.73 31.59 -10.31
C SER J 65 2.11 32.08 -11.62
N ALA J 66 1.84 31.15 -12.53
CA ALA J 66 1.16 31.47 -13.76
C ALA J 66 -0.30 31.88 -13.53
N GLN J 67 -0.89 31.50 -12.40
CA GLN J 67 -2.26 31.87 -12.07
C GLN J 67 -2.36 33.19 -11.30
N THR J 68 -1.23 33.84 -11.00
CA THR J 68 -1.25 35.02 -10.15
C THR J 68 -1.88 36.22 -10.88
N GLU J 69 -2.79 36.90 -10.20
CA GLU J 69 -3.34 38.14 -10.71
C GLU J 69 -2.42 39.30 -10.35
N MET J 70 -1.83 39.93 -11.37
CA MET J 70 -1.13 41.19 -11.16
C MET J 70 -2.13 42.31 -10.95
N ILE J 71 -1.77 43.28 -10.12
CA ILE J 71 -2.77 44.20 -9.60
C ILE J 71 -2.82 45.53 -10.36
N ASP J 72 -1.71 46.26 -10.40
CA ASP J 72 -1.79 47.66 -10.81
C ASP J 72 -0.85 47.97 -11.97
N THR J 73 -0.61 49.25 -12.20
CA THR J 73 0.30 49.73 -13.22
C THR J 73 1.48 50.41 -12.56
N GLY J 74 2.69 50.04 -12.98
CA GLY J 74 3.88 50.71 -12.53
C GLY J 74 4.07 52.05 -13.21
N PRO J 75 5.06 52.81 -12.75
CA PRO J 75 5.30 54.15 -13.30
C PRO J 75 6.24 54.20 -14.50
N TYR J 76 6.78 53.07 -14.96
CA TYR J 76 7.77 53.07 -16.02
C TYR J 76 7.25 52.57 -17.36
N SER J 77 6.02 52.10 -17.42
CA SER J 77 5.38 51.83 -18.70
C SER J 77 4.73 53.12 -19.20
N ASN J 78 4.07 53.05 -20.34
CA ASN J 78 3.15 54.11 -20.75
C ASN J 78 1.72 53.69 -20.40
N GLY J 79 1.50 53.44 -19.12
CA GLY J 79 0.22 53.00 -18.63
C GLY J 79 -0.14 51.56 -18.94
N ILE J 80 0.81 50.75 -19.38
CA ILE J 80 0.57 49.33 -19.60
C ILE J 80 0.52 48.66 -18.23
N SER J 81 -0.58 47.96 -17.95
CA SER J 81 -0.75 47.32 -16.65
C SER J 81 0.20 46.16 -16.48
N ARG J 82 0.46 45.81 -15.22
CA ARG J 82 1.38 44.72 -14.90
C ARG J 82 0.81 43.38 -15.33
N ALA J 83 -0.51 43.25 -15.40
CA ALA J 83 -1.13 42.02 -15.89
C ALA J 83 -0.90 41.83 -17.37
N ARG J 84 -0.83 42.92 -18.14
CA ARG J 84 -0.54 42.79 -19.56
C ARG J 84 0.93 42.54 -19.82
N LEU J 85 1.81 43.11 -18.99
CA LEU J 85 3.24 42.80 -19.09
C LEU J 85 3.52 41.34 -18.73
N ALA J 86 2.83 40.82 -17.71
CA ALA J 86 3.05 39.44 -17.29
C ALA J 86 2.44 38.45 -18.28
N ALA J 87 1.34 38.82 -18.93
CA ALA J 87 0.73 37.95 -19.93
C ALA J 87 1.61 37.82 -21.17
N ALA J 88 2.35 38.88 -21.51
CA ALA J 88 3.30 38.81 -22.60
C ALA J 88 4.49 37.94 -22.25
N ILE J 89 4.90 37.93 -20.98
CA ILE J 89 6.03 37.11 -20.55
C ILE J 89 5.67 35.63 -20.60
N LYS J 90 4.44 35.29 -20.18
CA LYS J 90 4.01 33.90 -20.11
C LYS J 90 3.80 33.28 -21.49
N GLU J 91 3.83 34.06 -22.57
CA GLU J 91 3.89 33.51 -23.91
C GLU J 91 5.28 32.99 -24.27
N VAL J 92 6.32 33.43 -23.57
CA VAL J 92 7.70 33.10 -23.90
C VAL J 92 8.31 32.14 -22.89
N CYS J 93 8.37 32.55 -21.62
CA CYS J 93 8.90 31.71 -20.56
C CYS J 93 7.91 31.73 -19.40
N THR J 94 8.26 31.14 -18.26
CA THR J 94 7.38 31.29 -17.12
C THR J 94 7.64 32.63 -16.44
N LEU J 95 6.64 33.10 -15.69
CA LEU J 95 6.80 34.31 -14.90
C LEU J 95 7.85 34.13 -13.81
N ARG J 96 7.95 32.92 -13.24
CA ARG J 96 8.96 32.64 -12.22
C ARG J 96 10.37 32.71 -12.79
N GLN J 97 10.56 32.23 -14.02
CA GLN J 97 11.88 32.29 -14.66
C GLN J 97 12.29 33.73 -14.97
N PHE J 98 11.33 34.57 -15.36
CA PHE J 98 11.61 35.98 -15.56
C PHE J 98 11.97 36.67 -14.26
N CYS J 99 11.27 36.33 -13.18
CA CYS J 99 11.52 36.97 -11.90
C CYS J 99 12.84 36.51 -11.28
N MET J 100 13.26 35.27 -11.57
CA MET J 100 14.56 34.79 -11.12
C MET J 100 15.70 35.58 -11.73
N LYS J 101 15.51 36.10 -12.94
CA LYS J 101 16.52 36.91 -13.62
C LYS J 101 16.79 38.22 -12.88
N TYR J 102 15.78 38.75 -12.19
CA TYR J 102 15.92 40.03 -11.51
C TYR J 102 15.87 39.90 -9.99
N ALA J 103 16.08 38.68 -9.48
CA ALA J 103 16.08 38.46 -8.04
C ALA J 103 17.15 39.23 -7.25
N PRO J 104 18.40 39.41 -7.70
CA PRO J 104 19.30 40.28 -6.91
C PRO J 104 18.91 41.75 -6.95
N VAL J 105 18.26 42.21 -8.01
CA VAL J 105 17.80 43.59 -8.08
C VAL J 105 16.71 43.85 -7.05
N VAL J 106 15.73 42.94 -6.98
CA VAL J 106 14.64 43.07 -6.04
C VAL J 106 15.13 42.87 -4.60
N TRP J 107 16.12 42.01 -4.40
CA TRP J 107 16.72 41.80 -3.08
C TRP J 107 17.41 43.05 -2.57
N ASN J 108 18.15 43.74 -3.45
CA ASN J 108 18.80 44.99 -3.06
C ASN J 108 17.79 46.10 -2.84
N TRP J 109 16.75 46.14 -3.68
CA TRP J 109 15.71 47.15 -3.56
C TRP J 109 14.95 47.01 -2.25
N MET J 110 14.63 45.79 -1.85
CA MET J 110 13.91 45.58 -0.60
C MET J 110 14.79 45.86 0.61
N LEU J 111 16.08 45.55 0.54
CA LEU J 111 16.97 45.80 1.66
C LEU J 111 17.34 47.27 1.79
N THR J 112 17.33 48.02 0.68
CA THR J 112 17.58 49.45 0.75
C THR J 112 16.43 50.18 1.42
N ASN J 113 15.20 49.84 1.05
CA ASN J 113 14.02 50.53 1.54
C ASN J 113 13.48 49.96 2.85
N ASN J 114 14.10 48.87 3.35
CA ASN J 114 13.62 48.11 4.50
C ASN J 114 12.17 47.69 4.32
N SER J 115 11.86 47.21 3.13
CA SER J 115 10.48 46.89 2.76
C SER J 115 10.41 45.41 2.39
N PRO J 116 9.99 44.54 3.31
CA PRO J 116 9.97 43.10 3.05
C PRO J 116 8.87 42.72 2.06
N PRO J 117 8.84 41.46 1.59
CA PRO J 117 7.65 41.00 0.85
C PRO J 117 6.39 41.14 1.68
N ALA J 118 5.30 41.53 1.01
CA ALA J 118 4.15 42.12 1.68
C ALA J 118 3.39 41.12 2.54
N ASN J 119 3.31 39.88 2.10
CA ASN J 119 2.53 38.86 2.79
C ASN J 119 3.42 37.87 3.55
N TRP J 120 4.51 38.36 4.15
CA TRP J 120 5.43 37.49 4.87
C TRP J 120 4.78 36.85 6.08
N GLN J 121 3.86 37.55 6.74
CA GLN J 121 3.20 37.00 7.92
C GLN J 121 2.20 35.93 7.52
N ALA J 122 1.46 36.14 6.43
CA ALA J 122 0.52 35.14 5.95
C ALA J 122 1.22 33.89 5.45
N GLN J 123 2.46 34.01 4.97
CA GLN J 123 3.27 32.87 4.55
C GLN J 123 3.84 32.09 5.72
N GLY J 124 3.72 32.59 6.95
CA GLY J 124 4.21 31.87 8.10
C GLY J 124 5.65 32.13 8.44
N PHE J 125 6.26 33.18 7.89
CA PHE J 125 7.63 33.52 8.20
C PHE J 125 7.73 34.19 9.56
N LYS J 126 8.78 33.87 10.30
CA LYS J 126 9.14 34.65 11.47
C LYS J 126 9.62 36.03 11.02
N PRO J 127 9.47 37.05 11.88
CA PRO J 127 9.91 38.41 11.49
C PRO J 127 11.40 38.53 11.20
N GLU J 128 12.25 37.72 11.83
CA GLU J 128 13.67 37.76 11.55
C GLU J 128 14.06 37.10 10.24
N HIS J 129 13.13 36.42 9.57
CA HIS J 129 13.40 35.81 8.27
C HIS J 129 12.54 36.36 7.16
N LYS J 130 11.85 37.48 7.39
CA LYS J 130 10.79 37.92 6.49
C LYS J 130 11.31 38.44 5.15
N PHE J 131 12.59 38.76 5.03
CA PHE J 131 13.09 39.22 3.74
C PHE J 131 13.28 38.10 2.74
N ALA J 132 13.29 36.85 3.18
CA ALA J 132 13.33 35.70 2.29
C ALA J 132 11.94 35.22 1.88
N ALA J 133 10.89 35.96 2.22
CA ALA J 133 9.51 35.47 2.06
C ALA J 133 8.94 35.80 0.69
N PHE J 134 9.69 35.48 -0.34
CA PHE J 134 9.19 35.54 -1.69
C PHE J 134 9.63 34.26 -2.36
N ASP J 135 8.84 33.77 -3.32
CA ASP J 135 9.38 32.75 -4.21
C ASP J 135 10.41 33.42 -5.12
N PHE J 136 11.11 32.65 -5.95
CA PHE J 136 12.29 33.11 -6.73
C PHE J 136 13.39 33.77 -5.87
N PHE J 137 13.36 33.57 -4.54
CA PHE J 137 14.46 33.95 -3.65
C PHE J 137 15.70 33.11 -3.91
N ASN J 138 15.55 31.91 -4.49
CA ASN J 138 16.69 31.08 -4.87
C ASN J 138 17.60 31.76 -5.89
N GLY J 139 17.05 32.65 -6.70
CA GLY J 139 17.84 33.33 -7.71
C GLY J 139 18.72 34.47 -7.25
N VAL J 140 18.79 34.78 -5.96
CA VAL J 140 19.56 35.96 -5.56
C VAL J 140 21.06 35.70 -5.61
N THR J 141 21.50 34.46 -5.51
CA THR J 141 22.91 34.12 -5.67
C THR J 141 23.18 33.35 -6.95
N ASN J 142 22.19 33.23 -7.83
CA ASN J 142 22.40 32.62 -9.14
C ASN J 142 23.16 33.60 -10.03
N PRO J 143 24.34 33.23 -10.55
CA PRO J 143 25.11 34.17 -11.38
C PRO J 143 24.51 34.43 -12.75
N ALA J 144 23.53 33.63 -13.20
CA ALA J 144 22.85 33.94 -14.45
C ALA J 144 21.88 35.09 -14.33
N ALA J 145 21.54 35.52 -13.11
CA ALA J 145 20.63 36.62 -12.88
C ALA J 145 21.36 37.96 -12.97
N ILE J 146 20.58 39.03 -13.13
CA ILE J 146 21.12 40.37 -13.20
C ILE J 146 21.66 40.77 -11.83
N MET J 147 22.94 40.97 -11.74
CA MET J 147 23.56 41.47 -10.53
C MET J 147 23.75 42.97 -10.65
N PRO J 148 23.36 43.76 -9.66
CA PRO J 148 23.63 45.20 -9.71
C PRO J 148 25.12 45.50 -9.60
N LYS J 149 25.46 46.72 -10.01
CA LYS J 149 26.85 47.10 -10.29
C LYS J 149 27.73 47.05 -9.06
N GLU J 150 27.23 47.50 -7.91
CA GLU J 150 28.03 47.50 -6.71
C GLU J 150 27.79 46.30 -5.81
N GLY J 151 26.95 45.35 -6.24
CA GLY J 151 26.76 44.11 -5.51
C GLY J 151 25.62 44.17 -4.51
N LEU J 152 25.40 43.03 -3.87
CA LEU J 152 24.37 42.93 -2.84
C LEU J 152 24.80 43.69 -1.60
N ILE J 153 23.85 44.38 -0.97
CA ILE J 153 24.09 45.06 0.30
C ILE J 153 24.47 44.04 1.36
N ARG J 154 23.76 42.92 1.38
CA ARG J 154 23.87 41.91 2.38
C ARG J 154 23.59 40.63 1.63
N PRO J 155 24.42 39.60 1.80
CA PRO J 155 24.04 38.28 1.31
C PRO J 155 22.94 37.70 2.17
N PRO J 156 22.16 36.75 1.65
CA PRO J 156 21.18 36.07 2.50
C PRO J 156 21.87 35.23 3.56
N SER J 157 21.40 35.33 4.80
CA SER J 157 21.97 34.55 5.88
C SER J 157 21.54 33.09 5.74
N GLU J 158 22.20 32.23 6.53
CA GLU J 158 21.90 30.80 6.53
C GLU J 158 20.49 30.54 7.07
N ALA J 159 20.08 31.32 8.07
CA ALA J 159 18.73 31.17 8.62
C ALA J 159 17.66 31.61 7.63
N GLU J 160 17.97 32.62 6.80
CA GLU J 160 17.02 33.03 5.76
C GLU J 160 16.91 31.98 4.67
N MET J 161 18.04 31.35 4.31
CA MET J 161 18.01 30.26 3.34
C MET J 161 17.29 29.04 3.89
N ASN J 162 17.43 28.78 5.19
CA ASN J 162 16.71 27.68 5.84
C ASN J 162 15.20 27.92 5.82
N ALA J 163 14.77 29.14 6.16
CA ALA J 163 13.35 29.47 6.18
C ALA J 163 12.74 29.43 4.78
N ALA J 164 13.51 29.79 3.76
CA ALA J 164 12.99 29.78 2.41
C ALA J 164 12.82 28.37 1.86
N GLN J 165 13.74 27.48 2.21
CA GLN J 165 13.62 26.08 1.79
C GLN J 165 12.45 25.39 2.48
N THR J 166 12.21 25.72 3.75
CA THR J 166 11.07 25.17 4.47
C THR J 166 9.76 25.69 3.90
N ALA J 167 9.69 26.98 3.62
CA ALA J 167 8.49 27.56 3.02
C ALA J 167 8.26 27.05 1.61
N ALA J 168 9.34 26.77 0.87
CA ALA J 168 9.20 26.17 -0.46
C ALA J 168 8.64 24.77 -0.37
N PHE J 169 9.03 24.01 0.66
CA PHE J 169 8.44 22.69 0.88
C PHE J 169 6.95 22.80 1.17
N VAL J 170 6.56 23.71 2.06
CA VAL J 170 5.17 23.81 2.49
C VAL J 170 4.27 24.26 1.35
N LYS J 171 4.70 25.28 0.59
CA LYS J 171 3.85 25.82 -0.46
C LYS J 171 3.72 24.88 -1.65
N ILE J 172 4.81 24.18 -2.01
CA ILE J 172 4.75 23.28 -3.16
C ILE J 172 3.98 22.00 -2.81
N THR J 173 4.16 21.48 -1.59
CA THR J 173 3.46 20.25 -1.20
C THR J 173 1.97 20.51 -1.01
N LYS J 174 1.61 21.68 -0.50
CA LYS J 174 0.19 22.05 -0.40
C LYS J 174 -0.43 22.20 -1.79
N ALA J 175 0.32 22.74 -2.74
CA ALA J 175 -0.19 22.86 -4.10
C ALA J 175 -0.31 21.51 -4.78
N ARG J 176 0.58 20.57 -4.48
CA ARG J 176 0.47 19.23 -5.03
C ARG J 176 -0.69 18.46 -4.39
N ALA J 177 -0.97 18.72 -3.11
CA ALA J 177 -2.08 18.06 -2.42
C ALA J 177 -3.43 18.53 -2.92
N GLN J 178 -3.51 19.71 -3.54
CA GLN J 178 -4.71 20.17 -4.20
C GLN J 178 -4.79 19.70 -5.64
N SER J 179 -3.71 19.16 -6.19
CA SER J 179 -3.71 18.54 -7.50
C SER J 179 -4.06 17.06 -7.33
N ASN J 180 -3.82 16.26 -8.37
CA ASN J 180 -4.13 14.84 -8.30
C ASN J 180 -2.98 14.03 -8.90
N ASP J 181 -3.17 12.73 -8.94
CA ASP J 181 -2.21 11.77 -9.47
C ASP J 181 -2.76 11.05 -10.71
N PHE J 182 -3.60 11.72 -11.50
CA PHE J 182 -4.53 11.02 -12.37
C PHE J 182 -4.04 10.69 -13.78
N ALA J 183 -2.87 11.16 -14.22
CA ALA J 183 -2.26 10.76 -15.50
C ALA J 183 -3.06 11.11 -16.77
N SER J 184 -4.25 11.64 -16.61
CA SER J 184 -5.24 11.99 -17.62
C SER J 184 -6.35 12.71 -16.90
N LEU J 185 -6.91 13.74 -17.53
CA LEU J 185 -8.01 14.46 -16.92
C LEU J 185 -9.37 14.01 -17.43
N ASP J 186 -9.40 13.01 -18.29
CA ASP J 186 -10.65 12.43 -18.76
C ASP J 186 -11.42 11.80 -17.60
N ALA J 187 -12.75 11.89 -17.67
CA ALA J 187 -13.64 11.41 -16.63
C ALA J 187 -13.60 9.90 -16.45
N ALA J 188 -13.14 9.14 -17.45
CA ALA J 188 -12.91 7.72 -17.28
C ALA J 188 -11.85 7.43 -16.22
N VAL J 189 -10.88 8.34 -16.05
CA VAL J 189 -9.81 8.16 -15.09
C VAL J 189 -10.07 8.92 -13.80
N THR J 190 -10.46 10.19 -13.90
CA THR J 190 -10.64 11.01 -12.70
C THR J 190 -11.89 10.60 -11.92
N ARG J 191 -12.88 10.05 -12.61
CA ARG J 191 -14.21 9.72 -12.10
C ARG J 191 -14.89 10.93 -11.47
N GLY J 192 -14.66 12.11 -12.03
CA GLY J 192 -15.21 13.33 -11.50
C GLY J 192 -14.65 13.74 -10.15
N ARG J 193 -13.37 13.55 -9.93
CA ARG J 193 -12.72 13.97 -8.70
C ARG J 193 -11.63 14.98 -9.00
N ILE J 194 -11.48 15.96 -8.12
CA ILE J 194 -10.44 16.97 -8.28
C ILE J 194 -9.09 16.44 -7.82
N THR J 195 -9.03 15.96 -6.58
CA THR J 195 -7.79 15.44 -6.02
C THR J 195 -7.75 13.93 -5.93
N GLY J 196 -8.91 13.26 -5.93
CA GLY J 196 -8.96 11.83 -5.70
C GLY J 196 -8.55 11.44 -4.30
N THR J 197 -8.88 12.26 -3.31
CA THR J 197 -8.31 12.19 -1.98
C THR J 197 -9.23 12.95 -1.03
N THR J 198 -9.43 12.43 0.18
CA THR J 198 -10.23 13.16 1.16
C THR J 198 -9.42 14.31 1.76
N THR J 199 -10.11 15.11 2.57
CA THR J 199 -9.46 16.25 3.23
C THR J 199 -8.41 15.80 4.23
N ALA J 200 -8.71 14.74 4.99
CA ALA J 200 -7.76 14.26 5.99
C ALA J 200 -6.55 13.59 5.36
N GLU J 201 -6.73 12.94 4.21
CA GLU J 201 -5.61 12.32 3.50
C GLU J 201 -4.74 13.33 2.76
N ALA J 202 -5.17 14.58 2.64
CA ALA J 202 -4.45 15.60 1.91
C ALA J 202 -3.70 16.57 2.82
N VAL J 203 -3.72 16.35 4.13
CA VAL J 203 -3.08 17.25 5.08
C VAL J 203 -1.56 17.09 4.98
N VAL J 204 -0.88 18.22 4.78
CA VAL J 204 0.57 18.26 4.64
C VAL J 204 1.19 18.54 5.99
N THR J 205 2.16 17.71 6.40
CA THR J 205 3.01 17.98 7.55
C THR J 205 4.46 17.70 7.20
N LEU J 206 5.35 18.50 7.76
CA LEU J 206 6.78 18.24 7.69
C LEU J 206 7.16 17.43 8.92
N PRO J 207 7.53 16.16 8.79
CA PRO J 207 7.65 15.26 9.95
C PRO J 207 8.76 15.67 10.90
N PRO J 208 8.53 15.55 12.20
CA PRO J 208 9.42 16.18 13.19
C PRO J 208 10.73 15.42 13.32
N PRO J 209 11.81 16.11 13.71
CA PRO J 209 13.08 15.44 13.98
C PRO J 209 13.03 14.60 15.27
N ALA K 1 52.23 -24.98 -9.08
CA ALA K 1 51.07 -24.10 -9.17
C ALA K 1 51.12 -23.29 -10.45
N SER K 2 50.25 -23.65 -11.40
CA SER K 2 50.19 -23.01 -12.69
C SER K 2 48.74 -22.77 -13.05
N GLY K 3 48.52 -22.22 -14.24
CA GLY K 3 47.16 -21.94 -14.68
C GLY K 3 46.57 -20.81 -13.86
N LEU K 4 45.35 -21.02 -13.38
CA LEU K 4 44.71 -20.04 -12.51
C LEU K 4 45.18 -20.13 -11.06
N PHE K 5 46.07 -21.07 -10.73
CA PHE K 5 46.59 -21.23 -9.38
C PHE K 5 47.98 -20.64 -9.21
N THR K 6 48.44 -19.84 -10.17
CA THR K 6 49.78 -19.27 -10.13
C THR K 6 49.88 -18.20 -9.03
N ILE K 7 50.94 -18.28 -8.24
CA ILE K 7 51.17 -17.34 -7.14
C ILE K 7 51.99 -16.16 -7.69
N PRO K 8 51.53 -14.92 -7.55
CA PRO K 8 52.36 -13.78 -7.95
C PRO K 8 53.54 -13.60 -7.01
N ASP K 9 54.63 -13.10 -7.57
CA ASP K 9 55.94 -13.18 -6.92
C ASP K 9 56.57 -11.84 -6.56
N GLY K 10 56.09 -10.74 -7.11
CA GLY K 10 56.68 -9.44 -6.89
C GLY K 10 57.18 -8.76 -8.14
N ASP K 11 57.59 -9.52 -9.16
CA ASP K 11 57.82 -8.95 -10.49
C ASP K 11 56.55 -8.38 -11.09
N PHE K 12 55.39 -8.99 -10.81
CA PHE K 12 54.14 -8.49 -11.37
C PHE K 12 53.73 -7.17 -10.75
N PHE K 13 53.91 -7.02 -9.44
CA PHE K 13 53.42 -5.82 -8.76
C PHE K 13 54.25 -4.59 -9.08
N SER K 14 55.53 -4.75 -9.39
CA SER K 14 56.43 -3.65 -9.69
C SER K 14 56.40 -3.22 -11.14
N THR K 15 55.91 -4.07 -12.04
CA THR K 15 55.95 -3.82 -13.47
C THR K 15 54.59 -3.54 -14.07
N ALA K 16 53.58 -4.35 -13.74
CA ALA K 16 52.28 -4.20 -14.36
C ALA K 16 51.55 -2.98 -13.81
N ARG K 17 50.97 -2.21 -14.72
CA ARG K 17 50.14 -1.06 -14.38
C ARG K 17 48.78 -1.30 -14.98
N ALA K 18 47.75 -1.33 -14.13
CA ALA K 18 46.39 -1.53 -14.61
C ALA K 18 45.85 -0.23 -15.17
N ILE K 19 45.41 -0.26 -16.42
CA ILE K 19 44.68 0.86 -16.99
C ILE K 19 43.28 0.86 -16.39
N VAL K 20 42.94 1.95 -15.70
CA VAL K 20 41.69 2.00 -14.94
C VAL K 20 40.55 2.26 -15.92
N ALA K 21 39.50 1.46 -15.83
CA ALA K 21 38.28 1.66 -16.58
C ALA K 21 37.11 1.60 -15.62
N SER K 22 36.11 2.43 -15.85
CA SER K 22 34.95 2.54 -14.99
C SER K 22 33.69 2.56 -15.84
N ASN K 23 32.64 1.91 -15.36
CA ASN K 23 31.37 1.92 -16.08
C ASN K 23 30.46 3.07 -15.66
N ALA K 24 30.89 3.90 -14.71
CA ALA K 24 30.22 5.15 -14.37
C ALA K 24 30.74 6.32 -15.18
N VAL K 25 31.83 6.12 -15.90
CA VAL K 25 32.46 7.13 -16.74
C VAL K 25 32.33 6.67 -18.18
N ALA K 26 32.19 7.62 -19.10
CA ALA K 26 32.12 7.31 -20.53
C ALA K 26 33.41 6.63 -20.99
N THR K 27 33.25 5.52 -21.68
CA THR K 27 34.36 4.67 -22.06
C THR K 27 35.11 5.24 -23.25
N ASN K 28 36.23 4.60 -23.59
CA ASN K 28 37.00 5.03 -24.76
C ASN K 28 36.26 4.70 -26.05
N GLU K 29 35.49 3.61 -26.07
CA GLU K 29 34.65 3.33 -27.23
C GLU K 29 33.47 4.30 -27.30
N ASP K 30 32.95 4.73 -26.14
CA ASP K 30 31.92 5.76 -26.11
C ASP K 30 32.42 7.06 -26.70
N LEU K 31 33.61 7.50 -26.29
CA LEU K 31 34.13 8.81 -26.70
C LEU K 31 34.52 8.84 -28.16
N SER K 32 34.96 7.72 -28.72
CA SER K 32 35.25 7.67 -30.15
C SER K 32 33.98 7.78 -30.98
N LYS K 33 32.86 7.25 -30.47
CA LYS K 33 31.60 7.40 -31.17
C LYS K 33 31.04 8.81 -31.07
N ILE K 34 31.35 9.54 -29.98
CA ILE K 34 30.94 10.94 -29.89
C ILE K 34 31.65 11.77 -30.95
N GLU K 35 32.96 11.54 -31.12
CA GLU K 35 33.76 12.31 -32.07
C GLU K 35 33.30 12.14 -33.50
N ALA K 36 32.89 10.91 -33.86
CA ALA K 36 32.44 10.65 -35.22
C ALA K 36 31.13 11.36 -35.51
N ILE K 37 30.25 11.47 -34.52
CA ILE K 37 29.01 12.21 -34.71
C ILE K 37 29.27 13.71 -34.66
N TRP K 38 30.18 14.15 -33.79
CA TRP K 38 30.44 15.58 -33.63
C TRP K 38 31.16 16.17 -34.84
N LYS K 39 32.11 15.43 -35.42
CA LYS K 39 32.78 15.92 -36.61
C LYS K 39 31.89 15.85 -37.85
N ASP K 40 30.87 15.00 -37.85
CA ASP K 40 29.94 14.91 -38.96
C ASP K 40 28.92 16.05 -38.92
N MET K 41 28.59 16.55 -37.72
CA MET K 41 27.82 17.77 -37.60
C MET K 41 28.73 19.01 -37.50
N LYS K 42 29.98 18.86 -37.91
CA LYS K 42 30.96 19.95 -38.14
C LYS K 42 31.30 20.70 -36.87
N VAL K 43 31.70 19.96 -35.84
CA VAL K 43 32.40 20.53 -34.70
C VAL K 43 33.88 20.56 -35.09
N PRO K 44 34.59 21.66 -34.87
CA PRO K 44 36.01 21.72 -35.25
C PRO K 44 36.84 20.77 -34.40
N THR K 45 37.63 19.93 -35.07
CA THR K 45 38.46 18.95 -34.37
C THR K 45 39.63 19.60 -33.63
N ASP K 46 39.96 20.85 -33.97
CA ASP K 46 40.98 21.61 -33.26
C ASP K 46 40.50 22.09 -31.89
N THR K 47 39.19 22.27 -31.70
CA THR K 47 38.61 22.61 -30.40
C THR K 47 37.54 21.60 -29.98
N MET K 48 37.74 20.32 -30.29
CA MET K 48 36.77 19.30 -29.93
C MET K 48 36.73 19.09 -28.42
N ALA K 49 37.89 19.16 -27.77
CA ALA K 49 37.94 18.96 -26.32
C ALA K 49 37.36 20.17 -25.58
N GLN K 50 37.64 21.37 -26.07
CA GLN K 50 37.13 22.57 -25.41
C GLN K 50 35.62 22.70 -25.54
N ALA K 51 35.05 22.16 -26.63
CA ALA K 51 33.60 22.09 -26.75
C ALA K 51 33.00 21.11 -25.76
N ALA K 52 33.74 20.05 -25.41
CA ALA K 52 33.28 19.13 -24.39
C ALA K 52 33.38 19.73 -23.00
N TRP K 53 34.50 20.42 -22.71
CA TRP K 53 34.68 21.02 -21.40
C TRP K 53 33.70 22.15 -21.16
N ASP K 54 33.34 22.88 -22.22
CA ASP K 54 32.33 23.93 -22.10
C ASP K 54 30.94 23.34 -21.87
N LEU K 55 30.64 22.20 -22.49
CA LEU K 55 29.34 21.56 -22.31
C LEU K 55 29.20 20.98 -20.91
N VAL K 56 30.27 20.39 -20.37
CA VAL K 56 30.20 19.78 -19.05
C VAL K 56 30.19 20.85 -17.96
N ARG K 57 30.89 21.97 -18.18
CA ARG K 57 30.82 23.11 -17.27
C ARG K 57 29.42 23.70 -17.22
N HIS K 58 28.75 23.78 -18.37
CA HIS K 58 27.35 24.18 -18.38
C HIS K 58 26.47 23.14 -17.70
N CYS K 59 26.81 21.87 -17.84
CA CYS K 59 26.12 20.80 -17.14
C CYS K 59 26.42 20.74 -15.65
N ALA K 60 27.30 21.58 -15.12
CA ALA K 60 27.42 21.74 -13.68
C ALA K 60 26.49 22.81 -13.14
N ASP K 61 26.05 23.74 -13.98
CA ASP K 61 25.09 24.77 -13.58
C ASP K 61 23.66 24.24 -13.64
N VAL K 62 23.37 23.41 -14.63
CA VAL K 62 22.09 22.74 -14.80
C VAL K 62 22.41 21.28 -14.51
N GLY K 63 21.44 20.38 -14.61
CA GLY K 63 21.73 18.99 -14.34
C GLY K 63 22.46 18.28 -15.47
N SER K 64 22.76 17.00 -15.24
CA SER K 64 23.18 16.10 -16.31
C SER K 64 22.16 15.00 -16.53
N SER K 65 20.91 15.25 -16.17
CA SER K 65 19.81 14.35 -16.48
C SER K 65 19.58 14.28 -17.99
N ALA K 66 18.98 13.17 -18.42
CA ALA K 66 18.60 13.02 -19.82
C ALA K 66 17.48 13.97 -20.23
N GLN K 67 16.70 14.47 -19.27
CA GLN K 67 15.63 15.41 -19.54
C GLN K 67 16.08 16.88 -19.50
N THR K 68 17.35 17.14 -19.20
CA THR K 68 17.79 18.52 -19.01
C THR K 68 17.83 19.29 -20.31
N GLU K 69 17.29 20.49 -20.31
CA GLU K 69 17.38 21.39 -21.45
C GLU K 69 18.70 22.15 -21.38
N MET K 70 19.58 21.91 -22.36
CA MET K 70 20.76 22.74 -22.52
C MET K 70 20.35 24.08 -23.12
N ILE K 71 21.05 25.14 -22.73
CA ILE K 71 20.54 26.48 -22.99
C ILE K 71 21.15 27.14 -24.22
N ASP K 72 22.46 27.29 -24.26
CA ASP K 72 23.05 28.20 -25.24
C ASP K 72 24.11 27.51 -26.10
N THR K 73 24.92 28.31 -26.78
CA THR K 73 26.01 27.83 -27.60
C THR K 73 27.33 28.28 -26.99
N GLY K 74 28.27 27.36 -26.83
CA GLY K 74 29.60 27.70 -26.40
C GLY K 74 30.41 28.31 -27.51
N PRO K 75 31.60 28.79 -27.16
CA PRO K 75 32.46 29.47 -28.15
C PRO K 75 33.41 28.56 -28.92
N TYR K 76 33.42 27.25 -28.66
CA TYR K 76 34.38 26.36 -29.27
C TYR K 76 33.79 25.45 -30.34
N SER K 77 32.49 25.47 -30.54
CA SER K 77 31.89 24.83 -31.70
C SER K 77 31.93 25.80 -32.88
N ASN K 78 31.38 25.38 -34.01
CA ASN K 78 31.07 26.31 -35.08
C ASN K 78 29.59 26.68 -35.03
N GLY K 79 29.19 27.22 -33.88
CA GLY K 79 27.81 27.59 -33.66
C GLY K 79 26.87 26.43 -33.40
N ILE K 80 27.38 25.23 -33.14
CA ILE K 80 26.54 24.10 -32.76
C ILE K 80 26.10 24.31 -31.32
N SER K 81 24.79 24.30 -31.10
CA SER K 81 24.24 24.54 -29.78
C SER K 81 24.57 23.38 -28.84
N ARG K 82 24.55 23.69 -27.53
CA ARG K 82 24.85 22.67 -26.53
C ARG K 82 23.77 21.60 -26.46
N ALA K 83 22.53 21.94 -26.85
CA ALA K 83 21.47 20.94 -26.90
C ALA K 83 21.70 19.93 -28.02
N ARG K 84 22.31 20.36 -29.12
CA ARG K 84 22.62 19.43 -30.20
C ARG K 84 23.83 18.57 -29.88
N LEU K 85 24.81 19.13 -29.17
CA LEU K 85 25.94 18.34 -28.70
C LEU K 85 25.51 17.30 -27.68
N ALA K 86 24.59 17.67 -26.78
CA ALA K 86 24.13 16.74 -25.77
C ALA K 86 23.22 15.66 -26.35
N ALA K 87 22.45 16.00 -27.39
CA ALA K 87 21.60 15.01 -28.03
C ALA K 87 22.41 13.96 -28.77
N ALA K 88 23.56 14.35 -29.31
CA ALA K 88 24.46 13.39 -29.93
C ALA K 88 25.11 12.47 -28.90
N ILE K 89 25.37 12.99 -27.70
CA ILE K 89 25.97 12.17 -26.64
C ILE K 89 24.99 11.13 -26.14
N LYS K 90 23.72 11.51 -26.00
CA LYS K 90 22.70 10.61 -25.46
C LYS K 90 22.33 9.48 -26.42
N GLU K 91 22.79 9.53 -27.67
CA GLU K 91 22.69 8.38 -28.55
C GLU K 91 23.72 7.30 -28.24
N VAL K 92 24.80 7.64 -27.52
CA VAL K 92 25.90 6.72 -27.26
C VAL K 92 25.94 6.29 -25.81
N CYS K 93 26.10 7.24 -24.88
CA CYS K 93 26.11 6.96 -23.46
C CYS K 93 25.15 7.93 -22.77
N THR K 94 25.11 7.93 -21.44
CA THR K 94 24.32 8.96 -20.79
C THR K 94 25.10 10.26 -20.73
N LEU K 95 24.36 11.37 -20.58
CA LEU K 95 24.99 12.66 -20.38
C LEU K 95 25.77 12.72 -19.08
N ARG K 96 25.27 12.03 -18.04
CA ARG K 96 25.97 12.00 -16.76
C ARG K 96 27.30 11.26 -16.86
N GLN K 97 27.35 10.17 -17.65
CA GLN K 97 28.58 9.43 -17.83
C GLN K 97 29.63 10.24 -18.59
N PHE K 98 29.18 11.03 -19.57
CA PHE K 98 30.08 11.94 -20.30
C PHE K 98 30.61 13.03 -19.38
N CYS K 99 29.75 13.56 -18.51
CA CYS K 99 30.18 14.64 -17.62
C CYS K 99 31.09 14.14 -16.52
N MET K 100 30.93 12.88 -16.09
CA MET K 100 31.84 12.28 -15.12
C MET K 100 33.26 12.19 -15.65
N LYS K 101 33.41 12.02 -16.98
CA LYS K 101 34.72 11.95 -17.61
C LYS K 101 35.49 13.25 -17.48
N TYR K 102 34.79 14.38 -17.42
CA TYR K 102 35.44 15.69 -17.35
C TYR K 102 35.22 16.38 -16.02
N ALA K 103 34.83 15.63 -15.00
CA ALA K 103 34.62 16.21 -13.67
C ALA K 103 35.85 16.85 -13.02
N PRO K 104 37.09 16.31 -13.12
CA PRO K 104 38.23 17.08 -12.57
C PRO K 104 38.54 18.34 -13.35
N VAL K 105 38.24 18.38 -14.65
CA VAL K 105 38.46 19.57 -15.45
C VAL K 105 37.54 20.70 -15.00
N VAL K 106 36.26 20.37 -14.84
CA VAL K 106 35.27 21.35 -14.40
C VAL K 106 35.51 21.76 -12.95
N TRP K 107 35.99 20.84 -12.11
CA TRP K 107 36.32 21.16 -10.72
C TRP K 107 37.47 22.15 -10.64
N ASN K 108 38.51 21.98 -11.47
CA ASN K 108 39.62 22.93 -11.49
C ASN K 108 39.20 24.26 -12.09
N TRP K 109 38.35 24.22 -13.12
CA TRP K 109 37.87 25.43 -13.78
C TRP K 109 37.04 26.28 -12.82
N MET K 110 36.19 25.64 -12.03
CA MET K 110 35.36 26.38 -11.08
C MET K 110 36.18 26.93 -9.92
N LEU K 111 37.19 26.18 -9.47
CA LEU K 111 38.00 26.66 -8.36
C LEU K 111 38.98 27.74 -8.79
N THR K 112 39.39 27.74 -10.07
CA THR K 112 40.26 28.81 -10.56
C THR K 112 39.51 30.13 -10.65
N ASN K 113 38.29 30.10 -11.17
CA ASN K 113 37.52 31.30 -11.39
C ASN K 113 36.69 31.72 -10.19
N ASN K 114 36.71 30.93 -9.11
CA ASN K 114 35.87 31.11 -7.93
C ASN K 114 34.40 31.20 -8.32
N SER K 115 33.99 30.31 -9.23
CA SER K 115 32.65 30.35 -9.79
C SER K 115 31.94 29.04 -9.48
N PRO K 116 31.11 28.98 -8.44
CA PRO K 116 30.46 27.73 -8.04
C PRO K 116 29.39 27.30 -9.03
N PRO K 117 28.82 26.10 -8.89
CA PRO K 117 27.61 25.76 -9.66
C PRO K 117 26.48 26.75 -9.38
N ALA K 118 25.75 27.08 -10.44
CA ALA K 118 24.95 28.30 -10.47
C ALA K 118 23.76 28.23 -9.52
N ASN K 119 23.15 27.07 -9.37
CA ASN K 119 21.95 26.91 -8.57
C ASN K 119 22.24 26.22 -7.23
N TRP K 120 23.39 26.52 -6.62
CA TRP K 120 23.77 25.91 -5.35
C TRP K 120 22.81 26.26 -4.22
N GLN K 121 22.25 27.48 -4.24
CA GLN K 121 21.33 27.89 -3.20
C GLN K 121 19.99 27.20 -3.35
N ALA K 122 19.51 27.05 -4.59
CA ALA K 122 18.26 26.35 -4.85
C ALA K 122 18.36 24.88 -4.50
N GLN K 123 19.55 24.29 -4.61
CA GLN K 123 19.79 22.90 -4.25
C GLN K 123 19.86 22.70 -2.73
N GLY K 124 19.88 23.77 -1.95
CA GLY K 124 19.92 23.64 -0.50
C GLY K 124 21.30 23.50 0.09
N PHE K 125 22.34 23.83 -0.66
CA PHE K 125 23.69 23.77 -0.14
C PHE K 125 23.99 24.97 0.75
N LYS K 126 24.72 24.73 1.82
CA LYS K 126 25.30 25.81 2.58
C LYS K 126 26.39 26.50 1.74
N PRO K 127 26.65 27.79 1.97
CA PRO K 127 27.69 28.49 1.18
C PRO K 127 29.09 27.91 1.31
N GLU K 128 29.43 27.30 2.45
CA GLU K 128 30.73 26.70 2.61
C GLU K 128 30.87 25.36 1.89
N HIS K 129 29.80 24.81 1.34
CA HIS K 129 29.86 23.56 0.60
C HIS K 129 29.42 23.71 -0.86
N LYS K 130 29.29 24.94 -1.35
CA LYS K 130 28.61 25.20 -2.61
C LYS K 130 29.40 24.72 -3.82
N PHE K 131 30.70 24.45 -3.70
CA PHE K 131 31.44 23.98 -4.84
C PHE K 131 31.19 22.51 -5.15
N ALA K 132 30.60 21.76 -4.23
CA ALA K 132 30.18 20.39 -4.47
C ALA K 132 28.76 20.30 -5.02
N ALA K 133 28.12 21.41 -5.35
CA ALA K 133 26.70 21.44 -5.68
C ALA K 133 26.43 21.18 -7.15
N PHE K 134 27.04 20.13 -7.67
CA PHE K 134 26.72 19.65 -9.00
C PHE K 134 26.59 18.15 -8.88
N ASP K 135 25.73 17.55 -9.70
CA ASP K 135 25.81 16.11 -9.86
C ASP K 135 27.10 15.79 -10.63
N PHE K 136 27.42 14.52 -10.79
CA PHE K 136 28.73 14.05 -11.32
C PHE K 136 29.96 14.63 -10.55
N PHE K 137 29.75 15.17 -9.34
CA PHE K 137 30.82 15.54 -8.44
C PHE K 137 31.57 14.32 -7.91
N ASN K 138 30.95 13.13 -7.95
CA ASN K 138 31.63 11.89 -7.56
C ASN K 138 32.80 11.58 -8.47
N GLY K 139 32.78 12.04 -9.71
CA GLY K 139 33.86 11.77 -10.63
C GLY K 139 35.11 12.58 -10.49
N VAL K 140 35.23 13.48 -9.51
CA VAL K 140 36.41 14.33 -9.45
C VAL K 140 37.64 13.58 -8.96
N THR K 141 37.46 12.50 -8.19
CA THR K 141 38.57 11.66 -7.77
C THR K 141 38.55 10.30 -8.44
N ASN K 142 37.69 10.10 -9.43
CA ASN K 142 37.70 8.87 -10.21
C ASN K 142 38.88 8.90 -11.18
N PRO K 143 39.81 7.94 -11.12
CA PRO K 143 40.97 7.95 -12.01
C PRO K 143 40.66 7.65 -13.47
N ALA K 144 39.47 7.15 -13.79
CA ALA K 144 39.09 6.97 -15.18
C ALA K 144 38.73 8.29 -15.87
N ALA K 145 38.54 9.36 -15.11
CA ALA K 145 38.20 10.65 -15.66
C ALA K 145 39.46 11.40 -16.11
N ILE K 146 39.25 12.42 -16.95
CA ILE K 146 40.35 13.24 -17.44
C ILE K 146 40.90 14.08 -16.29
N MET K 147 42.13 13.83 -15.92
CA MET K 147 42.81 14.64 -14.93
C MET K 147 43.66 15.67 -15.64
N PRO K 148 43.61 16.95 -15.25
CA PRO K 148 44.50 17.94 -15.85
C PRO K 148 45.95 17.71 -15.45
N LYS K 149 46.83 18.33 -16.23
CA LYS K 149 48.25 17.98 -16.24
C LYS K 149 48.93 18.27 -14.91
N GLU K 150 48.60 19.39 -14.28
CA GLU K 150 49.23 19.75 -13.02
C GLU K 150 48.40 19.35 -11.80
N GLY K 151 47.27 18.69 -12.00
CA GLY K 151 46.48 18.17 -10.89
C GLY K 151 45.42 19.14 -10.40
N LEU K 152 44.66 18.66 -9.41
CA LEU K 152 43.64 19.49 -8.80
C LEU K 152 44.28 20.57 -7.94
N ILE K 153 43.69 21.77 -8.00
CA ILE K 153 44.11 22.86 -7.14
C ILE K 153 43.92 22.49 -5.68
N ARG K 154 42.78 21.89 -5.37
CA ARG K 154 42.36 21.59 -4.05
C ARG K 154 41.58 20.28 -4.21
N PRO K 155 41.84 19.29 -3.37
CA PRO K 155 40.95 18.13 -3.33
C PRO K 155 39.64 18.51 -2.67
N PRO K 156 38.56 17.78 -2.91
CA PRO K 156 37.32 18.04 -2.17
C PRO K 156 37.48 17.69 -0.70
N SER K 157 37.02 18.58 0.16
CA SER K 157 37.09 18.33 1.59
C SER K 157 36.07 17.28 2.00
N GLU K 158 36.21 16.79 3.23
CA GLU K 158 35.29 15.78 3.76
C GLU K 158 33.89 16.35 3.93
N ALA K 159 33.80 17.63 4.33
CA ALA K 159 32.50 18.27 4.47
C ALA K 159 31.82 18.47 3.12
N GLU K 160 32.59 18.72 2.06
CA GLU K 160 32.01 18.82 0.73
C GLU K 160 31.52 17.47 0.23
N MET K 161 32.26 16.41 0.51
CA MET K 161 31.82 15.07 0.16
C MET K 161 30.59 14.65 0.96
N ASN K 162 30.50 15.08 2.22
CA ASN K 162 29.33 14.81 3.03
C ASN K 162 28.10 15.51 2.48
N ALA K 163 28.23 16.80 2.12
CA ALA K 163 27.11 17.56 1.57
C ALA K 163 26.65 17.00 0.23
N ALA K 164 27.57 16.50 -0.58
CA ALA K 164 27.21 15.97 -1.89
C ALA K 164 26.47 14.65 -1.77
N GLN K 165 26.85 13.80 -0.82
CA GLN K 165 26.15 12.54 -0.61
C GLN K 165 24.75 12.78 -0.06
N THR K 166 24.60 13.78 0.81
CA THR K 166 23.28 14.11 1.34
C THR K 166 22.38 14.68 0.25
N ALA K 167 22.92 15.58 -0.59
CA ALA K 167 22.15 16.13 -1.70
C ALA K 167 21.83 15.08 -2.75
N ALA K 168 22.71 14.10 -2.93
CA ALA K 168 22.42 13.00 -3.84
C ALA K 168 21.28 12.14 -3.31
N PHE K 169 21.21 11.95 -1.99
CA PHE K 169 20.07 11.24 -1.40
C PHE K 169 18.77 12.00 -1.64
N VAL K 170 18.78 13.31 -1.39
CA VAL K 170 17.55 14.10 -1.47
C VAL K 170 17.04 14.17 -2.91
N LYS K 171 17.93 14.42 -3.86
CA LYS K 171 17.50 14.60 -5.25
C LYS K 171 17.05 13.29 -5.88
N ILE K 172 17.72 12.18 -5.57
CA ILE K 172 17.35 10.90 -6.16
C ILE K 172 16.07 10.35 -5.54
N THR K 173 15.91 10.52 -4.22
CA THR K 173 14.70 10.01 -3.55
C THR K 173 13.48 10.83 -3.94
N LYS K 174 13.65 12.14 -4.12
CA LYS K 174 12.54 12.97 -4.62
C LYS K 174 12.16 12.59 -6.03
N ALA K 175 13.14 12.24 -6.86
CA ALA K 175 12.84 11.82 -8.22
C ALA K 175 12.16 10.45 -8.25
N ARG K 176 12.53 9.57 -7.32
CA ARG K 176 11.85 8.27 -7.23
C ARG K 176 10.43 8.41 -6.69
N ALA K 177 10.21 9.38 -5.79
CA ALA K 177 8.88 9.61 -5.24
C ALA K 177 7.92 10.19 -6.27
N GLN K 178 8.43 10.82 -7.32
CA GLN K 178 7.60 11.25 -8.45
C GLN K 178 7.42 10.17 -9.49
N SER K 179 8.19 9.09 -9.40
CA SER K 179 8.01 7.92 -10.25
C SER K 179 7.02 6.98 -9.56
N ASN K 180 6.95 5.73 -10.02
CA ASN K 180 6.03 4.77 -9.44
C ASN K 180 6.73 3.43 -9.26
N ASP K 181 5.97 2.45 -8.77
CA ASP K 181 6.43 1.10 -8.53
C ASP K 181 5.71 0.09 -9.43
N PHE K 182 5.34 0.49 -10.64
CA PHE K 182 4.25 -0.18 -11.33
C PHE K 182 4.63 -1.34 -12.25
N ALA K 183 5.92 -1.62 -12.49
CA ALA K 183 6.38 -2.81 -13.23
C ALA K 183 5.92 -2.92 -14.70
N SER K 184 5.09 -2.00 -15.14
CA SER K 184 4.44 -1.91 -16.44
C SER K 184 3.71 -0.57 -16.46
N LEU K 185 3.72 0.09 -17.60
CA LEU K 185 3.02 1.35 -17.72
C LEU K 185 1.66 1.22 -18.37
N ASP K 186 1.24 -0.01 -18.66
CA ASP K 186 -0.10 -0.26 -19.18
C ASP K 186 -1.16 0.12 -18.14
N ALA K 187 -2.28 0.62 -18.63
CA ALA K 187 -3.38 1.10 -17.78
C ALA K 187 -4.03 0.01 -16.95
N ALA K 188 -3.88 -1.26 -17.35
CA ALA K 188 -4.34 -2.36 -16.51
C ALA K 188 -3.59 -2.41 -15.18
N VAL K 189 -2.35 -1.96 -15.15
CA VAL K 189 -1.54 -1.97 -13.94
C VAL K 189 -1.52 -0.61 -13.25
N THR K 190 -1.29 0.46 -14.00
CA THR K 190 -1.18 1.79 -13.39
C THR K 190 -2.52 2.31 -12.91
N ARG K 191 -3.61 1.86 -13.55
CA ARG K 191 -4.98 2.34 -13.36
C ARG K 191 -5.08 3.85 -13.54
N GLY K 192 -4.31 4.40 -14.47
CA GLY K 192 -4.29 5.82 -14.71
C GLY K 192 -3.70 6.64 -13.59
N ARG K 193 -2.66 6.16 -12.93
CA ARG K 193 -1.98 6.90 -11.88
C ARG K 193 -0.53 7.15 -12.27
N ILE K 194 -0.03 8.32 -11.90
CA ILE K 194 1.36 8.65 -12.19
C ILE K 194 2.29 8.01 -11.16
N THR K 195 2.04 8.26 -9.88
CA THR K 195 2.87 7.71 -8.82
C THR K 195 2.21 6.56 -8.07
N GLY K 196 0.89 6.45 -8.11
CA GLY K 196 0.18 5.47 -7.31
C GLY K 196 0.27 5.75 -5.82
N THR K 197 0.28 7.03 -5.44
CA THR K 197 0.66 7.46 -4.10
C THR K 197 0.11 8.86 -3.90
N THR K 198 -0.39 9.16 -2.70
CA THR K 198 -0.84 10.52 -2.42
C THR K 198 0.35 11.45 -2.18
N THR K 199 0.04 12.74 -2.03
CA THR K 199 1.08 13.74 -1.79
C THR K 199 1.74 13.54 -0.43
N ALA K 200 0.94 13.21 0.59
CA ALA K 200 1.49 13.02 1.92
C ALA K 200 2.32 11.74 2.03
N GLU K 201 1.95 10.70 1.28
CA GLU K 201 2.72 9.46 1.28
C GLU K 201 4.00 9.56 0.47
N ALA K 202 4.17 10.62 -0.31
CA ALA K 202 5.35 10.79 -1.16
C ALA K 202 6.38 11.75 -0.60
N VAL K 203 6.16 12.27 0.61
CA VAL K 203 7.08 13.24 1.20
C VAL K 203 8.36 12.53 1.62
N VAL K 204 9.49 13.06 1.18
CA VAL K 204 10.81 12.50 1.45
C VAL K 204 11.39 13.22 2.67
N THR K 205 11.85 12.44 3.65
CA THR K 205 12.64 12.96 4.75
C THR K 205 13.82 12.04 5.01
N LEU K 206 14.94 12.64 5.39
CA LEU K 206 16.10 11.91 5.86
C LEU K 206 15.99 11.79 7.37
N PRO K 207 15.76 10.59 7.91
CA PRO K 207 15.37 10.44 9.34
C PRO K 207 16.48 10.88 10.28
N PRO K 208 16.13 11.55 11.38
CA PRO K 208 17.13 12.23 12.21
C PRO K 208 17.95 11.25 13.03
N PRO K 209 19.19 11.61 13.38
CA PRO K 209 20.00 10.78 14.27
C PRO K 209 19.48 10.82 15.71
N ALA L 1 38.35 -46.40 23.70
CA ALA L 1 37.72 -45.36 22.91
C ALA L 1 38.22 -45.42 21.47
N SER L 2 37.36 -45.89 20.57
CA SER L 2 37.70 -46.04 19.16
C SER L 2 36.53 -45.53 18.33
N GLY L 3 36.68 -45.64 17.01
CA GLY L 3 35.63 -45.17 16.12
C GLY L 3 35.55 -43.66 16.16
N LEU L 4 34.34 -43.14 16.29
CA LEU L 4 34.14 -41.71 16.43
C LEU L 4 34.40 -41.18 17.84
N PHE L 5 34.75 -42.06 18.78
CA PHE L 5 35.05 -41.67 20.15
C PHE L 5 36.54 -41.60 20.44
N THR L 6 37.38 -41.65 19.41
CA THR L 6 38.83 -41.64 19.60
C THR L 6 39.30 -40.28 20.09
N ILE L 7 40.15 -40.29 21.11
CA ILE L 7 40.71 -39.07 21.70
C ILE L 7 42.00 -38.73 20.97
N PRO L 8 42.14 -37.53 20.40
CA PRO L 8 43.41 -37.13 19.81
C PRO L 8 44.47 -36.92 20.87
N ASP L 9 45.72 -37.21 20.49
CA ASP L 9 46.79 -37.39 21.47
C ASP L 9 47.93 -36.37 21.38
N GLY L 10 48.04 -35.63 20.28
CA GLY L 10 49.13 -34.71 20.08
C GLY L 10 49.98 -35.00 18.85
N ASP L 11 50.08 -36.27 18.43
CA ASP L 11 50.64 -36.59 17.13
C ASP L 11 49.81 -36.01 16.00
N PHE L 12 48.48 -35.94 16.17
CA PHE L 12 47.63 -35.42 15.11
C PHE L 12 47.80 -33.91 14.93
N PHE L 13 47.96 -33.18 16.04
CA PHE L 13 47.99 -31.72 15.94
C PHE L 13 49.31 -31.22 15.38
N SER L 14 50.40 -31.96 15.57
CA SER L 14 51.72 -31.55 15.09
C SER L 14 51.99 -31.97 13.65
N THR L 15 51.25 -32.93 13.12
CA THR L 15 51.50 -33.50 11.81
C THR L 15 50.45 -33.12 10.78
N ALA L 16 49.18 -33.22 11.11
CA ALA L 16 48.12 -32.97 10.15
C ALA L 16 47.99 -31.48 9.87
N ARG L 17 47.88 -31.15 8.59
CA ARG L 17 47.64 -29.79 8.13
C ARG L 17 46.35 -29.81 7.32
N ALA L 18 45.37 -29.03 7.77
CA ALA L 18 44.10 -28.96 7.06
C ALA L 18 44.25 -28.05 5.84
N ILE L 19 43.93 -28.57 4.66
CA ILE L 19 43.83 -27.73 3.48
C ILE L 19 42.55 -26.92 3.58
N VAL L 20 42.68 -25.60 3.59
CA VAL L 20 41.54 -24.74 3.85
C VAL L 20 40.71 -24.64 2.57
N ALA L 21 39.41 -24.85 2.69
CA ALA L 21 38.46 -24.66 1.61
C ALA L 21 37.33 -23.80 2.12
N SER L 22 36.83 -22.91 1.27
CA SER L 22 35.77 -21.98 1.61
C SER L 22 34.73 -21.97 0.51
N ASN L 23 33.46 -21.85 0.89
CA ASN L 23 32.40 -21.78 -0.09
C ASN L 23 32.06 -20.34 -0.50
N ALA L 24 32.76 -19.35 0.07
CA ALA L 24 32.69 -17.97 -0.38
C ALA L 24 33.74 -17.66 -1.43
N VAL L 25 34.67 -18.57 -1.64
CA VAL L 25 35.75 -18.45 -2.60
C VAL L 25 35.54 -19.51 -3.67
N ALA L 26 35.91 -19.18 -4.92
CA ALA L 26 35.82 -20.15 -6.01
C ALA L 26 36.69 -21.37 -5.73
N THR L 27 36.10 -22.54 -5.89
CA THR L 27 36.73 -23.79 -5.50
C THR L 27 37.75 -24.23 -6.56
N ASN L 28 38.48 -25.29 -6.24
CA ASN L 28 39.44 -25.83 -7.19
C ASN L 28 38.75 -26.51 -8.37
N GLU L 29 37.57 -27.10 -8.13
CA GLU L 29 36.78 -27.62 -9.24
C GLU L 29 36.17 -26.49 -10.07
N ASP L 30 35.82 -25.37 -9.42
CA ASP L 30 35.35 -24.19 -10.15
C ASP L 30 36.43 -23.66 -11.07
N LEU L 31 37.66 -23.51 -10.57
CA LEU L 31 38.73 -22.89 -11.33
C LEU L 31 39.21 -23.77 -12.49
N SER L 32 39.14 -25.08 -12.34
CA SER L 32 39.48 -25.97 -13.44
C SER L 32 38.45 -25.87 -14.57
N LYS L 33 37.19 -25.63 -14.23
CA LYS L 33 36.18 -25.43 -15.26
C LYS L 33 36.32 -24.09 -15.95
N ILE L 34 36.84 -23.06 -15.26
CA ILE L 34 37.09 -21.77 -15.91
C ILE L 34 38.18 -21.92 -16.96
N GLU L 35 39.24 -22.66 -16.63
CA GLU L 35 40.38 -22.82 -17.53
C GLU L 35 40.00 -23.54 -18.81
N ALA L 36 39.12 -24.54 -18.71
CA ALA L 36 38.70 -25.29 -19.87
C ALA L 36 37.87 -24.43 -20.82
N ILE L 37 37.06 -23.52 -20.28
CA ILE L 37 36.30 -22.61 -21.13
C ILE L 37 37.21 -21.51 -21.66
N TRP L 38 38.16 -21.04 -20.85
CA TRP L 38 39.01 -19.93 -21.26
C TRP L 38 40.00 -20.36 -22.35
N LYS L 39 40.56 -21.57 -22.23
CA LYS L 39 41.48 -22.03 -23.27
C LYS L 39 40.74 -22.41 -24.55
N ASP L 40 39.45 -22.72 -24.47
CA ASP L 40 38.66 -23.05 -25.65
C ASP L 40 38.26 -21.78 -26.41
N MET L 41 38.11 -20.66 -25.72
CA MET L 41 37.96 -19.36 -26.37
C MET L 41 39.31 -18.66 -26.56
N LYS L 42 40.40 -19.44 -26.47
CA LYS L 42 41.76 -19.04 -26.86
C LYS L 42 42.31 -17.91 -25.99
N VAL L 43 42.27 -18.10 -24.69
CA VAL L 43 43.07 -17.31 -23.76
C VAL L 43 44.41 -18.01 -23.67
N PRO L 44 45.53 -17.29 -23.76
CA PRO L 44 46.85 -17.94 -23.69
C PRO L 44 47.10 -18.52 -22.31
N THR L 45 47.47 -19.80 -22.28
CA THR L 45 47.72 -20.49 -21.03
C THR L 45 49.00 -20.01 -20.35
N ASP L 46 49.87 -19.32 -21.08
CA ASP L 46 51.08 -18.72 -20.50
C ASP L 46 50.76 -17.46 -19.69
N THR L 47 49.66 -16.77 -20.00
CA THR L 47 49.20 -15.63 -19.20
C THR L 47 47.77 -15.82 -18.72
N MET L 48 47.39 -17.05 -18.37
CA MET L 48 46.04 -17.32 -17.90
C MET L 48 45.79 -16.68 -16.53
N ALA L 49 46.81 -16.70 -15.66
CA ALA L 49 46.67 -16.11 -14.33
C ALA L 49 46.63 -14.59 -14.38
N GLN L 50 47.46 -13.99 -15.25
CA GLN L 50 47.49 -12.54 -15.36
C GLN L 50 46.21 -12.00 -15.98
N ALA L 51 45.55 -12.78 -16.83
CA ALA L 51 44.24 -12.38 -17.33
C ALA L 51 43.19 -12.42 -16.23
N ALA L 52 43.35 -13.32 -15.26
CA ALA L 52 42.44 -13.36 -14.12
C ALA L 52 42.71 -12.19 -13.18
N TRP L 53 43.98 -11.90 -12.89
CA TRP L 53 44.32 -10.81 -11.99
C TRP L 53 43.93 -9.47 -12.57
N ASP L 54 44.02 -9.32 -13.90
CA ASP L 54 43.59 -8.09 -14.55
C ASP L 54 42.07 -7.94 -14.49
N LEU L 55 41.34 -9.06 -14.61
CA LEU L 55 39.88 -8.99 -14.56
C LEU L 55 39.39 -8.67 -13.16
N VAL L 56 40.03 -9.23 -12.13
CA VAL L 56 39.60 -8.99 -10.76
C VAL L 56 39.99 -7.58 -10.31
N ARG L 57 41.13 -7.08 -10.78
CA ARG L 57 41.52 -5.69 -10.52
C ARG L 57 40.53 -4.71 -11.14
N HIS L 58 40.06 -5.01 -12.35
CA HIS L 58 38.99 -4.21 -12.94
C HIS L 58 37.69 -4.36 -12.17
N CYS L 59 37.43 -5.55 -11.63
CA CYS L 59 36.27 -5.78 -10.76
C CYS L 59 36.41 -5.15 -9.39
N ALA L 60 37.53 -4.54 -9.05
CA ALA L 60 37.60 -3.71 -7.85
C ALA L 60 37.21 -2.26 -8.13
N ASP L 61 37.30 -1.82 -9.39
CA ASP L 61 36.88 -0.48 -9.77
C ASP L 61 35.37 -0.42 -10.01
N VAL L 62 34.82 -1.48 -10.58
CA VAL L 62 33.39 -1.64 -10.80
C VAL L 62 33.00 -2.74 -9.82
N GLY L 63 31.74 -3.15 -9.80
CA GLY L 63 31.35 -4.20 -8.88
C GLY L 63 31.77 -5.59 -9.32
N SER L 64 31.43 -6.57 -8.47
CA SER L 64 31.49 -7.97 -8.86
C SER L 64 30.10 -8.60 -8.87
N SER L 65 29.07 -7.78 -9.04
CA SER L 65 27.71 -8.25 -9.23
C SER L 65 27.59 -9.01 -10.56
N ALA L 66 26.59 -9.89 -10.61
CA ALA L 66 26.30 -10.60 -11.85
C ALA L 66 25.76 -9.68 -12.93
N GLN L 67 25.22 -8.53 -12.57
CA GLN L 67 24.70 -7.55 -13.52
C GLN L 67 25.75 -6.55 -13.98
N THR L 68 26.98 -6.63 -13.48
CA THR L 68 27.99 -5.62 -13.79
C THR L 68 28.46 -5.71 -15.23
N GLU L 69 28.51 -4.57 -15.90
CA GLU L 69 29.08 -4.50 -17.24
C GLU L 69 30.60 -4.33 -17.13
N MET L 70 31.35 -5.33 -17.60
CA MET L 70 32.78 -5.18 -17.76
C MET L 70 33.06 -4.30 -18.97
N ILE L 71 34.14 -3.53 -18.90
CA ILE L 71 34.30 -2.43 -19.85
C ILE L 71 35.23 -2.79 -21.02
N ASP L 72 36.48 -3.13 -20.73
CA ASP L 72 37.48 -3.15 -21.78
C ASP L 72 38.17 -4.49 -21.91
N THR L 73 39.30 -4.51 -22.59
CA THR L 73 40.12 -5.69 -22.77
C THR L 73 41.45 -5.49 -22.06
N GLY L 74 41.86 -6.46 -21.25
CA GLY L 74 43.17 -6.43 -20.64
C GLY L 74 44.25 -6.81 -21.62
N PRO L 75 45.51 -6.67 -21.19
CA PRO L 75 46.64 -6.96 -22.07
C PRO L 75 47.13 -8.40 -22.05
N TYR L 76 46.54 -9.28 -21.26
CA TYR L 76 47.04 -10.64 -21.10
C TYR L 76 46.18 -11.69 -21.79
N SER L 77 45.04 -11.33 -22.36
CA SER L 77 44.32 -12.22 -23.23
C SER L 77 44.87 -12.09 -24.65
N ASN L 78 44.28 -12.82 -25.59
CA ASN L 78 44.51 -12.53 -27.01
C ASN L 78 43.35 -11.70 -27.55
N GLY L 79 43.15 -10.55 -26.93
CA GLY L 79 42.07 -9.66 -27.29
C GLY L 79 40.69 -10.09 -26.84
N ILE L 80 40.59 -11.08 -25.95
CA ILE L 80 39.31 -11.46 -25.39
C ILE L 80 38.90 -10.41 -24.37
N SER L 81 37.71 -9.83 -24.56
CA SER L 81 37.23 -8.77 -23.70
C SER L 81 36.93 -9.30 -22.30
N ARG L 82 36.95 -8.38 -21.33
CA ARG L 82 36.69 -8.76 -19.94
C ARG L 82 35.24 -9.17 -19.74
N ALA L 83 34.32 -8.68 -20.57
CA ALA L 83 32.93 -9.13 -20.49
C ALA L 83 32.78 -10.57 -20.94
N ARG L 84 33.59 -11.02 -21.89
CA ARG L 84 33.51 -12.41 -22.31
C ARG L 84 34.20 -13.33 -21.31
N LEU L 85 35.26 -12.87 -20.66
CA LEU L 85 35.88 -13.65 -19.59
C LEU L 85 34.95 -13.77 -18.38
N ALA L 86 34.24 -12.70 -18.05
CA ALA L 86 33.33 -12.73 -16.92
C ALA L 86 32.08 -13.56 -17.21
N ALA L 87 31.62 -13.56 -18.46
CA ALA L 87 30.47 -14.37 -18.82
C ALA L 87 30.77 -15.86 -18.77
N ALA L 88 32.01 -16.23 -19.05
CA ALA L 88 32.43 -17.62 -18.90
C ALA L 88 32.51 -18.03 -17.43
N ILE L 89 32.89 -17.09 -16.56
CA ILE L 89 32.98 -17.39 -15.13
C ILE L 89 31.60 -17.60 -14.54
N LYS L 90 30.63 -16.78 -14.95
CA LYS L 90 29.28 -16.84 -14.40
C LYS L 90 28.52 -18.09 -14.83
N GLU L 91 29.04 -18.87 -15.78
CA GLU L 91 28.50 -20.20 -16.05
C GLU L 91 28.91 -21.23 -15.01
N VAL L 92 29.96 -20.97 -14.25
CA VAL L 92 30.52 -21.94 -13.30
C VAL L 92 30.24 -21.53 -11.86
N CYS L 93 30.74 -20.36 -11.44
CA CYS L 93 30.52 -19.84 -10.11
C CYS L 93 30.05 -18.40 -10.22
N THR L 94 29.92 -17.69 -9.10
CA THR L 94 29.63 -16.27 -9.23
C THR L 94 30.91 -15.50 -9.51
N LEU L 95 30.73 -14.30 -10.08
CA LEU L 95 31.87 -13.41 -10.30
C LEU L 95 32.48 -12.96 -8.99
N ARG L 96 31.65 -12.78 -7.95
CA ARG L 96 32.16 -12.39 -6.64
C ARG L 96 33.03 -13.48 -6.02
N GLN L 97 32.63 -14.75 -6.20
CA GLN L 97 33.43 -15.86 -5.67
C GLN L 97 34.76 -15.99 -6.38
N PHE L 98 34.79 -15.73 -7.69
CA PHE L 98 36.06 -15.71 -8.43
C PHE L 98 36.95 -14.57 -7.97
N CYS L 99 36.37 -13.40 -7.72
CA CYS L 99 37.16 -12.26 -7.30
C CYS L 99 37.66 -12.38 -5.88
N MET L 100 36.93 -13.09 -5.02
CA MET L 100 37.40 -13.37 -3.66
C MET L 100 38.66 -14.21 -3.66
N LYS L 101 38.82 -15.09 -4.67
CA LYS L 101 39.99 -15.93 -4.80
C LYS L 101 41.25 -15.11 -5.02
N TYR L 102 41.14 -13.96 -5.67
CA TYR L 102 42.29 -13.13 -6.01
C TYR L 102 42.32 -11.82 -5.24
N ALA L 103 41.55 -11.73 -4.14
CA ALA L 103 41.53 -10.53 -3.33
C ALA L 103 42.86 -10.13 -2.69
N PRO L 104 43.72 -11.02 -2.18
CA PRO L 104 45.04 -10.54 -1.72
C PRO L 104 45.95 -10.07 -2.84
N VAL L 105 45.80 -10.61 -4.06
CA VAL L 105 46.59 -10.18 -5.19
C VAL L 105 46.24 -8.75 -5.57
N VAL L 106 44.94 -8.46 -5.65
CA VAL L 106 44.46 -7.13 -6.01
C VAL L 106 44.76 -6.14 -4.88
N TRP L 107 44.71 -6.59 -3.63
CA TRP L 107 45.05 -5.73 -2.49
C TRP L 107 46.51 -5.31 -2.51
N ASN L 108 47.41 -6.24 -2.84
CA ASN L 108 48.83 -5.91 -2.96
C ASN L 108 49.10 -5.04 -4.17
N TRP L 109 48.41 -5.30 -5.27
CA TRP L 109 48.57 -4.53 -6.49
C TRP L 109 48.14 -3.08 -6.30
N MET L 110 47.03 -2.87 -5.59
CA MET L 110 46.56 -1.51 -5.35
C MET L 110 47.44 -0.77 -4.36
N LEU L 111 47.97 -1.46 -3.36
CA LEU L 111 48.84 -0.81 -2.39
C LEU L 111 50.23 -0.54 -2.94
N THR L 112 50.69 -1.33 -3.91
CA THR L 112 51.97 -1.06 -4.54
C THR L 112 51.90 0.19 -5.41
N ASN L 113 50.85 0.32 -6.19
CA ASN L 113 50.72 1.41 -7.14
C ASN L 113 50.08 2.66 -6.54
N ASN L 114 49.65 2.59 -5.27
CA ASN L 114 48.90 3.64 -4.58
C ASN L 114 47.66 4.01 -5.39
N SER L 115 46.96 3.00 -5.89
CA SER L 115 45.83 3.21 -6.78
C SER L 115 44.59 2.59 -6.15
N PRO L 116 43.75 3.38 -5.48
CA PRO L 116 42.58 2.83 -4.78
C PRO L 116 41.51 2.37 -5.76
N PRO L 117 40.45 1.69 -5.27
CA PRO L 117 39.28 1.46 -6.13
C PRO L 117 38.70 2.76 -6.66
N ALA L 118 38.27 2.73 -7.92
CA ALA L 118 38.11 3.94 -8.70
C ALA L 118 36.95 4.80 -8.21
N ASN L 119 35.87 4.18 -7.76
CA ASN L 119 34.67 4.90 -7.35
C ASN L 119 34.52 4.95 -5.83
N TRP L 120 35.64 5.10 -5.11
CA TRP L 120 35.60 5.14 -3.65
C TRP L 120 34.82 6.35 -3.13
N GLN L 121 34.88 7.48 -3.83
CA GLN L 121 34.17 8.67 -3.39
C GLN L 121 32.67 8.52 -3.61
N ALA L 122 32.27 7.93 -4.74
CA ALA L 122 30.86 7.70 -5.02
C ALA L 122 30.26 6.68 -4.05
N GLN L 123 31.06 5.75 -3.55
CA GLN L 123 30.62 4.78 -2.55
C GLN L 123 30.48 5.39 -1.16
N GLY L 124 30.93 6.61 -0.94
CA GLY L 124 30.79 7.25 0.34
C GLY L 124 31.91 6.97 1.31
N PHE L 125 33.04 6.47 0.84
CA PHE L 125 34.19 6.22 1.69
C PHE L 125 34.92 7.52 2.01
N LYS L 126 35.38 7.63 3.24
CA LYS L 126 36.34 8.67 3.59
C LYS L 126 37.67 8.37 2.89
N PRO L 127 38.47 9.41 2.60
CA PRO L 127 39.76 9.18 1.93
C PRO L 127 40.74 8.32 2.70
N GLU L 128 40.68 8.32 4.03
CA GLU L 128 41.56 7.47 4.81
C GLU L 128 41.14 6.01 4.83
N HIS L 129 39.97 5.67 4.29
CA HIS L 129 39.52 4.28 4.22
C HIS L 129 39.32 3.81 2.79
N LYS L 130 39.79 4.55 1.79
CA LYS L 130 39.39 4.33 0.40
C LYS L 130 39.97 3.05 -0.19
N PHE L 131 41.00 2.46 0.41
CA PHE L 131 41.53 1.23 -0.14
C PHE L 131 40.67 0.01 0.17
N ALA L 132 39.73 0.12 1.11
CA ALA L 132 38.77 -0.93 1.37
C ALA L 132 37.50 -0.80 0.54
N ALA L 133 37.46 0.13 -0.41
CA ALA L 133 36.23 0.48 -1.12
C ALA L 133 35.98 -0.40 -2.34
N PHE L 134 36.09 -1.70 -2.15
CA PHE L 134 35.69 -2.64 -3.17
C PHE L 134 34.89 -3.71 -2.44
N ASP L 135 33.93 -4.31 -3.14
CA ASP L 135 33.36 -5.55 -2.61
C ASP L 135 34.41 -6.64 -2.75
N PHE L 136 34.14 -7.84 -2.24
CA PHE L 136 35.14 -8.93 -2.10
C PHE L 136 36.43 -8.50 -1.34
N PHE L 137 36.40 -7.38 -0.62
CA PHE L 137 37.46 -7.00 0.31
C PHE L 137 37.53 -7.94 1.51
N ASN L 138 36.45 -8.66 1.82
CA ASN L 138 36.45 -9.66 2.87
C ASN L 138 37.44 -10.80 2.59
N GLY L 139 37.72 -11.07 1.32
CA GLY L 139 38.62 -12.14 0.97
C GLY L 139 40.10 -11.87 1.10
N VAL L 140 40.53 -10.70 1.59
CA VAL L 140 41.96 -10.43 1.60
C VAL L 140 42.68 -11.19 2.70
N THR L 141 41.98 -11.56 3.78
CA THR L 141 42.56 -12.38 4.83
C THR L 141 41.99 -13.79 4.84
N ASN L 142 41.20 -14.16 3.84
CA ASN L 142 40.71 -15.53 3.72
C ASN L 142 41.85 -16.42 3.22
N PRO L 143 42.22 -17.46 3.96
CA PRO L 143 43.35 -18.32 3.53
C PRO L 143 43.05 -19.20 2.33
N ALA L 144 41.78 -19.35 1.93
CA ALA L 144 41.47 -20.08 0.72
C ALA L 144 41.79 -19.28 -0.55
N ALA L 145 42.05 -17.99 -0.42
CA ALA L 145 42.37 -17.14 -1.56
C ALA L 145 43.85 -17.24 -1.90
N ILE L 146 44.19 -16.80 -3.11
CA ILE L 146 45.58 -16.79 -3.57
C ILE L 146 46.36 -15.74 -2.79
N MET L 147 47.31 -16.18 -2.02
CA MET L 147 48.21 -15.28 -1.33
C MET L 147 49.49 -15.13 -2.14
N PRO L 148 49.97 -13.92 -2.38
CA PRO L 148 51.25 -13.76 -3.06
C PRO L 148 52.41 -14.25 -2.20
N LYS L 149 53.53 -14.48 -2.88
CA LYS L 149 54.65 -15.24 -2.31
C LYS L 149 55.28 -14.56 -1.11
N GLU L 150 55.45 -13.25 -1.17
CA GLU L 150 56.08 -12.54 -0.06
C GLU L 150 55.07 -11.92 0.91
N GLY L 151 53.78 -12.15 0.71
CA GLY L 151 52.76 -11.70 1.64
C GLY L 151 52.21 -10.32 1.32
N LEU L 152 51.25 -9.92 2.14
CA LEU L 152 50.66 -8.59 2.02
C LEU L 152 51.65 -7.53 2.46
N ILE L 153 51.67 -6.42 1.72
CA ILE L 153 52.48 -5.26 2.09
C ILE L 153 52.03 -4.73 3.44
N ARG L 154 50.72 -4.64 3.63
CA ARG L 154 50.11 -4.04 4.77
C ARG L 154 48.85 -4.87 4.97
N PRO L 155 48.57 -5.31 6.19
CA PRO L 155 47.25 -5.87 6.48
C PRO L 155 46.21 -4.77 6.49
N PRO L 156 44.94 -5.09 6.29
CA PRO L 156 43.89 -4.07 6.45
C PRO L 156 43.77 -3.64 7.90
N SER L 157 43.69 -2.32 8.10
CA SER L 157 43.53 -1.80 9.45
C SER L 157 42.13 -2.06 9.96
N GLU L 158 41.94 -1.85 11.27
CA GLU L 158 40.64 -2.03 11.89
C GLU L 158 39.62 -1.01 11.38
N ALA L 159 40.08 0.22 11.13
CA ALA L 159 39.21 1.25 10.59
C ALA L 159 38.80 0.94 9.15
N GLU L 160 39.67 0.31 8.37
CA GLU L 160 39.31 -0.10 7.02
C GLU L 160 38.30 -1.24 7.04
N MET L 161 38.46 -2.17 7.98
CA MET L 161 37.48 -3.25 8.13
C MET L 161 36.15 -2.73 8.63
N ASN L 162 36.17 -1.71 9.48
CA ASN L 162 34.94 -1.07 9.96
C ASN L 162 34.20 -0.39 8.81
N ALA L 163 34.93 0.37 7.98
CA ALA L 163 34.31 1.07 6.86
C ALA L 163 33.75 0.10 5.82
N ALA L 164 34.40 -1.04 5.63
CA ALA L 164 33.94 -1.99 4.64
C ALA L 164 32.67 -2.70 5.10
N GLN L 165 32.57 -3.01 6.39
CA GLN L 165 31.36 -3.63 6.91
C GLN L 165 30.18 -2.68 6.87
N THR L 166 30.43 -1.38 7.13
CA THR L 166 29.37 -0.39 7.05
C THR L 166 28.91 -0.20 5.61
N ALA L 167 29.86 -0.12 4.67
CA ALA L 167 29.50 -0.01 3.27
C ALA L 167 28.82 -1.25 2.73
N ALA L 168 29.18 -2.43 3.26
CA ALA L 168 28.49 -3.65 2.88
C ALA L 168 27.05 -3.65 3.37
N PHE L 169 26.81 -3.08 4.55
CA PHE L 169 25.44 -2.93 5.03
C PHE L 169 24.64 -2.02 4.13
N VAL L 170 25.20 -0.86 3.77
CA VAL L 170 24.47 0.14 2.99
C VAL L 170 24.16 -0.36 1.60
N LYS L 171 25.13 -0.98 0.93
CA LYS L 171 24.93 -1.41 -0.45
C LYS L 171 23.99 -2.61 -0.55
N ILE L 172 24.07 -3.54 0.40
CA ILE L 172 23.21 -4.72 0.35
C ILE L 172 21.77 -4.37 0.73
N THR L 173 21.60 -3.50 1.75
CA THR L 173 20.26 -3.13 2.17
C THR L 173 19.57 -2.26 1.14
N LYS L 174 20.31 -1.39 0.45
CA LYS L 174 19.75 -0.62 -0.64
C LYS L 174 19.34 -1.52 -1.81
N ALA L 175 20.12 -2.57 -2.08
CA ALA L 175 19.75 -3.49 -3.13
C ALA L 175 18.55 -4.34 -2.75
N ARG L 176 18.39 -4.67 -1.47
CA ARG L 176 17.21 -5.40 -1.03
C ARG L 176 15.97 -4.51 -1.04
N ALA L 177 16.13 -3.21 -0.77
CA ALA L 177 15.02 -2.28 -0.79
C ALA L 177 14.49 -2.02 -2.20
N GLN L 178 15.31 -2.26 -3.22
CA GLN L 178 14.87 -2.22 -4.60
C GLN L 178 14.29 -3.55 -5.07
N SER L 179 14.47 -4.61 -4.30
CA SER L 179 13.85 -5.90 -4.56
C SER L 179 12.50 -5.93 -3.85
N ASN L 180 11.91 -7.11 -3.73
CA ASN L 180 10.61 -7.24 -3.08
C ASN L 180 10.63 -8.45 -2.14
N ASP L 181 9.48 -8.69 -1.51
CA ASP L 181 9.26 -9.78 -0.57
C ASP L 181 8.23 -10.77 -1.11
N PHE L 182 8.17 -10.96 -2.43
CA PHE L 182 6.95 -11.46 -3.05
C PHE L 182 6.84 -12.98 -3.21
N ALA L 183 7.88 -13.76 -2.92
CA ALA L 183 7.81 -15.24 -2.90
C ALA L 183 7.46 -15.94 -4.22
N SER L 184 7.16 -15.15 -5.25
CA SER L 184 6.72 -15.53 -6.59
C SER L 184 6.68 -14.25 -7.39
N LEU L 185 7.07 -14.33 -8.66
CA LEU L 185 7.03 -13.16 -9.50
C LEU L 185 5.80 -13.12 -10.39
N ASP L 186 4.89 -14.08 -10.24
CA ASP L 186 3.63 -14.08 -10.96
C ASP L 186 2.77 -12.87 -10.54
N ALA L 187 2.03 -12.34 -11.51
CA ALA L 187 1.21 -11.14 -11.32
C ALA L 187 0.08 -11.34 -10.33
N ALA L 188 -0.32 -12.58 -10.06
CA ALA L 188 -1.29 -12.84 -9.00
C ALA L 188 -0.75 -12.45 -7.64
N VAL L 189 0.57 -12.52 -7.44
CA VAL L 189 1.19 -12.19 -6.17
C VAL L 189 1.75 -10.77 -6.16
N THR L 190 2.50 -10.41 -7.21
CA THR L 190 3.16 -9.10 -7.23
C THR L 190 2.16 -7.98 -7.45
N ARG L 191 1.04 -8.28 -8.12
CA ARG L 191 0.02 -7.32 -8.56
C ARG L 191 0.62 -6.20 -9.41
N GLY L 192 1.62 -6.53 -10.20
CA GLY L 192 2.31 -5.56 -11.03
C GLY L 192 3.11 -4.53 -10.26
N ARG L 193 3.77 -4.94 -9.19
CA ARG L 193 4.62 -4.05 -8.43
C ARG L 193 6.05 -4.56 -8.44
N ILE L 194 7.00 -3.63 -8.49
CA ILE L 194 8.42 -4.01 -8.47
C ILE L 194 8.88 -4.31 -7.05
N THR L 195 8.66 -3.36 -6.14
CA THR L 195 9.08 -3.52 -4.76
C THR L 195 7.93 -3.80 -3.80
N GLY L 196 6.70 -3.45 -4.18
CA GLY L 196 5.57 -3.54 -3.27
C GLY L 196 5.66 -2.58 -2.11
N THR L 197 6.21 -1.39 -2.33
CA THR L 197 6.64 -0.49 -1.27
C THR L 197 6.77 0.90 -1.87
N THR L 198 6.37 1.93 -1.13
CA THR L 198 6.56 3.29 -1.61
C THR L 198 8.01 3.73 -1.47
N THR L 199 8.31 4.90 -1.99
CA THR L 199 9.66 5.45 -1.93
C THR L 199 10.06 5.78 -0.49
N ALA L 200 9.13 6.33 0.29
CA ALA L 200 9.44 6.68 1.68
C ALA L 200 9.59 5.46 2.56
N GLU L 201 8.85 4.38 2.27
CA GLU L 201 8.98 3.15 3.03
C GLU L 201 10.23 2.35 2.67
N ALA L 202 10.92 2.71 1.60
CA ALA L 202 12.09 1.99 1.14
C ALA L 202 13.40 2.67 1.51
N VAL L 203 13.35 3.78 2.25
CA VAL L 203 14.56 4.52 2.59
C VAL L 203 15.35 3.74 3.64
N VAL L 204 16.63 3.52 3.35
CA VAL L 204 17.53 2.78 4.21
C VAL L 204 18.28 3.75 5.10
N THR L 205 18.27 3.50 6.41
CA THR L 205 19.12 4.21 7.36
C THR L 205 19.75 3.21 8.33
N LEU L 206 20.98 3.48 8.71
CA LEU L 206 21.65 2.74 9.77
C LEU L 206 21.38 3.49 11.07
N PRO L 207 20.60 2.91 11.99
CA PRO L 207 20.09 3.68 13.15
C PRO L 207 21.20 4.11 14.09
N PRO L 208 21.09 5.33 14.64
CA PRO L 208 22.23 5.94 15.33
C PRO L 208 22.46 5.32 16.69
N PRO L 209 23.71 5.34 17.19
CA PRO L 209 23.98 4.88 18.56
C PRO L 209 23.43 5.83 19.61
N ALA M 1 13.89 -41.18 56.92
CA ALA M 1 13.85 -40.58 55.60
C ALA M 1 14.38 -41.53 54.55
N SER M 2 13.47 -42.06 53.73
CA SER M 2 13.81 -43.03 52.70
C SER M 2 13.06 -42.66 51.44
N GLY M 3 13.23 -43.49 50.41
CA GLY M 3 12.58 -43.22 49.13
C GLY M 3 13.19 -42.00 48.48
N LEU M 4 12.34 -41.09 48.02
CA LEU M 4 12.79 -39.84 47.44
C LEU M 4 13.16 -38.79 48.49
N PHE M 5 13.01 -39.10 49.79
CA PHE M 5 13.34 -38.18 50.87
C PHE M 5 14.68 -38.51 51.52
N THR M 6 15.48 -39.38 50.90
CA THR M 6 16.76 -39.78 51.48
C THR M 6 17.76 -38.63 51.44
N ILE M 7 18.44 -38.41 52.56
CA ILE M 7 19.43 -37.35 52.70
C ILE M 7 20.79 -37.92 52.30
N PRO M 8 21.49 -37.32 51.33
CA PRO M 8 22.86 -37.76 51.03
C PRO M 8 23.82 -37.42 52.15
N ASP M 9 24.83 -38.28 52.32
CA ASP M 9 25.63 -38.28 53.54
C ASP M 9 27.09 -37.95 53.36
N GLY M 10 27.61 -37.98 52.13
CA GLY M 10 29.02 -37.75 51.88
C GLY M 10 29.73 -38.91 51.21
N ASP M 11 29.28 -40.15 51.43
CA ASP M 11 29.73 -41.28 50.62
C ASP M 11 29.33 -41.12 49.16
N PHE M 12 28.18 -40.51 48.89
CA PHE M 12 27.72 -40.36 47.51
C PHE M 12 28.57 -39.34 46.76
N PHE M 13 28.96 -38.24 47.42
CA PHE M 13 29.66 -37.16 46.72
C PHE M 13 31.10 -37.53 46.41
N SER M 14 31.72 -38.40 47.21
CA SER M 14 33.11 -38.80 47.00
C SER M 14 33.27 -39.96 46.04
N THR M 15 32.21 -40.72 45.79
CA THR M 15 32.28 -41.93 45.00
C THR M 15 31.60 -41.80 43.65
N ALA M 16 30.39 -41.27 43.60
CA ALA M 16 29.63 -41.20 42.37
C ALA M 16 30.21 -40.14 41.44
N ARG M 17 30.36 -40.52 40.18
CA ARG M 17 30.79 -39.61 39.13
C ARG M 17 29.69 -39.58 38.07
N ALA M 18 29.14 -38.41 37.82
CA ALA M 18 28.09 -38.28 36.82
C ALA M 18 28.72 -38.25 35.43
N ILE M 19 28.29 -39.16 34.56
CA ILE M 19 28.67 -39.08 33.16
C ILE M 19 27.88 -37.95 32.51
N VAL M 20 28.60 -36.97 31.99
CA VAL M 20 27.95 -35.76 31.49
C VAL M 20 27.35 -36.06 30.12
N ALA M 21 26.09 -35.70 29.94
CA ALA M 21 25.41 -35.78 28.67
C ALA M 21 24.75 -34.44 28.38
N SER M 22 24.77 -34.03 27.12
CA SER M 22 24.23 -32.74 26.71
C SER M 22 23.38 -32.95 25.46
N ASN M 23 22.28 -32.21 25.36
CA ASN M 23 21.45 -32.29 24.18
C ASN M 23 21.83 -31.27 23.11
N ALA M 24 22.83 -30.45 23.36
CA ALA M 24 23.43 -29.59 22.35
C ALA M 24 24.59 -30.25 21.63
N VAL M 25 25.02 -31.41 22.12
CA VAL M 25 26.11 -32.18 21.56
C VAL M 25 25.52 -33.49 21.05
N ALA M 26 26.09 -34.01 19.96
CA ALA M 26 25.66 -35.30 19.42
C ALA M 26 25.86 -36.41 20.45
N THR M 27 24.82 -37.20 20.66
CA THR M 27 24.79 -38.20 21.72
C THR M 27 25.58 -39.45 21.31
N ASN M 28 25.73 -40.36 22.26
CA ASN M 28 26.41 -41.62 21.96
C ASN M 28 25.57 -42.51 21.05
N GLU M 29 24.25 -42.44 21.17
CA GLU M 29 23.38 -43.14 20.23
C GLU M 29 23.42 -42.48 18.85
N ASP M 30 23.56 -41.14 18.81
CA ASP M 30 23.73 -40.44 17.54
C ASP M 30 25.00 -40.89 16.83
N LEU M 31 26.12 -40.94 17.56
CA LEU M 31 27.41 -41.23 16.94
C LEU M 31 27.53 -42.68 16.49
N SER M 32 26.85 -43.60 17.18
CA SER M 32 26.85 -44.99 16.71
C SER M 32 26.06 -45.14 15.42
N LYS M 33 25.02 -44.32 15.23
CA LYS M 33 24.28 -44.36 13.98
C LYS M 33 25.07 -43.71 12.84
N ILE M 34 25.94 -42.74 13.13
CA ILE M 34 26.79 -42.17 12.09
C ILE M 34 27.77 -43.21 11.57
N GLU M 35 28.37 -43.98 12.49
CA GLU M 35 29.37 -44.98 12.12
C GLU M 35 28.80 -46.07 11.24
N ALA M 36 27.55 -46.49 11.51
CA ALA M 36 26.93 -47.53 10.72
C ALA M 36 26.65 -47.06 9.30
N ILE M 37 26.30 -45.79 9.13
CA ILE M 37 26.10 -45.26 7.79
C ILE M 37 27.44 -44.99 7.11
N TRP M 38 28.43 -44.54 7.87
CA TRP M 38 29.73 -44.19 7.29
C TRP M 38 30.50 -45.43 6.84
N LYS M 39 30.44 -46.51 7.62
CA LYS M 39 31.13 -47.72 7.21
C LYS M 39 30.40 -48.43 6.07
N ASP M 40 29.10 -48.18 5.90
CA ASP M 40 28.34 -48.78 4.81
C ASP M 40 28.61 -48.04 3.50
N MET M 41 28.92 -46.75 3.55
CA MET M 41 29.43 -46.03 2.39
C MET M 41 30.95 -46.06 2.32
N LYS M 42 31.58 -47.00 3.04
CA LYS M 42 32.98 -47.37 2.95
C LYS M 42 33.93 -46.24 3.34
N VAL M 43 33.71 -45.68 4.53
CA VAL M 43 34.70 -44.87 5.21
C VAL M 43 35.58 -45.83 5.97
N PRO M 44 36.91 -45.72 5.91
CA PRO M 44 37.78 -46.64 6.64
C PRO M 44 37.64 -46.47 8.14
N THR M 45 37.38 -47.58 8.83
CA THR M 45 37.21 -47.55 10.28
C THR M 45 38.51 -47.28 11.02
N ASP M 46 39.66 -47.43 10.35
CA ASP M 46 40.94 -47.08 10.92
C ASP M 46 41.18 -45.56 10.98
N THR M 47 40.53 -44.80 10.09
CA THR M 47 40.58 -43.33 10.14
C THR M 47 39.18 -42.73 10.21
N MET M 48 38.26 -43.39 10.94
CA MET M 48 36.90 -42.86 11.06
C MET M 48 36.88 -41.58 11.88
N ALA M 49 37.71 -41.49 12.92
CA ALA M 49 37.74 -40.29 13.75
C ALA M 49 38.41 -39.13 13.03
N GLN M 50 39.47 -39.40 12.28
CA GLN M 50 40.16 -38.34 11.56
C GLN M 50 39.32 -37.78 10.42
N ALA M 51 38.44 -38.61 9.84
CA ALA M 51 37.49 -38.09 8.87
C ALA M 51 36.45 -37.19 9.52
N ALA M 52 36.12 -37.44 10.78
CA ALA M 52 35.21 -36.56 11.49
C ALA M 52 35.90 -35.25 11.87
N TRP M 53 37.14 -35.33 12.36
CA TRP M 53 37.87 -34.13 12.75
C TRP M 53 38.18 -33.24 11.54
N ASP M 54 38.41 -33.84 10.39
CA ASP M 54 38.63 -33.08 9.16
C ASP M 54 37.35 -32.40 8.71
N LEU M 55 36.20 -33.07 8.87
CA LEU M 55 34.93 -32.49 8.47
C LEU M 55 34.53 -31.33 9.38
N VAL M 56 34.78 -31.45 10.68
CA VAL M 56 34.39 -30.41 11.62
C VAL M 56 35.35 -29.21 11.50
N ARG M 57 36.62 -29.47 11.22
CA ARG M 57 37.58 -28.39 10.95
C ARG M 57 37.18 -27.60 9.70
N HIS M 58 36.71 -28.30 8.66
CA HIS M 58 36.17 -27.61 7.50
C HIS M 58 34.88 -26.87 7.84
N CYS M 59 34.08 -27.41 8.75
CA CYS M 59 32.88 -26.75 9.24
C CYS M 59 33.19 -25.59 10.18
N ALA M 60 34.45 -25.32 10.52
CA ALA M 60 34.78 -24.08 11.20
C ALA M 60 35.11 -22.97 10.23
N ASP M 61 35.49 -23.30 8.98
CA ASP M 61 35.73 -22.31 7.94
C ASP M 61 34.44 -21.86 7.28
N VAL M 62 33.52 -22.79 7.09
CA VAL M 62 32.19 -22.52 6.56
C VAL M 62 31.26 -22.74 7.76
N GLY M 63 29.96 -22.61 7.59
CA GLY M 63 29.08 -22.81 8.72
C GLY M 63 28.85 -24.27 9.08
N SER M 64 28.06 -24.47 10.12
CA SER M 64 27.50 -25.79 10.42
C SER M 64 25.98 -25.79 10.28
N SER M 65 25.45 -24.88 9.48
CA SER M 65 24.05 -24.87 9.13
C SER M 65 23.69 -26.10 8.30
N ALA M 66 22.41 -26.47 8.34
CA ALA M 66 21.92 -27.57 7.51
C ALA M 66 21.93 -27.22 6.02
N GLN M 67 21.94 -25.94 5.68
CA GLN M 67 21.99 -25.50 4.30
C GLN M 67 23.41 -25.34 3.76
N THR M 68 24.44 -25.57 4.59
CA THR M 68 25.81 -25.28 4.18
C THR M 68 26.30 -26.27 3.14
N GLU M 69 26.90 -25.76 2.07
CA GLU M 69 27.54 -26.59 1.08
C GLU M 69 28.95 -26.94 1.54
N MET M 70 29.20 -28.22 1.79
CA MET M 70 30.57 -28.69 2.01
C MET M 70 31.30 -28.74 0.68
N ILE M 71 32.61 -28.47 0.71
CA ILE M 71 33.31 -28.17 -0.53
C ILE M 71 34.07 -29.38 -1.09
N ASP M 72 34.99 -29.94 -0.33
CA ASP M 72 35.96 -30.85 -0.93
C ASP M 72 35.98 -32.20 -0.25
N THR M 73 37.03 -32.97 -0.49
CA THR M 73 37.24 -34.27 0.12
C THR M 73 38.46 -34.21 1.02
N GLY M 74 38.33 -34.68 2.24
CA GLY M 74 39.46 -34.81 3.14
C GLY M 74 40.33 -35.99 2.78
N PRO M 75 41.48 -36.10 3.46
CA PRO M 75 42.42 -37.18 3.16
C PRO M 75 42.20 -38.46 3.95
N TYR M 76 41.21 -38.53 4.84
CA TYR M 76 41.04 -39.68 5.71
C TYR M 76 39.86 -40.56 5.33
N SER M 77 39.06 -40.17 4.36
CA SER M 77 38.07 -41.07 3.78
C SER M 77 38.72 -41.89 2.68
N ASN M 78 37.94 -42.75 2.04
CA ASN M 78 38.37 -43.34 0.78
C ASN M 78 37.76 -42.57 -0.39
N GLY M 79 38.05 -41.27 -0.42
CA GLY M 79 37.51 -40.39 -1.44
C GLY M 79 36.06 -40.02 -1.27
N ILE M 80 35.47 -40.29 -0.11
CA ILE M 80 34.10 -39.85 0.17
C ILE M 80 34.15 -38.35 0.44
N SER M 81 33.36 -37.58 -0.31
CA SER M 81 33.35 -36.13 -0.18
C SER M 81 32.74 -35.71 1.16
N ARG M 82 33.10 -34.51 1.59
CA ARG M 82 32.59 -33.98 2.85
C ARG M 82 31.10 -33.70 2.79
N ALA M 83 30.57 -33.41 1.59
CA ALA M 83 29.13 -33.23 1.45
C ALA M 83 28.37 -34.54 1.66
N ARG M 84 28.96 -35.67 1.29
CA ARG M 84 28.30 -36.94 1.51
C ARG M 84 28.41 -37.39 2.96
N LEU M 85 29.52 -37.06 3.62
CA LEU M 85 29.65 -37.32 5.06
C LEU M 85 28.68 -36.46 5.86
N ALA M 86 28.50 -35.21 5.47
CA ALA M 86 27.59 -34.32 6.18
C ALA M 86 26.13 -34.68 5.93
N ALA M 87 25.81 -35.18 4.73
CA ALA M 87 24.44 -35.58 4.44
C ALA M 87 24.04 -36.82 5.23
N ALA M 88 25.00 -37.71 5.51
CA ALA M 88 24.74 -38.86 6.37
C ALA M 88 24.52 -38.43 7.81
N ILE M 89 25.21 -37.38 8.27
CA ILE M 89 25.06 -36.90 9.63
C ILE M 89 23.68 -36.27 9.83
N LYS M 90 23.22 -35.51 8.84
CA LYS M 90 21.95 -34.80 8.94
C LYS M 90 20.74 -35.73 8.90
N GLU M 91 20.92 -37.02 8.58
CA GLU M 91 19.87 -38.00 8.77
C GLU M 91 19.69 -38.40 10.22
N VAL M 92 20.69 -38.16 11.08
CA VAL M 92 20.68 -38.62 12.46
C VAL M 92 20.52 -37.46 13.43
N CYS M 93 21.45 -36.51 13.41
CA CYS M 93 21.39 -35.34 14.26
C CYS M 93 21.62 -34.10 13.40
N THR M 94 21.75 -32.93 14.00
CA THR M 94 22.13 -31.79 13.19
C THR M 94 23.65 -31.78 12.99
N LEU M 95 24.07 -31.09 11.92
CA LEU M 95 25.49 -30.90 11.68
C LEU M 95 26.14 -30.09 12.78
N ARG M 96 25.42 -29.12 13.35
CA ARG M 96 25.95 -28.31 14.44
C ARG M 96 26.17 -29.14 15.69
N GLN M 97 25.27 -30.08 15.98
CA GLN M 97 25.43 -30.95 17.15
C GLN M 97 26.62 -31.88 16.99
N PHE M 98 26.87 -32.38 15.77
CA PHE M 98 28.05 -33.19 15.50
C PHE M 98 29.33 -32.38 15.66
N CYS M 99 29.31 -31.13 15.19
CA CYS M 99 30.50 -30.30 15.27
C CYS M 99 30.79 -29.83 16.69
N MET M 100 29.74 -29.68 17.52
CA MET M 100 29.94 -29.35 18.93
C MET M 100 30.68 -30.46 19.66
N LYS M 101 30.50 -31.72 19.23
CA LYS M 101 31.19 -32.86 19.83
C LYS M 101 32.69 -32.78 19.65
N TYR M 102 33.16 -32.17 18.57
CA TYR M 102 34.58 -32.11 18.27
C TYR M 102 35.14 -30.70 18.36
N ALA M 103 34.41 -29.80 19.01
CA ALA M 103 34.87 -28.42 19.17
C ALA M 103 36.20 -28.24 19.93
N PRO M 104 36.52 -28.99 21.01
CA PRO M 104 37.88 -28.82 21.57
C PRO M 104 38.98 -29.36 20.67
N VAL M 105 38.69 -30.36 19.84
CA VAL M 105 39.68 -30.89 18.91
C VAL M 105 40.03 -29.85 17.87
N VAL M 106 39.01 -29.22 17.28
CA VAL M 106 39.22 -28.19 16.27
C VAL M 106 39.84 -26.94 16.88
N TRP M 107 39.50 -26.62 18.13
CA TRP M 107 40.10 -25.48 18.82
C TRP M 107 41.60 -25.69 19.04
N ASN M 108 42.00 -26.90 19.44
CA ASN M 108 43.42 -27.19 19.61
C ASN M 108 44.14 -27.23 18.28
N TRP M 109 43.49 -27.77 17.24
CA TRP M 109 44.08 -27.87 15.92
C TRP M 109 44.33 -26.49 15.32
N MET M 110 43.38 -25.56 15.51
CA MET M 110 43.56 -24.21 14.99
C MET M 110 44.61 -23.43 15.76
N LEU M 111 44.70 -23.64 17.07
CA LEU M 111 45.68 -22.93 17.86
C LEU M 111 47.08 -23.49 17.68
N THR M 112 47.21 -24.77 17.34
CA THR M 112 48.52 -25.34 17.06
C THR M 112 49.09 -24.80 15.75
N ASN M 113 48.26 -24.73 14.72
CA ASN M 113 48.71 -24.33 13.40
C ASN M 113 48.66 -22.82 13.18
N ASN M 114 48.15 -22.07 14.17
CA ASN M 114 47.90 -20.62 14.08
C ASN M 114 47.02 -20.32 12.87
N SER M 115 45.99 -21.12 12.68
CA SER M 115 45.14 -21.03 11.49
C SER M 115 43.71 -20.75 11.94
N PRO M 116 43.27 -19.49 11.92
CA PRO M 116 41.93 -19.13 12.41
C PRO M 116 40.84 -19.63 11.48
N PRO M 117 39.56 -19.53 11.87
CA PRO M 117 38.47 -19.76 10.90
C PRO M 117 38.59 -18.81 9.72
N ALA M 118 38.29 -19.34 8.53
CA ALA M 118 38.75 -18.74 7.29
C ALA M 118 38.07 -17.42 6.99
N ASN M 119 36.80 -17.28 7.34
CA ASN M 119 36.01 -16.09 7.01
C ASN M 119 35.79 -15.21 8.24
N TRP M 120 36.81 -15.11 9.11
CA TRP M 120 36.68 -14.30 10.33
C TRP M 120 36.49 -12.82 10.02
N GLN M 121 37.10 -12.33 8.95
CA GLN M 121 36.97 -10.93 8.59
C GLN M 121 35.58 -10.62 8.03
N ALA M 122 35.05 -11.53 7.21
CA ALA M 122 33.71 -11.36 6.67
C ALA M 122 32.64 -11.44 7.76
N GLN M 123 32.91 -12.19 8.83
CA GLN M 123 32.00 -12.26 9.96
C GLN M 123 32.05 -11.03 10.85
N GLY M 124 32.97 -10.11 10.62
CA GLY M 124 33.05 -8.90 11.41
C GLY M 124 33.85 -9.01 12.67
N PHE M 125 34.67 -10.04 12.82
CA PHE M 125 35.51 -10.18 13.99
C PHE M 125 36.72 -9.27 13.91
N LYS M 126 37.09 -8.70 15.04
CA LYS M 126 38.38 -8.05 15.16
C LYS M 126 39.49 -9.10 15.09
N PRO M 127 40.69 -8.72 14.63
CA PRO M 127 41.79 -9.71 14.52
C PRO M 127 42.21 -10.33 15.85
N GLU M 128 42.06 -9.62 16.96
CA GLU M 128 42.41 -10.18 18.26
C GLU M 128 41.37 -11.17 18.79
N HIS M 129 40.22 -11.31 18.13
CA HIS M 129 39.20 -12.26 18.54
C HIS M 129 38.90 -13.30 17.48
N LYS M 130 39.74 -13.40 16.44
CA LYS M 130 39.39 -14.15 15.24
C LYS M 130 39.37 -15.67 15.46
N PHE M 131 39.97 -16.18 16.53
CA PHE M 131 39.93 -17.60 16.75
C PHE M 131 38.59 -18.09 17.30
N ALA M 132 37.74 -17.19 17.77
CA ALA M 132 36.39 -17.53 18.18
C ALA M 132 35.38 -17.42 17.04
N ALA M 133 35.84 -17.18 15.82
CA ALA M 133 34.95 -16.84 14.70
C ALA M 133 34.42 -18.07 13.98
N PHE M 134 33.92 -19.03 14.74
CA PHE M 134 33.21 -20.14 14.18
C PHE M 134 31.97 -20.32 15.02
N ASP M 135 30.89 -20.81 14.40
CA ASP M 135 29.79 -21.30 15.23
C ASP M 135 30.25 -22.59 15.89
N PHE M 136 29.43 -23.17 16.77
CA PHE M 136 29.82 -24.29 17.65
C PHE M 136 31.10 -24.02 18.50
N PHE M 137 31.52 -22.76 18.62
CA PHE M 137 32.57 -22.35 19.54
C PHE M 137 32.13 -22.50 20.99
N ASN M 138 30.81 -22.51 21.25
CA ASN M 138 30.29 -22.75 22.60
C ASN M 138 30.67 -24.12 23.14
N GLY M 139 30.89 -25.09 22.26
CA GLY M 139 31.24 -26.42 22.69
C GLY M 139 32.67 -26.66 23.12
N VAL M 140 33.54 -25.65 23.14
CA VAL M 140 34.94 -25.92 23.45
C VAL M 140 35.16 -26.20 24.94
N THR M 141 34.28 -25.68 25.81
CA THR M 141 34.35 -25.98 27.23
C THR M 141 33.20 -26.88 27.69
N ASN M 142 32.41 -27.40 26.76
CA ASN M 142 31.38 -28.36 27.12
C ASN M 142 32.02 -29.71 27.42
N PRO M 143 31.84 -30.27 28.61
CA PRO M 143 32.47 -31.56 28.95
C PRO M 143 31.89 -32.76 28.22
N ALA M 144 30.74 -32.63 27.59
CA ALA M 144 30.22 -33.73 26.77
C ALA M 144 30.95 -33.89 25.45
N ALA M 145 31.76 -32.90 25.05
CA ALA M 145 32.51 -32.94 23.82
C ALA M 145 33.82 -33.71 24.00
N ILE M 146 34.40 -34.12 22.88
CA ILE M 146 35.67 -34.84 22.89
C ILE M 146 36.78 -33.90 23.32
N MET M 147 37.37 -34.17 24.45
CA MET M 147 38.53 -33.42 24.91
C MET M 147 39.79 -34.18 24.53
N PRO M 148 40.79 -33.53 23.93
CA PRO M 148 42.05 -34.21 23.66
C PRO M 148 42.80 -34.55 24.94
N LYS M 149 43.75 -35.47 24.79
CA LYS M 149 44.35 -36.17 25.93
C LYS M 149 45.13 -35.23 26.84
N GLU M 150 45.88 -34.30 26.27
CA GLU M 150 46.67 -33.39 27.09
C GLU M 150 45.99 -32.05 27.34
N GLY M 151 44.74 -31.88 26.89
CA GLY M 151 43.97 -30.69 27.19
C GLY M 151 44.13 -29.59 26.17
N LEU M 152 43.39 -28.51 26.41
CA LEU M 152 43.47 -27.33 25.55
C LEU M 152 44.80 -26.63 25.75
N ILE M 153 45.37 -26.16 24.64
CA ILE M 153 46.59 -25.34 24.69
C ILE M 153 46.33 -24.06 25.47
N ARG M 154 45.19 -23.44 25.21
CA ARG M 154 44.83 -22.17 25.74
C ARG M 154 43.32 -22.26 25.91
N PRO M 155 42.78 -21.87 27.05
CA PRO M 155 41.34 -21.70 27.16
C PRO M 155 40.91 -20.46 26.38
N PRO M 156 39.64 -20.38 25.98
CA PRO M 156 39.15 -19.13 25.36
C PRO M 156 39.14 -18.00 26.37
N SER M 157 39.65 -16.85 25.96
CA SER M 157 39.65 -15.68 26.83
C SER M 157 38.23 -15.12 26.96
N GLU M 158 38.07 -14.22 27.92
CA GLU M 158 36.77 -13.57 28.15
C GLU M 158 36.38 -12.69 26.98
N ALA M 159 37.35 -12.02 26.37
CA ALA M 159 37.07 -11.20 25.19
C ALA M 159 36.68 -12.04 23.99
N GLU M 160 37.23 -13.24 23.86
CA GLU M 160 36.82 -14.14 22.77
C GLU M 160 35.41 -14.66 22.99
N MET M 161 35.06 -14.97 24.25
CA MET M 161 33.71 -15.39 24.57
C MET M 161 32.71 -14.25 24.38
N ASN M 162 33.12 -13.01 24.67
CA ASN M 162 32.28 -11.84 24.42
C ASN M 162 32.02 -11.64 22.94
N ALA M 163 33.06 -11.73 22.12
CA ALA M 163 32.91 -11.56 20.67
C ALA M 163 32.06 -12.65 20.05
N ALA M 164 32.14 -13.87 20.57
CA ALA M 164 31.37 -14.98 20.01
C ALA M 164 29.89 -14.85 20.34
N GLN M 165 29.57 -14.37 21.55
CA GLN M 165 28.17 -14.15 21.92
C GLN M 165 27.55 -13.02 21.11
N THR M 166 28.33 -11.96 20.85
CA THR M 166 27.85 -10.86 20.03
C THR M 166 27.63 -11.30 18.59
N ALA M 167 28.57 -12.06 18.04
CA ALA M 167 28.41 -12.58 16.68
C ALA M 167 27.28 -13.58 16.57
N ALA M 168 27.04 -14.35 17.64
CA ALA M 168 25.90 -15.26 17.65
C ALA M 168 24.60 -14.49 17.64
N PHE M 169 24.54 -13.36 18.34
CA PHE M 169 23.35 -12.50 18.28
C PHE M 169 23.12 -11.98 16.87
N VAL M 170 24.17 -11.48 16.23
CA VAL M 170 24.03 -10.83 14.93
C VAL M 170 23.63 -11.85 13.86
N LYS M 171 24.27 -13.02 13.85
CA LYS M 171 24.00 -14.00 12.80
C LYS M 171 22.63 -14.66 12.97
N ILE M 172 22.20 -14.92 14.20
CA ILE M 172 20.91 -15.56 14.42
C ILE M 172 19.76 -14.58 14.18
N THR M 173 19.93 -13.32 14.61
CA THR M 173 18.86 -12.34 14.42
C THR M 173 18.72 -11.95 12.96
N LYS M 174 19.83 -11.90 12.21
CA LYS M 174 19.76 -11.67 10.77
C LYS M 174 19.07 -12.82 10.06
N ALA M 175 19.31 -14.06 10.51
CA ALA M 175 18.64 -15.20 9.92
C ALA M 175 17.16 -15.24 10.26
N ARG M 176 16.78 -14.78 11.45
CA ARG M 176 15.37 -14.69 11.80
C ARG M 176 14.68 -13.58 11.03
N ALA M 177 15.38 -12.48 10.75
CA ALA M 177 14.80 -11.37 10.00
C ALA M 177 14.57 -11.73 8.54
N GLN M 178 15.26 -12.73 8.01
CA GLN M 178 14.98 -13.26 6.68
C GLN M 178 13.90 -14.34 6.69
N SER M 179 13.54 -14.83 7.88
CA SER M 179 12.42 -15.74 8.04
C SER M 179 11.16 -14.93 8.25
N ASN M 180 10.08 -15.57 8.70
CA ASN M 180 8.82 -14.88 8.94
C ASN M 180 8.23 -15.34 10.27
N ASP M 181 7.05 -14.80 10.56
CA ASP M 181 6.29 -15.08 11.77
C ASP M 181 4.97 -15.78 11.45
N PHE M 182 4.93 -16.58 10.40
CA PHE M 182 3.66 -16.88 9.73
C PHE M 182 2.90 -18.09 10.22
N ALA M 183 3.44 -18.93 11.12
CA ALA M 183 2.71 -20.04 11.77
C ALA M 183 2.19 -21.15 10.83
N SER M 184 2.35 -20.97 9.53
CA SER M 184 1.89 -21.80 8.43
C SER M 184 2.48 -21.21 7.18
N LEU M 185 2.90 -22.07 6.25
CA LEU M 185 3.45 -21.58 5.00
C LEU M 185 2.44 -21.58 3.87
N ASP M 186 1.18 -21.93 4.15
CA ASP M 186 0.11 -21.85 3.17
C ASP M 186 -0.12 -20.40 2.75
N ALA M 187 -0.48 -20.23 1.47
CA ALA M 187 -0.68 -18.91 0.88
C ALA M 187 -1.85 -18.15 1.48
N ALA M 188 -2.79 -18.84 2.13
CA ALA M 188 -3.85 -18.16 2.87
C ALA M 188 -3.29 -17.33 4.02
N VAL M 189 -2.17 -17.74 4.58
CA VAL M 189 -1.56 -17.04 5.71
C VAL M 189 -0.42 -16.14 5.26
N THR M 190 0.49 -16.65 4.43
CA THR M 190 1.66 -15.88 4.03
C THR M 190 1.30 -14.77 3.07
N ARG M 191 0.21 -14.95 2.31
CA ARG M 191 -0.22 -14.08 1.21
C ARG M 191 0.86 -13.86 0.18
N GLY M 192 1.67 -14.89 -0.07
CA GLY M 192 2.78 -14.79 -1.00
C GLY M 192 3.90 -13.88 -0.55
N ARG M 193 4.22 -13.87 0.73
CA ARG M 193 5.33 -13.08 1.24
C ARG M 193 6.37 -13.98 1.87
N ILE M 194 7.64 -13.63 1.70
CA ILE M 194 8.72 -14.41 2.29
C ILE M 194 8.89 -14.05 3.76
N THR M 195 9.07 -12.77 4.07
CA THR M 195 9.26 -12.33 5.43
C THR M 195 8.04 -11.64 6.02
N GLY M 196 7.13 -11.13 5.20
CA GLY M 196 6.02 -10.33 5.68
C GLY M 196 6.44 -9.01 6.27
N THR M 197 7.48 -8.40 5.72
CA THR M 197 8.20 -7.30 6.36
C THR M 197 8.99 -6.57 5.28
N THR M 198 9.03 -5.25 5.34
CA THR M 198 9.85 -4.50 4.39
C THR M 198 11.33 -4.59 4.75
N THR M 199 12.17 -4.05 3.87
CA THR M 199 13.61 -4.06 4.09
C THR M 199 14.00 -3.21 5.29
N ALA M 200 13.36 -2.04 5.44
CA ALA M 200 13.69 -1.16 6.55
C ALA M 200 13.21 -1.70 7.88
N GLU M 201 12.09 -2.43 7.90
CA GLU M 201 11.59 -3.04 9.12
C GLU M 201 12.37 -4.29 9.52
N ALA M 202 13.23 -4.81 8.66
CA ALA M 202 13.98 -6.02 8.93
C ALA M 202 15.43 -5.76 9.32
N VAL M 203 15.83 -4.50 9.45
CA VAL M 203 17.21 -4.16 9.77
C VAL M 203 17.49 -4.50 11.23
N VAL M 204 18.55 -5.27 11.45
CA VAL M 204 18.95 -5.73 12.78
C VAL M 204 20.00 -4.76 13.33
N THR M 205 19.77 -4.26 14.55
CA THR M 205 20.77 -3.53 15.30
C THR M 205 20.81 -4.03 16.73
N LEU M 206 22.01 -4.04 17.30
CA LEU M 206 22.19 -4.30 18.72
C LEU M 206 22.19 -2.95 19.44
N PRO M 207 21.17 -2.64 20.23
CA PRO M 207 20.97 -1.27 20.74
C PRO M 207 22.08 -0.82 21.68
N PRO M 208 22.50 0.44 21.57
CA PRO M 208 23.74 0.87 22.23
C PRO M 208 23.56 1.02 23.73
N PRO M 209 24.64 0.86 24.50
CA PRO M 209 24.58 1.11 25.95
C PRO M 209 24.44 2.61 26.27
#